data_7CN9
#
_entry.id   7CN9
#
_cell.length_a   1.00
_cell.length_b   1.00
_cell.length_c   1.00
_cell.angle_alpha   90.00
_cell.angle_beta   90.00
_cell.angle_gamma   90.00
#
_symmetry.space_group_name_H-M   'P 1'
#
loop_
_entity.id
_entity.type
_entity.pdbx_description
1 polymer 'Spike glycoprotein'
2 branched 2-acetamido-2-deoxy-beta-D-glucopyranose-(1-4)-2-acetamido-2-deoxy-beta-D-glucopyranose
3 branched 2-acetamido-2-deoxy-beta-D-glucopyranose-(1-4)-[alpha-L-fucopyranose-(1-6)]2-acetamido-2-deoxy-beta-D-glucopyranose
4 branched beta-D-mannopyranose-(1-4)-2-acetamido-2-deoxy-beta-D-glucopyranose-(1-4)-2-acetamido-2-deoxy-beta-D-glucopyranose
5 branched alpha-D-mannopyranose-(1-6)-beta-D-mannopyranose-(1-4)-2-acetamido-2-deoxy-beta-D-glucopyranose-(1-4)-2-acetamido-2-deoxy-beta-D-glucopyranose
6 branched alpha-D-mannopyranose-(1-3)-beta-D-mannopyranose-(1-4)-2-acetamido-2-deoxy-beta-D-glucopyranose-(1-4)-2-acetamido-2-deoxy-beta-D-glucopyranose
7 non-polymer 2-acetamido-2-deoxy-beta-D-glucopyranose
#
_entity_poly.entity_id   1
_entity_poly.type   'polypeptide(L)'
_entity_poly.pdbx_seq_one_letter_code
;QCVNLTTRTQLPPAYTNSFTRGVYYPDKVFRSSVLHSTQDLFLPFFSNVTWFHAIHVSGTNGTKRFDNPVLPFNDGVYFA
STEKSNIIRGWIFGTTLDSKTQSLLIVNNATNVVIKVCEFQFCNDPFLGVYYHKNNKSWMESEFRVYSSANNCTFEYVSQ
PFLMDLEGKQGNFKNLREFVFKNIDGYFKIYSKHTPINLVRDLPQGFSALEPLVDLPIGINITRFQTLLALHRSYLTPGD
SSSGWTAGAAAYYVGYLQPRTFLLKYNENGTITDAVDCALDPLSETKCTLKSFTVEKGIYQTSNFRVQPTESIVRFPNIT
NLCPFGEVFNATRFASVYAWNRKRISNCVADYSVLYNSASFSTFKCYGVSPTKLNDLCFTNVYADSFVIRGDEVRQIAPG
QTGKIADYNYKLPDDFTGCVIAWNSNNLDSKVGGNYNYLYRLFRKSNLKPFERDISTEIYQAGSTPCNGVEGFNCYFPLQ
SYGFQPTNGVGYQPYRVVVLSFELLHAPATVCGPKKSTNLVKNKCVNFNFNGLTGTGVLTESNKKFLPFQQFGRDIADTT
DAVRDPQTLEILDITPCSFGGVSVITPGTNTSNQVAVLYQDVNCTEVPVAIHADQLTPTWRVYSTGSNVFQTRAGCLIGA
EHVNNSYECDIPIGAGICASYQTQTNSPGSAGSVASQSIIAYTMSLGAENSVAYSNNSIAIPTNFTISVTTEILPVSMTK
TSVDCTMYICGDSTECSNLLLQYGSFCTQLNRALTGIAVEQDKNTQEVFAQVKQIYKTPPIKDFGGFNFSQILPDPSKPS
KRSFIEDLLFNKVTLADAGFIKQYGDCLGDIAARDLICAQKFNGLTVLPPLLTDEMIAQYTSALLAGTITSGWTFGAGAA
LQIPFAMQMAYRFNGIGVTQNVLYENQKLIANQFNSAIGKIQDSLSSTASALGKLQDVVNQNAQALNTLVKQLSSNFGAI
SSVLNDILSRLDPPEAEVQIDRLITGRLQSLQTYVTQQLIRAAEIRASANLAATKMSECVLGQSKRVDFCGKGYHLMSFP
QSAPHGVVFLHVTYVPAQEKNFTTAPAICHDGKAHFPREGVFVSNGTHWFVTQRNFYEPQIITTDNTFVSGNCDVVIGIV
NNTVYDP
;
_entity_poly.pdbx_strand_id   A,B,C
#
loop_
_chem_comp.id
_chem_comp.type
_chem_comp.name
_chem_comp.formula
BMA D-saccharide, beta linking beta-D-mannopyranose 'C6 H12 O6'
FUC L-saccharide, alpha linking alpha-L-fucopyranose 'C6 H12 O5'
MAN D-saccharide, alpha linking alpha-D-mannopyranose 'C6 H12 O6'
NAG D-saccharide, beta linking 2-acetamido-2-deoxy-beta-D-glucopyranose 'C8 H15 N O6'
#
# COMPACT_ATOMS: atom_id res chain seq x y z
N ALA A 14 -22.11 15.44 51.98
CA ALA A 14 -21.28 14.24 51.93
C ALA A 14 -21.04 13.82 50.49
N TYR A 15 -20.88 12.52 50.30
CA TYR A 15 -20.66 12.01 48.95
C TYR A 15 -21.97 11.94 48.19
N THR A 16 -21.97 12.48 46.97
CA THR A 16 -23.09 12.38 46.06
C THR A 16 -22.59 11.88 44.72
N ASN A 17 -23.37 11.03 44.08
CA ASN A 17 -23.00 10.48 42.79
C ASN A 17 -23.18 11.54 41.71
N SER A 18 -22.12 11.80 40.95
CA SER A 18 -22.14 12.79 39.89
C SER A 18 -23.02 12.26 38.76
N PHE A 19 -24.19 12.88 38.56
CA PHE A 19 -25.11 12.33 37.59
C PHE A 19 -24.81 12.82 36.18
N THR A 20 -24.77 14.13 35.98
CA THR A 20 -24.77 14.64 34.61
C THR A 20 -24.01 15.93 34.33
N ARG A 21 -23.15 16.42 35.21
CA ARG A 21 -22.56 17.73 34.98
C ARG A 21 -21.03 17.68 34.89
N GLY A 22 -20.44 18.85 34.63
CA GLY A 22 -19.01 19.04 34.55
C GLY A 22 -18.43 19.20 33.16
N VAL A 23 -19.10 19.98 32.29
CA VAL A 23 -18.83 19.96 30.85
C VAL A 23 -18.65 21.37 30.31
N TYR A 24 -17.77 21.49 29.32
CA TYR A 24 -17.60 22.76 28.65
C TYR A 24 -17.32 22.51 27.18
N TYR A 25 -17.60 23.53 26.37
CA TYR A 25 -17.36 23.42 24.94
C TYR A 25 -15.87 23.42 24.66
N PRO A 26 -15.44 22.72 23.62
CA PRO A 26 -14.00 22.44 23.45
C PRO A 26 -13.11 23.67 23.41
N ASP A 27 -13.32 24.53 22.41
CA ASP A 27 -12.68 25.83 22.37
C ASP A 27 -13.63 26.76 21.63
N LYS A 28 -13.13 27.91 21.17
CA LYS A 28 -14.01 28.82 20.46
C LYS A 28 -14.33 28.34 19.05
N VAL A 29 -14.29 27.01 18.81
CA VAL A 29 -14.76 26.43 17.56
C VAL A 29 -16.27 26.30 17.56
N PHE A 30 -16.82 26.14 16.37
CA PHE A 30 -18.22 25.82 16.20
C PHE A 30 -18.35 24.56 15.38
N ARG A 31 -19.51 23.92 15.49
CA ARG A 31 -19.93 22.85 14.61
C ARG A 31 -21.42 22.68 14.81
N SER A 32 -22.00 21.72 14.11
CA SER A 32 -23.41 21.42 14.30
C SER A 32 -23.75 20.08 13.69
N SER A 33 -24.66 19.37 14.36
CA SER A 33 -25.32 18.20 13.78
C SER A 33 -24.31 17.15 13.33
N VAL A 34 -23.37 16.84 14.20
CA VAL A 34 -22.32 15.88 13.89
C VAL A 34 -21.88 15.19 15.17
N LEU A 35 -20.90 14.30 15.02
CA LEU A 35 -20.21 13.68 16.14
C LEU A 35 -18.77 14.15 16.16
N HIS A 36 -18.19 14.27 17.34
CA HIS A 36 -16.76 14.53 17.43
C HIS A 36 -16.27 14.32 18.85
N SER A 37 -15.00 13.96 18.97
CA SER A 37 -14.46 13.70 20.29
C SER A 37 -13.25 14.58 20.54
N THR A 38 -12.97 14.78 21.83
CA THR A 38 -11.75 15.46 22.27
C THR A 38 -11.26 14.76 23.52
N GLN A 39 -10.27 15.37 24.16
CA GLN A 39 -9.75 14.88 25.42
C GLN A 39 -9.08 16.04 26.14
N ASP A 40 -9.72 16.50 27.20
CA ASP A 40 -9.19 17.64 27.97
C ASP A 40 -9.75 17.60 29.39
N LEU A 41 -9.25 18.48 30.24
CA LEU A 41 -9.71 18.52 31.62
C LEU A 41 -11.22 18.49 31.59
N PHE A 42 -11.80 17.35 31.97
CA PHE A 42 -13.22 17.11 31.97
C PHE A 42 -13.58 16.45 33.29
N LEU A 43 -14.85 16.45 33.64
CA LEU A 43 -15.30 15.73 34.83
C LEU A 43 -15.88 14.39 34.44
N PRO A 44 -15.22 13.27 34.73
CA PRO A 44 -15.79 11.97 34.38
C PRO A 44 -17.07 11.77 35.17
N PHE A 45 -18.02 11.09 34.56
CA PHE A 45 -19.37 11.00 35.09
C PHE A 45 -19.50 9.87 36.11
N PHE A 46 -20.58 9.95 36.89
CA PHE A 46 -20.86 8.97 37.93
C PHE A 46 -19.74 8.94 38.96
N SER A 47 -19.41 10.11 39.52
CA SER A 47 -18.28 10.27 40.42
C SER A 47 -18.71 10.93 41.73
N ASN A 48 -17.70 11.20 42.57
CA ASN A 48 -17.94 11.75 43.90
C ASN A 48 -18.15 13.25 43.85
N VAL A 49 -19.05 13.73 44.69
CA VAL A 49 -19.23 15.16 44.91
C VAL A 49 -19.37 15.37 46.41
N THR A 50 -18.45 16.13 47.00
CA THR A 50 -18.54 16.46 48.42
C THR A 50 -19.74 17.37 48.64
N TRP A 51 -20.87 16.80 48.99
CA TRP A 51 -22.04 17.60 49.29
C TRP A 51 -21.92 18.14 50.70
N PHE A 52 -22.64 19.21 50.98
CA PHE A 52 -22.45 19.90 52.23
C PHE A 52 -23.75 20.04 53.00
N HIS A 53 -23.60 20.01 54.33
CA HIS A 53 -24.70 20.15 55.33
C HIS A 53 -24.20 21.03 56.48
N ALA A 54 -22.92 21.42 56.44
CA ALA A 54 -22.25 22.28 57.44
C ALA A 54 -22.34 21.69 58.85
N ILE A 55 -21.55 20.64 59.14
CA ILE A 55 -21.54 20.05 60.50
C ILE A 55 -20.35 20.62 61.27
N HIS A 56 -19.94 21.86 60.95
CA HIS A 56 -18.79 22.51 61.63
C HIS A 56 -19.27 23.18 62.91
N VAL A 57 -19.20 24.53 62.96
CA VAL A 57 -19.65 25.29 64.16
C VAL A 57 -21.09 25.77 63.93
N SER A 58 -21.32 27.08 64.06
CA SER A 58 -22.68 27.66 63.86
C SER A 58 -22.56 29.18 63.68
N GLY A 59 -23.49 29.79 62.94
CA GLY A 59 -23.46 31.21 62.70
C GLY A 59 -24.81 31.81 63.02
N THR A 60 -24.97 32.28 64.27
CA THR A 60 -26.25 32.81 64.71
C THR A 60 -26.43 34.27 64.35
N ASN A 61 -25.56 35.15 64.86
CA ASN A 61 -25.54 36.52 64.38
C ASN A 61 -24.17 36.88 63.84
N GLY A 62 -23.11 36.51 64.58
CA GLY A 62 -21.74 36.78 64.17
C GLY A 62 -21.07 35.59 63.52
N THR A 63 -19.86 35.26 63.98
CA THR A 63 -19.10 34.15 63.40
C THR A 63 -18.42 33.39 64.52
N LYS A 64 -18.31 32.09 64.33
CA LYS A 64 -17.59 31.22 65.26
C LYS A 64 -16.72 30.25 64.47
N ARG A 65 -16.05 30.77 63.44
CA ARG A 65 -15.26 29.99 62.50
C ARG A 65 -14.39 28.95 63.20
N PHE A 66 -14.68 27.68 62.95
CA PHE A 66 -14.02 26.59 63.67
C PHE A 66 -13.17 25.72 62.78
N ASP A 67 -13.69 25.30 61.63
CA ASP A 67 -12.94 24.50 60.67
C ASP A 67 -13.00 25.20 59.32
N ASN A 68 -11.82 25.42 58.72
CA ASN A 68 -11.69 26.29 57.55
C ASN A 68 -10.64 25.70 56.60
N PRO A 69 -11.05 24.74 55.74
CA PRO A 69 -10.07 24.01 54.93
C PRO A 69 -9.86 24.52 53.52
N VAL A 70 -8.73 24.18 52.91
CA VAL A 70 -8.48 24.56 51.52
C VAL A 70 -8.30 23.28 50.71
N LEU A 71 -8.64 23.34 49.42
CA LEU A 71 -8.81 22.14 48.63
C LEU A 71 -7.75 22.07 47.52
N PRO A 72 -7.42 20.87 47.05
CA PRO A 72 -6.55 20.76 45.88
C PRO A 72 -7.32 20.90 44.57
N PHE A 73 -6.60 21.36 43.55
CA PHE A 73 -7.20 21.63 42.24
C PHE A 73 -7.59 20.34 41.53
N ASN A 74 -6.81 19.27 41.73
CA ASN A 74 -7.07 17.96 41.14
C ASN A 74 -7.37 18.06 39.64
N ASP A 75 -6.55 18.83 38.93
CA ASP A 75 -6.62 18.95 37.47
C ASP A 75 -7.99 19.41 37.01
N GLY A 76 -8.38 20.60 37.44
CA GLY A 76 -9.68 21.12 37.07
C GLY A 76 -10.73 20.80 38.12
N VAL A 77 -11.51 21.82 38.49
CA VAL A 77 -12.50 21.71 39.55
C VAL A 77 -13.83 22.18 39.02
N TYR A 78 -14.87 21.37 39.21
CA TYR A 78 -16.22 21.76 38.87
C TYR A 78 -17.00 22.16 40.11
N PHE A 79 -17.60 23.35 40.08
CA PHE A 79 -18.17 24.01 41.26
C PHE A 79 -19.55 24.58 40.97
N ALA A 80 -20.45 24.51 41.96
CA ALA A 80 -21.86 24.85 41.73
C ALA A 80 -22.61 25.02 43.05
N SER A 81 -23.76 25.71 42.97
CA SER A 81 -24.63 25.93 44.10
C SER A 81 -26.05 26.26 43.63
N THR A 82 -27.04 25.77 44.37
CA THR A 82 -28.46 25.97 44.06
C THR A 82 -29.13 26.71 45.21
N GLU A 83 -29.51 27.96 44.98
CA GLU A 83 -29.97 28.78 46.11
C GLU A 83 -30.82 29.96 45.66
N LYS A 84 -31.01 30.93 46.54
CA LYS A 84 -31.51 32.25 46.21
C LYS A 84 -30.46 32.95 45.36
N SER A 85 -30.83 34.07 44.73
CA SER A 85 -29.92 34.76 43.84
C SER A 85 -28.60 35.15 44.52
N ASN A 86 -28.54 35.12 45.85
CA ASN A 86 -27.35 35.52 46.60
C ASN A 86 -26.90 34.38 47.50
N ILE A 87 -26.06 33.49 46.97
CA ILE A 87 -25.37 32.50 47.79
C ILE A 87 -23.87 32.57 47.53
N ILE A 88 -23.48 32.50 46.27
CA ILE A 88 -22.08 32.44 45.88
C ILE A 88 -21.61 33.88 45.69
N ARG A 89 -20.74 34.34 46.58
CA ARG A 89 -20.37 35.74 46.59
C ARG A 89 -19.01 35.96 45.95
N GLY A 90 -18.00 35.20 46.36
CA GLY A 90 -16.67 35.39 45.85
C GLY A 90 -15.82 34.15 45.67
N TRP A 91 -14.51 34.35 45.44
CA TRP A 91 -13.56 33.26 45.26
C TRP A 91 -12.17 33.74 45.65
N ILE A 92 -11.38 32.83 46.21
CA ILE A 92 -9.99 33.09 46.58
C ILE A 92 -9.19 31.89 46.10
N PHE A 93 -8.17 32.12 45.27
CA PHE A 93 -7.38 31.04 44.69
C PHE A 93 -5.90 31.37 44.82
N GLY A 94 -5.06 30.34 44.86
CA GLY A 94 -3.63 30.60 44.87
C GLY A 94 -2.84 29.39 45.31
N THR A 95 -1.72 29.66 45.97
CA THR A 95 -0.88 28.67 46.65
C THR A 95 -0.50 29.07 48.08
N THR A 96 -0.14 30.34 48.32
CA THR A 96 0.30 30.80 49.63
C THR A 96 -0.32 32.12 50.06
N LEU A 97 -0.66 32.96 49.09
CA LEU A 97 -1.33 34.23 49.36
C LEU A 97 -0.48 35.09 50.29
N ASP A 98 0.62 35.63 49.73
CA ASP A 98 1.53 36.50 50.48
C ASP A 98 2.12 37.61 49.61
N SER A 99 3.20 38.23 50.07
CA SER A 99 3.94 39.21 49.30
C SER A 99 5.10 38.59 48.51
N LYS A 100 5.08 37.28 48.30
CA LYS A 100 6.08 36.57 47.49
C LYS A 100 5.47 35.91 46.26
N THR A 101 4.48 35.03 46.44
CA THR A 101 3.86 34.31 45.32
C THR A 101 2.44 34.83 45.13
N GLN A 102 2.05 34.98 43.87
CA GLN A 102 0.78 35.62 43.54
C GLN A 102 -0.39 34.67 43.73
N SER A 103 -1.57 35.29 43.85
CA SER A 103 -2.81 34.58 44.07
C SER A 103 -3.84 35.27 43.19
N LEU A 104 -5.11 34.99 43.44
CA LEU A 104 -6.15 35.59 42.64
C LEU A 104 -7.40 35.75 43.48
N LEU A 105 -8.05 36.89 43.31
CA LEU A 105 -9.23 37.25 44.07
C LEU A 105 -10.27 37.74 43.07
N ILE A 106 -11.55 37.57 43.39
CA ILE A 106 -12.63 38.07 42.56
C ILE A 106 -13.67 38.73 43.47
N VAL A 107 -13.68 40.06 43.49
CA VAL A 107 -14.50 40.80 44.45
C VAL A 107 -15.22 41.95 43.77
N ASN A 108 -16.43 42.23 44.24
CA ASN A 108 -17.29 43.29 43.76
C ASN A 108 -17.42 44.32 44.87
N ASN A 109 -17.45 45.59 44.50
CA ASN A 109 -17.80 46.66 45.44
C ASN A 109 -19.23 47.14 45.21
N ALA A 110 -20.13 46.20 44.90
CA ALA A 110 -21.56 46.39 44.66
C ALA A 110 -21.84 47.17 43.39
N THR A 111 -20.80 47.62 42.69
CA THR A 111 -20.99 48.22 41.38
C THR A 111 -19.96 47.77 40.36
N ASN A 112 -18.82 47.22 40.76
CA ASN A 112 -17.85 46.70 39.81
C ASN A 112 -17.32 45.37 40.34
N VAL A 113 -17.76 44.27 39.70
CA VAL A 113 -17.27 42.93 39.99
C VAL A 113 -15.94 42.71 39.29
N VAL A 114 -14.84 42.97 40.00
CA VAL A 114 -13.51 42.99 39.41
C VAL A 114 -12.76 41.77 39.90
N ILE A 115 -11.59 41.57 39.30
CA ILE A 115 -10.71 40.45 39.62
C ILE A 115 -9.35 41.02 40.00
N LYS A 116 -8.97 40.84 41.27
CA LYS A 116 -7.77 41.42 41.83
C LYS A 116 -6.62 40.43 41.72
N VAL A 117 -5.53 40.88 41.11
CA VAL A 117 -4.40 40.00 40.86
C VAL A 117 -3.14 40.47 41.57
N CYS A 118 -3.06 41.72 41.98
CA CYS A 118 -1.82 42.29 42.50
C CYS A 118 -1.31 41.48 43.69
N GLU A 119 -0.01 41.60 43.92
CA GLU A 119 0.65 40.73 44.88
C GLU A 119 0.18 41.07 46.29
N PHE A 120 -1.05 40.70 46.62
CA PHE A 120 -1.66 41.10 47.88
C PHE A 120 -1.41 40.05 48.96
N GLN A 121 -1.45 40.51 50.21
CA GLN A 121 -1.29 39.61 51.34
C GLN A 121 -2.63 38.94 51.66
N PHE A 122 -2.66 38.23 52.79
CA PHE A 122 -3.84 37.48 53.19
C PHE A 122 -5.07 38.39 53.27
N CYS A 123 -6.22 37.83 52.89
CA CYS A 123 -7.48 38.58 52.85
C CYS A 123 -8.63 37.57 52.93
N ASN A 124 -9.15 37.33 54.13
CA ASN A 124 -10.14 36.25 54.15
C ASN A 124 -11.57 36.76 54.26
N ASP A 125 -11.86 37.73 55.12
CA ASP A 125 -13.22 38.17 55.36
C ASP A 125 -13.36 39.66 55.07
N PRO A 126 -13.26 40.06 53.80
CA PRO A 126 -13.15 41.48 53.47
C PRO A 126 -14.50 42.14 53.19
N PHE A 127 -15.30 42.33 54.25
CA PHE A 127 -16.44 43.23 54.14
C PHE A 127 -16.32 44.40 55.11
N LEU A 128 -16.25 44.08 56.41
CA LEU A 128 -16.01 45.01 57.51
C LEU A 128 -16.73 46.35 57.31
N GLY A 129 -18.05 46.27 57.38
CA GLY A 129 -18.92 47.43 57.30
C GLY A 129 -20.17 47.17 58.13
N VAL A 130 -21.07 48.16 58.12
CA VAL A 130 -22.34 48.01 58.80
C VAL A 130 -23.38 47.47 57.82
N TYR A 131 -24.08 46.41 58.21
CA TYR A 131 -25.18 45.84 57.42
C TYR A 131 -26.38 45.59 58.32
N TYR A 132 -27.22 46.61 58.49
CA TYR A 132 -28.52 46.46 59.17
C TYR A 132 -28.40 45.64 60.45
N HIS A 133 -27.20 45.75 61.06
CA HIS A 133 -26.89 45.02 62.33
C HIS A 133 -28.03 45.28 63.32
N LYS A 134 -28.31 46.56 63.60
CA LYS A 134 -29.41 46.90 64.49
C LYS A 134 -30.14 48.18 64.09
N ASN A 135 -29.94 48.69 62.88
CA ASN A 135 -30.48 50.00 62.52
C ASN A 135 -30.72 50.13 61.02
N ASN A 136 -30.93 51.38 60.57
CA ASN A 136 -31.16 51.67 59.13
C ASN A 136 -29.83 52.07 58.49
N LYS A 137 -28.72 51.91 59.22
CA LYS A 137 -27.37 52.26 58.72
C LYS A 137 -27.45 53.61 57.97
N SER A 138 -26.42 53.91 57.18
CA SER A 138 -26.38 55.19 56.41
C SER A 138 -27.27 55.07 55.17
N TRP A 139 -26.68 54.71 54.02
CA TRP A 139 -27.44 54.57 52.75
C TRP A 139 -26.84 53.42 51.92
N MET A 140 -25.56 53.13 52.10
CA MET A 140 -24.88 52.04 51.35
C MET A 140 -23.53 51.71 52.02
N GLU A 141 -23.14 50.43 51.99
CA GLU A 141 -21.88 50.00 52.57
C GLU A 141 -21.41 48.74 51.86
N SER A 142 -20.21 48.80 51.25
CA SER A 142 -19.60 47.64 50.63
C SER A 142 -18.10 47.92 50.51
N GLU A 143 -17.29 47.23 51.30
CA GLU A 143 -15.85 47.49 51.27
C GLU A 143 -15.09 46.19 51.53
N PHE A 144 -13.76 46.30 51.46
CA PHE A 144 -12.86 45.18 51.76
C PHE A 144 -11.55 45.68 52.37
N ARG A 145 -11.40 45.54 53.69
CA ARG A 145 -10.26 46.06 54.44
C ARG A 145 -9.48 44.89 55.04
N VAL A 146 -8.53 44.37 54.27
CA VAL A 146 -7.79 43.20 54.75
C VAL A 146 -6.28 43.40 54.68
N TYR A 147 -5.76 43.57 53.47
CA TYR A 147 -4.33 43.74 53.26
C TYR A 147 -4.12 44.42 51.91
N SER A 148 -2.87 44.81 51.65
CA SER A 148 -2.54 45.49 50.40
C SER A 148 -1.03 45.57 50.24
N SER A 149 -0.61 45.77 49.00
CA SER A 149 0.78 46.00 48.66
C SER A 149 0.81 46.72 47.33
N ALA A 150 1.70 47.70 47.20
CA ALA A 150 1.76 48.50 45.98
C ALA A 150 2.89 48.07 45.07
N ASN A 151 3.88 47.35 45.61
CA ASN A 151 4.92 46.82 44.75
C ASN A 151 4.77 45.33 44.62
N ASN A 152 5.20 44.81 43.46
CA ASN A 152 5.33 43.39 43.14
C ASN A 152 4.03 42.71 42.70
N CYS A 153 2.97 43.51 42.54
CA CYS A 153 1.75 43.18 41.86
C CYS A 153 2.01 42.67 40.46
N THR A 154 0.94 42.22 39.80
CA THR A 154 1.05 41.90 38.38
C THR A 154 -0.17 42.33 37.57
N PHE A 155 -1.37 42.39 38.16
CA PHE A 155 -2.53 42.71 37.34
C PHE A 155 -3.76 43.05 38.18
N GLU A 156 -4.79 43.52 37.49
CA GLU A 156 -6.13 43.77 38.00
C GLU A 156 -7.05 43.93 36.80
N TYR A 157 -8.30 43.49 36.95
CA TYR A 157 -9.20 43.41 35.81
C TYR A 157 -10.60 43.87 36.18
N VAL A 158 -11.22 44.64 35.29
CA VAL A 158 -12.62 45.02 35.38
C VAL A 158 -13.41 44.12 34.44
N SER A 159 -14.57 43.63 34.92
CA SER A 159 -15.26 42.54 34.26
C SER A 159 -16.61 42.97 33.70
N GLN A 160 -17.09 42.14 32.79
CA GLN A 160 -18.43 42.16 32.24
C GLN A 160 -19.37 41.58 33.29
N PRO A 161 -20.71 41.62 33.09
CA PRO A 161 -21.62 41.07 34.09
C PRO A 161 -21.29 39.63 34.44
N PHE A 162 -21.20 39.33 35.72
CA PHE A 162 -20.86 37.98 36.16
C PHE A 162 -22.01 37.28 36.87
N LEU A 163 -22.76 37.99 37.72
CA LEU A 163 -23.99 37.45 38.29
C LEU A 163 -25.23 38.19 37.80
N MET A 164 -25.05 39.33 37.12
CA MET A 164 -26.19 40.10 36.62
C MET A 164 -27.04 39.26 35.70
N ASP A 165 -26.47 38.88 34.55
CA ASP A 165 -27.17 38.00 33.63
C ASP A 165 -26.40 36.70 33.49
N LEU A 166 -25.69 36.32 34.55
CA LEU A 166 -25.03 35.01 34.61
C LEU A 166 -25.03 34.50 36.04
N GLN A 170 -35.01 32.11 34.57
CA GLN A 170 -35.81 33.36 34.62
C GLN A 170 -37.14 33.07 35.32
N GLY A 171 -37.29 33.58 36.55
CA GLY A 171 -38.53 33.36 37.33
C GLY A 171 -38.32 32.37 38.46
N ASN A 172 -39.25 31.41 38.61
CA ASN A 172 -39.15 30.38 39.67
C ASN A 172 -38.92 31.07 41.02
N PHE A 173 -37.90 30.62 41.76
CA PHE A 173 -37.56 31.21 43.08
C PHE A 173 -36.13 30.82 43.46
N LYS A 174 -35.54 29.86 42.74
CA LYS A 174 -34.20 29.42 42.99
C LYS A 174 -33.36 29.42 41.72
N ASN A 175 -32.15 29.93 41.85
CA ASN A 175 -31.21 30.00 40.76
C ASN A 175 -30.11 28.97 40.99
N LEU A 176 -29.67 28.39 39.89
CA LEU A 176 -28.88 27.17 39.85
C LEU A 176 -27.61 27.55 39.09
N ARG A 177 -26.52 27.67 39.83
CA ARG A 177 -25.33 28.35 39.39
C ARG A 177 -24.17 27.36 39.29
N GLU A 178 -23.50 27.35 38.15
CA GLU A 178 -22.50 26.31 37.87
C GLU A 178 -21.36 26.94 37.11
N PHE A 179 -20.21 27.11 37.75
CA PHE A 179 -19.20 28.00 37.20
C PHE A 179 -17.80 27.45 37.47
N VAL A 180 -17.10 27.14 36.38
CA VAL A 180 -15.88 26.36 36.43
C VAL A 180 -14.70 27.28 36.18
N PHE A 181 -13.48 26.73 36.28
CA PHE A 181 -12.27 27.50 36.06
C PHE A 181 -11.13 26.56 35.73
N LYS A 182 -10.22 27.00 34.88
CA LYS A 182 -9.04 26.20 34.56
C LYS A 182 -7.96 27.10 34.00
N ASN A 183 -6.73 26.58 34.03
CA ASN A 183 -5.54 27.31 33.60
C ASN A 183 -5.01 26.66 32.33
N ILE A 184 -5.26 27.28 31.18
CA ILE A 184 -4.76 26.73 29.93
C ILE A 184 -3.30 27.16 29.74
N ASP A 185 -2.40 26.49 30.43
CA ASP A 185 -1.00 26.87 30.48
C ASP A 185 -0.84 28.31 30.95
N GLY A 186 -1.51 28.62 32.06
CA GLY A 186 -1.37 29.91 32.69
C GLY A 186 -2.36 30.97 32.28
N TYR A 187 -3.54 30.58 31.80
CA TYR A 187 -4.58 31.51 31.39
C TYR A 187 -5.91 30.90 31.75
N PHE A 188 -6.83 31.70 32.26
CA PHE A 188 -8.00 31.14 32.92
C PHE A 188 -9.20 31.02 31.98
N LYS A 189 -9.41 29.81 31.47
CA LYS A 189 -10.63 29.47 30.78
C LYS A 189 -11.68 29.10 31.79
N ILE A 190 -12.76 29.86 31.81
CA ILE A 190 -13.85 29.63 32.73
C ILE A 190 -15.12 29.49 31.92
N TYR A 191 -16.08 28.78 32.50
CA TYR A 191 -17.35 28.53 31.85
C TYR A 191 -18.46 28.80 32.85
N SER A 192 -19.60 29.26 32.31
CA SER A 192 -20.72 29.69 33.11
C SER A 192 -22.03 29.18 32.52
N LYS A 193 -23.05 29.22 33.37
CA LYS A 193 -24.44 29.10 32.92
C LYS A 193 -25.34 29.47 34.08
N HIS A 194 -26.43 30.14 33.77
CA HIS A 194 -27.50 30.37 34.72
C HIS A 194 -28.54 29.29 34.47
N THR A 195 -29.10 28.74 35.54
CA THR A 195 -30.07 27.68 35.37
C THR A 195 -31.25 27.93 36.29
N PRO A 196 -32.48 27.63 35.91
CA PRO A 196 -33.57 27.64 36.89
C PRO A 196 -33.42 26.47 37.84
N ILE A 197 -33.95 26.63 39.05
CA ILE A 197 -33.91 25.59 40.06
C ILE A 197 -35.20 25.66 40.84
N ASN A 198 -35.85 24.53 41.01
CA ASN A 198 -36.99 24.40 41.89
C ASN A 198 -37.00 23.09 42.66
N LEU A 199 -36.10 22.16 42.35
CA LEU A 199 -35.90 20.94 43.13
C LEU A 199 -34.43 20.95 43.55
N VAL A 200 -34.18 21.45 44.76
CA VAL A 200 -32.82 21.60 45.26
C VAL A 200 -32.46 20.49 46.26
N ARG A 201 -33.24 19.42 46.32
CA ARG A 201 -32.94 18.36 47.27
C ARG A 201 -31.75 17.54 46.80
N ASP A 202 -31.60 17.35 45.50
CA ASP A 202 -30.51 16.53 44.97
C ASP A 202 -30.07 17.10 43.64
N LEU A 203 -28.84 16.74 43.26
CA LEU A 203 -28.21 17.31 42.08
C LEU A 203 -29.05 17.04 40.84
N PRO A 204 -29.29 18.02 40.00
CA PRO A 204 -30.31 17.88 38.94
C PRO A 204 -29.78 17.02 37.80
N GLN A 205 -30.74 16.51 37.03
CA GLN A 205 -30.42 15.77 35.82
C GLN A 205 -30.18 16.78 34.69
N GLY A 206 -30.29 16.34 33.45
CA GLY A 206 -30.12 17.22 32.32
C GLY A 206 -28.67 17.44 31.97
N PHE A 207 -28.43 17.73 30.69
CA PHE A 207 -27.08 18.01 30.24
C PHE A 207 -27.07 19.30 29.46
N SER A 208 -26.21 20.23 29.87
CA SER A 208 -26.02 21.49 29.15
C SER A 208 -24.62 22.01 29.43
N ALA A 209 -23.78 22.01 28.42
CA ALA A 209 -22.45 22.55 28.59
C ALA A 209 -22.52 24.06 28.83
N LEU A 210 -21.37 24.64 29.11
CA LEU A 210 -21.27 26.03 29.46
C LEU A 210 -20.54 26.76 28.35
N GLU A 211 -20.75 28.01 28.25
CA GLU A 211 -19.95 28.58 27.20
C GLU A 211 -18.74 29.29 27.79
N PRO A 212 -17.63 29.39 27.05
CA PRO A 212 -16.44 30.02 27.62
C PRO A 212 -16.63 31.52 27.70
N LEU A 213 -16.12 32.10 28.78
CA LEU A 213 -16.33 33.52 29.00
C LEU A 213 -15.04 34.32 28.89
N VAL A 214 -13.98 33.95 29.61
CA VAL A 214 -12.79 34.79 29.69
C VAL A 214 -11.52 33.96 29.66
N ASP A 215 -10.40 34.67 29.69
CA ASP A 215 -9.07 34.10 29.78
C ASP A 215 -8.10 35.21 30.15
N LEU A 216 -7.23 34.96 31.13
CA LEU A 216 -6.32 36.03 31.53
C LEU A 216 -4.93 35.51 31.84
N PRO A 217 -3.91 36.27 31.50
CA PRO A 217 -2.54 35.75 31.52
C PRO A 217 -1.86 35.77 32.87
N ILE A 218 -2.03 34.72 33.67
CA ILE A 218 -1.50 34.77 35.02
C ILE A 218 0.03 34.58 35.04
N GLY A 219 0.51 33.43 34.61
CA GLY A 219 1.94 33.16 34.65
C GLY A 219 2.42 32.34 35.83
N ILE A 220 1.52 31.90 36.72
CA ILE A 220 1.83 30.93 37.77
C ILE A 220 0.69 29.91 37.86
N ASN A 221 0.79 29.01 38.84
CA ASN A 221 -0.10 27.88 39.01
C ASN A 221 -1.15 28.20 40.06
N ILE A 222 -2.15 27.34 40.17
CA ILE A 222 -3.12 27.40 41.26
C ILE A 222 -3.00 26.11 42.06
N THR A 223 -2.94 26.23 43.38
CA THR A 223 -3.05 25.03 44.21
C THR A 223 -3.79 25.28 45.52
N ARG A 224 -4.12 26.53 45.85
CA ARG A 224 -4.72 26.86 47.13
C ARG A 224 -5.93 27.74 46.88
N PHE A 225 -7.09 27.27 47.32
CA PHE A 225 -8.35 27.96 47.09
C PHE A 225 -9.36 27.50 48.13
N GLN A 226 -9.99 28.46 48.79
CA GLN A 226 -11.11 28.19 49.68
C GLN A 226 -11.96 29.45 49.70
N THR A 227 -13.10 29.40 49.00
CA THR A 227 -13.98 30.56 48.94
C THR A 227 -14.39 31.01 50.34
N LEU A 228 -14.03 32.25 50.69
CA LEU A 228 -14.47 32.89 51.92
C LEU A 228 -15.26 34.15 51.59
N LEU A 229 -16.28 34.42 52.40
CA LEU A 229 -17.32 35.38 52.07
C LEU A 229 -17.41 36.44 53.15
N ALA A 230 -18.33 37.38 52.93
CA ALA A 230 -18.62 38.48 53.82
C ALA A 230 -19.80 38.15 54.73
N LEU A 231 -19.77 38.67 55.94
CA LEU A 231 -20.90 38.55 56.85
C LEU A 231 -21.72 39.82 56.78
N HIS A 232 -23.05 39.69 56.79
CA HIS A 232 -23.95 40.86 56.75
C HIS A 232 -25.41 40.40 56.95
N ARG A 233 -26.34 41.36 56.95
CA ARG A 233 -27.79 41.06 57.15
C ARG A 233 -28.56 41.34 55.86
N SER A 234 -28.45 40.44 54.87
CA SER A 234 -29.13 40.59 53.56
C SER A 234 -28.84 41.98 52.97
N TYR A 235 -29.88 42.71 52.60
CA TYR A 235 -29.74 44.04 52.01
C TYR A 235 -30.82 45.03 52.44
N LEU A 236 -31.94 44.51 52.94
CA LEU A 236 -33.08 45.35 53.29
C LEU A 236 -33.52 45.17 54.72
N THR A 237 -33.43 43.96 55.24
CA THR A 237 -33.97 43.68 56.56
C THR A 237 -33.07 42.69 57.30
N PRO A 238 -33.26 42.51 58.61
CA PRO A 238 -32.44 41.53 59.33
C PRO A 238 -32.80 40.10 59.01
N GLY A 239 -32.17 39.14 59.69
CA GLY A 239 -32.42 37.74 59.42
C GLY A 239 -31.86 37.28 58.08
N ASP A 240 -30.54 37.26 57.97
CA ASP A 240 -29.91 36.79 56.74
C ASP A 240 -29.28 35.42 56.97
N SER A 241 -28.46 35.30 58.01
CA SER A 241 -27.89 34.01 58.34
C SER A 241 -29.02 33.04 58.67
N SER A 242 -29.25 32.09 57.77
CA SER A 242 -30.43 31.25 57.79
C SER A 242 -30.28 30.04 58.71
N SER A 243 -29.12 29.86 59.33
CA SER A 243 -28.90 28.71 60.19
C SER A 243 -29.30 29.07 61.61
N GLY A 244 -30.45 28.55 62.04
CA GLY A 244 -30.99 28.90 63.34
C GLY A 244 -30.18 28.36 64.49
N TRP A 245 -30.10 27.03 64.61
CA TRP A 245 -29.43 26.41 65.75
C TRP A 245 -27.94 26.28 65.50
N THR A 246 -27.55 25.54 64.47
CA THR A 246 -26.15 25.40 64.10
C THR A 246 -26.00 25.42 62.58
N ALA A 247 -24.87 24.94 62.09
CA ALA A 247 -24.65 24.70 60.67
C ALA A 247 -24.69 25.99 59.86
N GLY A 248 -23.76 26.89 60.19
CA GLY A 248 -23.55 28.09 59.40
C GLY A 248 -23.49 27.77 57.92
N ALA A 249 -24.14 28.59 57.09
CA ALA A 249 -24.44 28.20 55.73
C ALA A 249 -23.18 27.91 54.95
N ALA A 250 -22.90 26.62 54.73
CA ALA A 250 -21.66 26.19 54.10
C ALA A 250 -21.94 25.11 53.09
N ALA A 251 -22.92 25.33 52.21
CA ALA A 251 -23.35 24.35 51.22
C ALA A 251 -22.87 24.76 49.83
N TYR A 252 -22.21 23.81 49.15
CA TYR A 252 -21.74 24.04 47.79
C TYR A 252 -21.23 22.72 47.24
N TYR A 253 -21.68 22.34 46.05
CA TYR A 253 -21.27 21.07 45.46
C TYR A 253 -19.87 21.20 44.90
N VAL A 254 -19.11 20.11 44.92
CA VAL A 254 -17.75 20.10 44.40
C VAL A 254 -17.48 18.76 43.73
N GLY A 255 -16.99 18.81 42.49
CA GLY A 255 -16.49 17.63 41.80
C GLY A 255 -15.15 17.93 41.15
N TYR A 256 -14.34 16.92 40.86
CA TYR A 256 -13.03 17.18 40.28
C TYR A 256 -12.97 16.67 38.85
N LEU A 257 -12.03 17.23 38.10
CA LEU A 257 -11.84 16.89 36.70
C LEU A 257 -10.52 16.16 36.51
N GLN A 258 -10.43 15.43 35.42
CA GLN A 258 -9.23 14.72 35.03
C GLN A 258 -9.14 14.79 33.52
N PRO A 259 -8.04 14.37 32.96
CA PRO A 259 -7.98 14.27 31.49
C PRO A 259 -8.56 12.98 30.92
N ARG A 260 -9.88 12.85 30.92
CA ARG A 260 -10.57 11.76 30.24
C ARG A 260 -11.09 12.28 28.91
N THR A 261 -10.87 11.52 27.86
CA THR A 261 -11.45 11.93 26.59
C THR A 261 -12.96 11.83 26.63
N PHE A 262 -13.59 12.69 25.86
CA PHE A 262 -15.04 12.80 25.78
C PHE A 262 -15.48 12.70 24.33
N LEU A 263 -16.74 12.29 24.16
CA LEU A 263 -17.36 12.18 22.85
C LEU A 263 -18.67 12.94 22.91
N LEU A 264 -18.90 13.80 21.91
CA LEU A 264 -20.02 14.74 21.89
C LEU A 264 -20.75 14.70 20.56
N LYS A 265 -22.07 14.71 20.63
CA LYS A 265 -22.93 14.90 19.46
C LYS A 265 -23.57 16.29 19.55
N TYR A 266 -23.41 17.08 18.50
CA TYR A 266 -23.95 18.42 18.47
C TYR A 266 -25.28 18.43 17.72
N ASN A 267 -26.13 19.39 18.06
CA ASN A 267 -27.47 19.44 17.53
C ASN A 267 -27.59 20.47 16.40
N GLU A 268 -28.83 20.81 16.06
CA GLU A 268 -29.09 21.70 14.95
C GLU A 268 -28.66 23.13 15.24
N ASN A 269 -28.71 23.55 16.50
CA ASN A 269 -28.52 24.95 16.91
C ASN A 269 -27.15 25.16 17.56
N GLY A 270 -26.11 24.54 17.02
CA GLY A 270 -24.79 24.67 17.59
C GLY A 270 -24.72 24.25 19.03
N THR A 271 -25.57 23.32 19.44
CA THR A 271 -25.78 23.00 20.83
C THR A 271 -25.21 21.63 21.19
N ILE A 272 -24.60 21.57 22.36
CA ILE A 272 -24.18 20.30 22.95
C ILE A 272 -25.36 19.69 23.67
N THR A 273 -25.60 18.41 23.46
CA THR A 273 -26.77 17.74 24.01
C THR A 273 -26.43 16.54 24.88
N ASP A 274 -25.77 15.54 24.32
CA ASP A 274 -25.63 14.24 24.97
C ASP A 274 -24.24 13.69 24.70
N ALA A 275 -23.57 13.24 25.75
CA ALA A 275 -22.15 12.98 25.66
C ALA A 275 -21.87 11.59 26.20
N VAL A 276 -20.59 11.20 26.16
CA VAL A 276 -20.22 9.89 26.65
C VAL A 276 -18.71 9.83 26.85
N ASP A 277 -18.29 9.02 27.80
CA ASP A 277 -16.88 8.72 27.96
C ASP A 277 -16.43 7.78 26.86
N CYS A 278 -15.13 7.49 26.85
CA CYS A 278 -14.57 6.48 25.98
C CYS A 278 -14.04 5.27 26.74
N ALA A 279 -13.71 5.43 28.01
CA ALA A 279 -13.13 4.31 28.75
C ALA A 279 -13.60 4.22 30.19
N LEU A 280 -14.58 5.02 30.61
CA LEU A 280 -15.05 4.89 31.98
C LEU A 280 -15.61 3.50 32.19
N ASP A 281 -16.78 3.18 31.58
CA ASP A 281 -17.26 1.81 31.69
C ASP A 281 -17.14 1.12 30.36
N PRO A 282 -16.80 -0.14 30.36
CA PRO A 282 -16.47 -0.81 29.09
C PRO A 282 -17.56 -0.63 28.05
N LEU A 283 -18.74 -0.13 28.43
CA LEU A 283 -19.72 0.22 27.41
C LEU A 283 -19.33 1.47 26.66
N SER A 284 -18.86 2.48 27.39
CA SER A 284 -18.40 3.69 26.74
C SER A 284 -17.34 3.37 25.71
N GLU A 285 -16.64 2.26 25.89
CA GLU A 285 -15.63 1.84 24.92
C GLU A 285 -16.23 1.72 23.52
N THR A 286 -17.18 0.81 23.34
CA THR A 286 -17.77 0.62 22.02
C THR A 286 -18.54 1.85 21.60
N LYS A 287 -19.21 2.51 22.55
CA LYS A 287 -19.87 3.75 22.19
C LYS A 287 -18.90 4.74 21.58
N CYS A 288 -17.65 4.67 22.00
CA CYS A 288 -16.64 5.63 21.55
C CYS A 288 -16.08 5.22 20.20
N THR A 289 -15.61 3.97 20.12
CA THR A 289 -15.00 3.42 18.87
C THR A 289 -16.10 3.05 17.87
N LEU A 290 -17.36 3.35 18.21
CA LEU A 290 -18.50 3.04 17.31
C LEU A 290 -19.08 4.34 16.75
N LYS A 291 -18.69 5.47 17.36
CA LYS A 291 -19.18 6.81 16.92
C LYS A 291 -20.71 6.76 16.78
N SER A 292 -21.39 6.11 17.73
CA SER A 292 -22.83 6.02 17.71
C SER A 292 -23.31 6.08 19.14
N PHE A 293 -24.47 6.70 19.32
CA PHE A 293 -25.14 6.49 20.58
C PHE A 293 -25.97 5.23 20.57
N THR A 294 -25.73 4.35 19.60
CA THR A 294 -26.37 3.05 19.53
C THR A 294 -25.32 2.02 19.19
N VAL A 295 -25.11 1.08 20.08
CA VAL A 295 -24.32 -0.10 19.75
C VAL A 295 -25.26 -1.15 19.21
N GLU A 296 -24.76 -2.00 18.33
CA GLU A 296 -25.58 -2.98 17.66
C GLU A 296 -25.09 -4.38 17.96
N LYS A 297 -25.96 -5.35 17.73
CA LYS A 297 -25.78 -6.69 18.27
C LYS A 297 -24.54 -7.39 17.74
N GLY A 298 -23.43 -7.31 18.46
CA GLY A 298 -22.18 -7.89 18.03
C GLY A 298 -21.04 -7.47 18.92
N ILE A 299 -19.90 -8.12 18.72
CA ILE A 299 -18.68 -7.81 19.44
C ILE A 299 -17.89 -6.81 18.61
N TYR A 300 -17.08 -6.00 19.26
CA TYR A 300 -16.33 -4.97 18.57
C TYR A 300 -15.09 -4.67 19.39
N GLN A 301 -13.92 -5.09 18.94
CA GLN A 301 -12.72 -4.89 19.74
C GLN A 301 -12.47 -3.41 19.95
N THR A 302 -12.45 -2.99 21.20
CA THR A 302 -12.32 -1.58 21.52
C THR A 302 -10.90 -1.18 21.90
N SER A 303 -10.15 -2.06 22.53
CA SER A 303 -8.79 -1.75 22.92
C SER A 303 -8.13 -3.03 23.39
N ASN A 304 -6.99 -2.88 24.01
CA ASN A 304 -6.19 -4.02 24.40
C ASN A 304 -5.84 -3.79 25.85
N PHE A 305 -4.88 -4.54 26.35
CA PHE A 305 -4.33 -4.22 27.65
C PHE A 305 -2.93 -4.79 27.70
N ARG A 306 -2.13 -4.29 28.64
CA ARG A 306 -0.81 -4.84 28.89
C ARG A 306 -0.67 -5.07 30.37
N VAL A 307 -0.43 -6.33 30.74
CA VAL A 307 -0.20 -6.61 32.14
C VAL A 307 1.00 -5.74 32.51
N GLN A 308 0.73 -4.69 33.24
CA GLN A 308 1.70 -3.64 33.37
C GLN A 308 2.89 -4.12 34.17
N PRO A 309 4.09 -4.15 33.60
CA PRO A 309 5.26 -4.53 34.38
C PRO A 309 5.53 -3.57 35.52
N THR A 310 6.15 -4.09 36.58
CA THR A 310 6.31 -3.39 37.83
C THR A 310 7.78 -3.21 38.17
N GLU A 311 8.15 -1.98 38.56
CA GLU A 311 9.47 -1.66 39.14
C GLU A 311 10.61 -2.02 38.19
N SER A 312 10.71 -1.24 37.13
CA SER A 312 11.82 -1.40 36.20
C SER A 312 13.15 -1.41 36.94
N ILE A 313 13.92 -2.46 36.71
CA ILE A 313 15.29 -2.52 37.18
C ILE A 313 16.19 -2.50 35.96
N VAL A 314 17.49 -2.50 36.22
CA VAL A 314 18.48 -2.59 35.16
C VAL A 314 19.70 -3.31 35.70
N ARG A 315 20.19 -4.28 34.94
CA ARG A 315 21.40 -4.99 35.33
C ARG A 315 22.42 -4.89 34.22
N PHE A 316 23.62 -5.42 34.49
CA PHE A 316 24.72 -5.37 33.49
C PHE A 316 25.74 -6.49 33.72
N PRO A 317 27.15 -6.18 33.70
CA PRO A 317 28.67 -6.93 33.84
C PRO A 317 29.20 -7.26 35.24
N ASN A 318 29.07 -8.53 35.65
CA ASN A 318 29.56 -9.07 36.94
C ASN A 318 29.33 -8.09 38.09
N ILE A 319 30.40 -7.70 38.79
CA ILE A 319 30.33 -6.78 39.95
C ILE A 319 30.75 -5.37 39.50
N THR A 320 30.68 -4.39 40.42
CA THR A 320 31.03 -3.02 40.12
C THR A 320 32.28 -2.63 40.90
N ASN A 321 33.40 -2.46 40.20
CA ASN A 321 34.56 -1.98 40.93
C ASN A 321 35.35 -0.95 40.15
N LEU A 322 36.46 -0.50 40.74
CA LEU A 322 37.32 0.56 40.20
C LEU A 322 38.72 -0.01 40.02
N CYS A 323 39.52 0.72 39.29
CA CYS A 323 40.87 0.26 38.98
C CYS A 323 41.85 0.96 39.93
N PRO A 324 43.18 0.70 39.89
CA PRO A 324 44.02 0.99 41.06
C PRO A 324 44.23 2.46 41.35
N PHE A 325 43.38 3.05 42.19
CA PHE A 325 43.57 4.43 42.62
C PHE A 325 44.23 4.59 43.98
N GLY A 326 44.41 3.52 44.75
CA GLY A 326 45.14 3.65 46.01
C GLY A 326 46.56 4.12 45.79
N GLU A 327 47.31 3.41 44.95
CA GLU A 327 48.64 3.82 44.52
C GLU A 327 48.60 5.03 43.66
N VAL A 328 47.39 5.56 43.46
CA VAL A 328 47.20 6.84 42.86
C VAL A 328 46.72 7.88 43.86
N PHE A 329 46.03 7.46 44.92
CA PHE A 329 45.54 8.43 45.88
C PHE A 329 45.71 8.02 47.35
N ASN A 330 46.44 6.93 47.64
CA ASN A 330 46.72 6.61 49.03
C ASN A 330 48.11 6.03 49.29
N ALA A 331 49.00 5.99 48.30
CA ALA A 331 50.39 5.61 48.55
C ALA A 331 51.17 6.80 49.10
N THR A 332 52.13 6.53 49.99
CA THR A 332 52.79 7.58 50.76
C THR A 332 53.81 8.38 49.96
N ARG A 333 54.28 7.86 48.83
CA ARG A 333 55.15 8.60 47.94
C ARG A 333 54.41 8.91 46.65
N PHE A 334 54.95 9.87 45.89
CA PHE A 334 54.28 10.34 44.69
C PHE A 334 55.35 10.76 43.69
N ALA A 335 54.95 11.54 42.70
CA ALA A 335 55.86 12.10 41.71
C ALA A 335 55.94 13.62 41.88
N SER A 336 56.93 14.20 41.22
CA SER A 336 57.36 15.57 41.45
C SER A 336 57.12 16.44 40.21
N VAL A 337 57.69 17.65 40.24
CA VAL A 337 57.71 18.51 39.06
C VAL A 337 58.32 17.77 37.88
N TYR A 338 59.28 16.88 38.16
CA TYR A 338 60.04 16.20 37.11
C TYR A 338 59.72 14.73 36.97
N ALA A 339 58.72 14.19 37.70
CA ALA A 339 58.43 12.75 37.68
C ALA A 339 57.00 12.38 37.30
N TRP A 340 56.15 13.35 37.00
CA TRP A 340 54.75 13.08 36.72
C TRP A 340 54.59 12.60 35.29
N ASN A 341 53.94 11.44 35.12
CA ASN A 341 53.64 10.86 33.81
C ASN A 341 52.14 10.92 33.55
N ARG A 342 51.79 11.32 32.34
CA ARG A 342 50.39 11.45 31.97
C ARG A 342 49.82 10.05 31.90
N LYS A 343 49.18 9.60 32.97
CA LYS A 343 48.68 8.24 33.08
C LYS A 343 47.29 8.13 32.49
N ARG A 344 46.86 6.91 32.16
CA ARG A 344 45.49 6.65 31.73
C ARG A 344 45.11 5.22 32.08
N ILE A 345 44.27 5.06 33.08
CA ILE A 345 43.82 3.76 33.51
C ILE A 345 42.47 3.48 32.88
N SER A 346 42.41 2.40 32.12
CA SER A 346 41.19 1.84 31.56
C SER A 346 41.47 0.37 31.30
N ASN A 347 40.69 -0.26 30.43
CA ASN A 347 40.86 -1.69 30.16
C ASN A 347 40.76 -2.48 31.46
N CYS A 348 39.62 -2.31 32.13
CA CYS A 348 39.42 -2.72 33.51
C CYS A 348 37.97 -2.39 33.88
N VAL A 349 37.48 -3.05 34.93
CA VAL A 349 36.13 -2.76 35.41
C VAL A 349 36.13 -1.31 35.86
N ALA A 350 35.45 -0.45 35.11
CA ALA A 350 35.70 0.98 35.12
C ALA A 350 34.56 1.73 35.80
N ASP A 351 34.81 2.19 37.03
CA ASP A 351 33.90 3.07 37.75
C ASP A 351 34.74 3.99 38.64
N TYR A 352 34.73 5.29 38.35
CA TYR A 352 35.48 6.27 39.12
C TYR A 352 34.57 7.36 39.68
N SER A 353 33.41 7.00 40.22
CA SER A 353 32.46 7.98 40.72
C SER A 353 32.45 8.06 42.24
N VAL A 354 33.46 7.53 42.91
CA VAL A 354 33.49 7.52 44.36
C VAL A 354 34.70 8.28 44.87
N LEU A 355 35.09 9.33 44.12
CA LEU A 355 36.27 10.12 44.42
C LEU A 355 35.98 11.33 45.30
N TYR A 356 34.76 11.43 45.84
CA TYR A 356 34.45 12.50 46.76
C TYR A 356 33.63 12.01 47.95
N ASN A 357 33.98 10.86 48.48
CA ASN A 357 33.30 10.40 49.68
C ASN A 357 33.88 10.99 50.99
N SER A 358 34.76 12.00 51.01
CA SER A 358 35.39 12.46 52.25
C SER A 358 35.19 13.96 52.42
N ALA A 359 35.67 14.47 53.56
CA ALA A 359 35.50 15.87 53.96
C ALA A 359 36.82 16.58 54.28
N SER A 360 37.96 15.92 54.13
CA SER A 360 39.24 16.57 54.30
C SER A 360 39.65 17.37 53.07
N PHE A 361 38.72 17.64 52.17
CA PHE A 361 38.98 18.45 50.98
C PHE A 361 38.60 19.90 51.28
N SER A 362 38.59 20.74 50.25
CA SER A 362 38.31 22.16 50.41
C SER A 362 36.88 22.55 50.06
N THR A 363 36.43 22.27 48.83
CA THR A 363 35.10 22.67 48.38
C THR A 363 34.39 21.48 47.73
N PHE A 364 33.06 21.56 47.65
CA PHE A 364 32.24 20.54 47.01
C PHE A 364 31.57 21.16 45.80
N LYS A 365 32.31 21.19 44.69
CA LYS A 365 31.94 21.77 43.42
C LYS A 365 33.15 21.61 42.52
N CYS A 366 32.93 21.67 41.21
CA CYS A 366 34.02 21.51 40.25
C CYS A 366 33.72 22.43 39.06
N TYR A 367 34.37 22.17 37.92
CA TYR A 367 34.06 22.89 36.69
C TYR A 367 34.00 21.93 35.51
N GLY A 368 32.81 21.79 34.92
CA GLY A 368 32.59 20.97 33.75
C GLY A 368 32.47 19.49 34.00
N VAL A 369 32.35 19.07 35.26
CA VAL A 369 32.35 17.66 35.60
C VAL A 369 31.17 16.94 34.93
N SER A 370 31.35 15.64 34.68
CA SER A 370 30.39 14.83 33.92
C SER A 370 29.97 13.61 34.71
N PRO A 371 29.05 13.76 35.67
CA PRO A 371 28.48 12.60 36.36
C PRO A 371 27.20 12.08 35.71
N THR A 372 26.95 12.43 34.44
CA THR A 372 25.64 12.22 33.84
C THR A 372 25.25 10.74 33.80
N LYS A 373 26.08 9.90 33.17
CA LYS A 373 25.85 8.45 33.17
C LYS A 373 27.12 7.70 33.52
N LEU A 374 28.05 8.39 34.17
CA LEU A 374 29.34 7.82 34.53
C LEU A 374 29.20 6.53 35.33
N ASN A 375 28.06 6.32 36.00
CA ASN A 375 27.89 5.15 36.85
C ASN A 375 28.18 3.88 36.08
N ASP A 376 27.66 3.79 34.87
CA ASP A 376 27.91 2.65 34.00
C ASP A 376 28.29 3.06 32.60
N LEU A 377 28.74 4.29 32.40
CA LEU A 377 29.29 4.64 31.11
C LEU A 377 30.59 3.90 30.87
N CYS A 378 31.31 4.31 29.83
CA CYS A 378 32.71 3.94 29.65
C CYS A 378 33.60 5.16 29.42
N PHE A 379 34.86 5.04 29.86
CA PHE A 379 35.80 6.14 29.96
C PHE A 379 36.92 5.85 28.96
N THR A 380 36.87 6.56 27.83
CA THR A 380 37.88 6.35 26.80
C THR A 380 39.28 6.66 27.32
N ASN A 381 39.46 7.85 27.88
CA ASN A 381 40.80 8.29 28.27
C ASN A 381 40.68 9.27 29.42
N VAL A 382 41.70 9.25 30.27
CA VAL A 382 41.83 10.17 31.39
C VAL A 382 43.22 10.78 31.36
N TYR A 383 43.30 12.09 31.61
CA TYR A 383 44.57 12.82 31.54
C TYR A 383 44.69 13.69 32.79
N ALA A 384 45.56 13.28 33.71
CA ALA A 384 45.80 14.02 34.96
C ALA A 384 47.24 14.49 34.97
N ASP A 385 47.44 15.81 34.92
CA ASP A 385 48.76 16.44 34.91
C ASP A 385 48.83 17.47 36.04
N SER A 386 49.35 17.04 37.20
CA SER A 386 49.57 17.94 38.34
C SER A 386 50.62 17.29 39.25
N PHE A 387 51.06 18.07 40.25
CA PHE A 387 52.10 17.61 41.15
C PHE A 387 51.94 18.35 42.48
N VAL A 388 52.89 18.13 43.39
CA VAL A 388 52.72 18.52 44.79
C VAL A 388 53.02 20.02 44.94
N ILE A 389 51.99 20.85 44.80
CA ILE A 389 52.11 22.29 45.04
C ILE A 389 51.09 22.67 46.09
N ARG A 390 51.06 23.94 46.47
CA ARG A 390 50.04 24.42 47.37
C ARG A 390 48.73 24.60 46.61
N GLY A 391 47.68 24.87 47.35
CA GLY A 391 46.37 24.98 46.76
C GLY A 391 46.23 26.24 45.93
N ASP A 392 46.19 27.39 46.59
CA ASP A 392 45.89 28.65 45.91
C ASP A 392 46.86 28.94 44.78
N GLU A 393 47.89 28.12 44.60
CA GLU A 393 48.81 28.21 43.48
C GLU A 393 48.19 27.74 42.18
N VAL A 394 46.86 27.64 42.12
CA VAL A 394 46.18 27.07 40.96
C VAL A 394 45.90 28.08 39.87
N ARG A 395 46.46 29.29 39.94
CA ARG A 395 46.22 30.28 38.91
C ARG A 395 47.33 30.35 37.87
N GLN A 396 48.14 29.30 37.73
CA GLN A 396 49.14 29.29 36.67
C GLN A 396 48.66 28.56 35.42
N ILE A 397 47.48 27.96 35.47
CA ILE A 397 46.91 27.23 34.34
C ILE A 397 46.37 28.21 33.30
N ALA A 398 47.24 28.63 32.38
CA ALA A 398 46.84 29.56 31.35
C ALA A 398 47.74 29.41 30.14
N PRO A 399 47.19 29.33 28.93
CA PRO A 399 48.02 29.22 27.72
C PRO A 399 48.59 30.59 27.35
N GLY A 400 49.83 30.59 26.87
CA GLY A 400 50.49 31.85 26.54
C GLY A 400 50.63 32.76 27.71
N GLN A 401 50.86 32.21 28.91
CA GLN A 401 50.80 32.94 30.15
C GLN A 401 52.19 33.32 30.63
N THR A 402 52.27 33.79 31.87
CA THR A 402 53.47 34.40 32.44
C THR A 402 54.42 33.33 32.96
N GLY A 403 55.71 33.52 32.70
CA GLY A 403 56.76 32.64 33.20
C GLY A 403 57.68 32.19 32.09
N LYS A 404 58.36 31.08 32.38
CA LYS A 404 59.00 30.31 31.32
C LYS A 404 58.07 29.21 30.79
N ILE A 405 57.57 28.37 31.71
CA ILE A 405 56.74 27.21 31.42
C ILE A 405 55.50 27.57 30.62
N ALA A 406 54.56 28.27 31.27
CA ALA A 406 53.27 28.53 30.65
C ALA A 406 53.38 29.46 29.45
N ASP A 407 54.56 30.02 29.18
CA ASP A 407 54.72 30.94 28.06
C ASP A 407 55.31 30.27 26.84
N TYR A 408 56.54 29.76 26.93
CA TYR A 408 57.22 29.29 25.73
C TYR A 408 57.64 27.84 25.88
N ASN A 409 57.11 27.14 26.89
CA ASN A 409 57.58 25.81 27.23
C ASN A 409 56.50 24.73 27.18
N TYR A 410 55.22 25.10 27.20
CA TYR A 410 54.15 24.11 27.34
C TYR A 410 52.93 24.63 26.59
N LYS A 411 52.65 24.02 25.43
CA LYS A 411 51.48 24.34 24.62
C LYS A 411 50.64 23.08 24.50
N LEU A 412 49.51 23.04 25.20
CA LEU A 412 48.65 21.88 25.16
C LEU A 412 47.28 22.29 24.63
N PRO A 413 46.70 21.55 23.68
CA PRO A 413 45.36 21.89 23.19
C PRO A 413 44.33 21.64 24.28
N ASP A 414 43.19 22.31 24.15
CA ASP A 414 42.16 22.26 25.17
C ASP A 414 41.81 20.81 25.50
N ASP A 415 41.30 20.61 26.70
CA ASP A 415 41.02 19.26 27.16
C ASP A 415 39.75 19.28 27.99
N PHE A 416 39.42 18.15 28.58
CA PHE A 416 38.23 18.03 29.40
C PHE A 416 38.48 18.60 30.79
N THR A 417 37.39 18.92 31.47
CA THR A 417 37.42 19.73 32.68
C THR A 417 36.76 18.94 33.81
N GLY A 418 37.56 18.21 34.59
CA GLY A 418 37.03 17.67 35.82
C GLY A 418 36.89 18.69 36.93
N CYS A 419 38.02 19.05 37.58
CA CYS A 419 38.12 20.20 38.49
C CYS A 419 39.51 20.36 39.10
N VAL A 420 39.68 21.37 39.95
CA VAL A 420 40.91 21.64 40.69
C VAL A 420 40.57 21.74 42.18
N ILE A 421 40.85 20.68 42.95
CA ILE A 421 40.59 20.62 44.39
C ILE A 421 41.69 19.79 45.03
N ALA A 422 41.93 20.05 46.31
CA ALA A 422 43.01 19.40 47.05
C ALA A 422 42.49 18.20 47.84
N TRP A 423 43.40 17.26 48.08
CA TRP A 423 43.19 16.12 48.95
C TRP A 423 44.18 16.20 50.11
N ASN A 424 44.28 15.14 50.91
CA ASN A 424 45.12 15.18 52.10
C ASN A 424 46.55 15.55 51.71
N SER A 425 47.05 16.66 52.27
CA SER A 425 48.32 17.23 51.84
C SER A 425 49.25 17.58 53.00
N ASN A 426 48.84 17.32 54.24
CA ASN A 426 49.66 17.65 55.40
C ASN A 426 50.41 16.45 55.96
N ASN A 427 49.76 15.29 56.06
CA ASN A 427 50.40 14.08 56.56
C ASN A 427 51.62 13.68 55.74
N LEU A 428 51.80 14.25 54.56
CA LEU A 428 52.96 13.99 53.73
C LEU A 428 53.99 15.11 53.75
N ASP A 429 53.59 16.33 54.07
CA ASP A 429 54.55 17.44 54.12
C ASP A 429 54.45 18.15 55.45
N SER A 430 54.44 17.37 56.51
CA SER A 430 54.59 17.79 57.90
C SER A 430 55.91 17.20 58.37
N ARG A 441 63.54 20.11 34.43
CA ARG A 441 64.17 20.15 33.11
C ARG A 441 63.11 20.43 32.05
N LEU A 442 62.76 21.69 31.82
CA LEU A 442 61.73 21.99 30.85
C LEU A 442 62.03 23.16 29.92
N PHE A 443 63.28 23.58 29.79
CA PHE A 443 63.72 24.35 28.64
C PHE A 443 65.14 23.97 28.29
N ARG A 444 65.46 23.95 27.00
CA ARG A 444 66.81 23.74 26.53
C ARG A 444 66.99 24.51 25.22
N LYS A 445 68.06 24.17 24.51
CA LYS A 445 68.54 24.83 23.30
C LYS A 445 67.56 25.73 22.56
N PRO A 478 67.61 28.26 30.89
CA PRO A 478 67.02 26.93 30.80
C PRO A 478 67.03 26.16 32.12
N LEU A 479 66.50 26.77 33.18
CA LEU A 479 66.28 26.09 34.44
C LEU A 479 65.48 27.02 35.34
N GLN A 480 64.42 26.52 35.97
CA GLN A 480 63.67 27.30 36.95
C GLN A 480 63.29 26.42 38.12
N SER A 481 62.71 27.04 39.14
CA SER A 481 62.40 26.39 40.40
C SER A 481 60.90 26.52 40.69
N TYR A 482 60.32 25.45 41.21
CA TYR A 482 58.89 25.40 41.51
C TYR A 482 58.70 25.44 43.02
N GLY A 483 57.50 25.81 43.45
CA GLY A 483 57.27 26.11 44.85
C GLY A 483 57.16 24.90 45.74
N PHE A 484 58.23 24.11 45.84
CA PHE A 484 58.28 23.04 46.83
C PHE A 484 58.15 23.66 48.22
N GLN A 485 57.13 23.25 48.97
CA GLN A 485 56.70 23.96 50.17
C GLN A 485 57.85 24.25 51.13
N PRO A 486 58.29 25.53 51.26
CA PRO A 486 59.35 25.85 52.23
C PRO A 486 58.89 25.70 53.67
N THR A 487 57.75 26.28 54.01
CA THR A 487 57.28 26.33 55.38
C THR A 487 55.77 26.18 55.45
N ASN A 488 55.27 26.19 56.69
CA ASN A 488 53.85 26.15 56.98
C ASN A 488 53.29 27.56 56.86
N GLY A 489 52.36 27.76 55.93
CA GLY A 489 51.81 29.09 55.78
C GLY A 489 50.46 29.21 55.10
N VAL A 490 50.30 30.30 54.36
CA VAL A 490 49.09 30.60 53.61
C VAL A 490 49.54 30.88 52.20
N GLY A 491 50.85 31.01 52.02
CA GLY A 491 51.36 31.21 50.68
C GLY A 491 51.86 29.94 50.04
N TYR A 492 52.43 29.04 50.84
CA TYR A 492 53.07 27.84 50.31
C TYR A 492 52.81 26.57 51.10
N GLN A 493 51.86 26.55 52.02
CA GLN A 493 51.54 25.34 52.77
C GLN A 493 51.16 24.21 51.82
N PRO A 494 51.54 22.97 52.12
CA PRO A 494 51.23 21.87 51.20
C PRO A 494 49.73 21.65 51.07
N TYR A 495 49.20 21.94 49.88
CA TYR A 495 47.81 21.62 49.54
C TYR A 495 47.83 21.07 48.12
N ARG A 496 47.99 19.76 48.00
CA ARG A 496 48.21 19.16 46.69
C ARG A 496 46.91 18.81 45.98
N VAL A 497 46.93 18.96 44.66
CA VAL A 497 45.77 18.81 43.80
C VAL A 497 46.19 17.97 42.60
N VAL A 498 45.34 17.04 42.19
CA VAL A 498 45.49 16.30 40.95
C VAL A 498 44.29 16.64 40.06
N VAL A 499 44.54 17.38 38.98
CA VAL A 499 43.51 17.79 38.05
C VAL A 499 43.50 16.81 36.89
N LEU A 500 42.35 16.67 36.23
CA LEU A 500 42.09 15.58 35.30
C LEU A 500 41.62 16.11 33.94
N SER A 501 41.67 15.23 32.94
CA SER A 501 41.15 15.52 31.61
C SER A 501 40.81 14.23 30.88
N PHE A 502 39.74 14.26 30.09
CA PHE A 502 39.33 13.18 29.20
C PHE A 502 39.60 13.56 27.76
N GLU A 503 39.59 12.57 26.88
CA GLU A 503 40.04 12.78 25.51
C GLU A 503 38.94 13.39 24.66
N LEU A 504 39.35 13.95 23.52
CA LEU A 504 38.44 14.16 22.41
C LEU A 504 38.44 12.94 21.49
N LEU A 505 38.36 11.77 22.11
CA LEU A 505 38.40 10.48 21.42
C LEU A 505 39.62 10.39 20.50
N HIS A 506 40.79 10.27 21.14
CA HIS A 506 41.98 9.84 20.43
C HIS A 506 42.05 8.32 20.31
N ALA A 507 41.34 7.60 21.17
CA ALA A 507 41.17 6.18 21.11
C ALA A 507 39.85 5.94 21.82
N PRO A 508 38.91 5.22 21.19
CA PRO A 508 37.60 5.00 21.80
C PRO A 508 37.70 4.32 23.16
N ALA A 509 36.54 4.12 23.77
CA ALA A 509 36.48 3.58 25.12
C ALA A 509 37.06 2.17 25.16
N THR A 510 37.41 1.75 26.38
CA THR A 510 38.03 0.46 26.62
C THR A 510 37.03 -0.58 27.13
N VAL A 511 36.41 -0.33 28.29
CA VAL A 511 35.50 -1.26 28.94
C VAL A 511 34.36 -0.43 29.54
N CYS A 512 33.14 -0.92 29.41
CA CYS A 512 32.00 -0.08 29.75
C CYS A 512 31.28 -0.65 30.97
N GLY A 513 30.28 0.11 31.43
CA GLY A 513 29.79 0.04 32.79
C GLY A 513 29.38 -1.31 33.32
N PRO A 514 29.52 -1.47 34.62
CA PRO A 514 29.17 -2.73 35.29
C PRO A 514 27.73 -2.75 35.76
N LYS A 515 27.39 -3.81 36.49
CA LYS A 515 26.03 -3.98 37.00
C LYS A 515 25.80 -3.03 38.16
N LYS A 516 25.70 -1.75 37.83
CA LYS A 516 25.25 -0.80 38.86
C LYS A 516 23.78 -1.10 39.10
N SER A 517 23.50 -2.27 39.65
CA SER A 517 22.17 -2.84 39.58
C SER A 517 21.67 -3.19 40.96
N THR A 518 20.35 -3.38 41.03
CA THR A 518 19.75 -4.05 42.15
C THR A 518 19.78 -5.55 41.87
N ASN A 519 19.04 -6.32 42.65
CA ASN A 519 19.11 -7.77 42.59
C ASN A 519 18.09 -8.31 41.59
N LEU A 520 17.76 -9.59 41.72
CA LEU A 520 16.93 -10.29 40.76
C LEU A 520 15.45 -10.13 41.07
N VAL A 521 14.64 -10.57 40.11
CA VAL A 521 13.19 -10.55 40.19
C VAL A 521 12.67 -11.82 39.54
N LYS A 522 11.38 -12.09 39.72
CA LYS A 522 10.82 -13.35 39.30
C LYS A 522 9.33 -13.22 39.00
N ASN A 523 8.87 -13.99 38.02
CA ASN A 523 7.45 -14.32 37.79
C ASN A 523 6.53 -13.10 37.73
N LYS A 524 7.07 -11.90 37.63
CA LYS A 524 6.25 -10.72 37.40
C LYS A 524 6.97 -9.91 36.34
N CYS A 525 6.34 -9.76 35.17
CA CYS A 525 6.95 -9.05 34.01
C CYS A 525 7.62 -7.75 34.46
N VAL A 526 8.91 -7.58 34.14
CA VAL A 526 9.60 -6.35 34.48
C VAL A 526 10.39 -5.89 33.28
N ASN A 527 10.01 -4.75 32.74
CA ASN A 527 10.85 -4.12 31.73
C ASN A 527 12.20 -3.84 32.35
N PHE A 528 13.23 -4.55 31.90
CA PHE A 528 14.58 -4.30 32.41
C PHE A 528 15.56 -4.22 31.26
N ASN A 529 16.74 -3.71 31.56
CA ASN A 529 17.72 -3.34 30.56
C ASN A 529 19.06 -4.00 30.85
N PHE A 530 19.60 -4.64 29.81
CA PHE A 530 20.94 -5.17 29.87
C PHE A 530 21.86 -4.44 28.92
N ASN A 531 21.43 -3.31 28.38
CA ASN A 531 22.15 -2.61 27.32
C ASN A 531 22.52 -3.58 26.21
N GLY A 532 21.51 -4.12 25.55
CA GLY A 532 21.72 -5.10 24.49
C GLY A 532 20.67 -6.18 24.51
N LEU A 533 19.93 -6.25 25.62
CA LEU A 533 18.84 -7.19 25.80
C LEU A 533 17.79 -6.45 26.62
N THR A 534 16.94 -5.70 25.95
CA THR A 534 15.94 -4.96 26.70
C THR A 534 14.90 -5.93 27.26
N GLY A 535 15.03 -6.27 28.54
CA GLY A 535 14.25 -7.36 29.08
C GLY A 535 12.86 -6.94 29.51
N THR A 536 11.86 -7.38 28.76
CA THR A 536 10.48 -6.96 28.97
C THR A 536 9.54 -8.14 28.76
N GLY A 537 8.94 -8.60 29.84
CA GLY A 537 8.19 -9.83 29.93
C GLY A 537 8.55 -10.55 31.21
N VAL A 538 7.78 -11.56 31.55
CA VAL A 538 8.05 -12.32 32.76
C VAL A 538 9.32 -13.13 32.59
N LEU A 539 9.90 -13.53 33.72
CA LEU A 539 11.08 -14.39 33.74
C LEU A 539 10.68 -15.81 34.05
N THR A 540 11.23 -16.76 33.29
CA THR A 540 10.98 -18.18 33.45
C THR A 540 12.29 -18.94 33.37
N GLU A 541 12.22 -20.18 33.85
CA GLU A 541 13.40 -21.03 33.93
C GLU A 541 14.07 -21.15 32.57
N SER A 542 15.39 -21.24 32.59
CA SER A 542 16.21 -21.40 31.39
C SER A 542 16.89 -22.76 31.40
N ASN A 543 16.54 -23.61 30.43
CA ASN A 543 17.09 -24.96 30.35
C ASN A 543 18.11 -25.14 29.23
N LYS A 544 18.17 -24.22 28.28
CA LYS A 544 19.21 -24.27 27.25
C LYS A 544 20.56 -23.99 27.88
N LYS A 545 21.62 -24.29 27.13
CA LYS A 545 22.96 -24.09 27.62
C LYS A 545 23.81 -23.36 26.60
N PHE A 546 24.82 -22.70 27.11
CA PHE A 546 25.61 -21.73 26.37
C PHE A 546 27.09 -22.05 26.42
N LEU A 547 27.87 -21.07 26.02
CA LEU A 547 29.30 -21.04 26.21
C LEU A 547 29.70 -19.59 26.43
N PRO A 548 30.93 -19.30 26.87
CA PRO A 548 31.36 -17.90 27.00
C PRO A 548 31.10 -17.07 25.75
N PHE A 549 31.20 -17.70 24.58
CA PHE A 549 30.86 -17.01 23.35
C PHE A 549 29.37 -16.83 23.19
N GLN A 550 28.58 -17.29 24.16
CA GLN A 550 27.13 -17.21 24.09
C GLN A 550 26.64 -16.33 25.22
N GLN A 551 26.23 -15.11 24.89
CA GLN A 551 25.53 -14.29 25.86
C GLN A 551 24.04 -14.37 25.73
N PHE A 552 23.48 -13.95 24.60
CA PHE A 552 22.04 -14.03 24.43
C PHE A 552 21.73 -14.98 23.30
N GLY A 553 20.66 -15.72 23.46
CA GLY A 553 20.17 -16.59 22.42
C GLY A 553 18.71 -16.34 22.14
N ARG A 554 18.41 -15.81 20.96
CA ARG A 554 17.04 -15.64 20.52
C ARG A 554 16.63 -16.92 19.82
N ASP A 555 15.35 -17.05 19.54
CA ASP A 555 14.86 -18.26 18.91
C ASP A 555 14.18 -17.88 17.60
N ILE A 556 13.60 -18.86 16.91
CA ILE A 556 13.16 -18.65 15.54
C ILE A 556 12.19 -17.46 15.48
N ALA A 557 12.24 -16.75 14.34
CA ALA A 557 11.76 -15.37 14.23
C ALA A 557 12.68 -14.41 14.97
N ASP A 558 13.89 -14.89 15.27
CA ASP A 558 14.96 -14.11 15.90
C ASP A 558 14.42 -13.15 16.95
N THR A 559 13.87 -13.74 18.01
CA THR A 559 13.26 -12.98 19.10
C THR A 559 14.06 -13.23 20.38
N THR A 560 14.69 -12.19 20.90
CA THR A 560 15.63 -12.31 21.99
C THR A 560 14.93 -12.74 23.27
N ASP A 561 15.44 -13.77 23.94
CA ASP A 561 14.84 -14.16 25.21
C ASP A 561 15.79 -14.70 26.28
N ALA A 562 17.09 -14.84 26.02
CA ALA A 562 17.94 -15.60 26.93
C ALA A 562 18.93 -14.66 27.63
N VAL A 563 18.50 -14.14 28.77
CA VAL A 563 19.31 -13.13 29.44
C VAL A 563 20.38 -13.83 30.28
N ARG A 564 21.59 -13.26 30.24
CA ARG A 564 22.74 -13.88 30.89
C ARG A 564 22.55 -13.97 32.39
N ASP A 565 22.15 -12.85 32.99
CA ASP A 565 22.09 -12.78 34.47
C ASP A 565 23.54 -12.72 34.94
N PRO A 566 24.30 -11.67 34.56
CA PRO A 566 25.74 -11.53 34.87
C PRO A 566 26.22 -11.52 36.33
N GLN A 567 25.28 -11.43 37.29
CA GLN A 567 25.64 -11.38 38.73
C GLN A 567 26.12 -12.74 39.25
N THR A 568 25.74 -13.84 38.58
CA THR A 568 26.15 -15.19 39.07
C THR A 568 26.51 -16.11 37.90
N LEU A 569 26.26 -15.64 36.67
CA LEU A 569 26.51 -16.35 35.37
C LEU A 569 25.52 -17.51 35.16
N GLU A 570 24.26 -17.30 35.56
CA GLU A 570 23.16 -18.22 35.36
C GLU A 570 22.19 -17.56 34.42
N ILE A 571 22.17 -18.03 33.18
CA ILE A 571 21.23 -17.55 32.18
C ILE A 571 19.85 -17.74 32.78
N LEU A 572 18.91 -16.88 32.41
CA LEU A 572 17.54 -17.07 32.85
C LEU A 572 16.61 -16.54 31.80
N ASP A 573 15.66 -17.33 31.33
CA ASP A 573 14.98 -16.94 30.10
C ASP A 573 13.78 -16.05 30.41
N ILE A 574 13.28 -15.40 29.37
CA ILE A 574 12.19 -14.43 29.51
C ILE A 574 11.08 -14.78 28.51
N THR A 575 9.96 -14.10 28.66
CA THR A 575 8.80 -14.34 27.84
C THR A 575 8.00 -13.05 27.79
N PRO A 576 7.44 -12.69 26.64
CA PRO A 576 6.54 -11.54 26.60
C PRO A 576 5.36 -11.75 27.53
N CYS A 577 5.24 -10.85 28.53
CA CYS A 577 4.10 -10.99 29.45
C CYS A 577 2.80 -10.74 28.70
N SER A 578 2.08 -11.82 28.44
CA SER A 578 1.08 -11.88 27.38
C SER A 578 -0.06 -10.90 27.63
N PHE A 579 -0.90 -10.78 26.61
CA PHE A 579 -2.13 -10.01 26.68
C PHE A 579 -2.86 -10.21 25.34
N GLY A 580 -4.12 -9.81 25.32
CA GLY A 580 -4.93 -9.97 24.12
C GLY A 580 -5.87 -8.80 23.97
N GLY A 581 -6.56 -8.78 22.85
CA GLY A 581 -7.56 -7.77 22.63
C GLY A 581 -8.66 -7.87 23.65
N VAL A 582 -9.55 -6.87 23.61
CA VAL A 582 -10.70 -6.83 24.50
C VAL A 582 -11.87 -6.31 23.69
N SER A 583 -13.07 -6.62 24.17
CA SER A 583 -14.26 -6.04 23.58
C SER A 583 -15.46 -6.29 24.47
N VAL A 584 -16.62 -5.95 23.95
CA VAL A 584 -17.87 -6.03 24.68
C VAL A 584 -18.83 -6.93 23.90
N ILE A 585 -19.89 -7.34 24.60
CA ILE A 585 -20.97 -8.10 23.99
C ILE A 585 -22.26 -7.37 24.33
N THR A 586 -23.00 -6.97 23.32
CA THR A 586 -24.21 -6.27 23.61
C THR A 586 -25.30 -6.74 22.65
N PRO A 587 -26.45 -7.15 23.17
CA PRO A 587 -27.53 -7.59 22.27
C PRO A 587 -28.15 -6.47 21.47
N GLY A 588 -27.98 -5.23 21.87
CA GLY A 588 -28.51 -4.09 21.15
C GLY A 588 -28.85 -2.94 22.08
N THR A 589 -28.35 -1.74 21.79
CA THR A 589 -28.26 -0.67 22.79
C THR A 589 -29.56 -0.49 23.55
N ASN A 590 -30.70 -0.79 22.91
CA ASN A 590 -31.98 -0.65 23.57
C ASN A 590 -32.58 -1.99 23.98
N THR A 591 -31.88 -3.09 23.75
CA THR A 591 -32.43 -4.40 24.07
C THR A 591 -32.21 -4.77 25.54
N SER A 592 -30.95 -4.92 25.93
CA SER A 592 -30.61 -5.19 27.34
C SER A 592 -29.19 -4.68 27.56
N ASN A 593 -29.05 -3.56 28.25
CA ASN A 593 -27.80 -2.84 28.26
C ASN A 593 -26.76 -3.46 29.16
N GLN A 594 -26.86 -4.77 29.35
CA GLN A 594 -25.79 -5.54 29.97
C GLN A 594 -24.49 -5.39 29.19
N VAL A 595 -23.41 -5.05 29.88
CA VAL A 595 -22.13 -4.77 29.25
C VAL A 595 -21.16 -5.86 29.64
N ALA A 596 -20.88 -6.77 28.71
CA ALA A 596 -20.08 -7.96 28.97
C ALA A 596 -18.69 -7.83 28.35
N VAL A 597 -17.66 -7.88 29.19
CA VAL A 597 -16.30 -7.74 28.71
C VAL A 597 -15.84 -9.08 28.16
N LEU A 598 -14.75 -9.07 27.39
CA LEU A 598 -14.12 -10.30 26.95
C LEU A 598 -12.60 -10.20 27.02
N TYR A 599 -11.98 -11.25 27.56
CA TYR A 599 -10.54 -11.46 27.46
C TYR A 599 -10.29 -12.81 26.81
N GLN A 600 -9.37 -12.84 25.85
CA GLN A 600 -9.28 -13.93 24.90
C GLN A 600 -8.14 -14.89 25.25
N ASP A 601 -8.49 -16.17 25.40
CA ASP A 601 -7.54 -17.25 25.65
C ASP A 601 -6.52 -16.90 26.72
N VAL A 602 -6.94 -16.14 27.71
CA VAL A 602 -6.12 -15.87 28.89
C VAL A 602 -6.80 -16.55 30.06
N ASN A 603 -6.12 -17.52 30.66
CA ASN A 603 -6.65 -18.15 31.86
C ASN A 603 -6.62 -17.10 32.95
N CYS A 604 -7.78 -16.56 33.26
CA CYS A 604 -7.89 -15.32 34.02
C CYS A 604 -7.35 -15.46 35.44
N THR A 605 -6.06 -15.76 35.58
CA THR A 605 -5.46 -15.76 36.91
C THR A 605 -5.23 -14.36 37.45
N GLU A 606 -5.36 -13.33 36.63
CA GLU A 606 -5.09 -11.96 37.04
C GLU A 606 -5.65 -11.03 35.97
N VAL A 607 -6.13 -9.88 36.40
CA VAL A 607 -6.75 -8.92 35.50
C VAL A 607 -6.51 -7.47 35.95
N PRO A 608 -5.25 -7.03 36.11
CA PRO A 608 -5.12 -5.61 36.47
C PRO A 608 -4.88 -4.72 35.26
N SER A 627 -17.04 -9.87 38.84
CA SER A 627 -17.83 -10.65 39.77
C SER A 627 -17.79 -12.12 39.41
N ASN A 628 -18.84 -12.59 38.75
CA ASN A 628 -18.84 -13.94 38.21
C ASN A 628 -17.74 -14.06 37.16
N VAL A 629 -17.28 -15.29 36.97
CA VAL A 629 -16.34 -15.62 35.92
C VAL A 629 -16.76 -16.95 35.31
N PHE A 630 -16.26 -17.23 34.12
CA PHE A 630 -16.46 -18.55 33.54
C PHE A 630 -15.43 -18.76 32.47
N GLN A 631 -14.55 -19.73 32.65
CA GLN A 631 -13.48 -19.98 31.71
C GLN A 631 -13.99 -20.90 30.61
N THR A 632 -13.44 -20.72 29.43
CA THR A 632 -13.67 -21.59 28.28
C THR A 632 -12.41 -21.68 27.47
N ARG A 633 -12.41 -22.46 26.39
CA ARG A 633 -11.26 -22.47 25.51
C ARG A 633 -10.92 -21.07 25.05
N ALA A 634 -11.93 -20.21 24.91
CA ALA A 634 -11.69 -18.88 24.41
C ALA A 634 -11.00 -17.99 25.42
N GLY A 635 -10.85 -18.41 26.66
CA GLY A 635 -10.43 -17.48 27.67
C GLY A 635 -11.52 -17.19 28.67
N CYS A 636 -11.18 -16.56 29.78
CA CYS A 636 -12.16 -16.32 30.82
C CYS A 636 -13.25 -15.39 30.30
N LEU A 637 -14.43 -15.46 30.93
CA LEU A 637 -15.51 -14.50 30.72
C LEU A 637 -15.89 -13.81 32.03
N ILE A 638 -16.04 -12.49 31.96
CA ILE A 638 -16.47 -11.67 33.09
C ILE A 638 -17.74 -10.94 32.69
N GLY A 639 -18.87 -11.36 33.26
CA GLY A 639 -20.17 -10.86 32.87
C GLY A 639 -21.07 -11.92 32.28
N ALA A 640 -20.50 -12.99 31.76
CA ALA A 640 -21.29 -14.09 31.26
C ALA A 640 -21.30 -15.21 32.28
N GLU A 641 -22.17 -16.16 32.05
CA GLU A 641 -22.30 -17.28 32.96
C GLU A 641 -22.28 -18.59 32.20
N HIS A 642 -22.65 -19.64 32.89
CA HIS A 642 -22.28 -21.00 32.55
C HIS A 642 -23.54 -21.85 32.43
N VAL A 643 -23.98 -22.11 31.22
CA VAL A 643 -25.24 -22.78 30.97
C VAL A 643 -24.98 -24.13 30.32
N ASN A 644 -25.82 -25.10 30.66
CA ASN A 644 -25.60 -26.47 30.23
C ASN A 644 -26.38 -26.84 28.97
N ASN A 645 -27.70 -26.69 29.01
CA ASN A 645 -28.47 -26.98 27.80
C ASN A 645 -28.02 -26.06 26.69
N SER A 646 -27.97 -26.61 25.48
CA SER A 646 -27.29 -25.95 24.38
C SER A 646 -28.31 -25.33 23.43
N TYR A 647 -28.12 -24.07 23.10
CA TYR A 647 -29.02 -23.40 22.17
C TYR A 647 -28.29 -22.85 20.96
N GLU A 648 -29.04 -22.29 20.01
CA GLU A 648 -28.44 -21.72 18.83
C GLU A 648 -27.62 -20.51 19.22
N CYS A 649 -26.65 -20.15 18.39
CA CYS A 649 -25.66 -19.18 18.82
C CYS A 649 -25.65 -18.03 17.82
N ASP A 650 -25.80 -16.82 18.35
CA ASP A 650 -25.90 -15.63 17.53
C ASP A 650 -24.58 -14.90 17.38
N ILE A 651 -23.99 -14.41 18.47
CA ILE A 651 -22.77 -13.62 18.44
C ILE A 651 -21.63 -14.50 18.94
N PRO A 652 -20.60 -14.73 18.15
CA PRO A 652 -19.53 -15.65 18.56
C PRO A 652 -18.64 -15.01 19.60
N ILE A 653 -17.77 -15.85 20.16
CA ILE A 653 -16.79 -15.42 21.16
C ILE A 653 -15.42 -15.96 20.80
N GLY A 654 -15.35 -17.27 20.60
CA GLY A 654 -14.11 -17.96 20.29
C GLY A 654 -14.29 -19.44 20.58
N ALA A 655 -13.60 -20.31 19.83
CA ALA A 655 -13.65 -21.74 20.08
C ALA A 655 -15.08 -22.25 20.19
N GLY A 656 -16.01 -21.61 19.52
CA GLY A 656 -17.35 -22.12 19.48
C GLY A 656 -18.12 -21.92 20.76
N ILE A 657 -18.30 -20.66 21.15
CA ILE A 657 -19.18 -20.32 22.26
C ILE A 657 -19.97 -19.07 21.91
N CYS A 658 -21.28 -19.10 22.11
CA CYS A 658 -22.13 -17.96 21.81
C CYS A 658 -23.21 -17.82 22.88
N ALA A 659 -23.92 -16.71 22.81
CA ALA A 659 -25.08 -16.51 23.64
C ALA A 659 -26.28 -17.14 22.95
N SER A 673 -31.33 -14.10 24.21
CA SER A 673 -31.74 -15.08 25.21
C SER A 673 -31.67 -14.45 26.59
N VAL A 674 -31.77 -13.13 26.62
CA VAL A 674 -31.44 -12.35 27.81
C VAL A 674 -32.15 -12.89 29.03
N ALA A 675 -31.38 -13.39 29.98
CA ALA A 675 -31.93 -14.07 31.13
C ALA A 675 -32.11 -13.06 32.26
N SER A 676 -33.12 -12.22 32.10
CA SER A 676 -33.47 -11.20 33.09
C SER A 676 -32.27 -10.29 33.39
N GLN A 677 -31.88 -9.54 32.36
CA GLN A 677 -30.91 -8.46 32.50
C GLN A 677 -29.56 -8.97 32.98
N SER A 678 -28.96 -9.83 32.16
CA SER A 678 -27.63 -10.36 32.44
C SER A 678 -27.08 -10.96 31.16
N ILE A 679 -25.77 -11.04 31.08
CA ILE A 679 -25.13 -11.66 29.92
C ILE A 679 -24.92 -13.14 30.15
N ILE A 680 -25.44 -13.96 29.25
CA ILE A 680 -25.35 -15.41 29.37
C ILE A 680 -24.66 -15.95 28.13
N ALA A 681 -24.04 -17.12 28.28
CA ALA A 681 -23.30 -17.71 27.17
C ALA A 681 -23.18 -19.21 27.36
N TYR A 682 -23.53 -19.97 26.32
CA TYR A 682 -23.39 -21.41 26.31
C TYR A 682 -22.63 -21.82 25.07
N THR A 683 -22.21 -23.07 25.03
CA THR A 683 -21.71 -23.60 23.78
C THR A 683 -22.88 -23.90 22.86
N MET A 684 -22.67 -23.68 21.56
CA MET A 684 -23.78 -23.54 20.64
C MET A 684 -24.53 -24.83 20.41
N SER A 685 -25.79 -24.70 20.01
CA SER A 685 -26.55 -25.85 19.55
C SER A 685 -25.98 -26.30 18.22
N LEU A 686 -25.17 -27.35 18.26
CA LEU A 686 -24.89 -28.08 17.04
C LEU A 686 -26.15 -28.22 16.21
N GLY A 687 -27.27 -28.49 16.84
CA GLY A 687 -28.52 -28.70 16.14
C GLY A 687 -29.36 -29.74 16.84
N ALA A 688 -30.49 -30.05 16.24
CA ALA A 688 -31.40 -31.03 16.80
C ALA A 688 -30.81 -32.43 16.65
N GLU A 689 -30.50 -33.06 17.77
CA GLU A 689 -29.86 -34.37 17.76
C GLU A 689 -30.92 -35.44 17.63
N ASN A 690 -31.23 -35.83 16.40
CA ASN A 690 -32.26 -36.83 16.18
C ASN A 690 -31.87 -37.60 14.91
N SER A 691 -31.34 -38.80 15.10
CA SER A 691 -30.94 -39.63 13.97
C SER A 691 -32.09 -40.58 13.67
N VAL A 692 -32.89 -40.25 12.65
CA VAL A 692 -33.95 -41.15 12.25
C VAL A 692 -33.35 -42.49 11.91
N ALA A 693 -33.96 -43.55 12.42
CA ALA A 693 -33.37 -44.87 12.34
C ALA A 693 -33.08 -45.27 10.90
N TYR A 694 -32.23 -46.28 10.77
CA TYR A 694 -32.03 -46.95 9.50
C TYR A 694 -32.85 -48.22 9.47
N SER A 695 -33.33 -48.56 8.28
CA SER A 695 -34.28 -49.65 8.13
C SER A 695 -34.10 -50.23 6.75
N ASN A 696 -33.40 -51.33 6.65
CA ASN A 696 -33.04 -51.71 5.28
C ASN A 696 -34.18 -52.23 4.51
N ASN A 697 -35.41 -52.04 4.94
CA ASN A 697 -36.56 -52.38 4.11
C ASN A 697 -37.67 -51.35 4.22
N SER A 698 -37.37 -50.13 4.67
CA SER A 698 -38.42 -49.13 4.82
C SER A 698 -37.85 -47.72 4.86
N ILE A 699 -38.49 -46.83 4.11
CA ILE A 699 -38.08 -45.45 3.92
C ILE A 699 -39.29 -44.56 4.02
N ALA A 700 -39.13 -43.27 3.74
CA ALA A 700 -40.21 -42.32 3.91
C ALA A 700 -40.59 -41.68 2.57
N ILE A 701 -41.78 -42.04 2.07
CA ILE A 701 -42.33 -41.47 0.85
C ILE A 701 -43.37 -40.41 1.18
N PRO A 702 -43.00 -39.14 1.22
CA PRO A 702 -43.89 -38.11 1.76
C PRO A 702 -45.15 -37.93 0.92
N THR A 703 -46.02 -37.04 1.41
CA THR A 703 -47.35 -36.85 0.83
C THR A 703 -47.72 -35.43 0.53
N ASN A 704 -47.36 -34.47 1.37
CA ASN A 704 -47.93 -33.14 1.33
C ASN A 704 -46.77 -32.17 1.50
N PHE A 705 -46.87 -31.01 0.87
CA PHE A 705 -45.68 -30.24 0.60
C PHE A 705 -45.90 -28.75 0.76
N THR A 706 -44.88 -28.08 1.27
CA THR A 706 -44.94 -26.66 1.60
C THR A 706 -44.29 -25.88 0.48
N ILE A 707 -45.10 -25.50 -0.50
CA ILE A 707 -44.61 -24.67 -1.58
C ILE A 707 -44.18 -23.37 -0.93
N SER A 708 -42.89 -23.17 -0.84
CA SER A 708 -42.36 -22.19 0.07
C SER A 708 -41.56 -21.17 -0.73
N VAL A 709 -41.43 -19.99 -0.15
CA VAL A 709 -40.67 -18.92 -0.80
C VAL A 709 -39.51 -18.53 0.09
N THR A 710 -38.70 -17.58 -0.37
CA THR A 710 -37.45 -17.35 0.33
C THR A 710 -36.82 -16.06 -0.15
N THR A 711 -36.38 -15.25 0.82
CA THR A 711 -35.63 -14.06 0.53
C THR A 711 -34.18 -14.39 0.20
N GLU A 712 -33.60 -13.56 -0.64
CA GLU A 712 -32.18 -13.60 -0.89
C GLU A 712 -31.85 -12.37 -1.71
N ILE A 713 -30.69 -11.82 -1.44
CA ILE A 713 -30.25 -10.59 -2.05
C ILE A 713 -28.79 -10.74 -2.45
N LEU A 714 -28.40 -10.11 -3.55
CA LEU A 714 -27.04 -10.19 -4.03
C LEU A 714 -26.63 -8.81 -4.48
N PRO A 715 -25.49 -8.32 -4.02
CA PRO A 715 -25.04 -7.00 -4.46
C PRO A 715 -24.67 -7.06 -5.93
N VAL A 716 -24.77 -5.93 -6.62
CA VAL A 716 -24.41 -5.92 -8.02
C VAL A 716 -23.38 -4.85 -8.31
N SER A 717 -23.36 -3.79 -7.53
CA SER A 717 -22.33 -2.79 -7.68
C SER A 717 -22.48 -1.78 -6.57
N MET A 718 -21.70 -0.74 -6.65
CA MET A 718 -21.70 0.35 -5.72
C MET A 718 -22.15 1.58 -6.50
N THR A 719 -21.97 2.74 -5.88
CA THR A 719 -21.78 3.94 -6.66
C THR A 719 -20.46 3.85 -7.40
N LYS A 720 -20.50 4.16 -8.69
CA LYS A 720 -19.23 4.19 -9.37
C LYS A 720 -18.52 5.41 -8.81
N THR A 721 -17.98 5.24 -7.62
CA THR A 721 -17.28 6.33 -6.95
C THR A 721 -16.12 6.79 -7.82
N SER A 722 -15.72 8.04 -7.61
CA SER A 722 -14.58 8.54 -8.36
C SER A 722 -13.95 9.69 -7.61
N VAL A 723 -12.66 9.87 -7.89
CA VAL A 723 -11.86 10.93 -7.29
C VAL A 723 -11.21 11.70 -8.41
N ASP A 724 -10.28 12.56 -8.06
CA ASP A 724 -9.59 13.39 -9.03
C ASP A 724 -8.25 13.70 -8.42
N CYS A 725 -7.17 13.35 -9.11
CA CYS A 725 -5.86 13.48 -8.50
C CYS A 725 -5.67 14.86 -7.89
N THR A 726 -5.61 15.89 -8.73
CA THR A 726 -5.12 17.18 -8.27
C THR A 726 -6.05 17.79 -7.22
N MET A 727 -7.27 18.10 -7.62
CA MET A 727 -8.14 18.86 -6.72
C MET A 727 -8.27 18.17 -5.38
N TYR A 728 -8.28 16.84 -5.38
CA TYR A 728 -8.14 16.17 -4.10
C TYR A 728 -6.85 16.58 -3.43
N ILE A 729 -5.73 16.12 -3.96
CA ILE A 729 -4.49 16.38 -3.26
C ILE A 729 -4.30 17.87 -3.08
N CYS A 730 -4.49 18.65 -4.13
CA CYS A 730 -4.37 20.07 -3.92
C CYS A 730 -5.71 20.77 -3.77
N GLY A 731 -6.43 20.89 -4.86
CA GLY A 731 -7.55 21.80 -4.85
C GLY A 731 -7.07 23.17 -5.24
N ASP A 732 -7.39 23.59 -6.47
CA ASP A 732 -7.24 24.97 -6.90
C ASP A 732 -5.93 25.63 -6.50
N SER A 733 -4.83 24.89 -6.47
CA SER A 733 -3.56 25.49 -6.06
C SER A 733 -2.51 25.15 -7.10
N THR A 734 -1.96 26.19 -7.74
CA THR A 734 -0.90 25.98 -8.73
C THR A 734 0.37 25.46 -8.06
N GLU A 735 0.75 26.06 -6.93
CA GLU A 735 1.94 25.61 -6.24
C GLU A 735 1.87 24.14 -5.85
N CYS A 736 0.68 23.63 -5.53
CA CYS A 736 0.57 22.22 -5.19
C CYS A 736 0.44 21.33 -6.42
N SER A 737 -0.46 21.70 -7.34
CA SER A 737 -0.59 20.92 -8.56
C SER A 737 0.75 20.68 -9.22
N ASN A 738 1.62 21.68 -9.22
CA ASN A 738 2.91 21.50 -9.87
C ASN A 738 3.73 20.41 -9.19
N LEU A 739 3.77 20.42 -7.87
CA LEU A 739 4.47 19.33 -7.18
C LEU A 739 3.81 18.01 -7.46
N LEU A 740 2.51 18.00 -7.67
CA LEU A 740 1.82 16.73 -7.93
C LEU A 740 2.23 16.16 -9.27
N LEU A 741 2.16 16.96 -10.31
CA LEU A 741 2.60 16.42 -11.59
C LEU A 741 4.11 16.26 -11.66
N GLN A 742 4.82 16.56 -10.58
CA GLN A 742 6.20 16.11 -10.44
C GLN A 742 6.30 14.60 -10.27
N TYR A 743 5.20 13.93 -9.92
CA TYR A 743 5.24 12.51 -9.62
C TYR A 743 4.86 11.62 -10.79
N GLY A 744 4.19 12.17 -11.78
CA GLY A 744 3.90 11.37 -12.94
C GLY A 744 2.64 10.55 -12.82
N SER A 745 2.71 9.32 -13.31
CA SER A 745 1.54 8.58 -13.76
C SER A 745 0.62 8.12 -12.64
N PHE A 746 0.87 8.54 -11.39
CA PHE A 746 -0.05 8.25 -10.31
C PHE A 746 -1.48 8.51 -10.75
N CYS A 747 -1.74 9.76 -11.08
CA CYS A 747 -3.10 10.21 -11.31
C CYS A 747 -3.77 9.41 -12.41
N THR A 748 -3.09 9.25 -13.53
CA THR A 748 -3.74 8.65 -14.68
C THR A 748 -4.13 7.21 -14.39
N GLN A 749 -3.20 6.43 -13.86
CA GLN A 749 -3.51 5.04 -13.55
C GLN A 749 -4.62 4.97 -12.52
N LEU A 750 -4.64 5.92 -11.60
CA LEU A 750 -5.69 5.94 -10.61
C LEU A 750 -7.03 6.06 -11.28
N ASN A 751 -7.24 7.15 -11.99
CA ASN A 751 -8.50 7.36 -12.67
C ASN A 751 -8.82 6.16 -13.52
N ARG A 752 -7.78 5.53 -14.09
CA ARG A 752 -8.01 4.50 -15.08
C ARG A 752 -8.58 3.26 -14.43
N ALA A 753 -7.90 2.74 -13.41
CA ALA A 753 -8.43 1.57 -12.74
C ALA A 753 -9.80 1.88 -12.16
N LEU A 754 -9.95 3.12 -11.66
CA LEU A 754 -11.21 3.58 -11.03
C LEU A 754 -12.37 3.47 -12.02
N THR A 755 -12.25 4.13 -13.19
CA THR A 755 -13.31 4.10 -14.17
C THR A 755 -13.41 2.72 -14.81
N GLY A 756 -12.35 1.91 -14.70
CA GLY A 756 -12.47 0.54 -15.12
C GLY A 756 -13.47 -0.20 -14.27
N ILE A 757 -13.31 -0.09 -12.95
CA ILE A 757 -14.35 -0.67 -12.10
C ILE A 757 -15.69 -0.06 -12.44
N ALA A 758 -15.70 1.20 -12.82
CA ALA A 758 -16.96 1.84 -13.18
C ALA A 758 -17.61 1.13 -14.37
N VAL A 759 -16.92 1.14 -15.51
CA VAL A 759 -17.51 0.58 -16.72
C VAL A 759 -17.86 -0.86 -16.48
N GLU A 760 -17.10 -1.54 -15.66
CA GLU A 760 -17.49 -2.91 -15.39
C GLU A 760 -18.69 -2.96 -14.46
N GLN A 761 -18.89 -1.98 -13.59
CA GLN A 761 -20.16 -1.89 -12.87
C GLN A 761 -21.28 -1.89 -13.86
N ASP A 762 -21.19 -0.97 -14.81
CA ASP A 762 -22.25 -0.83 -15.79
C ASP A 762 -22.44 -2.12 -16.54
N LYS A 763 -21.34 -2.70 -17.03
CA LYS A 763 -21.41 -3.94 -17.79
C LYS A 763 -22.10 -5.02 -16.97
N ASN A 764 -21.78 -5.08 -15.68
CA ASN A 764 -22.40 -6.03 -14.81
C ASN A 764 -23.89 -5.80 -14.90
N THR A 765 -24.33 -4.70 -14.29
CA THR A 765 -25.77 -4.45 -14.20
C THR A 765 -26.45 -4.80 -15.49
N GLN A 766 -25.88 -4.33 -16.60
CA GLN A 766 -26.45 -4.57 -17.90
C GLN A 766 -26.70 -6.05 -18.12
N GLU A 767 -25.63 -6.83 -18.16
CA GLU A 767 -25.86 -8.25 -18.41
C GLU A 767 -26.54 -8.92 -17.23
N VAL A 768 -26.52 -8.28 -16.07
CA VAL A 768 -27.33 -8.75 -14.96
C VAL A 768 -28.80 -8.68 -15.32
N PHE A 769 -29.13 -7.85 -16.28
CA PHE A 769 -30.52 -7.78 -16.69
C PHE A 769 -30.73 -7.98 -18.18
N ALA A 770 -29.84 -7.43 -19.00
CA ALA A 770 -30.12 -7.44 -20.43
C ALA A 770 -29.99 -8.85 -20.99
N GLN A 771 -30.67 -9.79 -20.35
CA GLN A 771 -30.72 -11.11 -20.91
C GLN A 771 -31.87 -11.26 -21.89
N VAL A 772 -32.64 -10.20 -22.07
CA VAL A 772 -33.54 -10.09 -23.22
C VAL A 772 -33.19 -8.82 -23.95
N LYS A 773 -33.14 -8.92 -25.27
CA LYS A 773 -32.73 -7.79 -26.07
C LYS A 773 -33.76 -6.68 -26.02
N GLN A 774 -35.02 -6.99 -25.74
CA GLN A 774 -36.12 -6.05 -25.93
C GLN A 774 -36.99 -5.99 -24.68
N ILE A 775 -37.87 -4.99 -24.66
CA ILE A 775 -38.71 -4.65 -23.53
C ILE A 775 -40.10 -5.22 -23.73
N TYR A 776 -40.84 -5.39 -22.65
CA TYR A 776 -42.14 -6.06 -22.72
C TYR A 776 -43.15 -5.36 -21.82
N LYS A 777 -44.34 -5.95 -21.74
CA LYS A 777 -45.41 -5.48 -20.86
C LYS A 777 -46.36 -6.63 -20.59
N THR A 778 -46.96 -6.59 -19.42
CA THR A 778 -47.91 -7.62 -19.06
C THR A 778 -49.22 -7.41 -19.80
N PRO A 779 -49.94 -8.48 -20.05
CA PRO A 779 -51.34 -8.34 -20.46
C PRO A 779 -52.19 -8.00 -19.25
N PRO A 780 -53.11 -7.05 -19.38
CA PRO A 780 -53.98 -6.72 -18.24
C PRO A 780 -54.85 -7.89 -17.81
N ILE A 781 -55.23 -8.75 -18.75
CA ILE A 781 -56.04 -9.91 -18.40
C ILE A 781 -55.35 -10.73 -17.34
N LYS A 782 -56.12 -11.21 -16.37
CA LYS A 782 -55.60 -12.02 -15.27
C LYS A 782 -56.66 -13.05 -14.87
N ASP A 783 -56.47 -14.28 -15.32
CA ASP A 783 -57.23 -15.44 -14.85
C ASP A 783 -56.27 -16.56 -14.52
N PHE A 784 -55.22 -16.21 -13.77
CA PHE A 784 -54.07 -17.08 -13.53
C PHE A 784 -54.33 -18.17 -12.53
N GLY A 785 -55.35 -18.98 -12.76
CA GLY A 785 -55.59 -20.17 -11.96
C GLY A 785 -55.44 -20.01 -10.46
N GLY A 786 -55.46 -18.78 -9.96
CA GLY A 786 -55.41 -18.52 -8.54
C GLY A 786 -54.18 -17.82 -8.00
N PHE A 787 -53.53 -16.97 -8.77
CA PHE A 787 -52.31 -16.38 -8.26
C PHE A 787 -52.51 -14.91 -7.97
N ASN A 788 -51.71 -14.41 -7.02
CA ASN A 788 -51.73 -13.01 -6.60
C ASN A 788 -50.41 -12.39 -6.98
N PHE A 789 -50.28 -12.00 -8.23
CA PHE A 789 -49.06 -11.33 -8.62
C PHE A 789 -49.13 -9.85 -8.34
N SER A 790 -50.00 -9.45 -7.42
CA SER A 790 -50.25 -8.03 -7.21
C SER A 790 -48.98 -7.32 -6.72
N GLN A 791 -48.56 -7.62 -5.50
CA GLN A 791 -47.49 -6.86 -4.88
C GLN A 791 -46.20 -7.00 -5.66
N ILE A 792 -46.23 -7.75 -6.76
CA ILE A 792 -45.05 -7.97 -7.59
C ILE A 792 -45.25 -7.43 -9.00
N LEU A 793 -46.30 -7.84 -9.67
CA LEU A 793 -46.50 -7.34 -11.03
C LEU A 793 -46.85 -5.87 -10.94
N PRO A 794 -46.16 -5.00 -11.67
CA PRO A 794 -46.32 -3.57 -11.45
C PRO A 794 -47.71 -3.10 -11.81
N ASP A 795 -48.13 -2.02 -11.16
CA ASP A 795 -49.44 -1.44 -11.39
C ASP A 795 -49.27 0.01 -11.84
N PRO A 796 -49.61 0.35 -13.08
CA PRO A 796 -49.41 1.74 -13.54
C PRO A 796 -50.17 2.76 -12.72
N SER A 797 -51.17 2.34 -11.95
CA SER A 797 -51.71 3.20 -10.91
C SER A 797 -50.60 3.68 -9.99
N LYS A 798 -49.54 2.89 -9.88
CA LYS A 798 -48.31 3.37 -9.29
C LYS A 798 -47.43 3.91 -10.39
N ARG A 802 -42.54 -1.92 -11.00
CA ARG A 802 -43.00 -0.91 -10.06
C ARG A 802 -44.09 -1.50 -9.18
N SER A 803 -43.71 -2.12 -8.07
CA SER A 803 -44.71 -2.80 -7.26
C SER A 803 -44.41 -2.65 -5.78
N PHE A 804 -45.31 -3.25 -4.98
CA PHE A 804 -45.37 -2.98 -3.56
C PHE A 804 -44.10 -3.42 -2.85
N ILE A 805 -43.74 -4.69 -3.01
CA ILE A 805 -42.49 -5.16 -2.44
C ILE A 805 -41.36 -4.26 -2.90
N GLU A 806 -41.39 -3.92 -4.17
CA GLU A 806 -40.30 -3.20 -4.79
C GLU A 806 -40.02 -1.90 -4.07
N ASP A 807 -41.08 -1.20 -3.66
CA ASP A 807 -40.87 0.05 -2.92
C ASP A 807 -40.54 -0.24 -1.45
N LEU A 808 -41.36 -1.04 -0.78
CA LEU A 808 -41.14 -1.21 0.65
C LEU A 808 -39.74 -1.68 0.93
N LEU A 809 -39.14 -2.36 -0.02
CA LEU A 809 -37.70 -2.56 0.09
C LEU A 809 -36.97 -1.33 -0.39
N PHE A 810 -37.47 -0.70 -1.45
CA PHE A 810 -36.76 0.42 -2.04
C PHE A 810 -36.53 1.52 -1.03
N ASN A 811 -37.35 1.57 0.00
CA ASN A 811 -37.13 2.49 1.09
C ASN A 811 -36.61 1.80 2.34
N LYS A 812 -36.66 0.48 2.38
CA LYS A 812 -36.17 -0.26 3.54
C LYS A 812 -34.71 0.05 3.80
N VAL A 813 -33.98 0.46 2.77
CA VAL A 813 -32.57 0.80 2.87
C VAL A 813 -32.43 2.15 3.57
N THR A 814 -31.20 2.48 3.98
CA THR A 814 -30.87 3.80 4.51
C THR A 814 -30.01 4.59 3.54
N LEU A 815 -30.35 4.48 2.26
CA LEU A 815 -29.72 5.29 1.21
C LEU A 815 -29.66 6.75 1.60
N GLN A 840 -22.28 15.63 2.68
CA GLN A 840 -22.20 14.65 1.60
C GLN A 840 -20.80 14.64 0.94
N LYS A 841 -20.49 15.69 0.16
CA LYS A 841 -19.18 15.85 -0.44
C LYS A 841 -19.04 17.30 -0.88
N PHE A 842 -17.86 17.89 -0.67
CA PHE A 842 -17.57 19.18 -1.28
C PHE A 842 -16.11 19.36 -1.68
N ASN A 843 -15.37 18.28 -1.89
CA ASN A 843 -13.94 18.42 -2.11
C ASN A 843 -13.38 17.13 -2.66
N GLY A 844 -12.61 17.22 -3.73
CA GLY A 844 -11.80 16.11 -4.18
C GLY A 844 -12.51 14.79 -4.30
N LEU A 845 -13.82 14.81 -4.47
CA LEU A 845 -14.61 13.60 -4.49
C LEU A 845 -15.76 13.75 -5.48
N THR A 846 -16.26 12.63 -5.98
CA THR A 846 -17.56 12.66 -6.64
C THR A 846 -18.30 11.37 -6.36
N VAL A 847 -19.56 11.39 -6.74
CA VAL A 847 -20.40 10.22 -6.84
C VAL A 847 -21.04 10.24 -8.22
N LEU A 848 -21.06 9.10 -8.87
CA LEU A 848 -21.50 9.08 -10.25
C LEU A 848 -22.90 8.53 -10.37
N PRO A 849 -23.51 8.64 -11.55
CA PRO A 849 -24.81 8.07 -11.75
C PRO A 849 -24.72 6.62 -12.19
N PRO A 850 -25.63 5.77 -11.73
CA PRO A 850 -25.69 4.42 -12.27
C PRO A 850 -26.33 4.47 -13.64
N LEU A 851 -25.65 3.89 -14.62
CA LEU A 851 -26.03 4.13 -15.99
C LEU A 851 -27.46 3.77 -16.28
N LEU A 852 -27.81 2.49 -16.17
CA LEU A 852 -29.20 2.09 -16.30
C LEU A 852 -29.96 2.66 -15.11
N THR A 853 -30.74 3.70 -15.34
CA THR A 853 -31.40 4.35 -14.23
C THR A 853 -32.44 3.43 -13.61
N ASP A 854 -32.57 3.52 -12.30
CA ASP A 854 -33.29 2.50 -11.57
C ASP A 854 -34.72 2.34 -12.07
N GLU A 855 -35.41 3.46 -12.32
CA GLU A 855 -36.80 3.36 -12.75
C GLU A 855 -36.93 2.58 -14.05
N MET A 856 -35.85 2.46 -14.79
CA MET A 856 -35.84 1.72 -16.04
C MET A 856 -35.41 0.28 -15.82
N ILE A 857 -34.40 0.06 -14.99
CA ILE A 857 -34.03 -1.30 -14.68
C ILE A 857 -35.23 -2.00 -14.10
N ALA A 858 -36.07 -1.24 -13.42
CA ALA A 858 -37.35 -1.75 -13.04
C ALA A 858 -38.08 -2.27 -14.25
N GLN A 859 -38.06 -1.50 -15.33
CA GLN A 859 -38.79 -1.91 -16.52
C GLN A 859 -38.24 -3.21 -17.06
N TYR A 860 -36.92 -3.31 -17.09
CA TYR A 860 -36.29 -4.55 -17.53
C TYR A 860 -36.78 -5.71 -16.70
N THR A 861 -36.65 -5.56 -15.39
CA THR A 861 -37.07 -6.62 -14.49
C THR A 861 -38.50 -7.00 -14.77
N SER A 862 -39.36 -6.00 -14.89
CA SER A 862 -40.76 -6.25 -15.12
C SER A 862 -40.94 -7.10 -16.35
N ALA A 863 -40.37 -6.64 -17.46
CA ALA A 863 -40.52 -7.38 -18.70
C ALA A 863 -40.01 -8.79 -18.55
N LEU A 864 -38.90 -8.95 -17.84
CA LEU A 864 -38.29 -10.26 -17.69
C LEU A 864 -39.24 -11.22 -16.99
N LEU A 865 -39.63 -10.85 -15.78
CA LEU A 865 -40.52 -11.73 -15.05
C LEU A 865 -41.82 -11.89 -15.79
N ALA A 866 -42.24 -10.86 -16.49
CA ALA A 866 -43.46 -10.94 -17.25
C ALA A 866 -43.35 -12.04 -18.28
N GLY A 867 -42.19 -12.12 -18.93
CA GLY A 867 -41.98 -13.21 -19.85
C GLY A 867 -42.06 -14.54 -19.14
N THR A 868 -41.27 -14.69 -18.08
CA THR A 868 -41.18 -16.02 -17.50
C THR A 868 -42.49 -16.49 -16.91
N ILE A 869 -43.36 -15.57 -16.51
CA ILE A 869 -44.66 -16.00 -16.04
C ILE A 869 -45.58 -16.24 -17.21
N THR A 870 -45.52 -15.36 -18.21
CA THR A 870 -46.27 -15.61 -19.42
C THR A 870 -45.55 -16.61 -20.30
N SER A 871 -44.41 -16.23 -20.83
CA SER A 871 -43.82 -17.03 -21.89
C SER A 871 -42.77 -18.00 -21.38
N GLY A 872 -42.10 -17.68 -20.28
CA GLY A 872 -41.19 -18.64 -19.69
C GLY A 872 -39.95 -19.02 -20.47
N TRP A 873 -39.11 -19.79 -19.79
CA TRP A 873 -37.76 -20.17 -20.19
C TRP A 873 -37.66 -20.44 -21.67
N THR A 874 -38.74 -20.94 -22.25
CA THR A 874 -38.81 -21.04 -23.70
C THR A 874 -38.34 -19.75 -24.33
N PHE A 875 -38.90 -18.63 -23.89
CA PHE A 875 -38.58 -17.37 -24.53
C PHE A 875 -37.09 -17.17 -24.58
N GLY A 876 -36.37 -17.62 -23.54
CA GLY A 876 -34.94 -17.47 -23.55
C GLY A 876 -34.28 -18.07 -24.77
N ALA A 877 -34.87 -19.12 -25.32
CA ALA A 877 -34.27 -19.80 -26.45
C ALA A 877 -34.46 -19.03 -27.74
N GLY A 878 -35.67 -18.53 -27.99
CA GLY A 878 -35.94 -17.82 -29.23
C GLY A 878 -36.77 -16.58 -28.99
N ALA A 879 -37.91 -16.48 -29.67
CA ALA A 879 -38.89 -15.48 -29.29
C ALA A 879 -39.70 -15.99 -28.11
N ALA A 880 -40.46 -15.10 -27.51
CA ALA A 880 -41.31 -15.50 -26.40
C ALA A 880 -42.49 -16.31 -26.91
N LEU A 881 -42.46 -17.62 -26.69
CA LEU A 881 -43.57 -18.51 -27.05
C LEU A 881 -44.59 -18.48 -25.93
N GLN A 882 -45.79 -17.96 -26.19
CA GLN A 882 -46.76 -17.89 -25.12
C GLN A 882 -47.25 -19.28 -24.77
N ILE A 883 -47.65 -19.44 -23.51
CA ILE A 883 -47.99 -20.74 -22.96
C ILE A 883 -48.98 -20.65 -21.81
N PRO A 884 -49.68 -21.73 -21.49
CA PRO A 884 -50.65 -21.70 -20.41
C PRO A 884 -50.00 -22.03 -19.09
N PHE A 885 -50.39 -21.31 -18.05
CA PHE A 885 -49.59 -21.37 -16.85
C PHE A 885 -49.74 -22.68 -16.10
N ALA A 886 -50.96 -23.20 -16.01
CA ALA A 886 -51.15 -24.48 -15.34
C ALA A 886 -50.20 -25.50 -15.90
N MET A 887 -50.17 -25.62 -17.21
CA MET A 887 -49.27 -26.53 -17.87
C MET A 887 -47.82 -26.12 -17.70
N GLN A 888 -47.55 -24.86 -17.41
CA GLN A 888 -46.17 -24.45 -17.20
C GLN A 888 -45.64 -24.99 -15.88
N MET A 889 -46.37 -24.71 -14.81
CA MET A 889 -46.01 -25.35 -13.56
C MET A 889 -46.03 -26.86 -13.70
N ALA A 890 -46.89 -27.38 -14.56
CA ALA A 890 -46.88 -28.81 -14.80
C ALA A 890 -45.54 -29.25 -15.35
N TYR A 891 -45.05 -28.51 -16.33
CA TYR A 891 -43.72 -28.75 -16.87
C TYR A 891 -42.69 -28.73 -15.75
N ARG A 892 -42.74 -27.71 -14.90
CA ARG A 892 -41.68 -27.57 -13.91
C ARG A 892 -41.72 -28.70 -12.89
N PHE A 893 -42.91 -29.17 -12.56
CA PHE A 893 -43.01 -30.31 -11.63
C PHE A 893 -42.58 -31.60 -12.27
N ASN A 894 -42.94 -31.81 -13.53
CA ASN A 894 -42.32 -32.89 -14.28
C ASN A 894 -40.81 -32.77 -14.18
N GLY A 895 -40.31 -31.53 -14.12
CA GLY A 895 -38.88 -31.30 -14.13
C GLY A 895 -38.21 -31.73 -12.85
N ILE A 896 -38.75 -31.31 -11.70
CA ILE A 896 -38.11 -31.75 -10.48
C ILE A 896 -38.39 -33.19 -10.13
N GLY A 897 -39.28 -33.86 -10.84
CA GLY A 897 -39.51 -35.26 -10.55
C GLY A 897 -40.89 -35.69 -10.08
N VAL A 898 -41.95 -35.14 -10.66
CA VAL A 898 -43.28 -35.64 -10.38
C VAL A 898 -44.19 -35.41 -11.56
N THR A 899 -45.11 -36.35 -11.78
CA THR A 899 -46.06 -36.26 -12.89
C THR A 899 -46.97 -35.05 -12.73
N GLN A 900 -47.56 -34.62 -13.85
CA GLN A 900 -48.35 -33.41 -13.89
C GLN A 900 -49.60 -33.52 -13.02
N ASN A 901 -50.26 -34.68 -13.04
CA ASN A 901 -51.58 -34.83 -12.44
C ASN A 901 -51.62 -34.33 -11.01
N VAL A 902 -50.49 -34.35 -10.31
CA VAL A 902 -50.46 -33.83 -8.95
C VAL A 902 -50.81 -32.35 -8.94
N LEU A 903 -50.03 -31.55 -9.66
CA LEU A 903 -50.36 -30.14 -9.82
C LEU A 903 -51.79 -29.99 -10.29
N TYR A 904 -52.15 -30.75 -11.33
CA TYR A 904 -53.50 -30.69 -11.85
C TYR A 904 -54.53 -30.76 -10.75
N GLU A 905 -54.32 -31.63 -9.78
CA GLU A 905 -55.34 -31.84 -8.79
C GLU A 905 -55.23 -30.88 -7.62
N ASN A 906 -54.04 -30.44 -7.27
CA ASN A 906 -53.91 -29.61 -6.09
C ASN A 906 -53.93 -28.12 -6.39
N GLN A 907 -54.09 -27.76 -7.67
CA GLN A 907 -54.01 -26.38 -8.11
C GLN A 907 -54.54 -25.37 -7.09
N LYS A 908 -55.77 -25.56 -6.64
CA LYS A 908 -56.39 -24.56 -5.78
C LYS A 908 -55.58 -24.35 -4.52
N LEU A 909 -55.37 -25.43 -3.77
CA LEU A 909 -54.67 -25.31 -2.50
C LEU A 909 -53.25 -24.82 -2.73
N ILE A 910 -52.64 -25.30 -3.80
CA ILE A 910 -51.32 -24.82 -4.20
C ILE A 910 -51.32 -23.31 -4.23
N ALA A 911 -52.31 -22.75 -4.92
CA ALA A 911 -52.33 -21.32 -5.10
C ALA A 911 -52.53 -20.63 -3.77
N ASN A 912 -53.40 -21.17 -2.93
CA ASN A 912 -53.60 -20.52 -1.64
C ASN A 912 -52.30 -20.48 -0.88
N GLN A 913 -51.55 -21.59 -0.89
CA GLN A 913 -50.29 -21.63 -0.15
C GLN A 913 -49.29 -20.67 -0.75
N PHE A 914 -49.29 -20.56 -2.06
CA PHE A 914 -48.48 -19.55 -2.70
C PHE A 914 -48.79 -18.19 -2.11
N ASN A 915 -50.04 -17.80 -2.16
CA ASN A 915 -50.44 -16.50 -1.65
C ASN A 915 -50.00 -16.35 -0.21
N SER A 916 -50.18 -17.41 0.57
CA SER A 916 -49.81 -17.38 1.98
C SER A 916 -48.35 -17.00 2.13
N ALA A 917 -47.48 -17.79 1.51
CA ALA A 917 -46.06 -17.54 1.63
C ALA A 917 -45.73 -16.15 1.14
N ILE A 918 -46.41 -15.70 0.10
CA ILE A 918 -46.18 -14.35 -0.40
C ILE A 918 -46.38 -13.36 0.72
N GLY A 919 -47.52 -13.44 1.39
CA GLY A 919 -47.80 -12.50 2.45
C GLY A 919 -46.79 -12.60 3.57
N LYS A 920 -46.41 -13.82 3.90
CA LYS A 920 -45.43 -14.01 4.96
C LYS A 920 -44.12 -13.30 4.64
N ILE A 921 -43.61 -13.52 3.43
CA ILE A 921 -42.35 -12.92 3.06
C ILE A 921 -42.48 -11.42 3.00
N GLN A 922 -43.64 -10.94 2.55
CA GLN A 922 -43.83 -9.50 2.48
C GLN A 922 -43.66 -8.90 3.85
N ASP A 923 -44.30 -9.49 4.85
CA ASP A 923 -44.15 -8.94 6.19
C ASP A 923 -42.71 -9.01 6.63
N SER A 924 -42.09 -10.18 6.52
CA SER A 924 -40.77 -10.35 7.10
C SER A 924 -39.76 -9.47 6.40
N LEU A 925 -40.11 -8.95 5.23
CA LEU A 925 -39.25 -7.93 4.66
C LEU A 925 -39.68 -6.53 5.04
N SER A 926 -40.97 -6.31 5.30
CA SER A 926 -41.48 -4.95 5.46
C SER A 926 -41.24 -4.40 6.86
N SER A 927 -41.55 -5.18 7.89
CA SER A 927 -41.40 -4.72 9.25
C SER A 927 -40.11 -5.23 9.89
N THR A 928 -39.92 -6.54 9.84
CA THR A 928 -38.92 -7.20 10.64
C THR A 928 -37.52 -6.72 10.28
N ALA A 929 -36.62 -6.87 11.24
CA ALA A 929 -35.25 -6.46 11.03
C ALA A 929 -34.44 -7.60 10.45
N SER A 930 -33.19 -7.28 10.09
CA SER A 930 -32.19 -8.25 9.65
C SER A 930 -32.69 -9.11 8.49
N ALA A 931 -33.52 -8.54 7.62
CA ALA A 931 -33.90 -9.24 6.41
C ALA A 931 -32.94 -8.90 5.26
N LEU A 932 -32.51 -7.65 5.18
CA LEU A 932 -31.65 -7.18 4.12
C LEU A 932 -30.31 -6.69 4.66
N GLY A 933 -29.73 -7.43 5.60
CA GLY A 933 -28.46 -7.02 6.15
C GLY A 933 -27.38 -6.93 5.10
N LYS A 934 -27.44 -7.76 4.08
CA LYS A 934 -26.32 -7.90 3.16
C LYS A 934 -26.12 -6.63 2.34
N LEU A 935 -27.18 -6.15 1.71
CA LEU A 935 -27.04 -5.00 0.83
C LEU A 935 -26.78 -3.75 1.65
N GLN A 936 -27.51 -3.60 2.75
CA GLN A 936 -27.19 -2.54 3.67
C GLN A 936 -25.73 -2.63 4.05
N ASP A 937 -25.19 -3.84 4.11
CA ASP A 937 -23.78 -4.00 4.39
C ASP A 937 -22.95 -3.50 3.23
N VAL A 938 -23.34 -3.81 2.01
CA VAL A 938 -22.49 -3.41 0.89
C VAL A 938 -22.47 -1.90 0.79
N VAL A 939 -23.62 -1.27 1.01
CA VAL A 939 -23.69 0.17 0.86
C VAL A 939 -23.01 0.87 2.04
N ASN A 940 -23.19 0.33 3.25
CA ASN A 940 -22.45 0.83 4.39
C ASN A 940 -20.96 0.66 4.17
N GLN A 941 -20.58 -0.42 3.50
CA GLN A 941 -19.18 -0.62 3.18
C GLN A 941 -18.67 0.54 2.35
N ASN A 942 -19.36 0.80 1.24
CA ASN A 942 -18.99 1.96 0.47
C ASN A 942 -18.91 3.17 1.37
N ALA A 943 -19.89 3.33 2.25
CA ALA A 943 -20.01 4.57 3.01
C ALA A 943 -18.88 4.73 4.01
N GLN A 944 -18.59 3.67 4.74
CA GLN A 944 -17.50 3.73 5.70
C GLN A 944 -16.19 4.00 4.99
N ALA A 945 -15.94 3.27 3.90
CA ALA A 945 -14.77 3.56 3.10
C ALA A 945 -14.75 5.02 2.74
N LEU A 946 -15.91 5.54 2.34
CA LEU A 946 -16.00 6.93 1.96
C LEU A 946 -15.50 7.81 3.09
N ASN A 947 -16.21 7.79 4.21
CA ASN A 947 -15.93 8.76 5.25
C ASN A 947 -14.53 8.62 5.79
N THR A 948 -14.00 7.40 5.78
CA THR A 948 -12.60 7.22 6.12
C THR A 948 -11.74 8.03 5.17
N LEU A 949 -11.88 7.75 3.87
CA LEU A 949 -11.23 8.55 2.85
C LEU A 949 -11.36 10.01 3.16
N VAL A 950 -12.54 10.42 3.59
CA VAL A 950 -12.80 11.82 3.87
C VAL A 950 -11.88 12.30 4.97
N LYS A 951 -12.02 11.71 6.15
CA LYS A 951 -11.33 12.26 7.31
C LYS A 951 -9.84 12.21 7.14
N GLN A 952 -9.34 11.37 6.23
CA GLN A 952 -7.92 11.28 6.00
C GLN A 952 -7.23 12.62 6.10
N LEU A 953 -7.78 13.60 5.37
CA LEU A 953 -7.25 14.99 5.32
C LEU A 953 -6.85 15.46 6.73
N SER A 954 -7.57 15.01 7.77
CA SER A 954 -7.23 15.38 9.12
C SER A 954 -5.75 15.19 9.41
N SER A 955 -5.11 14.26 8.72
CA SER A 955 -3.76 13.92 9.09
C SER A 955 -2.82 15.09 8.91
N ASN A 956 -1.60 14.88 9.35
CA ASN A 956 -0.52 15.82 9.09
C ASN A 956 0.70 15.04 8.69
N PHE A 957 0.77 13.79 9.12
CA PHE A 957 1.95 12.99 8.87
C PHE A 957 3.18 13.77 9.29
N GLY A 958 3.03 14.54 10.35
CA GLY A 958 4.04 15.51 10.63
C GLY A 958 3.90 16.80 9.86
N ALA A 959 2.72 17.09 9.32
CA ALA A 959 2.49 18.42 8.79
C ALA A 959 2.15 19.38 9.92
N ILE A 960 2.68 20.60 9.84
CA ILE A 960 2.38 21.57 10.88
C ILE A 960 0.96 22.10 10.78
N SER A 961 0.17 21.59 9.83
CA SER A 961 -1.25 21.90 9.73
C SER A 961 -1.86 20.93 8.74
N SER A 962 -3.15 21.07 8.50
CA SER A 962 -3.87 20.08 7.72
C SER A 962 -4.67 20.71 6.58
N VAL A 963 -4.19 21.81 6.03
CA VAL A 963 -4.83 22.42 4.87
C VAL A 963 -3.74 23.01 3.98
N LEU A 964 -3.76 22.65 2.71
CA LEU A 964 -2.75 23.14 1.78
C LEU A 964 -2.71 24.65 1.76
N ASN A 965 -3.87 25.27 1.54
CA ASN A 965 -3.93 26.72 1.41
C ASN A 965 -3.31 27.38 2.63
N ASP A 966 -3.59 26.83 3.81
CA ASP A 966 -3.02 27.34 5.04
C ASP A 966 -1.50 27.39 4.96
N ILE A 967 -0.88 26.22 4.91
CA ILE A 967 0.57 26.16 4.98
C ILE A 967 1.19 27.00 3.89
N LEU A 968 0.57 26.98 2.70
CA LEU A 968 1.04 27.80 1.55
C LEU A 968 1.13 29.25 2.02
N SER A 969 0.04 29.77 2.61
CA SER A 969 0.02 31.12 3.14
C SER A 969 1.05 31.32 4.21
N ARG A 970 1.45 30.26 4.89
CA ARG A 970 2.43 30.43 5.95
C ARG A 970 3.70 29.62 5.73
N LEU A 971 3.98 29.19 4.50
CA LEU A 971 5.26 28.58 4.22
C LEU A 971 5.80 29.02 2.87
N ASP A 972 7.05 29.50 2.87
CA ASP A 972 7.76 29.78 1.63
C ASP A 972 7.94 28.49 0.85
N PRO A 973 7.76 28.54 -0.47
CA PRO A 973 8.00 27.38 -1.31
C PRO A 973 9.32 26.69 -1.01
N PRO A 974 10.43 27.43 -0.78
CA PRO A 974 11.70 26.75 -0.47
C PRO A 974 11.56 25.62 0.53
N GLU A 975 10.85 25.86 1.62
CA GLU A 975 10.57 24.84 2.61
C GLU A 975 9.14 24.36 2.59
N ALA A 976 8.27 25.10 1.89
CA ALA A 976 6.87 24.69 1.70
C ALA A 976 6.88 23.35 0.95
N GLU A 977 7.67 23.29 -0.13
CA GLU A 977 7.82 22.05 -0.89
C GLU A 977 8.24 20.90 0.01
N VAL A 978 9.08 21.16 1.01
CA VAL A 978 9.46 20.11 1.95
C VAL A 978 8.25 19.63 2.73
N GLN A 979 7.64 20.55 3.47
CA GLN A 979 6.52 20.15 4.33
C GLN A 979 5.41 19.54 3.50
N ILE A 980 4.93 20.29 2.52
CA ILE A 980 3.90 19.82 1.62
C ILE A 980 4.30 18.53 0.95
N ASP A 981 5.60 18.25 0.84
CA ASP A 981 6.02 16.98 0.26
C ASP A 981 5.66 15.86 1.20
N ARG A 982 6.03 15.99 2.46
CA ARG A 982 5.54 15.03 3.44
C ARG A 982 4.02 14.91 3.31
N LEU A 983 3.37 16.06 3.22
CA LEU A 983 1.92 16.09 3.19
C LEU A 983 1.39 15.26 2.05
N ILE A 984 1.96 15.47 0.87
CA ILE A 984 1.39 14.86 -0.31
C ILE A 984 1.71 13.40 -0.31
N THR A 985 2.86 13.01 0.22
CA THR A 985 3.11 11.59 0.39
C THR A 985 1.98 10.95 1.15
N GLY A 986 1.70 11.50 2.33
CA GLY A 986 0.68 10.89 3.17
C GLY A 986 -0.65 10.79 2.46
N ARG A 987 -1.10 11.94 1.95
CA ARG A 987 -2.42 12.06 1.25
C ARG A 987 -2.49 11.18 -0.01
N LEU A 988 -1.36 10.91 -0.67
CA LEU A 988 -1.40 10.09 -1.85
C LEU A 988 -1.38 8.62 -1.49
N GLN A 989 -0.59 8.24 -0.50
CA GLN A 989 -0.57 6.83 -0.18
C GLN A 989 -1.90 6.40 0.37
N SER A 990 -2.55 7.28 1.14
CA SER A 990 -3.88 6.95 1.61
C SER A 990 -4.79 6.69 0.43
N LEU A 991 -4.71 7.55 -0.56
CA LEU A 991 -5.47 7.33 -1.77
C LEU A 991 -5.21 5.94 -2.31
N GLN A 992 -3.94 5.56 -2.34
CA GLN A 992 -3.60 4.26 -2.88
C GLN A 992 -4.32 3.17 -2.14
N THR A 993 -4.24 3.22 -0.83
CA THR A 993 -4.98 2.28 -0.01
C THR A 993 -6.41 2.21 -0.44
N TYR A 994 -7.04 3.37 -0.52
CA TYR A 994 -8.48 3.40 -0.74
C TYR A 994 -8.81 2.74 -2.06
N VAL A 995 -8.07 3.09 -3.10
CA VAL A 995 -8.40 2.54 -4.39
C VAL A 995 -8.16 1.05 -4.39
N THR A 996 -7.15 0.60 -3.67
CA THR A 996 -6.89 -0.83 -3.64
C THR A 996 -8.07 -1.57 -3.03
N GLN A 997 -8.42 -1.21 -1.80
CA GLN A 997 -9.48 -1.98 -1.15
C GLN A 997 -10.78 -1.86 -1.92
N GLN A 998 -11.03 -0.69 -2.51
CA GLN A 998 -12.19 -0.55 -3.36
C GLN A 998 -12.11 -1.55 -4.50
N LEU A 999 -10.94 -1.69 -5.10
CA LEU A 999 -10.80 -2.67 -6.16
C LEU A 999 -11.02 -4.06 -5.66
N ILE A 1000 -10.71 -4.32 -4.41
CA ILE A 1000 -10.90 -5.66 -3.90
C ILE A 1000 -12.38 -5.95 -3.76
N ARG A 1001 -13.11 -5.03 -3.14
CA ARG A 1001 -14.55 -5.16 -3.14
C ARG A 1001 -15.05 -5.29 -4.55
N ALA A 1002 -14.35 -4.66 -5.49
CA ALA A 1002 -14.71 -4.84 -6.87
C ALA A 1002 -14.53 -6.28 -7.28
N ALA A 1003 -13.42 -6.88 -6.88
CA ALA A 1003 -13.15 -8.25 -7.31
C ALA A 1003 -14.24 -9.17 -6.78
N GLU A 1004 -14.47 -9.11 -5.48
CA GLU A 1004 -15.47 -9.97 -4.88
C GLU A 1004 -16.86 -9.65 -5.40
N ILE A 1005 -17.11 -8.38 -5.69
CA ILE A 1005 -18.44 -8.05 -6.13
C ILE A 1005 -18.64 -8.54 -7.53
N ARG A 1006 -17.58 -8.57 -8.32
CA ARG A 1006 -17.69 -9.16 -9.65
C ARG A 1006 -17.96 -10.63 -9.54
N ALA A 1007 -17.24 -11.28 -8.62
CA ALA A 1007 -17.51 -12.67 -8.37
C ALA A 1007 -18.99 -12.87 -8.14
N SER A 1008 -19.51 -12.18 -7.13
CA SER A 1008 -20.92 -12.22 -6.85
C SER A 1008 -21.73 -11.81 -8.07
N ALA A 1009 -21.16 -10.95 -8.90
CA ALA A 1009 -21.91 -10.45 -10.02
C ALA A 1009 -22.30 -11.60 -10.91
N ASN A 1010 -21.30 -12.27 -11.44
CA ASN A 1010 -21.63 -13.41 -12.30
C ASN A 1010 -22.31 -14.50 -11.51
N LEU A 1011 -22.03 -14.59 -10.21
CA LEU A 1011 -22.77 -15.52 -9.39
C LEU A 1011 -24.26 -15.31 -9.61
N ALA A 1012 -24.73 -14.13 -9.23
CA ALA A 1012 -26.10 -13.75 -9.47
C ALA A 1012 -26.47 -13.90 -10.92
N ALA A 1013 -25.55 -13.59 -11.81
CA ALA A 1013 -25.86 -13.65 -13.23
C ALA A 1013 -26.37 -15.03 -13.57
N THR A 1014 -25.54 -16.02 -13.28
CA THR A 1014 -25.94 -17.40 -13.48
C THR A 1014 -27.21 -17.70 -12.73
N LYS A 1015 -27.29 -17.18 -11.50
CA LYS A 1015 -28.49 -17.40 -10.63
C LYS A 1015 -29.73 -17.06 -11.45
N MET A 1016 -29.81 -15.80 -11.89
CA MET A 1016 -30.91 -15.33 -12.71
C MET A 1016 -31.01 -16.14 -13.98
N SER A 1017 -29.88 -16.54 -14.54
CA SER A 1017 -29.85 -17.28 -15.78
C SER A 1017 -30.63 -18.57 -15.63
N GLU A 1018 -30.00 -19.54 -14.99
CA GLU A 1018 -30.55 -20.89 -14.94
C GLU A 1018 -31.73 -21.02 -14.00
N CYS A 1019 -32.00 -20.04 -13.16
CA CYS A 1019 -33.13 -20.16 -12.24
C CYS A 1019 -34.10 -19.00 -12.38
N VAL A 1020 -34.07 -18.30 -13.49
CA VAL A 1020 -35.18 -17.46 -13.90
C VAL A 1020 -35.50 -17.87 -15.31
N LEU A 1021 -34.49 -17.96 -16.14
CA LEU A 1021 -34.76 -18.42 -17.48
C LEU A 1021 -34.78 -19.93 -17.58
N GLY A 1022 -34.90 -20.66 -16.47
CA GLY A 1022 -34.88 -22.10 -16.57
C GLY A 1022 -35.15 -22.77 -15.25
N GLN A 1023 -35.11 -24.10 -15.28
CA GLN A 1023 -35.51 -24.91 -14.13
C GLN A 1023 -34.41 -25.93 -13.88
N SER A 1024 -33.48 -25.58 -13.02
CA SER A 1024 -32.30 -26.39 -12.82
C SER A 1024 -32.61 -27.60 -11.94
N LYS A 1025 -31.56 -28.37 -11.70
CA LYS A 1025 -31.58 -29.41 -10.70
C LYS A 1025 -30.51 -29.22 -9.64
N ARG A 1026 -29.59 -28.28 -9.83
CA ARG A 1026 -28.51 -28.10 -8.87
C ARG A 1026 -29.08 -27.55 -7.58
N VAL A 1027 -28.88 -28.27 -6.51
CA VAL A 1027 -29.51 -27.89 -5.25
C VAL A 1027 -28.65 -26.85 -4.55
N ASP A 1028 -29.31 -26.00 -3.77
CA ASP A 1028 -28.73 -24.92 -2.98
C ASP A 1028 -28.19 -23.82 -3.85
N PHE A 1029 -28.17 -23.99 -5.16
CA PHE A 1029 -27.92 -22.82 -5.99
C PHE A 1029 -29.23 -22.02 -6.05
N CYS A 1030 -30.32 -22.66 -6.46
CA CYS A 1030 -31.64 -22.06 -6.43
C CYS A 1030 -32.63 -23.10 -5.93
N GLY A 1031 -33.36 -22.76 -4.89
CA GLY A 1031 -34.39 -23.62 -4.34
C GLY A 1031 -33.87 -24.53 -3.26
N LYS A 1032 -34.20 -24.24 -2.01
CA LYS A 1032 -34.00 -25.24 -0.98
C LYS A 1032 -34.85 -26.43 -1.36
N GLY A 1033 -34.22 -27.57 -1.50
CA GLY A 1033 -34.95 -28.68 -2.08
C GLY A 1033 -35.17 -28.47 -3.57
N TYR A 1034 -36.04 -29.30 -4.13
CA TYR A 1034 -36.22 -29.27 -5.57
C TYR A 1034 -36.82 -27.94 -5.96
N HIS A 1035 -36.39 -27.41 -7.11
CA HIS A 1035 -36.56 -26.00 -7.45
C HIS A 1035 -37.53 -25.80 -8.60
N LEU A 1036 -38.24 -24.68 -8.55
CA LEU A 1036 -39.24 -24.36 -9.56
C LEU A 1036 -38.87 -23.12 -10.37
N MET A 1037 -38.70 -21.98 -9.73
CA MET A 1037 -38.45 -20.74 -10.43
C MET A 1037 -38.13 -19.70 -9.39
N SER A 1038 -37.64 -18.56 -9.84
CA SER A 1038 -37.36 -17.46 -8.92
C SER A 1038 -37.96 -16.19 -9.49
N PHE A 1039 -39.06 -15.79 -8.92
CA PHE A 1039 -39.62 -14.52 -9.27
C PHE A 1039 -38.56 -13.51 -8.89
N PRO A 1040 -38.03 -12.79 -9.84
CA PRO A 1040 -37.00 -11.80 -9.56
C PRO A 1040 -37.62 -10.44 -9.31
N GLN A 1041 -36.88 -9.58 -8.60
CA GLN A 1041 -37.38 -8.23 -8.41
C GLN A 1041 -36.21 -7.28 -8.50
N SER A 1042 -36.40 -6.06 -8.00
CA SER A 1042 -35.38 -5.04 -8.05
C SER A 1042 -34.77 -4.79 -6.69
N ALA A 1043 -33.65 -4.08 -6.67
CA ALA A 1043 -33.03 -3.73 -5.41
C ALA A 1043 -32.17 -2.50 -5.63
N PRO A 1044 -31.97 -1.67 -4.61
CA PRO A 1044 -31.41 -0.32 -4.85
C PRO A 1044 -29.97 -0.31 -5.35
N HIS A 1045 -29.08 -1.05 -4.72
CA HIS A 1045 -27.75 -1.21 -5.29
C HIS A 1045 -27.47 -2.63 -5.70
N GLY A 1046 -28.47 -3.49 -5.67
CA GLY A 1046 -28.28 -4.90 -6.01
C GLY A 1046 -29.52 -5.49 -6.57
N VAL A 1047 -29.79 -6.74 -6.21
CA VAL A 1047 -30.89 -7.49 -6.78
C VAL A 1047 -31.44 -8.42 -5.72
N VAL A 1048 -32.74 -8.58 -5.74
CA VAL A 1048 -33.40 -9.46 -4.79
C VAL A 1048 -34.20 -10.48 -5.56
N PHE A 1049 -34.30 -11.66 -4.99
CA PHE A 1049 -34.97 -12.73 -5.67
C PHE A 1049 -35.90 -13.43 -4.70
N LEU A 1050 -36.79 -14.21 -5.27
CA LEU A 1050 -37.75 -14.98 -4.50
C LEU A 1050 -37.80 -16.34 -5.20
N HIS A 1051 -36.97 -17.24 -4.73
CA HIS A 1051 -36.89 -18.56 -5.31
C HIS A 1051 -37.94 -19.40 -4.61
N VAL A 1052 -39.03 -19.69 -5.30
CA VAL A 1052 -39.98 -20.62 -4.73
C VAL A 1052 -39.30 -21.95 -4.52
N THR A 1053 -39.89 -22.80 -3.70
CA THR A 1053 -39.31 -24.08 -3.38
C THR A 1053 -40.40 -25.12 -3.24
N TYR A 1054 -40.05 -26.37 -3.50
CA TYR A 1054 -40.95 -27.48 -3.25
C TYR A 1054 -40.32 -28.37 -2.20
N VAL A 1055 -41.02 -28.55 -1.08
CA VAL A 1055 -40.52 -29.36 0.04
C VAL A 1055 -41.67 -30.15 0.65
N PRO A 1056 -41.59 -31.46 0.73
CA PRO A 1056 -42.70 -32.25 1.25
C PRO A 1056 -42.63 -32.39 2.76
N ALA A 1057 -43.71 -32.88 3.32
CA ALA A 1057 -43.75 -33.30 4.72
C ALA A 1057 -44.83 -34.37 4.85
N GLN A 1058 -45.12 -34.76 6.08
CA GLN A 1058 -46.17 -35.73 6.37
C GLN A 1058 -45.89 -37.07 5.68
N GLU A 1059 -44.82 -37.70 6.13
CA GLU A 1059 -44.35 -38.95 5.58
C GLU A 1059 -44.83 -40.11 6.43
N LYS A 1060 -44.70 -41.31 5.87
CA LYS A 1060 -45.09 -42.53 6.54
C LYS A 1060 -44.03 -43.59 6.33
N ASN A 1061 -43.69 -44.29 7.41
CA ASN A 1061 -42.84 -45.46 7.28
C ASN A 1061 -43.53 -46.41 6.33
N PHE A 1062 -42.77 -47.12 5.51
CA PHE A 1062 -43.38 -48.05 4.57
C PHE A 1062 -42.44 -49.19 4.27
N THR A 1063 -42.94 -50.41 4.42
CA THR A 1063 -42.18 -51.57 3.98
C THR A 1063 -41.76 -51.39 2.53
N THR A 1064 -40.45 -51.47 2.29
CA THR A 1064 -39.88 -51.36 0.96
C THR A 1064 -38.89 -52.49 0.76
N ALA A 1065 -38.51 -52.71 -0.48
CA ALA A 1065 -37.73 -53.89 -0.83
C ALA A 1065 -37.15 -53.69 -2.22
N PRO A 1066 -36.12 -54.46 -2.59
CA PRO A 1066 -35.46 -54.23 -3.86
C PRO A 1066 -36.37 -54.41 -5.06
N ALA A 1067 -36.84 -55.62 -5.31
CA ALA A 1067 -37.75 -55.85 -6.43
C ALA A 1067 -38.40 -57.20 -6.22
N ILE A 1068 -39.48 -57.42 -6.93
CA ILE A 1068 -40.28 -58.61 -6.76
C ILE A 1068 -39.84 -59.62 -7.79
N CYS A 1069 -40.09 -60.89 -7.50
CA CYS A 1069 -39.91 -61.95 -8.47
C CYS A 1069 -41.22 -62.71 -8.58
N HIS A 1070 -42.14 -62.19 -9.40
CA HIS A 1070 -43.29 -63.00 -9.75
C HIS A 1070 -42.84 -64.28 -10.41
N ASP A 1071 -41.74 -64.20 -11.14
CA ASP A 1071 -41.24 -65.36 -11.84
C ASP A 1071 -39.78 -65.58 -11.51
N GLY A 1072 -39.13 -66.51 -12.20
CA GLY A 1072 -37.68 -66.56 -12.16
C GLY A 1072 -37.07 -65.27 -12.65
N LYS A 1073 -37.81 -64.54 -13.49
CA LYS A 1073 -37.45 -63.19 -13.85
C LYS A 1073 -37.93 -62.24 -12.76
N ALA A 1074 -37.04 -61.33 -12.34
CA ALA A 1074 -37.35 -60.35 -11.30
C ALA A 1074 -37.83 -59.04 -11.93
N HIS A 1075 -39.07 -58.63 -11.63
CA HIS A 1075 -39.65 -57.38 -12.19
C HIS A 1075 -39.21 -56.19 -11.34
N PHE A 1076 -38.25 -55.40 -11.86
CA PHE A 1076 -37.73 -54.21 -11.12
C PHE A 1076 -38.61 -52.99 -11.46
N PRO A 1077 -38.48 -51.86 -10.72
CA PRO A 1077 -39.27 -50.66 -10.98
C PRO A 1077 -38.59 -49.72 -11.98
N ARG A 1078 -39.27 -49.43 -13.09
CA ARG A 1078 -38.75 -48.54 -14.10
C ARG A 1078 -38.22 -47.26 -13.48
N GLU A 1079 -39.08 -46.55 -12.77
CA GLU A 1079 -38.76 -45.22 -12.25
C GLU A 1079 -39.35 -45.12 -10.86
N GLY A 1080 -38.52 -45.36 -9.86
CA GLY A 1080 -38.95 -45.24 -8.48
C GLY A 1080 -38.64 -46.46 -7.63
N VAL A 1081 -39.62 -46.87 -6.82
CA VAL A 1081 -39.44 -47.94 -5.85
C VAL A 1081 -40.79 -48.55 -5.53
N PHE A 1082 -40.77 -49.73 -4.93
CA PHE A 1082 -42.00 -50.35 -4.51
C PHE A 1082 -42.35 -49.93 -3.08
N VAL A 1083 -43.58 -50.26 -2.69
CA VAL A 1083 -44.11 -49.92 -1.38
C VAL A 1083 -45.28 -50.85 -1.10
N SER A 1084 -45.39 -51.31 0.13
CA SER A 1084 -46.52 -52.17 0.47
C SER A 1084 -47.25 -51.64 1.70
N ASN A 1085 -48.58 -51.77 1.65
CA ASN A 1085 -49.42 -51.57 2.82
C ASN A 1085 -49.42 -52.84 3.66
N GLY A 1086 -48.68 -53.83 3.21
CA GLY A 1086 -48.82 -55.20 3.67
C GLY A 1086 -49.64 -56.14 2.78
N THR A 1087 -50.87 -55.74 2.46
CA THR A 1087 -51.74 -56.60 1.65
C THR A 1087 -51.14 -56.85 0.28
N HIS A 1088 -50.55 -55.82 -0.30
CA HIS A 1088 -50.05 -55.91 -1.66
C HIS A 1088 -48.83 -55.01 -1.79
N TRP A 1089 -48.20 -55.06 -2.95
CA TRP A 1089 -47.13 -54.14 -3.29
C TRP A 1089 -47.59 -53.20 -4.39
N PHE A 1090 -46.87 -52.09 -4.54
CA PHE A 1090 -47.20 -51.07 -5.51
C PHE A 1090 -45.94 -50.37 -5.96
N VAL A 1091 -46.01 -49.76 -7.13
CA VAL A 1091 -44.92 -48.96 -7.69
C VAL A 1091 -45.15 -47.51 -7.33
N THR A 1092 -44.07 -46.74 -7.26
CA THR A 1092 -44.25 -45.36 -6.91
C THR A 1092 -42.98 -44.58 -7.24
N GLN A 1093 -43.15 -43.29 -7.48
CA GLN A 1093 -42.07 -42.33 -7.70
C GLN A 1093 -41.46 -41.84 -6.39
N ARG A 1094 -40.77 -40.71 -6.46
CA ARG A 1094 -39.87 -40.32 -5.39
C ARG A 1094 -40.38 -39.23 -4.48
N ASN A 1095 -41.43 -38.49 -4.83
CA ASN A 1095 -41.77 -37.38 -3.94
C ASN A 1095 -43.26 -37.16 -3.86
N PHE A 1096 -44.02 -38.23 -3.71
CA PHE A 1096 -45.42 -38.20 -3.32
C PHE A 1096 -45.86 -39.64 -3.11
N TYR A 1097 -46.71 -39.88 -2.14
CA TYR A 1097 -47.23 -41.22 -1.96
C TYR A 1097 -48.09 -41.56 -3.17
N GLU A 1098 -47.55 -42.29 -4.13
CA GLU A 1098 -48.24 -42.68 -5.37
C GLU A 1098 -48.27 -44.18 -5.55
N PRO A 1099 -49.20 -44.86 -4.92
CA PRO A 1099 -49.34 -46.30 -5.15
C PRO A 1099 -49.95 -46.58 -6.51
N GLN A 1100 -49.52 -47.68 -7.13
CA GLN A 1100 -50.06 -48.15 -8.40
C GLN A 1100 -49.76 -49.63 -8.56
N ILE A 1101 -50.66 -50.34 -9.25
CA ILE A 1101 -50.49 -51.77 -9.47
C ILE A 1101 -49.34 -52.03 -10.44
N ILE A 1102 -48.53 -53.04 -10.11
CA ILE A 1102 -47.40 -53.38 -10.95
C ILE A 1102 -47.91 -54.07 -12.21
N THR A 1103 -47.51 -53.54 -13.36
CA THR A 1103 -47.67 -54.18 -14.64
C THR A 1103 -46.39 -53.97 -15.42
N THR A 1104 -46.14 -54.84 -16.39
CA THR A 1104 -44.95 -54.63 -17.21
C THR A 1104 -44.96 -53.27 -17.86
N ASP A 1105 -46.08 -52.56 -17.77
CA ASP A 1105 -46.09 -51.18 -18.19
C ASP A 1105 -45.32 -50.29 -17.23
N ASN A 1106 -45.34 -50.62 -15.94
CA ASN A 1106 -44.61 -49.85 -14.94
C ASN A 1106 -43.37 -50.56 -14.44
N THR A 1107 -43.05 -51.73 -14.98
CA THR A 1107 -41.82 -52.42 -14.65
C THR A 1107 -41.15 -52.95 -15.90
N PHE A 1108 -39.83 -52.86 -15.95
CA PHE A 1108 -39.08 -53.64 -16.90
C PHE A 1108 -38.56 -54.88 -16.19
N VAL A 1109 -37.71 -55.63 -16.87
CA VAL A 1109 -37.17 -56.85 -16.31
C VAL A 1109 -35.72 -56.97 -16.72
N SER A 1110 -34.87 -57.40 -15.80
CA SER A 1110 -33.48 -57.69 -16.11
C SER A 1110 -32.81 -58.32 -14.91
N GLY A 1111 -31.97 -59.31 -15.16
CA GLY A 1111 -31.22 -59.98 -14.12
C GLY A 1111 -32.12 -60.86 -13.28
N ASN A 1112 -31.64 -62.04 -12.90
CA ASN A 1112 -32.45 -62.92 -12.07
C ASN A 1112 -32.30 -62.50 -10.62
N CYS A 1113 -33.15 -63.04 -9.77
CA CYS A 1113 -33.06 -62.71 -8.35
C CYS A 1113 -32.61 -63.91 -7.55
N ASP A 1114 -31.57 -64.57 -8.02
CA ASP A 1114 -30.78 -65.39 -7.12
C ASP A 1114 -29.90 -64.49 -6.25
N VAL A 1115 -29.34 -63.43 -6.83
CA VAL A 1115 -28.35 -62.62 -6.14
C VAL A 1115 -28.94 -61.37 -5.50
N VAL A 1116 -30.09 -60.91 -5.96
CA VAL A 1116 -30.69 -59.71 -5.40
C VAL A 1116 -30.97 -59.93 -3.92
N ILE A 1117 -30.77 -58.88 -3.13
CA ILE A 1117 -30.87 -58.96 -1.68
C ILE A 1117 -32.17 -58.31 -1.25
N GLY A 1118 -33.12 -59.13 -0.83
CA GLY A 1118 -34.36 -58.66 -0.25
C GLY A 1118 -35.64 -58.88 -1.07
N ILE A 1119 -35.62 -59.77 -2.07
CA ILE A 1119 -36.78 -59.91 -2.96
C ILE A 1119 -37.99 -60.39 -2.19
N VAL A 1120 -39.17 -60.02 -2.68
CA VAL A 1120 -40.40 -60.44 -2.07
C VAL A 1120 -41.24 -61.11 -3.15
N ASN A 1121 -42.16 -61.96 -2.70
CA ASN A 1121 -43.00 -62.76 -3.57
C ASN A 1121 -44.32 -62.01 -3.79
N ASN A 1122 -44.64 -61.75 -5.05
CA ASN A 1122 -45.89 -61.06 -5.35
C ASN A 1122 -46.24 -61.33 -6.80
N THR A 1123 -47.49 -61.07 -7.13
CA THR A 1123 -48.05 -61.39 -8.43
C THR A 1123 -48.07 -60.14 -9.30
N VAL A 1124 -47.30 -60.16 -10.38
CA VAL A 1124 -47.27 -59.04 -11.31
C VAL A 1124 -48.52 -59.12 -12.17
N TYR A 1125 -49.17 -57.99 -12.37
CA TYR A 1125 -50.39 -58.04 -13.16
C TYR A 1125 -50.14 -57.54 -14.57
N ASP A 1126 -51.07 -57.88 -15.46
CA ASP A 1126 -51.06 -57.43 -16.83
C ASP A 1126 -52.45 -57.57 -17.42
N PRO A 1127 -53.08 -56.48 -17.83
CA PRO A 1127 -54.35 -56.52 -18.55
C PRO A 1127 -54.14 -56.72 -20.04
N ALA B 14 53.08 -26.72 -1.43
CA ALA B 14 52.27 -27.86 -1.85
C ALA B 14 50.78 -27.62 -1.60
N TYR B 15 49.99 -27.56 -2.67
CA TYR B 15 48.58 -27.25 -2.53
C TYR B 15 47.78 -28.45 -2.04
N THR B 16 46.83 -28.18 -1.15
CA THR B 16 45.91 -29.16 -0.61
C THR B 16 44.53 -28.54 -0.57
N ASN B 17 43.51 -29.35 -0.77
CA ASN B 17 42.14 -28.86 -0.88
C ASN B 17 41.41 -29.11 0.43
N SER B 18 40.91 -28.05 1.03
CA SER B 18 40.26 -28.14 2.32
C SER B 18 38.89 -28.80 2.15
N PHE B 19 38.66 -29.91 2.84
CA PHE B 19 37.31 -30.44 2.89
C PHE B 19 36.35 -29.47 3.56
N THR B 20 36.52 -29.22 4.88
CA THR B 20 35.46 -28.55 5.63
C THR B 20 35.96 -27.61 6.74
N ARG B 21 37.08 -26.92 6.57
CA ARG B 21 37.61 -26.03 7.60
C ARG B 21 37.07 -24.62 7.47
N GLY B 22 37.35 -23.82 8.49
CA GLY B 22 37.00 -22.43 8.41
C GLY B 22 35.57 -22.14 8.78
N VAL B 23 35.20 -22.39 10.04
CA VAL B 23 33.85 -22.16 10.53
C VAL B 23 33.92 -21.54 11.90
N TYR B 24 33.27 -20.39 12.07
CA TYR B 24 33.28 -19.76 13.39
C TYR B 24 32.07 -18.85 13.52
N TYR B 25 31.48 -18.84 14.71
CA TYR B 25 30.22 -18.18 14.97
C TYR B 25 30.32 -16.68 14.77
N PRO B 26 29.18 -16.02 14.53
CA PRO B 26 29.23 -14.58 14.26
C PRO B 26 29.48 -13.72 15.49
N ASP B 27 28.85 -14.03 16.62
CA ASP B 27 28.83 -13.11 17.75
C ASP B 27 28.53 -13.89 19.03
N LYS B 28 27.98 -13.21 20.02
CA LYS B 28 27.46 -13.87 21.21
C LYS B 28 26.11 -14.53 20.98
N VAL B 29 25.66 -14.62 19.72
CA VAL B 29 24.31 -15.09 19.44
C VAL B 29 24.24 -16.59 19.62
N PHE B 30 23.12 -17.06 20.16
CA PHE B 30 22.82 -18.47 20.26
C PHE B 30 21.51 -18.74 19.54
N ARG B 31 21.44 -19.85 18.84
CA ARG B 31 20.18 -20.25 18.25
C ARG B 31 19.98 -21.76 18.41
N SER B 32 19.03 -22.33 17.69
CA SER B 32 18.79 -23.77 17.80
C SER B 32 17.98 -24.20 16.58
N SER B 33 18.46 -25.24 15.88
CA SER B 33 17.71 -25.95 14.85
C SER B 33 17.22 -25.03 13.72
N VAL B 34 17.75 -23.81 13.68
CA VAL B 34 17.32 -22.81 12.72
C VAL B 34 18.48 -22.46 11.81
N LEU B 35 18.17 -22.10 10.58
CA LEU B 35 19.17 -21.76 9.57
C LEU B 35 19.24 -20.24 9.47
N HIS B 36 20.43 -19.70 9.66
CA HIS B 36 20.61 -18.25 9.68
C HIS B 36 21.81 -17.83 8.86
N SER B 37 21.73 -16.60 8.34
CA SER B 37 22.77 -16.08 7.47
C SER B 37 24.00 -15.68 8.27
N THR B 38 25.02 -15.25 7.54
CA THR B 38 26.23 -14.68 8.11
C THR B 38 27.09 -14.19 6.97
N GLN B 39 28.17 -13.47 7.32
CA GLN B 39 29.07 -12.89 6.34
C GLN B 39 30.30 -12.27 7.01
N ASP B 40 31.50 -12.65 6.57
CA ASP B 40 32.75 -11.96 6.89
C ASP B 40 33.84 -12.55 6.02
N LEU B 41 35.08 -12.22 6.36
CA LEU B 41 36.24 -12.90 5.83
C LEU B 41 36.27 -14.34 6.33
N PHE B 42 35.67 -15.27 5.59
CA PHE B 42 35.66 -16.67 5.96
C PHE B 42 36.61 -17.45 5.07
N LEU B 43 37.08 -18.55 5.60
CA LEU B 43 37.82 -19.49 4.79
C LEU B 43 36.91 -19.98 3.69
N PRO B 44 37.12 -19.60 2.44
CA PRO B 44 36.25 -20.08 1.37
C PRO B 44 36.41 -21.58 1.21
N PHE B 45 35.30 -22.25 0.93
CA PHE B 45 35.35 -23.70 0.80
C PHE B 45 36.02 -24.13 -0.49
N PHE B 46 36.75 -25.23 -0.40
CA PHE B 46 37.42 -25.84 -1.56
C PHE B 46 38.36 -24.87 -2.23
N SER B 47 39.42 -24.52 -1.52
CA SER B 47 40.51 -23.68 -2.02
C SER B 47 41.86 -24.34 -1.73
N ASN B 48 42.92 -23.68 -2.18
CA ASN B 48 44.27 -24.21 -2.02
C ASN B 48 44.82 -23.85 -0.65
N VAL B 49 45.62 -24.76 -0.10
CA VAL B 49 46.29 -24.57 1.18
C VAL B 49 47.69 -25.13 1.05
N THR B 50 48.70 -24.38 1.49
CA THR B 50 50.09 -24.81 1.34
C THR B 50 50.52 -25.57 2.58
N TRP B 51 50.81 -26.86 2.43
CA TRP B 51 51.14 -27.74 3.54
C TRP B 51 52.56 -28.23 3.36
N PHE B 52 53.33 -28.26 4.43
CA PHE B 52 54.74 -28.59 4.36
C PHE B 52 55.25 -28.94 5.75
N HIS B 53 56.40 -29.61 5.79
CA HIS B 53 56.96 -30.10 7.04
C HIS B 53 58.37 -29.59 7.28
N ALA B 54 59.28 -29.76 6.32
CA ALA B 54 60.60 -29.12 6.38
C ALA B 54 61.21 -29.17 4.99
N ILE B 55 61.31 -28.03 4.31
CA ILE B 55 61.83 -28.03 2.94
C ILE B 55 63.26 -28.56 2.92
N HIS B 56 64.03 -28.24 3.96
CA HIS B 56 65.33 -28.84 4.18
C HIS B 56 65.41 -29.26 5.64
N VAL B 57 66.18 -30.32 5.91
CA VAL B 57 66.35 -30.85 7.29
C VAL B 57 66.84 -29.72 8.19
N SER B 58 66.00 -29.29 9.13
CA SER B 58 66.35 -28.19 10.08
C SER B 58 65.37 -28.20 11.26
N GLY B 59 65.65 -27.38 12.28
CA GLY B 59 64.79 -27.28 13.47
C GLY B 59 65.14 -28.32 14.52
N THR B 60 66.19 -29.12 14.27
CA THR B 60 66.62 -30.16 15.23
C THR B 60 68.06 -29.91 15.67
N ASN B 61 68.76 -29.00 15.00
CA ASN B 61 70.17 -28.67 15.34
C ASN B 61 70.57 -27.35 14.67
N GLY B 62 70.67 -27.34 13.33
CA GLY B 62 71.05 -26.13 12.58
C GLY B 62 69.86 -25.51 11.86
N THR B 63 70.11 -24.43 11.12
CA THR B 63 69.03 -23.73 10.37
C THR B 63 69.40 -23.67 8.88
N LYS B 64 68.59 -24.29 8.02
CA LYS B 64 68.85 -24.29 6.55
C LYS B 64 67.57 -23.87 5.81
N ARG B 65 67.66 -23.70 4.49
CA ARG B 65 66.48 -23.29 3.67
C ARG B 65 66.97 -22.79 2.31
N PHE B 66 66.04 -22.39 1.44
CA PHE B 66 66.39 -21.87 0.09
C PHE B 66 65.97 -20.40 -0.03
N ASP B 67 64.66 -20.15 0.05
CA ASP B 67 64.12 -18.76 -0.04
C ASP B 67 63.07 -18.56 1.05
N ASN B 68 62.64 -17.31 1.27
CA ASN B 68 61.62 -16.99 2.30
C ASN B 68 60.49 -16.16 1.66
N VAL B 70 56.65 -16.81 4.55
CA VAL B 70 55.84 -15.77 5.25
C VAL B 70 55.12 -14.92 4.19
N LEU B 71 53.78 -14.98 4.16
CA LEU B 71 52.98 -14.20 3.19
C LEU B 71 52.32 -13.02 3.90
N PRO B 72 51.59 -12.13 3.18
CA PRO B 72 50.93 -10.98 3.81
C PRO B 72 49.51 -11.31 4.28
N PHE B 73 48.57 -10.38 4.06
CA PHE B 73 47.15 -10.57 4.47
C PHE B 73 46.24 -10.15 3.32
N ASN B 74 45.41 -11.08 2.83
CA ASN B 74 44.47 -10.79 1.71
C ASN B 74 43.02 -10.95 2.19
N ASP B 75 42.61 -10.16 3.18
CA ASP B 75 41.25 -10.22 3.70
C ASP B 75 41.14 -11.29 4.80
N GLY B 76 42.10 -11.27 5.71
CA GLY B 76 42.03 -12.11 6.90
C GLY B 76 43.02 -13.26 6.87
N VAL B 77 43.42 -13.73 8.05
CA VAL B 77 44.48 -14.71 8.18
C VAL B 77 44.03 -15.89 9.04
N TYR B 78 44.44 -17.08 8.62
CA TYR B 78 44.14 -18.36 9.28
C TYR B 78 45.43 -19.17 9.34
N PHE B 79 45.79 -19.65 10.54
CA PHE B 79 47.10 -20.28 10.79
C PHE B 79 46.98 -21.39 11.82
N ALA B 80 47.66 -22.51 11.55
CA ALA B 80 47.74 -23.63 12.48
C ALA B 80 48.67 -24.68 11.89
N SER B 81 48.89 -25.75 12.67
CA SER B 81 49.73 -26.88 12.30
C SER B 81 49.46 -28.02 13.29
N THR B 82 50.37 -28.99 13.31
CA THR B 82 50.20 -30.21 14.09
C THR B 82 51.36 -30.53 15.03
N GLU B 83 52.29 -29.60 15.23
CA GLU B 83 53.47 -29.89 16.07
C GLU B 83 53.04 -30.01 17.52
N LYS B 84 53.13 -31.22 18.08
CA LYS B 84 52.79 -31.42 19.47
C LYS B 84 53.86 -30.77 20.32
N SER B 85 53.98 -29.45 20.16
CA SER B 85 55.09 -28.68 20.68
C SER B 85 54.85 -27.23 20.31
N ASN B 86 55.47 -26.34 21.09
CA ASN B 86 55.36 -24.92 20.82
C ASN B 86 56.26 -24.46 19.69
N ILE B 87 56.75 -25.40 18.86
CA ILE B 87 57.55 -25.05 17.69
C ILE B 87 56.84 -23.95 16.90
N ILE B 88 55.52 -24.02 16.83
CA ILE B 88 54.73 -22.87 16.44
C ILE B 88 54.85 -21.85 17.56
N ARG B 89 55.72 -20.86 17.38
CA ARG B 89 56.12 -20.02 18.48
C ARG B 89 55.39 -18.69 18.55
N GLY B 90 55.21 -17.99 17.44
CA GLY B 90 54.64 -16.65 17.54
C GLY B 90 53.94 -16.23 16.26
N TRP B 91 52.86 -15.49 16.46
CA TRP B 91 52.13 -14.80 15.41
C TRP B 91 52.41 -13.32 15.54
N ILE B 92 52.79 -12.69 14.44
CA ILE B 92 53.30 -11.32 14.48
C ILE B 92 52.41 -10.45 13.60
N PHE B 93 51.64 -9.58 14.25
CA PHE B 93 50.64 -8.77 13.58
C PHE B 93 51.04 -7.29 13.62
N GLY B 94 51.01 -6.67 12.45
CA GLY B 94 51.40 -5.27 12.33
C GLY B 94 51.37 -4.86 10.87
N THR B 95 52.11 -3.81 10.57
CA THR B 95 52.28 -3.39 9.19
C THR B 95 53.74 -3.21 8.79
N THR B 96 54.62 -2.79 9.71
CA THR B 96 56.04 -2.64 9.40
C THR B 96 56.96 -3.57 10.17
N LEU B 97 56.58 -4.03 11.36
CA LEU B 97 57.37 -5.01 12.12
C LEU B 97 58.76 -4.48 12.46
N ASP B 98 58.78 -3.36 13.18
CA ASP B 98 60.01 -2.81 13.74
C ASP B 98 59.61 -1.86 14.86
N SER B 99 60.52 -0.96 15.23
CA SER B 99 60.19 0.09 16.17
C SER B 99 59.36 1.20 15.55
N LYS B 100 59.01 1.09 14.27
CA LYS B 100 58.22 2.12 13.59
C LYS B 100 56.72 1.88 13.73
N THR B 101 56.28 0.63 13.76
CA THR B 101 54.91 0.29 14.13
C THR B 101 54.93 -0.75 15.23
N GLN B 102 54.13 -0.52 16.27
CA GLN B 102 54.08 -1.46 17.37
C GLN B 102 53.63 -2.82 16.84
N SER B 103 54.33 -3.87 17.24
CA SER B 103 54.17 -5.18 16.63
C SER B 103 53.65 -6.17 17.65
N LEU B 104 52.60 -6.88 17.28
CA LEU B 104 51.83 -7.71 18.18
C LEU B 104 52.30 -9.16 18.11
N LEU B 105 52.85 -9.66 19.20
CA LEU B 105 53.29 -11.05 19.30
C LEU B 105 52.50 -11.71 20.43
N ILE B 106 52.13 -12.97 20.22
CA ILE B 106 51.24 -13.67 21.14
C ILE B 106 51.86 -15.04 21.39
N VAL B 107 52.50 -15.22 22.55
CA VAL B 107 53.31 -16.42 22.74
C VAL B 107 53.15 -16.94 24.15
N ASN B 108 53.19 -18.27 24.28
CA ASN B 108 53.16 -18.92 25.58
C ASN B 108 54.35 -18.47 26.44
N ASN B 109 54.09 -18.28 27.73
CA ASN B 109 55.09 -17.86 28.72
C ASN B 109 55.55 -19.04 29.58
N ALA B 110 55.35 -20.26 29.10
CA ALA B 110 55.93 -21.49 29.64
C ALA B 110 55.27 -21.91 30.93
N THR B 111 54.44 -21.05 31.50
CA THR B 111 53.52 -21.43 32.55
C THR B 111 52.22 -20.71 32.28
N ASN B 112 52.32 -19.66 31.49
CA ASN B 112 51.19 -18.86 31.07
C ASN B 112 51.49 -18.45 29.64
N VAL B 113 50.73 -17.47 29.15
CA VAL B 113 50.89 -16.91 27.82
C VAL B 113 50.78 -15.40 27.95
N VAL B 114 51.49 -14.69 27.08
CA VAL B 114 51.52 -13.25 27.15
C VAL B 114 51.36 -12.68 25.75
N ILE B 115 50.71 -11.52 25.69
CA ILE B 115 50.50 -10.74 24.49
C ILE B 115 51.31 -9.46 24.62
N LYS B 116 52.18 -9.21 23.65
CA LYS B 116 53.09 -8.08 23.73
C LYS B 116 52.99 -7.26 22.44
N VAL B 117 53.32 -5.97 22.55
CA VAL B 117 53.28 -5.03 21.38
C VAL B 117 54.41 -4.01 21.53
N CYS B 118 55.61 -4.48 21.95
CA CYS B 118 56.78 -3.59 22.13
C CYS B 118 57.69 -3.69 20.90
N GLU B 119 58.81 -2.96 20.90
CA GLU B 119 59.78 -2.95 19.76
C GLU B 119 61.04 -3.73 20.18
N PHE B 120 61.62 -4.49 19.25
CA PHE B 120 62.85 -5.27 19.53
C PHE B 120 63.48 -5.71 18.19
N GLN B 121 64.53 -6.54 18.27
CA GLN B 121 65.22 -7.04 17.07
C GLN B 121 64.50 -8.22 16.43
N PHE B 122 64.51 -9.37 17.10
CA PHE B 122 64.05 -10.63 16.49
C PHE B 122 64.07 -11.72 17.56
N CYS B 123 63.50 -12.87 17.20
CA CYS B 123 63.32 -14.06 18.02
C CYS B 123 64.33 -15.13 17.59
N ASN B 124 64.16 -16.36 18.09
CA ASN B 124 64.98 -17.49 17.69
C ASN B 124 64.14 -18.77 17.83
N ASP B 125 64.82 -19.92 17.76
CA ASP B 125 64.15 -21.24 17.88
C ASP B 125 63.72 -21.47 19.32
N PRO B 126 62.41 -21.45 19.65
CA PRO B 126 61.94 -21.68 21.02
C PRO B 126 61.98 -23.17 21.37
N PHE B 127 62.00 -24.03 20.37
CA PHE B 127 62.04 -25.50 20.58
C PHE B 127 63.14 -26.11 19.69
N LEU B 128 63.99 -26.97 20.28
CA LEU B 128 65.10 -27.62 19.53
C LEU B 128 64.77 -29.11 19.36
N GLY B 129 63.78 -29.61 20.09
CA GLY B 129 63.38 -31.03 20.02
C GLY B 129 64.07 -31.87 21.09
N VAL B 130 65.41 -31.86 21.09
CA VAL B 130 66.20 -32.65 22.09
C VAL B 130 65.78 -32.19 23.50
N TYR B 131 65.02 -33.03 24.22
CA TYR B 131 64.54 -32.68 25.57
C TYR B 131 65.08 -33.66 26.61
N TYR B 132 64.39 -33.80 27.74
CA TYR B 132 64.85 -34.69 28.84
C TYR B 132 66.29 -34.29 29.22
N HIS B 133 66.73 -33.12 28.76
CA HIS B 133 68.09 -32.59 29.04
C HIS B 133 69.13 -33.66 28.66
N LYS B 134 70.10 -33.91 29.56
CA LYS B 134 71.16 -34.92 29.32
C LYS B 134 71.53 -35.56 30.66
N ASN B 135 70.88 -35.12 31.74
CA ASN B 135 71.14 -35.64 33.06
C ASN B 135 70.00 -35.29 33.99
N ASN B 136 70.20 -35.55 35.27
CA ASN B 136 69.13 -35.45 36.26
C ASN B 136 68.56 -34.05 36.33
N LYS B 137 69.36 -33.02 36.01
CA LYS B 137 68.85 -31.67 36.12
C LYS B 137 69.24 -30.76 34.95
N SER B 138 69.02 -29.46 35.12
CA SER B 138 68.83 -28.51 34.02
C SER B 138 69.87 -28.57 32.91
N TRP B 139 71.10 -28.17 33.22
CA TRP B 139 72.20 -28.05 32.26
C TRP B 139 71.93 -26.91 31.27
N MET B 140 70.66 -26.46 31.23
CA MET B 140 70.23 -25.15 30.71
C MET B 140 71.14 -24.61 29.61
N GLU B 141 71.47 -25.44 28.63
CA GLU B 141 72.31 -24.97 27.53
C GLU B 141 71.47 -24.31 26.45
N SER B 142 70.49 -25.03 25.91
CA SER B 142 69.61 -24.49 24.88
C SER B 142 68.78 -23.37 25.52
N GLU B 143 69.26 -22.15 25.34
CA GLU B 143 68.51 -20.97 25.76
C GLU B 143 67.83 -20.33 24.56
N PHE B 144 66.80 -19.53 24.84
CA PHE B 144 65.90 -19.06 23.80
C PHE B 144 65.50 -17.61 24.08
N ARG B 145 65.19 -16.90 22.99
CA ARG B 145 65.04 -15.45 23.09
C ARG B 145 63.92 -14.93 22.19
N VAL B 146 63.22 -13.89 22.64
CA VAL B 146 62.16 -13.29 21.84
C VAL B 146 62.46 -11.81 21.59
N TYR B 147 62.50 -11.02 22.65
CA TYR B 147 62.53 -9.56 22.53
C TYR B 147 63.94 -9.01 22.71
N SER B 148 64.04 -7.69 22.72
CA SER B 148 65.32 -7.01 22.87
C SER B 148 65.10 -5.52 23.15
N SER B 149 65.95 -4.98 24.06
CA SER B 149 66.10 -3.56 24.37
C SER B 149 64.79 -2.85 24.75
N ALA B 150 64.26 -3.14 25.94
CA ALA B 150 62.92 -2.70 26.33
C ALA B 150 62.95 -1.21 26.65
N ASN B 151 62.88 -0.37 25.63
CA ASN B 151 62.90 1.06 25.82
C ASN B 151 61.58 1.69 25.40
N ASN B 152 61.04 1.22 24.28
CA ASN B 152 59.77 1.65 23.71
C ASN B 152 58.78 0.47 23.71
N CYS B 153 57.97 0.41 24.75
CA CYS B 153 56.97 -0.64 24.88
C CYS B 153 55.59 -0.01 25.09
N THR B 154 54.59 -0.60 24.44
CA THR B 154 53.24 -0.03 24.49
C THR B 154 52.34 -0.77 25.47
N PHE B 155 52.31 -2.10 25.40
CA PHE B 155 51.36 -2.81 26.26
C PHE B 155 51.57 -4.31 26.24
N GLU B 156 51.13 -4.97 27.32
CA GLU B 156 51.14 -6.41 27.43
C GLU B 156 49.87 -6.90 28.13
N TYR B 157 49.56 -8.18 27.91
CA TYR B 157 48.32 -8.82 28.32
C TYR B 157 48.64 -10.24 28.77
N VAL B 158 47.95 -10.73 29.80
CA VAL B 158 48.11 -12.11 30.23
C VAL B 158 46.74 -12.73 30.47
N SER B 159 46.53 -13.92 29.91
CA SER B 159 45.45 -14.84 30.27
C SER B 159 46.09 -16.21 30.40
N GLN B 160 45.35 -17.29 30.20
CA GLN B 160 46.05 -18.56 30.28
C GLN B 160 45.87 -19.47 29.07
N PRO B 161 46.20 -19.01 27.84
CA PRO B 161 46.04 -19.89 26.67
C PRO B 161 46.74 -21.23 26.80
N PHE B 162 47.91 -21.28 27.42
CA PHE B 162 48.60 -22.55 27.57
C PHE B 162 47.78 -23.51 28.41
N LEU B 163 47.06 -22.97 29.39
CA LEU B 163 46.14 -23.77 30.17
C LEU B 163 44.73 -23.73 29.59
N MET B 164 44.51 -22.93 28.54
CA MET B 164 43.22 -22.90 27.85
C MET B 164 43.28 -23.53 26.48
N ASP B 165 44.29 -23.22 25.66
CA ASP B 165 44.26 -23.59 24.25
C ASP B 165 45.05 -24.85 23.94
N LEU B 166 46.28 -24.96 24.42
CA LEU B 166 47.19 -26.00 23.97
C LEU B 166 47.19 -27.14 24.98
N GLU B 167 46.12 -27.92 24.96
CA GLU B 167 46.09 -29.14 25.75
C GLU B 167 46.54 -30.31 24.88
N GLY B 168 47.73 -30.19 24.29
CA GLY B 168 48.29 -31.27 23.52
C GLY B 168 48.99 -32.27 24.41
N LYS B 169 48.26 -32.82 25.38
CA LYS B 169 48.81 -33.78 26.32
C LYS B 169 47.96 -35.05 26.39
N GLN B 170 48.61 -36.18 26.68
CA GLN B 170 48.04 -37.53 26.74
C GLN B 170 47.69 -38.00 25.35
N GLY B 171 47.73 -37.09 24.39
CA GLY B 171 47.75 -37.40 22.98
C GLY B 171 49.19 -37.42 22.52
N ASN B 172 49.90 -38.48 22.89
CA ASN B 172 51.36 -38.54 22.88
C ASN B 172 51.98 -37.75 21.73
N PHE B 173 51.40 -37.84 20.54
CA PHE B 173 51.82 -36.99 19.43
C PHE B 173 50.58 -36.63 18.61
N LYS B 174 50.74 -35.72 17.65
CA LYS B 174 49.83 -35.61 16.52
C LYS B 174 48.35 -35.36 16.83
N ASN B 175 47.99 -34.18 17.31
CA ASN B 175 46.59 -33.79 17.27
C ASN B 175 46.40 -32.68 16.25
N LEU B 176 45.26 -32.00 16.31
CA LEU B 176 44.95 -30.97 15.32
C LEU B 176 44.10 -29.81 15.82
N ARG B 177 44.75 -28.70 16.17
CA ARG B 177 44.08 -27.49 16.63
C ARG B 177 43.89 -26.53 15.45
N GLU B 178 43.54 -25.27 15.73
CA GLU B 178 43.47 -24.22 14.72
C GLU B 178 43.48 -22.86 15.42
N PHE B 179 44.08 -21.84 14.79
CA PHE B 179 44.22 -20.54 15.44
C PHE B 179 44.10 -19.41 14.42
N VAL B 180 42.90 -18.88 14.29
CA VAL B 180 42.55 -17.96 13.22
C VAL B 180 42.64 -16.55 13.77
N PHE B 181 42.50 -15.56 12.88
CA PHE B 181 42.56 -14.18 13.33
C PHE B 181 41.59 -13.36 12.51
N LYS B 182 41.01 -12.33 13.13
CA LYS B 182 40.07 -11.46 12.44
C LYS B 182 40.18 -10.04 12.96
N ASN B 183 40.13 -9.09 12.04
CA ASN B 183 40.16 -7.65 12.36
C ASN B 183 38.86 -7.07 11.82
N ILE B 184 37.82 -7.14 12.63
CA ILE B 184 36.47 -6.77 12.22
C ILE B 184 36.17 -5.40 12.82
N ASP B 185 36.46 -4.35 12.05
CA ASP B 185 36.20 -2.97 12.45
C ASP B 185 36.98 -2.60 13.72
N GLY B 186 38.25 -3.00 13.76
CA GLY B 186 39.10 -2.57 14.84
C GLY B 186 39.02 -3.32 16.14
N TYR B 187 37.82 -3.54 16.66
CA TYR B 187 37.72 -4.30 17.90
C TYR B 187 38.30 -5.68 17.62
N PHE B 188 39.54 -5.87 18.01
CA PHE B 188 40.41 -6.89 17.41
C PHE B 188 40.08 -8.26 17.98
N LYS B 189 39.17 -8.99 17.33
CA LYS B 189 38.66 -10.25 17.85
C LYS B 189 39.44 -11.42 17.29
N ILE B 190 39.68 -12.42 18.15
CA ILE B 190 40.38 -13.62 17.73
C ILE B 190 39.65 -14.84 18.29
N TYR B 191 39.41 -15.81 17.43
CA TYR B 191 38.72 -17.04 17.79
C TYR B 191 39.73 -18.17 17.97
N SER B 192 39.25 -19.28 18.53
CA SER B 192 40.13 -20.41 18.80
C SER B 192 39.31 -21.66 19.09
N LYS B 193 39.96 -22.82 18.99
CA LYS B 193 39.45 -24.09 19.48
C LYS B 193 40.52 -25.18 19.45
N HIS B 194 40.66 -25.91 20.54
CA HIS B 194 41.60 -27.01 20.63
C HIS B 194 40.97 -28.32 20.15
N THR B 195 40.66 -28.40 18.85
CA THR B 195 39.88 -29.53 18.33
C THR B 195 40.62 -30.86 18.38
N PRO B 196 40.17 -31.77 19.19
CA PRO B 196 40.82 -33.08 19.21
C PRO B 196 40.27 -34.00 18.14
N ILE B 197 41.15 -34.56 17.32
CA ILE B 197 40.78 -35.55 16.32
C ILE B 197 41.89 -36.58 16.22
N ASN B 198 41.62 -37.78 16.69
CA ASN B 198 42.62 -38.83 16.70
C ASN B 198 42.96 -39.17 15.25
N LEU B 199 44.17 -38.83 14.83
CA LEU B 199 44.57 -39.03 13.45
C LEU B 199 45.99 -39.58 13.45
N VAL B 200 46.46 -40.00 12.27
CA VAL B 200 47.82 -40.51 12.14
C VAL B 200 48.62 -39.67 11.17
N ARG B 201 48.18 -39.56 9.92
CA ARG B 201 48.94 -38.83 8.91
C ARG B 201 48.06 -38.35 7.76
N ASP B 202 48.20 -37.06 7.45
CA ASP B 202 47.75 -36.47 6.19
C ASP B 202 46.22 -36.54 6.06
N LEU B 203 45.55 -36.01 7.07
CA LEU B 203 44.10 -35.99 7.07
C LEU B 203 43.57 -34.61 7.44
N PRO B 204 43.82 -33.58 6.64
CA PRO B 204 43.34 -32.25 7.02
C PRO B 204 41.83 -32.17 6.99
N GLN B 205 41.18 -33.01 7.79
CA GLN B 205 39.72 -33.03 7.85
C GLN B 205 39.31 -32.88 9.31
N GLY B 206 38.08 -32.44 9.52
CA GLY B 206 37.59 -32.09 10.84
C GLY B 206 36.79 -30.81 10.81
N PHE B 207 35.55 -30.85 11.30
CA PHE B 207 34.59 -29.77 11.13
C PHE B 207 34.08 -29.27 12.48
N SER B 208 34.36 -28.01 12.79
CA SER B 208 33.98 -27.44 14.07
C SER B 208 33.96 -25.92 13.97
N ALA B 209 33.91 -25.28 15.14
CA ALA B 209 33.75 -23.83 15.21
C ALA B 209 34.66 -23.27 16.28
N LEU B 210 34.56 -21.95 16.48
CA LEU B 210 35.53 -21.18 17.24
C LEU B 210 34.84 -20.14 18.09
N GLU B 211 35.37 -19.89 19.29
CA GLU B 211 34.86 -18.82 20.13
C GLU B 211 35.92 -17.72 20.29
N PRO B 212 35.52 -16.46 20.44
CA PRO B 212 36.53 -15.41 20.60
C PRO B 212 37.16 -15.51 21.98
N LEU B 213 38.39 -15.97 22.03
CA LEU B 213 39.03 -16.01 23.33
C LEU B 213 39.34 -14.59 23.81
N VAL B 214 39.73 -13.71 22.90
CA VAL B 214 40.11 -12.34 23.25
C VAL B 214 39.74 -11.39 22.13
N ASP B 215 39.16 -10.26 22.50
CA ASP B 215 38.95 -9.15 21.59
C ASP B 215 39.72 -7.96 22.14
N LEU B 216 40.96 -7.79 21.69
CA LEU B 216 41.72 -6.63 22.07
C LEU B 216 41.31 -5.44 21.23
N PRO B 217 40.59 -4.52 21.82
CA PRO B 217 39.98 -3.44 21.04
C PRO B 217 40.99 -2.41 20.58
N ILE B 218 42.00 -2.88 19.86
CA ILE B 218 43.09 -2.00 19.50
C ILE B 218 42.75 -1.23 18.22
N GLY B 219 42.40 -1.95 17.17
CA GLY B 219 42.15 -1.28 15.91
C GLY B 219 43.41 -0.66 15.36
N ILE B 220 44.39 -1.49 15.03
CA ILE B 220 45.68 -1.02 14.58
C ILE B 220 45.93 -1.51 13.14
N ASN B 221 46.94 -0.91 12.52
CA ASN B 221 47.33 -1.22 11.15
C ASN B 221 47.78 -2.67 11.07
N ILE B 222 46.96 -3.52 10.44
CA ILE B 222 47.16 -4.97 10.47
C ILE B 222 47.05 -5.55 9.05
N THR B 223 48.19 -5.94 8.48
CA THR B 223 48.21 -6.85 7.35
C THR B 223 49.40 -7.78 7.35
N ARG B 224 50.25 -7.74 8.37
CA ARG B 224 51.47 -8.53 8.44
C ARG B 224 51.38 -9.45 9.65
N PHE B 225 51.62 -10.73 9.44
CA PHE B 225 51.52 -11.75 10.49
C PHE B 225 52.73 -12.68 10.41
N GLN B 226 53.91 -12.11 10.50
CA GLN B 226 55.11 -12.94 10.58
C GLN B 226 54.99 -13.96 11.70
N THR B 227 54.86 -15.23 11.33
CA THR B 227 54.78 -16.33 12.28
C THR B 227 56.14 -16.99 12.34
N LEU B 228 56.73 -17.02 13.52
CA LEU B 228 58.09 -17.52 13.66
C LEU B 228 58.11 -18.68 14.65
N LEU B 229 59.09 -19.56 14.44
CA LEU B 229 59.42 -20.59 15.40
C LEU B 229 60.42 -20.02 16.39
N ALA B 250 58.68 -23.23 7.68
CA ALA B 250 59.18 -24.60 7.68
C ALA B 250 58.04 -25.62 7.62
N ALA B 251 56.99 -25.40 8.41
CA ALA B 251 55.80 -26.24 8.43
C ALA B 251 54.63 -25.45 9.03
N TYR B 252 53.76 -24.90 8.18
CA TYR B 252 52.64 -24.14 8.72
C TYR B 252 51.57 -23.95 7.65
N TYR B 253 50.30 -24.02 8.06
CA TYR B 253 49.20 -23.83 7.12
C TYR B 253 48.71 -22.38 7.18
N VAL B 254 48.54 -21.80 6.00
CA VAL B 254 48.11 -20.41 5.88
C VAL B 254 46.90 -20.35 4.99
N GLY B 255 45.95 -19.52 5.37
CA GLY B 255 44.86 -19.17 4.49
C GLY B 255 44.79 -17.68 4.33
N TYR B 256 43.82 -17.19 3.56
CA TYR B 256 43.60 -15.76 3.42
C TYR B 256 42.11 -15.52 3.22
N LEU B 257 41.45 -15.12 4.30
CA LEU B 257 40.01 -15.23 4.38
C LEU B 257 39.33 -14.36 3.32
N GLN B 258 38.02 -14.53 3.20
CA GLN B 258 37.29 -14.03 2.06
C GLN B 258 35.89 -13.53 2.42
N PRO B 259 35.56 -12.29 2.11
CA PRO B 259 34.28 -11.75 2.55
C PRO B 259 33.16 -12.41 1.77
N ARG B 260 32.77 -13.60 2.22
CA ARG B 260 31.64 -14.28 1.65
C ARG B 260 30.60 -14.47 2.74
N THR B 261 29.34 -14.34 2.37
CA THR B 261 28.27 -14.58 3.30
C THR B 261 27.83 -16.04 3.21
N PHE B 262 27.68 -16.70 4.36
CA PHE B 262 27.31 -18.14 4.33
C PHE B 262 26.05 -18.43 5.16
N LEU B 263 25.37 -19.52 4.81
CA LEU B 263 24.14 -19.98 5.51
C LEU B 263 24.57 -21.08 6.50
N LEU B 264 24.34 -20.85 7.80
CA LEU B 264 24.73 -21.78 8.84
C LEU B 264 23.48 -22.38 9.46
N LYS B 265 23.68 -23.50 10.16
CA LYS B 265 22.66 -24.09 11.00
C LYS B 265 23.26 -24.34 12.38
N TYR B 266 22.55 -23.95 13.42
CA TYR B 266 22.98 -24.21 14.78
C TYR B 266 22.24 -25.40 15.35
N ASN B 267 22.77 -25.93 16.44
CA ASN B 267 22.08 -26.96 17.19
C ASN B 267 21.82 -26.45 18.60
N GLU B 268 20.76 -26.97 19.21
CA GLU B 268 20.37 -26.51 20.53
C GLU B 268 21.55 -26.54 21.49
N ASN B 269 22.40 -27.56 21.37
CA ASN B 269 23.63 -27.61 22.12
C ASN B 269 24.57 -26.47 21.75
N GLY B 270 24.31 -25.78 20.64
CA GLY B 270 25.13 -24.66 20.24
C GLY B 270 26.14 -24.95 19.15
N THR B 271 26.39 -26.20 18.83
CA THR B 271 27.41 -26.51 17.85
C THR B 271 26.83 -26.33 16.45
N ILE B 272 27.64 -26.59 15.44
CA ILE B 272 27.23 -26.51 14.05
C ILE B 272 27.34 -27.90 13.44
N THR B 273 26.34 -28.27 12.63
CA THR B 273 26.30 -29.55 11.95
C THR B 273 26.86 -29.47 10.54
N ASP B 274 26.46 -28.46 9.78
CA ASP B 274 27.08 -28.18 8.49
C ASP B 274 26.73 -26.76 8.09
N ALA B 275 27.56 -26.18 7.21
CA ALA B 275 27.39 -24.80 6.78
C ALA B 275 27.85 -24.66 5.33
N VAL B 276 27.32 -23.66 4.63
CA VAL B 276 27.75 -23.40 3.27
C VAL B 276 27.88 -21.90 3.08
N ASP B 277 28.75 -21.51 2.17
CA ASP B 277 28.73 -20.15 1.66
C ASP B 277 27.46 -19.93 0.88
N CYS B 278 26.99 -18.69 0.88
CA CYS B 278 25.86 -18.38 0.02
C CYS B 278 26.25 -18.43 -1.45
N ALA B 279 27.55 -18.34 -1.77
CA ALA B 279 27.94 -17.96 -3.12
C ALA B 279 29.05 -18.78 -3.78
N LEU B 280 29.42 -19.95 -3.26
CA LEU B 280 30.52 -20.67 -3.90
C LEU B 280 30.07 -21.43 -5.13
N ASP B 281 29.06 -22.30 -5.00
CA ASP B 281 28.67 -23.14 -6.12
C ASP B 281 27.21 -22.95 -6.47
N PRO B 282 26.87 -23.02 -7.75
CA PRO B 282 25.46 -22.97 -8.16
C PRO B 282 24.56 -23.98 -7.44
N LEU B 283 25.07 -24.73 -6.47
CA LEU B 283 24.18 -25.32 -5.49
C LEU B 283 24.11 -24.45 -4.24
N SER B 284 25.19 -23.73 -3.94
CA SER B 284 25.27 -22.99 -2.68
C SER B 284 24.21 -21.92 -2.61
N GLU B 285 24.03 -21.15 -3.67
CA GLU B 285 22.95 -20.16 -3.70
C GLU B 285 21.60 -20.83 -3.58
N THR B 286 21.40 -21.94 -4.29
CA THR B 286 20.14 -22.66 -4.21
C THR B 286 19.76 -22.93 -2.77
N LYS B 287 20.70 -23.53 -2.03
CA LYS B 287 20.51 -23.73 -0.61
C LYS B 287 20.27 -22.42 0.11
N CYS B 288 21.15 -21.45 -0.12
CA CYS B 288 21.14 -20.20 0.64
C CYS B 288 19.81 -19.48 0.50
N THR B 289 19.11 -19.72 -0.59
CA THR B 289 17.88 -18.98 -0.80
C THR B 289 16.64 -19.80 -0.46
N LEU B 290 16.59 -21.07 -0.83
CA LEU B 290 15.40 -21.84 -0.50
C LEU B 290 15.33 -22.22 0.96
N LYS B 291 16.30 -21.80 1.77
CA LYS B 291 16.23 -21.89 3.23
C LYS B 291 15.99 -23.32 3.67
N SER B 292 16.88 -24.21 3.24
CA SER B 292 16.79 -25.61 3.62
C SER B 292 18.11 -26.29 3.29
N PHE B 293 18.52 -27.19 4.16
CA PHE B 293 19.66 -28.01 3.79
C PHE B 293 19.31 -29.01 2.80
N THR B 294 18.14 -28.84 2.21
CA THR B 294 17.60 -29.80 1.28
C THR B 294 16.97 -29.07 0.12
N VAL B 295 17.29 -29.51 -1.10
CA VAL B 295 16.73 -28.93 -2.35
C VAL B 295 15.76 -29.97 -2.94
N GLU B 296 14.46 -29.63 -3.03
CA GLU B 296 13.43 -30.56 -3.56
C GLU B 296 13.37 -30.48 -5.09
N LYS B 297 12.52 -31.32 -5.70
CA LYS B 297 12.34 -31.36 -7.17
C LYS B 297 11.62 -30.09 -7.62
N GLY B 298 12.06 -29.49 -8.73
CA GLY B 298 11.45 -28.27 -9.23
C GLY B 298 12.47 -27.42 -9.96
N ILE B 299 12.20 -26.12 -9.99
CA ILE B 299 13.06 -25.14 -10.64
C ILE B 299 12.97 -23.83 -9.89
N TYR B 300 14.13 -23.29 -9.49
CA TYR B 300 14.14 -22.19 -8.52
C TYR B 300 15.01 -21.10 -9.07
N GLN B 301 14.39 -20.07 -9.63
CA GLN B 301 15.17 -18.97 -10.18
C GLN B 301 15.86 -18.28 -9.01
N THR B 302 17.19 -18.31 -9.01
CA THR B 302 17.93 -17.59 -7.99
C THR B 302 18.26 -16.18 -8.43
N SER B 303 18.95 -16.04 -9.54
CA SER B 303 19.50 -14.74 -9.88
C SER B 303 19.68 -14.64 -11.38
N ASN B 304 20.36 -13.59 -11.80
CA ASN B 304 20.70 -13.39 -13.20
C ASN B 304 22.21 -13.20 -13.19
N PHE B 305 22.74 -12.61 -14.24
CA PHE B 305 24.17 -12.37 -14.31
C PHE B 305 24.46 -11.03 -14.93
N ARG B 306 25.42 -10.31 -14.35
CA ARG B 306 25.91 -9.05 -14.88
C ARG B 306 27.33 -9.26 -15.39
N VAL B 307 27.52 -9.10 -16.70
CA VAL B 307 28.81 -9.33 -17.29
C VAL B 307 29.79 -8.31 -16.75
N GLN B 308 30.98 -8.75 -16.37
CA GLN B 308 32.03 -7.82 -16.00
C GLN B 308 32.57 -7.16 -17.26
N PRO B 309 32.33 -5.90 -17.48
CA PRO B 309 32.89 -5.24 -18.66
C PRO B 309 34.40 -5.11 -18.57
N THR B 310 35.06 -4.57 -19.59
CA THR B 310 36.53 -4.57 -19.67
C THR B 310 37.05 -3.15 -19.90
N GLU B 311 37.80 -2.63 -18.92
CA GLU B 311 38.67 -1.44 -19.10
C GLU B 311 37.88 -0.23 -19.60
N SER B 312 37.04 0.29 -18.71
CA SER B 312 36.19 1.43 -19.02
C SER B 312 36.94 2.51 -19.79
N ILE B 313 36.20 3.27 -20.59
CA ILE B 313 36.77 4.23 -21.52
C ILE B 313 36.50 5.65 -21.04
N VAL B 314 37.28 6.60 -21.58
CA VAL B 314 37.15 8.03 -21.25
C VAL B 314 37.41 8.85 -22.50
N ARG B 315 36.47 9.74 -22.83
CA ARG B 315 36.57 10.55 -24.04
C ARG B 315 36.05 11.96 -23.78
N PHE B 316 36.95 12.92 -23.77
CA PHE B 316 36.67 14.34 -23.61
C PHE B 316 37.34 15.09 -24.75
N PRO B 317 36.92 16.33 -25.02
CA PRO B 317 37.48 17.07 -26.17
C PRO B 317 38.95 17.43 -26.06
N ASN B 318 39.42 18.28 -26.97
CA ASN B 318 40.84 18.57 -27.13
C ASN B 318 41.30 19.90 -26.54
N ILE B 319 40.40 20.88 -26.38
CA ILE B 319 40.83 22.19 -25.91
C ILE B 319 41.30 22.07 -24.47
N THR B 320 42.33 22.86 -24.12
CA THR B 320 42.94 22.79 -22.79
C THR B 320 43.32 24.21 -22.33
N ASN B 321 42.41 24.86 -21.61
CA ASN B 321 42.63 26.21 -21.13
C ASN B 321 41.63 26.48 -20.02
N LEU B 322 41.99 27.39 -19.13
CA LEU B 322 41.18 27.65 -17.96
C LEU B 322 40.39 28.94 -18.13
N CYS B 323 39.75 29.36 -17.03
CA CYS B 323 38.91 30.59 -17.03
C CYS B 323 39.74 31.77 -16.49
N PRO B 324 39.24 33.02 -16.55
CA PRO B 324 39.98 34.18 -16.06
C PRO B 324 40.08 34.19 -14.53
N PHE B 325 41.21 34.65 -14.00
CA PHE B 325 41.43 34.70 -12.53
C PHE B 325 42.25 35.95 -12.18
N GLY B 326 42.23 36.95 -13.08
CA GLY B 326 42.97 38.21 -12.86
C GLY B 326 42.70 38.79 -11.49
N GLU B 327 41.43 39.09 -11.19
CA GLU B 327 41.05 39.66 -9.87
C GLU B 327 40.46 38.53 -9.00
N VAL B 328 40.97 37.31 -9.16
CA VAL B 328 40.47 36.14 -8.38
C VAL B 328 41.61 35.63 -7.48
N PHE B 329 42.59 34.94 -8.07
CA PHE B 329 43.74 34.38 -7.30
C PHE B 329 45.05 34.78 -7.96
N ASN B 330 46.16 34.63 -7.22
CA ASN B 330 47.51 34.99 -7.74
C ASN B 330 47.48 36.41 -8.31
N ARG B 342 30.03 44.05 -12.05
CA ARG B 342 29.64 42.64 -12.01
C ARG B 342 29.74 42.04 -13.41
N LYS B 343 30.38 40.89 -13.54
CA LYS B 343 30.61 40.34 -14.86
C LYS B 343 30.52 38.83 -14.84
N ARG B 344 30.66 38.24 -16.03
CA ARG B 344 30.69 36.80 -16.28
C ARG B 344 31.83 36.51 -17.24
N ILE B 345 32.15 35.23 -17.41
CA ILE B 345 33.14 34.80 -18.40
C ILE B 345 33.01 33.30 -18.59
N SER B 346 33.65 32.80 -19.65
CA SER B 346 33.57 31.37 -19.97
C SER B 346 34.88 30.82 -20.52
N ASN B 347 34.80 29.63 -21.15
CA ASN B 347 35.95 28.91 -21.72
C ASN B 347 36.97 28.54 -20.64
N CYS B 348 36.54 27.62 -19.77
CA CYS B 348 37.36 27.07 -18.71
C CYS B 348 37.24 25.55 -18.71
N VAL B 349 38.35 24.86 -19.00
CA VAL B 349 38.45 23.42 -18.75
C VAL B 349 39.71 23.24 -17.90
N ALA B 350 39.55 23.31 -16.58
CA ALA B 350 40.64 23.69 -15.69
C ALA B 350 40.81 22.71 -14.55
N ASP B 351 42.06 22.57 -14.10
CA ASP B 351 42.41 21.74 -12.96
C ASP B 351 42.04 22.50 -11.69
N TYR B 352 40.87 22.23 -11.16
CA TYR B 352 40.41 22.95 -9.98
C TYR B 352 41.10 22.54 -8.71
N SER B 353 42.09 21.66 -8.76
CA SER B 353 42.69 21.19 -7.52
C SER B 353 43.36 22.33 -6.74
N VAL B 354 44.50 22.80 -7.23
CA VAL B 354 45.38 23.62 -6.38
C VAL B 354 44.82 25.02 -6.19
N LEU B 355 44.04 25.54 -7.14
CA LEU B 355 43.41 26.83 -6.96
C LEU B 355 41.91 26.71 -6.74
N TYR B 356 41.43 25.51 -6.41
CA TYR B 356 40.13 25.37 -5.76
C TYR B 356 40.28 25.22 -4.26
N ASN B 357 41.12 24.28 -3.83
CA ASN B 357 41.58 24.27 -2.45
C ASN B 357 42.86 25.08 -2.30
N SER B 358 42.81 26.33 -2.78
CA SER B 358 43.83 27.30 -2.45
C SER B 358 43.85 27.51 -0.95
N ALA B 359 45.00 27.33 -0.33
CA ALA B 359 45.05 27.26 1.11
C ALA B 359 44.60 28.54 1.79
N SER B 360 44.07 29.50 1.03
CA SER B 360 43.44 30.65 1.67
C SER B 360 42.25 30.24 2.51
N PHE B 361 41.60 29.13 2.15
CA PHE B 361 40.74 28.41 3.06
C PHE B 361 41.57 27.37 3.81
N SER B 362 40.93 26.69 4.76
CA SER B 362 41.52 25.48 5.29
C SER B 362 41.50 24.38 4.23
N THR B 363 40.31 24.13 3.66
CA THR B 363 40.14 23.27 2.49
C THR B 363 38.88 23.74 1.75
N PHE B 364 38.87 23.54 0.44
CA PHE B 364 37.81 24.08 -0.42
C PHE B 364 36.49 23.41 -0.09
N LYS B 365 35.70 24.06 0.78
CA LYS B 365 34.39 23.57 1.20
C LYS B 365 33.37 24.67 0.97
N CYS B 366 32.94 24.77 -0.26
CA CYS B 366 31.83 25.63 -0.63
C CYS B 366 30.58 24.77 -0.71
N TYR B 367 29.62 25.02 0.16
CA TYR B 367 28.42 24.19 0.15
C TYR B 367 27.77 24.28 -1.21
N GLY B 368 27.41 23.12 -1.74
CA GLY B 368 27.08 23.00 -3.14
C GLY B 368 28.19 22.43 -3.97
N VAL B 369 29.20 21.81 -3.36
CA VAL B 369 30.40 21.37 -4.07
C VAL B 369 30.90 20.08 -3.46
N SER B 370 31.21 19.10 -4.32
CA SER B 370 31.91 17.88 -3.93
C SER B 370 33.21 17.79 -4.71
N PRO B 371 34.21 18.63 -4.37
CA PRO B 371 35.46 18.60 -5.12
C PRO B 371 36.06 17.23 -5.14
N THR B 372 35.64 16.37 -4.22
CA THR B 372 35.90 14.95 -4.30
C THR B 372 35.62 14.45 -5.71
N LYS B 373 34.56 14.95 -6.33
CA LYS B 373 34.19 14.45 -7.64
C LYS B 373 34.11 15.51 -8.71
N LEU B 374 33.81 16.75 -8.37
CA LEU B 374 33.36 17.67 -9.40
C LEU B 374 34.38 17.85 -10.51
N ASN B 375 35.66 17.58 -10.23
CA ASN B 375 36.68 17.69 -11.26
C ASN B 375 36.48 16.67 -12.38
N ASP B 376 35.68 15.62 -12.16
CA ASP B 376 35.52 14.56 -13.15
C ASP B 376 34.28 14.73 -14.01
N LEU B 377 33.41 15.68 -13.71
CA LEU B 377 32.21 15.81 -14.49
C LEU B 377 32.41 16.81 -15.62
N CYS B 378 31.53 16.73 -16.62
CA CYS B 378 31.60 17.61 -17.78
C CYS B 378 30.37 18.50 -17.88
N PHE B 379 30.62 19.77 -18.18
CA PHE B 379 29.65 20.85 -18.08
C PHE B 379 29.33 21.43 -19.45
N THR B 380 28.38 22.36 -19.47
CA THR B 380 27.98 23.06 -20.68
C THR B 380 27.98 24.58 -20.55
N ASN B 381 28.22 25.15 -19.37
CA ASN B 381 28.15 26.59 -19.18
C ASN B 381 29.32 27.04 -18.34
N VAL B 382 29.54 28.35 -18.33
CA VAL B 382 30.46 29.01 -17.39
C VAL B 382 29.85 30.35 -17.01
N TYR B 383 29.39 30.47 -15.77
CA TYR B 383 28.81 31.70 -15.24
C TYR B 383 29.56 32.08 -13.98
N ALA B 384 30.39 33.11 -14.07
CA ALA B 384 31.21 33.54 -12.94
C ALA B 384 30.87 34.99 -12.62
N ASP B 385 29.92 35.19 -11.71
CA ASP B 385 29.54 36.53 -11.30
C ASP B 385 30.39 36.98 -10.13
N SER B 386 31.03 38.14 -10.26
CA SER B 386 31.88 38.66 -9.20
C SER B 386 31.63 40.16 -9.07
N PHE B 387 31.07 40.56 -7.95
CA PHE B 387 30.71 41.94 -7.71
C PHE B 387 31.15 42.30 -6.31
N VAL B 388 31.43 43.59 -6.10
CA VAL B 388 32.02 44.02 -4.84
C VAL B 388 30.97 43.80 -3.76
N ILE B 389 31.24 42.84 -2.89
CA ILE B 389 30.62 42.72 -1.59
C ILE B 389 31.74 42.45 -0.59
N ARG B 390 31.36 42.26 0.67
CA ARG B 390 32.31 41.93 1.71
C ARG B 390 32.41 40.42 1.87
N GLY B 391 33.34 39.98 2.69
CA GLY B 391 33.51 38.56 2.87
C GLY B 391 33.46 38.06 4.30
N ASP B 392 33.15 38.94 5.25
CA ASP B 392 32.77 38.49 6.58
C ASP B 392 31.26 38.39 6.76
N GLU B 393 30.48 38.50 5.69
CA GLU B 393 29.03 38.33 5.72
C GLU B 393 28.60 37.16 4.84
N VAL B 394 29.32 36.04 4.92
CA VAL B 394 29.03 34.88 4.08
C VAL B 394 27.58 34.45 4.25
N ARG B 395 27.18 34.19 5.49
CA ARG B 395 25.80 33.77 5.73
C ARG B 395 24.83 34.80 5.18
N GLN B 396 25.15 36.09 5.29
CA GLN B 396 24.30 37.10 4.69
C GLN B 396 24.15 36.84 3.21
N ILE B 397 25.24 37.02 2.47
CA ILE B 397 25.22 36.89 1.03
C ILE B 397 25.28 35.40 0.71
N ALA B 398 24.13 34.79 0.47
CA ALA B 398 24.05 33.35 0.34
C ALA B 398 22.65 32.98 -0.15
N PRO B 399 22.46 31.77 -0.66
CA PRO B 399 21.13 31.21 -0.68
C PRO B 399 20.54 31.24 0.72
N GLY B 400 19.22 31.16 0.79
CA GLY B 400 18.55 31.47 2.02
C GLY B 400 18.70 32.96 2.24
N GLN B 401 18.68 33.70 1.14
CA GLN B 401 18.89 35.13 1.16
C GLN B 401 17.64 35.83 1.66
N THR B 402 17.86 36.81 2.55
CA THR B 402 16.82 37.69 3.03
C THR B 402 17.49 38.88 3.70
N GLY B 403 17.03 40.07 3.35
CA GLY B 403 17.63 41.32 3.78
C GLY B 403 17.74 42.31 2.64
N LYS B 404 18.11 43.54 3.00
CA LYS B 404 18.21 44.59 1.99
C LYS B 404 19.19 44.19 0.89
N ILE B 405 20.16 43.34 1.21
CA ILE B 405 21.01 42.73 0.19
C ILE B 405 20.16 42.03 -0.85
N ALA B 406 19.19 41.23 -0.39
CA ALA B 406 18.37 40.48 -1.32
C ALA B 406 17.45 41.38 -2.13
N ASP B 407 16.49 42.03 -1.47
CA ASP B 407 15.51 42.82 -2.20
C ASP B 407 16.16 44.04 -2.85
N TYR B 408 16.76 44.93 -2.05
CA TYR B 408 17.44 46.10 -2.61
C TYR B 408 18.44 45.71 -3.68
N ASN B 409 19.45 44.97 -3.29
CA ASN B 409 20.69 44.96 -4.03
C ASN B 409 20.91 43.69 -4.85
N TYR B 410 20.97 42.54 -4.19
CA TYR B 410 21.52 41.38 -4.86
C TYR B 410 21.09 40.12 -4.15
N LYS B 411 20.35 39.26 -4.85
CA LYS B 411 20.13 37.88 -4.42
C LYS B 411 19.73 37.07 -5.65
N LEU B 412 20.69 36.36 -6.21
CA LEU B 412 20.37 35.47 -7.32
C LEU B 412 19.53 34.29 -6.82
N PRO B 413 18.62 33.78 -7.64
CA PRO B 413 17.76 32.67 -7.21
C PRO B 413 18.54 31.44 -6.77
N ASP B 414 17.81 30.55 -6.10
CA ASP B 414 18.37 29.36 -5.45
C ASP B 414 18.65 28.29 -6.51
N ASP B 415 19.93 28.17 -6.86
CA ASP B 415 20.42 27.09 -7.71
C ASP B 415 21.75 26.58 -7.15
N PHE B 416 22.01 25.29 -7.34
CA PHE B 416 23.12 24.63 -6.66
C PHE B 416 24.46 25.26 -7.04
N THR B 417 25.16 25.81 -6.04
CA THR B 417 26.26 26.74 -6.27
C THR B 417 27.38 26.51 -5.27
N GLY B 418 28.55 27.07 -5.57
CA GLY B 418 29.65 27.10 -4.62
C GLY B 418 29.83 28.45 -3.91
N CYS B 419 31.04 28.75 -3.44
CA CYS B 419 31.19 29.90 -2.55
C CYS B 419 32.52 30.57 -2.83
N VAL B 420 32.78 31.63 -2.07
CA VAL B 420 33.87 32.57 -2.35
C VAL B 420 34.92 32.45 -1.24
N ILE B 421 36.14 32.88 -1.56
CA ILE B 421 37.30 32.61 -0.73
C ILE B 421 37.70 33.89 0.02
N ALA B 422 38.54 33.72 1.03
CA ALA B 422 38.89 34.74 1.99
C ALA B 422 40.12 35.53 1.56
N TRP B 423 40.11 36.83 1.85
CA TRP B 423 41.27 37.68 1.59
C TRP B 423 41.04 39.08 2.14
N ASN B 424 42.09 39.88 2.05
CA ASN B 424 42.13 41.30 2.39
C ASN B 424 42.09 42.11 1.10
N SER B 425 41.27 43.16 1.09
CA SER B 425 41.11 43.98 -0.09
C SER B 425 41.00 45.48 0.20
N ASN B 426 40.41 45.90 1.31
CA ASN B 426 40.50 47.32 1.66
C ASN B 426 41.93 47.73 1.92
N ASN B 427 42.65 46.93 2.70
CA ASN B 427 44.03 47.24 3.04
C ASN B 427 44.99 46.23 2.42
N LEU B 428 44.61 45.63 1.29
CA LEU B 428 45.52 44.80 0.51
C LEU B 428 45.44 45.12 -0.98
N ASP B 429 44.88 46.27 -1.36
CA ASP B 429 44.84 46.72 -2.75
C ASP B 429 45.93 47.71 -3.10
N TYR B 436 36.54 50.16 1.35
CA TYR B 436 36.80 51.55 1.15
C TYR B 436 35.50 52.33 1.08
N ASN B 437 35.34 53.09 0.00
CA ASN B 437 34.16 53.91 -0.23
C ASN B 437 33.14 53.23 -1.13
N TYR B 438 33.07 51.90 -1.13
CA TYR B 438 32.30 51.21 -2.13
C TYR B 438 30.96 50.71 -1.60
N LEU B 439 29.94 50.81 -2.44
CA LEU B 439 28.56 50.80 -2.04
C LEU B 439 27.86 49.58 -2.61
N TYR B 440 26.71 49.28 -2.01
CA TYR B 440 25.74 48.33 -2.55
C TYR B 440 24.98 48.96 -3.71
N ARG B 441 23.82 48.41 -4.04
CA ARG B 441 22.95 49.01 -5.03
C ARG B 441 21.85 49.82 -4.39
N ASN B 447 11.85 44.59 -2.49
CA ASN B 447 12.28 45.83 -3.10
C ASN B 447 12.59 45.64 -4.58
N LEU B 448 13.69 44.97 -4.89
CA LEU B 448 14.05 44.66 -6.27
C LEU B 448 14.34 43.18 -6.41
N LYS B 449 14.11 42.66 -7.61
CA LYS B 449 14.34 41.26 -7.93
C LYS B 449 15.70 41.11 -8.61
N PRO B 450 16.24 39.89 -8.71
CA PRO B 450 17.63 39.73 -9.17
C PRO B 450 17.82 40.17 -10.62
N PHE B 451 19.04 39.96 -11.10
CA PHE B 451 19.42 40.28 -12.48
C PHE B 451 19.12 41.74 -12.82
N GLU B 452 19.09 42.59 -11.80
CA GLU B 452 18.59 43.94 -11.97
C GLU B 452 19.58 45.00 -11.48
N ARG B 453 19.53 46.16 -12.14
CA ARG B 453 20.40 47.28 -11.89
C ARG B 453 19.54 48.52 -11.68
N ASP B 454 20.17 49.58 -11.19
CA ASP B 454 19.51 50.88 -11.02
C ASP B 454 20.58 51.93 -10.78
N ILE B 455 20.42 53.11 -11.38
CA ILE B 455 21.47 54.12 -11.32
C ILE B 455 21.19 55.18 -10.27
N SER B 456 20.19 56.03 -10.50
CA SER B 456 19.90 57.16 -9.62
C SER B 456 18.84 56.75 -8.63
N THR B 457 19.24 56.49 -7.39
CA THR B 457 18.36 55.89 -6.40
C THR B 457 17.22 56.85 -6.12
N GLU B 458 16.09 56.64 -6.80
CA GLU B 458 14.91 57.43 -6.54
C GLU B 458 14.34 57.08 -5.17
N ILE B 459 13.33 57.86 -4.75
CA ILE B 459 12.80 57.72 -3.41
C ILE B 459 12.31 56.29 -3.18
N TYR B 460 12.47 55.81 -1.96
CA TYR B 460 12.05 54.46 -1.61
C TYR B 460 11.24 54.48 -0.31
N ASN B 474 11.48 62.03 3.63
CA ASN B 474 11.59 61.07 2.54
C ASN B 474 12.39 59.86 2.99
N CYS B 475 13.68 59.82 2.68
CA CYS B 475 14.55 58.70 3.03
C CYS B 475 15.58 59.14 4.07
N TYR B 476 16.60 58.32 4.27
CA TYR B 476 17.68 58.57 5.23
C TYR B 476 19.00 58.81 4.49
N PHE B 477 20.07 58.96 5.27
CA PHE B 477 21.41 59.18 4.73
C PHE B 477 21.84 57.98 3.89
N PRO B 478 22.12 58.15 2.59
CA PRO B 478 22.07 56.99 1.69
C PRO B 478 23.27 56.04 1.78
N LEU B 479 24.49 56.54 1.67
CA LEU B 479 25.60 55.66 1.34
C LEU B 479 26.03 54.80 2.52
N GLN B 480 26.94 53.87 2.26
CA GLN B 480 27.51 53.00 3.28
C GLN B 480 28.81 52.41 2.77
N SER B 481 29.82 52.41 3.63
CA SER B 481 31.18 52.14 3.22
C SER B 481 31.77 50.96 3.98
N TYR B 482 32.59 50.19 3.27
CA TYR B 482 33.32 49.04 3.77
C TYR B 482 34.78 49.49 3.76
N GLY B 483 35.16 50.27 4.77
CA GLY B 483 36.35 51.07 4.67
C GLY B 483 37.61 50.35 5.11
N PHE B 484 38.71 51.12 5.16
CA PHE B 484 39.94 50.65 5.80
C PHE B 484 39.78 50.81 7.30
N GLN B 485 38.65 50.38 7.83
CA GLN B 485 38.43 50.33 9.26
C GLN B 485 37.92 48.93 9.58
N PRO B 486 38.63 47.89 9.15
CA PRO B 486 38.06 46.54 9.19
C PRO B 486 37.87 45.99 10.59
N THR B 487 38.07 46.82 11.61
CA THR B 487 37.77 46.47 12.97
C THR B 487 37.49 47.76 13.74
N VAL B 490 36.05 43.57 11.57
CA VAL B 490 34.63 43.87 11.54
C VAL B 490 33.95 42.89 10.61
N GLY B 491 32.64 42.70 10.82
CA GLY B 491 31.88 41.65 10.16
C GLY B 491 31.55 41.90 8.70
N TYR B 492 32.40 42.64 8.01
CA TYR B 492 32.30 42.84 6.57
C TYR B 492 33.68 42.86 5.93
N GLN B 493 34.55 41.97 6.36
CA GLN B 493 35.86 41.77 5.76
C GLN B 493 35.68 41.50 4.27
N PRO B 494 36.70 41.70 3.44
CA PRO B 494 36.46 41.69 2.00
C PRO B 494 36.61 40.33 1.31
N TYR B 495 35.56 39.82 0.68
CA TYR B 495 35.69 38.88 -0.43
C TYR B 495 34.88 39.42 -1.59
N ARG B 496 35.37 39.22 -2.81
CA ARG B 496 34.59 39.52 -4.02
C ARG B 496 33.87 38.23 -4.42
N VAL B 497 32.55 38.20 -4.17
CA VAL B 497 31.70 37.03 -4.32
C VAL B 497 32.04 36.26 -5.60
N VAL B 498 32.05 34.93 -5.52
CA VAL B 498 32.24 34.11 -6.71
C VAL B 498 31.16 33.03 -6.74
N VAL B 499 30.93 32.50 -7.94
CA VAL B 499 29.74 31.71 -8.22
C VAL B 499 30.13 30.42 -8.91
N LEU B 500 29.27 29.41 -8.75
CA LEU B 500 29.28 28.19 -9.54
C LEU B 500 28.60 28.39 -10.87
N SER B 501 28.94 27.52 -11.81
CA SER B 501 28.24 27.40 -13.07
C SER B 501 27.90 25.95 -13.30
N PHE B 502 26.71 25.69 -13.85
CA PHE B 502 26.25 24.32 -13.92
C PHE B 502 24.96 24.29 -14.73
N GLU B 503 24.83 23.27 -15.57
CA GLU B 503 23.68 23.10 -16.44
C GLU B 503 23.31 21.63 -16.51
N LEU B 504 22.01 21.37 -16.69
CA LEU B 504 21.46 20.02 -16.56
C LEU B 504 21.08 19.42 -17.91
N LEU B 505 22.11 19.00 -18.64
CA LEU B 505 22.00 18.12 -19.81
C LEU B 505 21.17 18.70 -20.94
N HIS B 506 20.64 19.91 -20.80
CA HIS B 506 19.63 20.39 -21.72
C HIS B 506 20.22 20.91 -23.03
N ALA B 507 21.42 20.51 -23.40
CA ALA B 507 22.12 21.21 -24.47
C ALA B 507 23.35 20.43 -24.91
N PRO B 508 24.11 20.93 -25.89
CA PRO B 508 25.39 20.31 -26.22
C PRO B 508 26.30 20.20 -25.02
N ALA B 509 27.14 19.18 -25.08
CA ALA B 509 28.16 18.91 -24.08
C ALA B 509 29.48 19.46 -24.60
N THR B 510 30.12 20.33 -23.80
CA THR B 510 31.37 20.94 -24.25
C THR B 510 32.47 21.08 -23.21
N VAL B 511 32.19 21.07 -21.92
CA VAL B 511 33.11 21.66 -20.96
C VAL B 511 33.46 20.65 -19.87
N CYS B 512 34.75 20.29 -19.78
CA CYS B 512 35.30 19.66 -18.58
C CYS B 512 36.81 19.57 -18.67
N GLY B 513 37.45 19.65 -17.50
CA GLY B 513 38.89 19.67 -17.39
C GLY B 513 39.53 18.35 -17.78
N PRO B 514 40.26 18.37 -18.87
CA PRO B 514 40.70 17.11 -19.50
C PRO B 514 41.65 16.28 -18.66
N LYS B 515 41.27 15.05 -18.42
CA LYS B 515 42.20 14.05 -17.93
C LYS B 515 42.70 13.21 -19.10
N LYS B 516 43.21 12.02 -18.81
CA LYS B 516 43.90 11.20 -19.81
C LYS B 516 43.19 11.15 -21.16
N SER B 517 41.86 11.18 -21.17
CA SER B 517 41.07 11.24 -22.41
C SER B 517 41.39 10.03 -23.31
N THR B 518 40.99 8.87 -22.82
CA THR B 518 41.35 7.61 -23.46
C THR B 518 40.80 7.54 -24.88
N ASN B 519 41.27 6.52 -25.61
CA ASN B 519 40.70 6.20 -26.90
C ASN B 519 39.66 5.10 -26.74
N LEU B 520 38.70 5.08 -27.65
CA LEU B 520 37.48 4.31 -27.48
C LEU B 520 37.61 2.92 -28.11
N VAL B 521 36.82 1.99 -27.57
CA VAL B 521 36.62 0.68 -28.17
C VAL B 521 35.15 0.58 -28.53
N LYS B 522 34.75 -0.56 -29.06
CA LYS B 522 33.37 -0.74 -29.48
C LYS B 522 32.98 -2.18 -29.23
N ASN B 523 31.76 -2.50 -29.67
CA ASN B 523 31.27 -3.86 -29.89
C ASN B 523 31.67 -4.87 -28.83
N LYS B 524 31.84 -4.41 -27.59
CA LYS B 524 32.09 -5.28 -26.45
C LYS B 524 31.55 -4.57 -25.22
N CYS B 525 30.45 -5.11 -24.69
CA CYS B 525 29.73 -4.52 -23.53
C CYS B 525 30.71 -4.04 -22.46
N VAL B 526 31.21 -2.81 -22.57
CA VAL B 526 32.11 -2.31 -21.54
C VAL B 526 31.59 -0.96 -21.09
N ASN B 527 31.82 -0.66 -19.82
CA ASN B 527 31.35 0.61 -19.26
C ASN B 527 32.09 1.76 -19.90
N PHE B 528 31.41 2.90 -19.98
CA PHE B 528 31.94 4.14 -20.48
C PHE B 528 31.58 5.26 -19.53
N ASN B 529 32.47 6.24 -19.43
CA ASN B 529 32.18 7.44 -18.66
C ASN B 529 32.03 8.56 -19.68
N PHE B 530 31.29 8.25 -20.73
CA PHE B 530 31.37 8.90 -22.02
C PHE B 530 31.04 10.39 -21.88
N ASN B 531 32.10 11.20 -21.93
CA ASN B 531 32.05 12.66 -21.87
C ASN B 531 31.45 13.14 -20.55
N GLY B 532 31.62 12.34 -19.50
CA GLY B 532 30.99 12.58 -18.23
C GLY B 532 29.68 11.86 -18.02
N LEU B 533 28.95 11.53 -19.09
CA LEU B 533 27.71 10.78 -19.03
C LEU B 533 28.03 9.30 -19.08
N THR B 534 27.67 8.58 -18.04
CA THR B 534 28.20 7.24 -17.80
C THR B 534 27.17 6.18 -18.14
N GLY B 535 27.65 4.97 -18.41
CA GLY B 535 26.75 3.85 -18.59
C GLY B 535 27.48 2.63 -19.09
N THR B 536 26.81 1.48 -18.95
CA THR B 536 27.34 0.22 -19.41
C THR B 536 26.40 -0.41 -20.41
N GLY B 537 26.98 -1.25 -21.26
CA GLY B 537 26.29 -1.79 -22.41
C GLY B 537 27.30 -1.93 -23.52
N VAL B 538 26.87 -1.86 -24.78
CA VAL B 538 27.77 -2.02 -25.90
C VAL B 538 27.77 -0.71 -26.69
N LEU B 539 28.67 -0.64 -27.68
CA LEU B 539 28.83 0.53 -28.53
C LEU B 539 28.77 0.12 -29.99
N THR B 540 27.63 0.38 -30.63
CA THR B 540 27.41 0.13 -32.06
C THR B 540 27.42 1.46 -32.81
N GLU B 541 27.95 1.43 -34.03
CA GLU B 541 27.91 2.59 -34.92
C GLU B 541 26.46 2.89 -35.28
N SER B 542 25.91 3.94 -34.68
CA SER B 542 24.48 4.22 -34.80
C SER B 542 24.12 4.57 -36.23
N ASN B 543 23.41 3.66 -36.90
CA ASN B 543 22.94 3.93 -38.25
C ASN B 543 21.92 5.06 -38.28
N LYS B 544 21.33 5.40 -37.15
CA LYS B 544 20.43 6.54 -37.08
C LYS B 544 21.14 7.79 -37.53
N LYS B 545 20.70 8.35 -38.66
CA LYS B 545 21.28 9.59 -39.16
C LYS B 545 20.81 10.71 -38.25
N PHE B 546 21.70 11.18 -37.38
CA PHE B 546 21.32 12.30 -36.56
C PHE B 546 21.14 13.55 -37.37
N LEU B 547 20.81 14.59 -36.64
CA LEU B 547 20.57 15.90 -37.20
C LEU B 547 21.47 16.89 -36.48
N PRO B 548 21.85 17.94 -37.16
CA PRO B 548 22.94 18.81 -36.69
C PRO B 548 22.82 19.30 -35.26
N PHE B 549 21.71 18.97 -34.61
CA PHE B 549 21.41 19.53 -33.31
C PHE B 549 21.30 18.47 -32.23
N GLN B 550 22.18 17.47 -32.20
CA GLN B 550 21.97 16.37 -31.29
C GLN B 550 23.29 16.02 -30.62
N GLN B 551 23.27 15.96 -29.30
CA GLN B 551 24.44 15.64 -28.52
C GLN B 551 24.30 14.36 -27.72
N PHE B 552 23.11 14.10 -27.19
CA PHE B 552 22.82 12.84 -26.55
C PHE B 552 21.31 12.73 -26.42
N GLY B 553 20.75 11.62 -26.91
CA GLY B 553 19.32 11.42 -26.94
C GLY B 553 18.92 10.28 -26.02
N ARG B 554 17.62 9.98 -26.03
CA ARG B 554 17.06 8.88 -25.26
C ARG B 554 15.94 8.21 -26.04
N ASP B 555 16.00 6.88 -26.15
CA ASP B 555 14.88 6.18 -26.78
C ASP B 555 13.62 6.42 -25.97
N ILE B 556 13.58 5.91 -24.75
CA ILE B 556 12.40 6.13 -23.93
C ILE B 556 12.75 5.94 -22.47
N ALA B 557 12.45 6.94 -21.65
CA ALA B 557 12.52 6.82 -20.21
C ALA B 557 13.88 6.30 -19.75
N ASP B 558 14.86 7.21 -19.76
CA ASP B 558 16.21 7.01 -19.26
C ASP B 558 17.08 6.30 -20.27
N THR B 559 16.52 5.60 -21.25
CA THR B 559 17.31 4.79 -22.18
C THR B 559 18.03 5.71 -23.16
N THR B 560 19.14 6.27 -22.69
CA THR B 560 19.99 7.04 -23.59
C THR B 560 20.47 6.15 -24.74
N ASP B 561 20.60 6.75 -25.92
CA ASP B 561 21.07 6.07 -27.13
C ASP B 561 22.28 6.76 -27.76
N ALA B 562 22.29 8.07 -27.80
CA ALA B 562 23.25 8.80 -28.60
C ALA B 562 24.61 8.79 -27.95
N VAL B 563 25.62 8.48 -28.75
CA VAL B 563 27.00 8.56 -28.32
C VAL B 563 27.79 9.27 -29.40
N ARG B 564 27.97 10.56 -29.23
CA ARG B 564 28.70 11.38 -30.17
C ARG B 564 29.97 11.86 -29.48
N ASP B 565 31.12 11.38 -29.94
CA ASP B 565 32.35 11.63 -29.22
C ASP B 565 32.65 13.13 -29.18
N PRO B 566 33.24 13.64 -28.09
CA PRO B 566 33.47 15.08 -27.98
C PRO B 566 34.70 15.59 -28.74
N GLN B 567 35.35 14.78 -29.57
CA GLN B 567 36.51 15.25 -30.30
C GLN B 567 36.43 15.07 -31.80
N THR B 568 36.03 13.89 -32.29
CA THR B 568 35.91 13.66 -33.72
C THR B 568 34.45 13.62 -34.14
N LEU B 569 33.53 13.82 -33.21
CA LEU B 569 32.12 14.11 -33.53
C LEU B 569 31.51 12.97 -34.34
N GLU B 570 31.72 11.74 -33.88
CA GLU B 570 31.17 10.54 -34.47
C GLU B 570 30.09 9.97 -33.57
N ILE B 571 29.03 9.42 -34.17
CA ILE B 571 27.84 9.04 -33.44
C ILE B 571 27.82 7.53 -33.23
N LEU B 572 27.32 7.10 -32.07
CA LEU B 572 27.26 5.69 -31.73
C LEU B 572 25.89 5.30 -31.16
N ASP B 573 25.70 3.99 -30.97
CA ASP B 573 24.49 3.36 -30.47
C ASP B 573 24.79 2.63 -29.16
N ILE B 574 23.74 2.34 -28.39
CA ILE B 574 23.83 1.49 -27.20
C ILE B 574 22.63 0.56 -27.14
N THR B 575 22.86 -0.70 -26.79
CA THR B 575 21.84 -1.65 -26.41
C THR B 575 22.20 -2.21 -25.04
N PRO B 576 21.26 -2.81 -24.33
CA PRO B 576 21.60 -3.56 -23.12
C PRO B 576 22.22 -4.90 -23.51
N CYS B 577 23.46 -5.13 -23.08
CA CYS B 577 24.09 -6.39 -23.47
C CYS B 577 23.42 -7.52 -22.70
N SER B 578 22.87 -8.47 -23.45
CA SER B 578 21.80 -9.34 -22.97
C SER B 578 22.19 -10.05 -21.69
N PHE B 579 21.17 -10.44 -20.93
CA PHE B 579 21.33 -11.18 -19.71
C PHE B 579 19.95 -11.67 -19.30
N GLY B 580 19.89 -12.46 -18.24
CA GLY B 580 18.64 -13.05 -17.85
C GLY B 580 18.84 -13.93 -16.65
N GLY B 581 17.74 -14.51 -16.20
CA GLY B 581 17.75 -15.26 -14.97
C GLY B 581 18.74 -16.41 -15.00
N VAL B 582 19.12 -16.84 -13.80
CA VAL B 582 19.74 -18.13 -13.63
C VAL B 582 18.92 -18.87 -12.59
N SER B 583 18.63 -20.14 -12.88
CA SER B 583 17.81 -20.96 -12.01
C SER B 583 18.55 -22.27 -11.77
N VAL B 584 17.81 -23.28 -11.37
CA VAL B 584 18.35 -24.60 -11.14
C VAL B 584 17.28 -25.59 -11.53
N ILE B 585 17.69 -26.69 -12.13
CA ILE B 585 16.80 -27.82 -12.37
C ILE B 585 17.53 -29.07 -11.88
N THR B 586 17.03 -29.64 -10.79
CA THR B 586 17.59 -30.83 -10.17
C THR B 586 16.47 -31.77 -9.80
N PRO B 587 16.77 -33.05 -9.60
CA PRO B 587 15.75 -33.94 -9.08
C PRO B 587 15.48 -33.73 -7.61
N GLY B 588 16.53 -33.66 -6.80
CA GLY B 588 16.38 -33.61 -5.36
C GLY B 588 17.70 -33.68 -4.61
N THR B 589 17.68 -33.22 -3.37
CA THR B 589 18.87 -33.01 -2.57
C THR B 589 19.82 -34.19 -2.65
N ASN B 590 19.32 -35.36 -2.36
CA ASN B 590 20.19 -36.50 -2.28
C ASN B 590 20.80 -36.88 -3.63
N THR B 591 20.46 -36.14 -4.68
CA THR B 591 21.09 -36.36 -5.99
C THR B 591 21.70 -35.06 -6.47
N SER B 592 21.61 -34.01 -5.67
CA SER B 592 21.89 -32.66 -6.10
C SER B 592 23.34 -32.47 -6.47
N ASN B 593 24.08 -33.56 -6.61
CA ASN B 593 25.46 -33.46 -7.02
C ASN B 593 25.58 -32.78 -8.37
N GLN B 594 24.66 -33.09 -9.29
CA GLN B 594 24.70 -32.53 -10.64
C GLN B 594 23.73 -31.35 -10.79
N VAL B 595 24.11 -30.24 -10.17
CA VAL B 595 23.36 -29.00 -10.32
C VAL B 595 23.38 -28.57 -11.77
N ALA B 596 22.22 -28.55 -12.40
CA ALA B 596 22.06 -28.06 -13.76
C ALA B 596 21.69 -26.58 -13.74
N VAL B 597 22.49 -25.75 -14.40
CA VAL B 597 22.35 -24.30 -14.35
C VAL B 597 21.72 -23.83 -15.64
N LEU B 598 21.38 -22.54 -15.73
CA LEU B 598 20.60 -22.05 -16.86
C LEU B 598 20.79 -20.55 -17.05
N TYR B 599 20.69 -20.12 -18.31
CA TYR B 599 20.81 -18.74 -18.70
C TYR B 599 19.80 -18.49 -19.80
N GLN B 600 19.14 -17.33 -19.77
CA GLN B 600 17.86 -17.17 -20.44
C GLN B 600 18.02 -16.61 -21.84
N ASP B 601 17.78 -17.46 -22.85
CA ASP B 601 17.55 -17.06 -24.23
C ASP B 601 18.78 -16.51 -24.93
N VAL B 602 19.96 -16.70 -24.36
CA VAL B 602 21.19 -16.08 -24.83
C VAL B 602 21.94 -17.07 -25.69
N ASN B 603 22.70 -16.55 -26.65
CA ASN B 603 23.79 -17.27 -27.28
C ASN B 603 24.93 -17.31 -26.27
N CYS B 604 24.78 -18.18 -25.29
CA CYS B 604 25.61 -18.04 -24.09
C CYS B 604 27.04 -18.40 -24.41
N THR B 605 27.71 -17.48 -25.08
CA THR B 605 29.14 -17.59 -25.29
C THR B 605 29.94 -16.75 -24.30
N GLU B 606 29.32 -16.20 -23.25
CA GLU B 606 29.99 -15.32 -22.29
C GLU B 606 30.19 -16.06 -20.98
N VAL B 607 29.64 -17.27 -20.91
CA VAL B 607 29.76 -18.13 -19.69
C VAL B 607 30.72 -19.28 -20.01
N PRO B 608 31.83 -19.04 -20.74
CA PRO B 608 32.78 -20.11 -21.09
C PRO B 608 33.56 -20.60 -19.87
N VAL B 609 33.02 -21.59 -19.17
CA VAL B 609 33.67 -22.17 -17.96
C VAL B 609 33.06 -23.55 -17.67
N ALA B 610 31.98 -23.88 -18.38
CA ALA B 610 31.31 -25.15 -18.21
C ALA B 610 30.72 -25.72 -19.49
N ILE B 611 30.60 -24.93 -20.56
CA ILE B 611 30.10 -25.48 -21.84
C ILE B 611 31.00 -26.62 -22.30
N HIS B 612 32.30 -26.36 -22.44
CA HIS B 612 33.22 -27.45 -22.74
C HIS B 612 33.32 -28.45 -21.60
N ALA B 613 33.20 -27.98 -20.35
CA ALA B 613 33.06 -28.90 -19.23
C ALA B 613 31.80 -29.74 -19.37
N ASP B 614 30.77 -29.18 -19.99
CA ASP B 614 29.60 -29.97 -20.33
C ASP B 614 29.56 -30.34 -21.79
N GLN B 615 30.62 -30.11 -22.55
CA GLN B 615 30.66 -30.71 -23.88
C GLN B 615 31.43 -32.02 -23.90
N LEU B 616 32.30 -32.28 -22.93
CA LEU B 616 32.95 -33.57 -22.85
C LEU B 616 33.13 -33.98 -21.39
N THR B 625 28.52 -38.96 -16.95
CA THR B 625 28.71 -37.58 -16.49
C THR B 625 29.21 -36.69 -17.62
N GLY B 626 28.28 -35.99 -18.27
CA GLY B 626 28.65 -35.00 -19.26
C GLY B 626 28.65 -35.50 -20.68
N SER B 627 27.77 -34.97 -21.52
CA SER B 627 27.68 -35.46 -22.88
C SER B 627 27.74 -34.37 -23.95
N ASN B 628 26.96 -33.31 -23.78
CA ASN B 628 26.93 -32.20 -24.74
C ASN B 628 26.27 -31.01 -24.08
N VAL B 629 26.08 -29.94 -24.85
CA VAL B 629 25.48 -28.71 -24.36
C VAL B 629 24.36 -28.34 -25.33
N PHE B 630 23.12 -28.39 -24.86
CA PHE B 630 21.99 -28.26 -25.75
C PHE B 630 21.18 -27.01 -25.42
N GLN B 631 20.92 -26.21 -26.43
CA GLN B 631 20.15 -24.99 -26.30
C GLN B 631 18.79 -25.16 -26.95
N THR B 632 17.79 -24.50 -26.38
CA THR B 632 16.44 -24.46 -26.90
C THR B 632 16.03 -23.02 -27.12
N ARG B 633 14.80 -22.84 -27.58
CA ARG B 633 14.21 -21.51 -27.63
C ARG B 633 13.90 -20.96 -26.25
N ALA B 634 14.27 -21.67 -25.19
CA ALA B 634 14.26 -21.13 -23.85
C ALA B 634 15.63 -20.68 -23.38
N GLY B 635 16.64 -20.80 -24.23
CA GLY B 635 17.99 -20.47 -23.86
C GLY B 635 18.87 -21.68 -23.88
N CYS B 636 20.14 -21.46 -23.54
CA CYS B 636 21.07 -22.57 -23.47
C CYS B 636 20.96 -23.22 -22.10
N LEU B 637 21.13 -24.55 -22.08
CA LEU B 637 21.10 -25.33 -20.83
C LEU B 637 22.43 -26.04 -20.61
N ILE B 638 23.28 -25.40 -19.83
CA ILE B 638 24.52 -26.01 -19.36
C ILE B 638 24.17 -26.76 -18.08
N GLY B 639 24.17 -28.09 -18.13
CA GLY B 639 23.80 -28.81 -16.94
C GLY B 639 22.98 -30.05 -17.18
N ALA B 640 22.61 -30.25 -18.43
CA ALA B 640 22.12 -31.54 -18.86
C ALA B 640 22.48 -31.67 -20.32
N GLU B 641 21.78 -32.55 -21.02
CA GLU B 641 22.00 -32.73 -22.43
C GLU B 641 20.66 -32.98 -23.08
N HIS B 642 20.67 -33.21 -24.38
CA HIS B 642 19.44 -33.44 -25.12
C HIS B 642 19.25 -34.92 -25.39
N VAL B 643 18.00 -35.31 -25.60
CA VAL B 643 17.67 -36.65 -26.04
C VAL B 643 16.36 -36.57 -26.82
N ASN B 644 16.27 -37.35 -27.88
CA ASN B 644 15.10 -37.28 -28.76
C ASN B 644 14.00 -38.25 -28.37
N ASN B 645 14.06 -38.85 -27.20
CA ASN B 645 12.93 -39.60 -26.70
C ASN B 645 11.75 -38.67 -26.52
N SER B 646 10.57 -39.23 -26.30
CA SER B 646 9.35 -38.45 -26.10
C SER B 646 8.76 -38.81 -24.74
N TYR B 647 9.09 -38.04 -23.71
CA TYR B 647 8.62 -38.32 -22.36
C TYR B 647 7.78 -37.17 -21.84
N GLU B 648 7.38 -37.32 -20.58
CA GLU B 648 6.41 -36.45 -19.97
C GLU B 648 7.07 -35.19 -19.44
N CYS B 649 6.28 -34.35 -18.80
CA CYS B 649 6.73 -33.04 -18.32
C CYS B 649 6.77 -33.03 -16.80
N ASP B 650 7.97 -33.13 -16.24
CA ASP B 650 8.15 -33.08 -14.80
C ASP B 650 8.48 -31.69 -14.31
N ILE B 651 9.64 -31.17 -14.70
CA ILE B 651 10.08 -29.85 -14.25
C ILE B 651 9.97 -28.91 -15.44
N PRO B 652 9.41 -27.72 -15.27
CA PRO B 652 9.41 -26.76 -16.36
C PRO B 652 10.78 -26.15 -16.53
N ILE B 653 11.12 -25.87 -17.79
CA ILE B 653 12.33 -25.14 -18.13
C ILE B 653 12.01 -23.87 -18.89
N GLY B 654 11.05 -23.93 -19.79
CA GLY B 654 10.66 -22.79 -20.61
C GLY B 654 10.48 -23.27 -22.03
N ALA B 655 9.61 -22.59 -22.77
CA ALA B 655 9.45 -22.79 -24.20
C ALA B 655 9.21 -24.26 -24.52
N GLY B 656 8.30 -24.87 -23.76
CA GLY B 656 7.84 -26.19 -24.13
C GLY B 656 8.90 -27.26 -24.11
N ILE B 657 9.78 -27.25 -23.12
CA ILE B 657 10.76 -28.31 -22.94
C ILE B 657 10.82 -28.60 -21.46
N CYS B 658 10.26 -29.72 -21.04
CA CYS B 658 10.25 -30.08 -19.63
C CYS B 658 11.33 -31.11 -19.38
N ALA B 659 11.37 -31.61 -18.15
CA ALA B 659 12.38 -32.55 -17.71
C ALA B 659 12.45 -33.78 -18.59
N VAL B 674 16.03 -38.79 -13.84
CA VAL B 674 14.74 -38.93 -14.52
C VAL B 674 14.71 -40.18 -15.39
N ALA B 675 15.59 -40.23 -16.38
CA ALA B 675 15.72 -41.40 -17.23
C ALA B 675 17.19 -41.74 -17.34
N SER B 676 17.47 -43.01 -17.55
CA SER B 676 18.85 -43.49 -17.65
C SER B 676 19.67 -43.10 -16.43
N GLN B 677 18.99 -42.89 -15.29
CA GLN B 677 19.64 -42.71 -13.99
C GLN B 677 20.49 -41.44 -13.94
N SER B 678 19.89 -40.29 -14.24
CA SER B 678 20.62 -39.04 -14.23
C SER B 678 19.65 -37.87 -14.38
N ILE B 679 20.22 -36.70 -14.65
CA ILE B 679 19.49 -35.53 -15.11
C ILE B 679 19.58 -35.46 -16.62
N ILE B 680 18.49 -35.05 -17.26
CA ILE B 680 18.49 -34.79 -18.69
C ILE B 680 17.39 -33.78 -18.99
N ALA B 681 17.34 -33.37 -20.26
CA ALA B 681 16.23 -32.57 -20.79
C ALA B 681 15.69 -33.25 -22.05
N TYR B 682 14.42 -32.97 -22.37
CA TYR B 682 13.86 -33.47 -23.62
C TYR B 682 12.57 -32.75 -23.94
N THR B 683 11.98 -33.16 -25.05
CA THR B 683 10.69 -32.65 -25.48
C THR B 683 9.58 -33.55 -24.97
N MET B 684 8.36 -33.00 -24.90
CA MET B 684 7.26 -33.59 -24.17
C MET B 684 6.35 -34.39 -25.08
N SER B 685 6.14 -35.65 -24.73
CA SER B 685 5.08 -36.46 -25.34
C SER B 685 3.87 -36.35 -24.45
N LEU B 686 3.02 -35.36 -24.71
CA LEU B 686 1.92 -35.14 -23.81
C LEU B 686 0.98 -36.32 -23.73
N GLY B 687 1.29 -37.41 -24.40
CA GLY B 687 0.50 -38.61 -24.29
C GLY B 687 0.94 -39.62 -25.33
N ALA B 688 0.41 -40.82 -25.19
CA ALA B 688 0.65 -41.88 -26.16
C ALA B 688 -0.01 -41.48 -27.46
N GLU B 689 0.78 -41.01 -28.40
CA GLU B 689 0.24 -40.41 -29.62
C GLU B 689 -0.52 -41.47 -30.38
N ASN B 690 -1.85 -41.35 -30.39
CA ASN B 690 -2.69 -42.33 -31.04
C ASN B 690 -4.03 -41.71 -31.35
N SER B 691 -4.94 -42.54 -31.85
CA SER B 691 -6.36 -42.27 -31.89
C SER B 691 -7.09 -43.54 -32.28
N VAL B 692 -8.14 -43.84 -31.53
CA VAL B 692 -8.94 -44.99 -31.87
C VAL B 692 -9.59 -44.77 -33.22
N ALA B 693 -9.83 -45.86 -33.94
CA ALA B 693 -10.38 -45.79 -35.28
C ALA B 693 -11.83 -45.33 -35.25
N TYR B 694 -12.28 -44.86 -36.40
CA TYR B 694 -13.63 -44.38 -36.60
C TYR B 694 -14.36 -45.31 -37.55
N SER B 695 -15.68 -45.33 -37.44
CA SER B 695 -16.54 -45.96 -38.44
C SER B 695 -17.91 -45.31 -38.37
N ASN B 696 -18.63 -45.40 -39.47
CA ASN B 696 -20.04 -45.06 -39.45
C ASN B 696 -20.92 -46.28 -39.41
N ASN B 697 -20.44 -47.37 -38.87
CA ASN B 697 -21.31 -48.51 -38.65
C ASN B 697 -20.89 -49.26 -37.40
N SER B 698 -19.96 -48.73 -36.62
CA SER B 698 -19.48 -49.40 -35.43
C SER B 698 -19.27 -48.39 -34.34
N ILE B 699 -19.76 -48.72 -33.15
CA ILE B 699 -19.58 -47.88 -31.99
C ILE B 699 -18.80 -48.64 -30.95
N ALA B 700 -18.17 -47.92 -30.04
CA ALA B 700 -17.37 -48.52 -28.99
C ALA B 700 -18.14 -48.46 -27.67
N ILE B 701 -18.95 -49.49 -27.42
CA ILE B 701 -19.67 -49.64 -26.17
C ILE B 701 -18.80 -50.43 -25.19
N PRO B 702 -18.71 -50.02 -23.94
CA PRO B 702 -18.02 -50.86 -22.95
C PRO B 702 -18.85 -52.07 -22.58
N THR B 703 -18.14 -53.09 -22.12
CA THR B 703 -18.74 -54.28 -21.55
C THR B 703 -18.60 -54.31 -20.05
N ASN B 704 -17.47 -53.86 -19.54
CA ASN B 704 -17.21 -53.91 -18.12
C ASN B 704 -17.06 -52.51 -17.57
N PHE B 705 -16.94 -52.43 -16.25
CA PHE B 705 -16.69 -51.14 -15.66
C PHE B 705 -16.07 -51.34 -14.30
N THR B 706 -15.63 -50.23 -13.74
CA THR B 706 -15.16 -50.23 -12.37
C THR B 706 -15.64 -48.95 -11.72
N ILE B 707 -15.90 -49.01 -10.43
CA ILE B 707 -15.99 -47.79 -9.67
C ILE B 707 -14.60 -47.41 -9.18
N SER B 708 -14.40 -46.11 -9.04
CA SER B 708 -13.08 -45.68 -8.66
C SER B 708 -13.21 -44.51 -7.72
N VAL B 709 -12.23 -44.36 -6.85
CA VAL B 709 -12.23 -43.28 -5.90
C VAL B 709 -11.08 -42.35 -6.21
N THR B 710 -11.23 -41.10 -5.80
CA THR B 710 -10.24 -40.07 -6.01
C THR B 710 -10.22 -39.15 -4.82
N THR B 711 -9.43 -38.09 -4.92
CA THR B 711 -9.33 -37.13 -3.83
C THR B 711 -9.30 -35.72 -4.37
N GLU B 712 -9.90 -34.80 -3.63
CA GLU B 712 -9.72 -33.39 -3.91
C GLU B 712 -9.67 -32.67 -2.58
N ILE B 713 -8.63 -31.87 -2.42
CA ILE B 713 -8.32 -31.21 -1.18
C ILE B 713 -8.49 -29.71 -1.38
N LEU B 714 -9.41 -29.10 -0.65
CA LEU B 714 -9.74 -27.71 -0.86
C LEU B 714 -9.40 -26.90 0.36
N PRO B 715 -8.65 -25.84 0.16
CA PRO B 715 -8.46 -24.87 1.24
C PRO B 715 -9.76 -24.17 1.49
N VAL B 716 -10.11 -24.03 2.77
CA VAL B 716 -11.38 -23.43 3.13
C VAL B 716 -11.22 -22.24 4.04
N SER B 717 -10.05 -22.05 4.62
CA SER B 717 -9.97 -21.17 5.73
C SER B 717 -8.57 -20.60 5.79
N MET B 718 -8.19 -20.15 6.96
CA MET B 718 -6.88 -19.58 7.20
C MET B 718 -6.90 -19.25 8.68
N THR B 719 -5.74 -19.22 9.30
CA THR B 719 -5.68 -18.72 10.66
C THR B 719 -6.18 -17.29 10.68
N LYS B 720 -7.33 -17.07 11.28
CA LYS B 720 -7.90 -15.72 11.30
C LYS B 720 -6.96 -14.87 12.14
N THR B 721 -5.87 -14.45 11.52
CA THR B 721 -4.93 -13.61 12.24
C THR B 721 -5.61 -12.36 12.73
N SER B 722 -4.95 -11.69 13.68
CA SER B 722 -5.41 -10.41 14.18
C SER B 722 -4.21 -9.61 14.62
N VAL B 723 -4.16 -8.37 14.17
CA VAL B 723 -3.01 -7.52 14.36
C VAL B 723 -3.45 -6.20 14.96
N ASP B 724 -2.49 -5.44 15.46
CA ASP B 724 -2.77 -4.17 16.08
C ASP B 724 -1.65 -3.21 15.72
N CYS B 725 -2.01 -2.05 15.21
CA CYS B 725 -1.00 -1.05 14.94
C CYS B 725 -0.29 -0.63 16.21
N THR B 726 -1.07 -0.30 17.23
CA THR B 726 -0.55 0.38 18.40
C THR B 726 0.64 -0.36 18.99
N MET B 727 0.41 -1.55 19.53
CA MET B 727 1.48 -2.29 20.17
C MET B 727 2.59 -2.58 19.18
N TYR B 728 2.23 -3.11 18.02
CA TYR B 728 3.22 -3.50 17.01
C TYR B 728 4.28 -2.44 16.89
N ILE B 729 3.88 -1.25 16.49
CA ILE B 729 4.91 -0.26 16.24
C ILE B 729 5.42 0.29 17.54
N CYS B 730 4.63 0.22 18.60
CA CYS B 730 5.00 0.80 19.87
C CYS B 730 5.54 -0.25 20.84
N GLY B 731 4.81 -1.33 21.03
CA GLY B 731 5.19 -2.25 22.09
C GLY B 731 5.30 -1.46 23.36
N ASP B 732 4.23 -0.74 23.72
CA ASP B 732 4.19 0.12 24.88
C ASP B 732 5.20 1.26 24.73
N SER B 733 4.93 2.17 23.81
CA SER B 733 5.84 3.27 23.55
C SER B 733 5.06 4.56 23.35
N THR B 734 5.46 5.61 24.07
CA THR B 734 4.64 6.83 24.14
C THR B 734 4.77 7.63 22.85
N GLU B 735 5.95 8.20 22.63
CA GLU B 735 6.31 8.82 21.36
C GLU B 735 5.73 8.06 20.17
N CYS B 736 5.76 6.73 20.22
CA CYS B 736 5.27 5.93 19.10
C CYS B 736 3.78 6.10 18.89
N SER B 737 2.98 5.87 19.93
CA SER B 737 1.54 6.01 19.77
C SER B 737 1.16 7.44 19.42
N ASN B 738 1.84 8.43 20.01
CA ASN B 738 1.62 9.80 19.59
C ASN B 738 1.77 9.91 18.08
N LEU B 739 2.90 9.43 17.56
CA LEU B 739 3.15 9.62 16.15
C LEU B 739 2.30 8.71 15.30
N LEU B 740 1.65 7.70 15.86
CA LEU B 740 0.75 6.93 15.02
C LEU B 740 -0.60 7.63 14.92
N LEU B 741 -1.17 8.04 16.04
CA LEU B 741 -2.38 8.84 15.88
C LEU B 741 -2.08 10.21 15.28
N GLN B 742 -0.80 10.51 15.03
CA GLN B 742 -0.46 11.47 14.00
C GLN B 742 -1.04 11.08 12.63
N TYR B 743 -1.16 9.78 12.35
CA TYR B 743 -1.54 9.28 11.04
C TYR B 743 -2.98 8.86 10.95
N GLY B 744 -3.85 9.54 11.68
CA GLY B 744 -5.24 9.26 11.49
C GLY B 744 -5.56 7.81 11.75
N SER B 745 -6.66 7.38 11.12
CA SER B 745 -7.33 6.14 11.46
C SER B 745 -6.83 4.96 10.66
N PHE B 746 -5.78 5.17 9.86
CA PHE B 746 -5.33 4.14 8.94
C PHE B 746 -5.22 2.79 9.63
N CYS B 747 -4.38 2.72 10.64
CA CYS B 747 -4.14 1.45 11.30
C CYS B 747 -5.43 0.87 11.80
N THR B 748 -6.30 1.72 12.32
CA THR B 748 -7.61 1.28 12.75
C THR B 748 -8.38 0.65 11.59
N GLN B 749 -8.35 1.31 10.42
CA GLN B 749 -9.02 0.76 9.25
C GLN B 749 -8.53 -0.64 8.96
N LEU B 750 -7.23 -0.85 9.03
CA LEU B 750 -6.69 -2.17 8.73
C LEU B 750 -7.25 -3.16 9.71
N ASN B 751 -7.12 -2.86 10.99
CA ASN B 751 -7.63 -3.78 12.00
C ASN B 751 -9.04 -4.16 11.66
N ARG B 752 -9.84 -3.17 11.31
CA ARG B 752 -11.25 -3.41 11.12
C ARG B 752 -11.48 -4.27 9.89
N ALA B 753 -10.81 -3.95 8.79
CA ALA B 753 -10.99 -4.74 7.58
C ALA B 753 -10.51 -6.16 7.80
N LEU B 754 -9.41 -6.31 8.53
CA LEU B 754 -8.88 -7.63 8.80
C LEU B 754 -9.88 -8.46 9.58
N THR B 755 -10.37 -7.89 10.67
CA THR B 755 -11.43 -8.55 11.41
C THR B 755 -12.60 -8.88 10.48
N GLY B 756 -12.86 -8.01 9.52
CA GLY B 756 -13.83 -8.34 8.51
C GLY B 756 -13.47 -9.62 7.81
N ILE B 757 -12.20 -9.80 7.49
CA ILE B 757 -11.89 -11.02 6.77
C ILE B 757 -12.06 -12.20 7.70
N ALA B 758 -11.81 -12.00 8.98
CA ALA B 758 -12.05 -13.07 9.94
C ALA B 758 -13.50 -13.48 9.89
N VAL B 759 -14.37 -12.49 9.91
CA VAL B 759 -15.81 -12.76 9.88
C VAL B 759 -16.19 -13.48 8.60
N GLU B 760 -15.71 -12.99 7.47
CA GLU B 760 -16.08 -13.64 6.22
C GLU B 760 -15.60 -15.07 6.19
N GLN B 761 -14.41 -15.33 6.73
CA GLN B 761 -13.88 -16.68 6.60
C GLN B 761 -14.63 -17.64 7.48
N ASP B 762 -14.96 -17.23 8.69
CA ASP B 762 -15.78 -18.12 9.48
C ASP B 762 -17.09 -18.36 8.77
N LYS B 763 -17.65 -17.33 8.16
CA LYS B 763 -18.87 -17.55 7.41
C LYS B 763 -18.63 -18.54 6.29
N ASN B 764 -17.43 -18.50 5.69
CA ASN B 764 -17.09 -19.49 4.70
C ASN B 764 -17.26 -20.88 5.28
N THR B 765 -16.60 -21.14 6.40
CA THR B 765 -16.74 -22.42 7.07
C THR B 765 -18.20 -22.76 7.22
N GLN B 766 -18.94 -21.83 7.77
CA GLN B 766 -20.34 -22.05 8.04
C GLN B 766 -21.05 -22.50 6.79
N GLU B 767 -21.05 -21.66 5.78
CA GLU B 767 -21.69 -22.00 4.51
C GLU B 767 -21.07 -23.23 3.89
N VAL B 768 -19.90 -23.62 4.34
CA VAL B 768 -19.35 -24.88 3.88
C VAL B 768 -20.08 -26.04 4.51
N PHE B 769 -20.47 -25.90 5.76
CA PHE B 769 -21.12 -27.02 6.43
C PHE B 769 -22.56 -26.77 6.85
N ALA B 770 -22.95 -25.52 7.08
CA ALA B 770 -24.30 -25.22 7.57
C ALA B 770 -25.33 -25.58 6.50
N GLN B 771 -25.38 -26.86 6.19
CA GLN B 771 -26.25 -27.33 5.14
C GLN B 771 -27.36 -28.21 5.65
N VAL B 772 -27.29 -28.69 6.88
CA VAL B 772 -28.47 -29.17 7.56
C VAL B 772 -28.43 -28.62 8.98
N LYS B 773 -29.60 -28.47 9.58
CA LYS B 773 -29.73 -27.85 10.87
C LYS B 773 -29.76 -28.83 12.03
N GLN B 774 -30.54 -29.91 11.93
CA GLN B 774 -30.44 -30.91 12.97
C GLN B 774 -29.10 -31.61 12.86
N ILE B 775 -28.71 -32.29 13.93
CA ILE B 775 -27.48 -33.09 13.94
C ILE B 775 -27.86 -34.53 14.18
N TYR B 776 -27.00 -35.44 13.73
CA TYR B 776 -27.37 -36.83 13.63
C TYR B 776 -26.21 -37.72 14.05
N LYS B 777 -26.53 -38.96 14.38
CA LYS B 777 -25.52 -39.96 14.70
C LYS B 777 -25.86 -41.24 13.93
N THR B 778 -24.88 -41.78 13.23
CA THR B 778 -25.10 -43.04 12.53
C THR B 778 -25.61 -44.09 13.50
N PRO B 779 -26.52 -44.95 13.08
CA PRO B 779 -26.91 -46.08 13.91
C PRO B 779 -25.69 -46.94 14.19
N PRO B 780 -25.58 -47.50 15.39
CA PRO B 780 -24.52 -48.48 15.64
C PRO B 780 -24.63 -49.66 14.69
N ILE B 781 -25.80 -49.83 14.09
CA ILE B 781 -26.08 -50.92 13.17
C ILE B 781 -25.18 -50.77 11.96
N LYS B 782 -24.12 -51.56 11.91
CA LYS B 782 -23.16 -51.44 10.83
C LYS B 782 -23.50 -52.52 9.81
N ASP B 783 -24.60 -52.31 9.11
CA ASP B 783 -25.13 -53.26 8.14
C ASP B 783 -25.35 -52.54 6.81
N PHE B 784 -24.30 -52.53 5.98
CA PHE B 784 -24.28 -51.72 4.78
C PHE B 784 -24.16 -52.56 3.53
N GLY B 785 -24.70 -53.78 3.55
CA GLY B 785 -24.69 -54.61 2.36
C GLY B 785 -23.32 -54.68 1.72
N GLY B 786 -22.35 -55.19 2.44
CA GLY B 786 -21.02 -55.32 1.88
C GLY B 786 -20.20 -54.04 1.80
N PHE B 787 -20.76 -52.92 2.21
CA PHE B 787 -20.02 -51.68 2.12
C PHE B 787 -19.34 -51.37 3.44
N ASN B 788 -18.02 -51.37 3.42
CA ASN B 788 -17.20 -51.10 4.60
C ASN B 788 -16.88 -49.62 4.69
N PHE B 789 -16.82 -49.10 5.91
CA PHE B 789 -16.44 -47.71 6.10
C PHE B 789 -15.61 -47.53 7.34
N SER B 790 -15.02 -48.61 7.85
CA SER B 790 -14.37 -48.57 9.15
C SER B 790 -13.36 -47.44 9.25
N GLN B 791 -12.84 -46.98 8.11
CA GLN B 791 -11.94 -45.85 8.15
C GLN B 791 -12.68 -44.54 8.33
N ILE B 792 -14.00 -44.53 8.17
CA ILE B 792 -14.75 -43.29 8.00
C ILE B 792 -15.73 -43.09 9.14
N LEU B 793 -16.74 -43.93 9.22
CA LEU B 793 -17.83 -43.68 10.15
C LEU B 793 -17.31 -43.63 11.56
N PRO B 794 -17.37 -42.50 12.21
CA PRO B 794 -16.74 -42.36 13.52
C PRO B 794 -17.57 -43.02 14.63
N ASP B 795 -17.48 -44.33 14.70
CA ASP B 795 -18.04 -45.05 15.84
C ASP B 795 -17.20 -44.66 17.05
N PRO B 796 -17.62 -44.98 18.27
CA PRO B 796 -16.88 -44.46 19.42
C PRO B 796 -15.48 -45.05 19.49
N SER B 797 -14.59 -44.49 18.69
CA SER B 797 -13.17 -44.78 18.78
C SER B 797 -12.61 -43.98 19.95
N LYS B 798 -11.34 -44.26 20.27
CA LYS B 798 -10.64 -43.57 21.39
C LYS B 798 -10.77 -42.05 21.23
N PRO B 799 -10.20 -41.44 20.17
CA PRO B 799 -10.28 -39.99 19.96
C PRO B 799 -11.70 -39.49 19.62
N SER B 800 -12.57 -39.42 20.63
CA SER B 800 -13.98 -38.95 20.46
C SER B 800 -14.62 -39.64 19.25
N LYS B 801 -15.19 -38.85 18.33
CA LYS B 801 -15.85 -39.37 17.11
C LYS B 801 -15.10 -38.85 15.88
N ARG B 802 -13.94 -39.44 15.60
CA ARG B 802 -13.12 -39.03 14.47
C ARG B 802 -13.07 -40.11 13.38
N SER B 803 -12.38 -39.78 12.30
CA SER B 803 -12.20 -40.72 11.21
C SER B 803 -10.77 -41.22 11.17
N PHE B 804 -10.62 -42.54 11.03
CA PHE B 804 -9.32 -43.14 10.75
C PHE B 804 -8.55 -42.31 9.74
N ILE B 805 -9.26 -41.88 8.69
CA ILE B 805 -8.64 -41.04 7.68
C ILE B 805 -8.18 -39.72 8.28
N GLU B 806 -8.96 -39.16 9.20
CA GLU B 806 -8.58 -37.90 9.84
C GLU B 806 -7.26 -38.02 10.56
N ASP B 807 -7.10 -39.09 11.33
CA ASP B 807 -5.85 -39.34 12.01
C ASP B 807 -4.72 -39.38 10.99
N LEU B 808 -4.88 -40.22 9.98
CA LEU B 808 -3.89 -40.27 8.92
C LEU B 808 -3.62 -38.87 8.40
N LEU B 809 -4.63 -38.01 8.42
CA LEU B 809 -4.48 -36.68 7.88
C LEU B 809 -3.60 -35.81 8.75
N PHE B 810 -3.88 -35.77 10.04
CA PHE B 810 -3.32 -34.71 10.86
C PHE B 810 -1.83 -34.50 10.70
N ASN B 811 -1.04 -35.42 11.24
CA ASN B 811 0.40 -35.20 11.19
C ASN B 811 0.93 -35.30 9.78
N LYS B 812 0.17 -35.89 8.86
CA LYS B 812 0.52 -35.75 7.45
C LYS B 812 0.53 -34.29 7.04
N VAL B 813 -0.21 -33.45 7.71
CA VAL B 813 0.04 -32.02 7.69
C VAL B 813 1.09 -31.73 8.72
N THR B 814 2.08 -30.94 8.35
CA THR B 814 3.09 -30.49 9.30
C THR B 814 2.58 -29.36 10.17
N LEU B 815 1.29 -29.04 10.07
CA LEU B 815 0.72 -27.93 10.82
C LEU B 815 1.49 -26.63 10.59
N GLN B 840 1.35 -21.26 17.64
CA GLN B 840 2.43 -20.52 18.30
C GLN B 840 2.35 -19.01 17.97
N LYS B 841 2.17 -18.20 19.00
CA LYS B 841 2.10 -16.75 18.84
C LYS B 841 3.30 -16.11 19.51
N PHE B 842 3.69 -14.94 19.01
CA PHE B 842 4.83 -14.23 19.58
C PHE B 842 4.48 -12.87 20.13
N ASN B 843 4.07 -11.93 19.28
CA ASN B 843 3.91 -10.54 19.67
C ASN B 843 3.42 -9.75 18.47
N GLY B 844 2.84 -8.59 18.71
CA GLY B 844 2.48 -7.74 17.60
C GLY B 844 1.28 -8.25 16.84
N LEU B 845 1.06 -9.56 16.89
CA LEU B 845 -0.03 -10.22 16.21
C LEU B 845 -0.50 -11.37 17.06
N THR B 846 -1.55 -12.04 16.61
CA THR B 846 -1.95 -13.30 17.21
C THR B 846 -2.90 -13.99 16.26
N VAL B 847 -3.36 -15.16 16.67
CA VAL B 847 -4.37 -15.89 15.91
C VAL B 847 -5.60 -16.03 16.80
N LEU B 848 -6.56 -15.14 16.61
CA LEU B 848 -7.83 -15.37 17.24
C LEU B 848 -8.32 -16.73 16.80
N PRO B 849 -8.66 -17.61 17.72
CA PRO B 849 -8.85 -19.01 17.35
C PRO B 849 -9.95 -19.15 16.34
N PRO B 850 -9.94 -20.23 15.57
CA PRO B 850 -11.06 -20.49 14.68
C PRO B 850 -12.32 -20.62 15.50
N LEU B 851 -13.41 -20.08 15.01
CA LEU B 851 -14.66 -20.18 15.75
C LEU B 851 -15.15 -21.61 15.80
N LEU B 852 -15.49 -22.15 14.65
CA LEU B 852 -16.05 -23.50 14.61
C LEU B 852 -14.99 -24.48 15.01
N THR B 853 -15.13 -25.08 16.18
CA THR B 853 -14.11 -26.02 16.59
C THR B 853 -14.07 -27.22 15.66
N ASP B 854 -12.85 -27.69 15.43
CA ASP B 854 -12.60 -28.88 14.64
C ASP B 854 -13.60 -29.99 14.96
N GLU B 855 -13.85 -30.22 16.24
CA GLU B 855 -14.77 -31.28 16.61
C GLU B 855 -16.18 -31.00 16.08
N MET B 856 -16.62 -29.76 16.22
CA MET B 856 -17.91 -29.41 15.66
C MET B 856 -17.95 -29.77 14.19
N ILE B 857 -16.87 -29.49 13.47
CA ILE B 857 -16.82 -29.87 12.08
C ILE B 857 -16.96 -31.37 11.94
N ALA B 858 -16.24 -32.11 12.78
CA ALA B 858 -16.34 -33.56 12.69
C ALA B 858 -17.77 -34.00 12.82
N GLN B 859 -18.49 -33.41 13.75
CA GLN B 859 -19.86 -33.85 14.00
C GLN B 859 -20.76 -33.48 12.84
N TYR B 860 -20.66 -32.23 12.37
CA TYR B 860 -21.35 -31.83 11.15
C TYR B 860 -21.17 -32.89 10.10
N THR B 861 -19.91 -33.23 9.86
CA THR B 861 -19.57 -34.11 8.77
C THR B 861 -20.19 -35.48 8.98
N SER B 862 -20.01 -36.03 10.16
CA SER B 862 -20.52 -37.37 10.43
C SER B 862 -22.00 -37.42 10.17
N ALA B 863 -22.75 -36.54 10.85
CA ALA B 863 -24.21 -36.46 10.70
C ALA B 863 -24.56 -36.24 9.22
N LEU B 864 -24.05 -35.15 8.64
CA LEU B 864 -24.31 -34.81 7.22
C LEU B 864 -23.97 -36.02 6.33
N LEU B 865 -22.79 -36.60 6.53
CA LEU B 865 -22.33 -37.77 5.73
C LEU B 865 -23.24 -38.98 5.99
N ALA B 866 -23.73 -39.13 7.23
CA ALA B 866 -24.61 -40.27 7.58
C ALA B 866 -25.96 -40.14 6.87
N GLY B 867 -26.70 -39.06 7.15
CA GLY B 867 -28.03 -38.80 6.57
C GLY B 867 -28.10 -39.08 5.09
N THR B 868 -27.22 -38.45 4.29
CA THR B 868 -27.22 -38.62 2.82
C THR B 868 -27.07 -40.11 2.44
N ILE B 869 -26.19 -40.84 3.14
CA ILE B 869 -25.94 -42.28 2.83
C ILE B 869 -26.88 -43.18 3.65
N THR B 870 -27.80 -42.58 4.41
CA THR B 870 -28.76 -43.39 5.23
C THR B 870 -30.18 -42.84 5.03
N SER B 871 -30.34 -41.79 4.21
CA SER B 871 -31.64 -41.21 3.97
C SER B 871 -31.79 -40.71 2.55
N GLY B 872 -30.91 -41.12 1.65
CA GLY B 872 -30.98 -40.60 0.31
C GLY B 872 -30.56 -39.14 0.28
N TRP B 873 -31.18 -38.40 -0.62
CA TRP B 873 -30.95 -36.97 -0.73
C TRP B 873 -32.06 -36.17 -0.08
N THR B 874 -33.13 -36.84 0.32
CA THR B 874 -34.38 -36.18 0.66
C THR B 874 -34.23 -35.17 1.79
N PHE B 875 -33.13 -35.23 2.56
CA PHE B 875 -32.98 -34.30 3.67
C PHE B 875 -32.72 -32.89 3.18
N GLY B 876 -31.98 -32.74 2.09
CA GLY B 876 -31.93 -31.44 1.47
C GLY B 876 -33.26 -30.98 0.94
N ALA B 877 -34.24 -31.89 0.86
CA ALA B 877 -35.58 -31.66 0.30
C ALA B 877 -36.67 -31.59 1.35
N GLY B 878 -36.37 -31.88 2.62
CA GLY B 878 -37.37 -31.79 3.66
C GLY B 878 -36.94 -32.51 4.92
N ALA B 879 -37.76 -33.45 5.37
CA ALA B 879 -37.34 -34.35 6.43
C ALA B 879 -36.30 -35.33 5.89
N ALA B 880 -35.38 -35.72 6.75
CA ALA B 880 -34.36 -36.68 6.35
C ALA B 880 -35.03 -38.04 6.20
N LEU B 881 -35.66 -38.30 5.07
CA LEU B 881 -36.40 -39.55 4.87
C LEU B 881 -35.39 -40.67 4.74
N GLN B 882 -35.31 -41.52 5.77
CA GLN B 882 -34.29 -42.56 5.85
C GLN B 882 -34.26 -43.39 4.59
N ILE B 883 -33.13 -44.03 4.28
CA ILE B 883 -32.94 -44.76 3.02
C ILE B 883 -32.00 -45.97 3.16
N PRO B 884 -32.29 -47.09 2.49
CA PRO B 884 -31.35 -48.20 2.48
C PRO B 884 -30.23 -47.92 1.49
N PHE B 885 -29.02 -48.35 1.81
CA PHE B 885 -27.90 -48.01 0.95
C PHE B 885 -28.05 -48.65 -0.43
N ALA B 886 -28.54 -49.88 -0.49
CA ALA B 886 -28.67 -50.56 -1.77
C ALA B 886 -29.55 -49.76 -2.72
N MET B 887 -30.84 -49.65 -2.38
CA MET B 887 -31.76 -48.88 -3.18
C MET B 887 -31.16 -47.52 -3.52
N GLN B 888 -30.41 -46.96 -2.58
CA GLN B 888 -29.75 -45.70 -2.81
C GLN B 888 -28.88 -45.79 -4.04
N MET B 889 -27.90 -46.67 -4.00
CA MET B 889 -26.98 -46.75 -5.13
C MET B 889 -27.73 -47.06 -6.40
N ALA B 890 -28.82 -47.81 -6.30
CA ALA B 890 -29.60 -48.08 -7.50
C ALA B 890 -30.11 -46.79 -8.10
N TYR B 891 -30.71 -45.95 -7.27
CA TYR B 891 -31.20 -44.67 -7.77
C TYR B 891 -30.07 -43.87 -8.38
N ARG B 892 -28.91 -43.86 -7.73
CA ARG B 892 -27.79 -43.13 -8.29
C ARG B 892 -27.48 -43.61 -9.69
N PHE B 893 -27.37 -44.93 -9.85
CA PHE B 893 -27.02 -45.49 -11.14
C PHE B 893 -27.98 -45.03 -12.22
N ASN B 894 -29.27 -45.21 -11.98
CA ASN B 894 -30.22 -44.67 -12.96
C ASN B 894 -29.96 -43.20 -13.19
N GLY B 895 -29.49 -42.51 -12.15
CA GLY B 895 -29.21 -41.10 -12.28
C GLY B 895 -28.12 -40.81 -13.29
N ILE B 896 -27.16 -41.72 -13.41
CA ILE B 896 -26.08 -41.43 -14.35
C ILE B 896 -26.27 -42.16 -15.65
N GLY B 897 -27.35 -42.92 -15.79
CA GLY B 897 -27.74 -43.40 -17.09
C GLY B 897 -27.64 -44.90 -17.19
N VAL B 898 -27.38 -45.54 -16.07
CA VAL B 898 -27.13 -46.96 -16.04
C VAL B 898 -28.19 -47.62 -15.18
N THR B 899 -28.65 -48.77 -15.61
CA THR B 899 -29.87 -49.34 -15.03
C THR B 899 -29.56 -50.13 -13.78
N GLN B 900 -30.43 -49.98 -12.78
CA GLN B 900 -30.21 -50.60 -11.47
C GLN B 900 -30.23 -52.12 -11.52
N ASN B 901 -30.70 -52.71 -12.62
CA ASN B 901 -30.72 -54.16 -12.71
C ASN B 901 -29.34 -54.73 -12.49
N VAL B 902 -28.35 -54.21 -13.18
CA VAL B 902 -27.02 -54.78 -13.10
C VAL B 902 -26.40 -54.53 -11.74
N LEU B 903 -26.73 -53.41 -11.10
CA LEU B 903 -26.24 -53.16 -9.75
C LEU B 903 -26.75 -54.22 -8.79
N TYR B 904 -28.06 -54.44 -8.84
CA TYR B 904 -28.66 -55.52 -8.06
C TYR B 904 -28.15 -56.87 -8.51
N GLU B 905 -27.51 -56.93 -9.66
CA GLU B 905 -26.75 -58.12 -9.97
C GLU B 905 -25.44 -58.15 -9.21
N ASN B 906 -24.71 -57.04 -9.21
CA ASN B 906 -23.29 -57.08 -8.87
C ASN B 906 -23.00 -56.69 -7.45
N GLN B 907 -24.03 -56.54 -6.62
CA GLN B 907 -23.86 -56.04 -5.26
C GLN B 907 -22.52 -56.37 -4.62
N LYS B 908 -22.23 -57.67 -4.49
CA LYS B 908 -21.07 -58.08 -3.71
C LYS B 908 -19.79 -57.54 -4.31
N LEU B 909 -19.58 -57.82 -5.59
CA LEU B 909 -18.35 -57.44 -6.23
C LEU B 909 -18.22 -55.93 -6.26
N ILE B 910 -19.32 -55.23 -6.50
CA ILE B 910 -19.29 -53.78 -6.49
C ILE B 910 -18.76 -53.30 -5.15
N ALA B 911 -19.36 -53.79 -4.08
CA ALA B 911 -18.95 -53.33 -2.77
C ALA B 911 -17.50 -53.69 -2.50
N ASN B 912 -17.06 -54.85 -2.98
CA ASN B 912 -15.68 -55.21 -2.76
C ASN B 912 -14.76 -54.25 -3.46
N GLN B 913 -15.07 -53.94 -4.71
CA GLN B 913 -14.26 -52.98 -5.44
C GLN B 913 -14.26 -51.66 -4.70
N PHE B 914 -15.40 -51.33 -4.13
CA PHE B 914 -15.48 -50.15 -3.28
C PHE B 914 -14.43 -50.21 -2.19
N ASN B 915 -14.53 -51.24 -1.34
CA ASN B 915 -13.66 -51.31 -0.18
C ASN B 915 -12.20 -51.30 -0.59
N SER B 916 -11.87 -52.06 -1.63
CA SER B 916 -10.49 -52.11 -2.07
C SER B 916 -10.04 -50.74 -2.54
N ALA B 917 -10.90 -50.03 -3.26
CA ALA B 917 -10.56 -48.67 -3.64
C ALA B 917 -10.28 -47.83 -2.42
N ILE B 918 -11.07 -48.02 -1.37
CA ILE B 918 -10.89 -47.21 -0.18
C ILE B 918 -9.54 -47.48 0.45
N GLY B 919 -9.20 -48.75 0.62
CA GLY B 919 -7.92 -49.09 1.22
C GLY B 919 -6.78 -48.58 0.38
N LYS B 920 -6.96 -48.62 -0.95
CA LYS B 920 -5.94 -48.04 -1.80
C LYS B 920 -5.81 -46.56 -1.51
N ILE B 921 -6.92 -45.88 -1.27
CA ILE B 921 -6.79 -44.46 -1.03
C ILE B 921 -6.07 -44.24 0.28
N GLN B 922 -6.28 -45.14 1.23
CA GLN B 922 -5.60 -45.04 2.51
C GLN B 922 -4.10 -45.10 2.32
N ASP B 923 -3.63 -46.22 1.78
CA ASP B 923 -2.19 -46.37 1.64
C ASP B 923 -1.62 -45.37 0.65
N SER B 924 -2.44 -44.91 -0.29
CA SER B 924 -1.99 -43.82 -1.14
C SER B 924 -1.69 -42.60 -0.30
N LEU B 925 -2.64 -42.17 0.52
CA LEU B 925 -2.38 -41.06 1.42
C LEU B 925 -1.10 -41.29 2.20
N SER B 926 -0.94 -42.46 2.81
CA SER B 926 0.25 -42.70 3.61
C SER B 926 1.49 -42.74 2.73
N SER B 927 1.39 -43.35 1.55
CA SER B 927 2.55 -43.53 0.69
C SER B 927 2.50 -42.70 -0.58
N THR B 928 1.74 -41.61 -0.57
CA THR B 928 1.87 -40.56 -1.58
C THR B 928 2.04 -39.24 -0.83
N ALA B 929 3.29 -38.87 -0.59
CA ALA B 929 3.60 -37.57 -0.04
C ALA B 929 3.25 -36.49 -1.05
N SER B 930 3.14 -35.26 -0.55
CA SER B 930 2.80 -34.07 -1.30
C SER B 930 1.37 -34.09 -1.82
N ALA B 931 0.63 -35.19 -1.67
CA ALA B 931 -0.77 -35.22 -2.06
C ALA B 931 -1.60 -34.26 -1.24
N LEU B 932 -1.04 -33.74 -0.15
CA LEU B 932 -1.60 -32.64 0.60
C LEU B 932 -0.91 -31.32 0.26
N GLY B 933 -0.20 -31.28 -0.86
CA GLY B 933 0.43 -30.04 -1.25
C GLY B 933 -0.57 -28.90 -1.36
N LYS B 934 -1.72 -29.17 -1.98
CA LYS B 934 -2.68 -28.12 -2.27
C LYS B 934 -3.20 -27.46 -1.00
N LEU B 935 -2.87 -27.97 0.18
CA LEU B 935 -3.29 -27.34 1.42
C LEU B 935 -2.12 -27.04 2.33
N GLN B 936 -1.17 -27.96 2.39
CA GLN B 936 0.08 -27.65 3.04
C GLN B 936 0.62 -26.35 2.50
N ASP B 937 0.41 -26.11 1.22
CA ASP B 937 0.81 -24.85 0.59
C ASP B 937 0.04 -23.69 1.20
N VAL B 938 -1.25 -23.88 1.46
CA VAL B 938 -2.03 -22.80 2.03
C VAL B 938 -1.47 -22.42 3.38
N VAL B 939 -1.33 -23.41 4.24
CA VAL B 939 -0.78 -23.12 5.55
C VAL B 939 0.62 -22.56 5.40
N ASN B 940 1.34 -23.00 4.37
CA ASN B 940 2.70 -22.51 4.17
C ASN B 940 2.70 -21.05 3.83
N GLN B 941 1.86 -20.66 2.87
CA GLN B 941 1.76 -19.27 2.50
C GLN B 941 1.41 -18.44 3.71
N ASN B 942 0.39 -18.87 4.44
CA ASN B 942 0.03 -18.21 5.68
C ASN B 942 1.25 -18.00 6.54
N ALA B 943 1.84 -19.09 6.99
CA ALA B 943 2.92 -19.01 7.96
C ALA B 943 4.01 -18.11 7.45
N GLN B 944 4.65 -18.51 6.35
CA GLN B 944 5.79 -17.75 5.87
C GLN B 944 5.43 -16.29 5.68
N ALA B 945 4.16 -15.99 5.37
CA ALA B 945 3.75 -14.62 5.35
C ALA B 945 3.93 -13.99 6.71
N LEU B 946 3.36 -14.62 7.73
CA LEU B 946 3.50 -14.07 9.07
C LEU B 946 4.96 -13.93 9.43
N ASN B 947 5.74 -14.89 8.97
CA ASN B 947 7.15 -14.95 9.27
C ASN B 947 7.84 -13.70 8.75
N THR B 948 7.74 -13.47 7.45
CA THR B 948 8.36 -12.28 6.91
C THR B 948 7.79 -11.06 7.59
N LEU B 949 6.51 -11.12 7.95
CA LEU B 949 5.90 -9.97 8.59
C LEU B 949 6.71 -9.57 9.82
N VAL B 950 6.89 -10.50 10.74
CA VAL B 950 7.66 -10.12 11.92
C VAL B 950 9.10 -9.81 11.54
N LYS B 951 9.65 -10.61 10.64
CA LYS B 951 11.05 -10.47 10.30
C LYS B 951 11.37 -9.08 9.81
N GLN B 952 10.37 -8.37 9.28
CA GLN B 952 10.61 -7.00 8.88
C GLN B 952 11.32 -6.23 9.97
N LEU B 953 10.89 -6.41 11.21
CA LEU B 953 11.44 -5.57 12.26
C LEU B 953 12.96 -5.69 12.36
N SER B 954 13.57 -6.66 11.70
CA SER B 954 15.00 -6.55 11.50
C SER B 954 15.34 -5.33 10.67
N SER B 955 14.56 -5.06 9.64
CA SER B 955 14.86 -3.95 8.75
C SER B 955 14.83 -2.64 9.54
N ASN B 956 15.98 -1.99 9.62
CA ASN B 956 16.08 -0.74 10.35
C ASN B 956 15.95 0.48 9.45
N PHE B 957 15.91 0.28 8.14
CA PHE B 957 15.64 1.37 7.21
C PHE B 957 16.59 2.53 7.45
N GLY B 958 17.88 2.22 7.47
CA GLY B 958 18.87 3.27 7.63
C GLY B 958 18.70 4.05 8.90
N ALA B 959 18.12 3.45 9.93
CA ALA B 959 18.21 4.04 11.25
C ALA B 959 19.58 3.77 11.81
N ILE B 960 19.73 3.96 13.11
CA ILE B 960 20.89 3.33 13.73
C ILE B 960 20.49 1.98 14.28
N SER B 961 19.20 1.76 14.52
CA SER B 961 18.77 0.56 15.22
C SER B 961 17.50 0.01 14.59
N SER B 962 17.17 -1.22 14.97
CA SER B 962 15.92 -1.85 14.61
C SER B 962 14.97 -2.00 15.78
N VAL B 963 15.34 -1.52 16.96
CA VAL B 963 14.42 -1.43 18.08
C VAL B 963 14.26 0.04 18.42
N LEU B 964 13.07 0.57 18.15
CA LEU B 964 12.76 1.96 18.40
C LEU B 964 13.22 2.41 19.76
N ASN B 965 13.11 1.52 20.74
CA ASN B 965 13.60 1.84 22.08
C ASN B 965 15.08 2.17 22.04
N ASP B 966 15.86 1.34 21.34
CA ASP B 966 17.29 1.55 21.27
C ASP B 966 17.62 2.91 20.70
N ILE B 967 16.94 3.30 19.62
CA ILE B 967 17.35 4.49 18.90
C ILE B 967 16.90 5.75 19.62
N LEU B 968 15.71 5.73 20.23
CA LEU B 968 15.34 6.87 21.04
C LEU B 968 16.31 7.03 22.19
N SER B 969 16.74 5.91 22.76
CA SER B 969 17.78 5.97 23.77
C SER B 969 19.13 6.31 23.16
N ARG B 970 19.23 6.32 21.83
CA ARG B 970 20.48 6.68 21.20
C ARG B 970 20.63 8.20 21.12
N LEU B 971 19.54 8.91 20.85
CA LEU B 971 19.59 10.33 20.53
C LEU B 971 18.86 11.17 21.57
N ASP B 972 19.04 12.47 21.43
CA ASP B 972 18.18 13.43 22.10
C ASP B 972 16.86 13.51 21.34
N PRO B 973 15.82 14.09 21.95
CA PRO B 973 14.49 14.08 21.34
C PRO B 973 14.46 14.48 19.88
N PRO B 974 14.99 15.67 19.52
CA PRO B 974 14.62 16.26 18.22
C PRO B 974 14.92 15.39 17.01
N GLU B 975 16.18 15.09 16.76
CA GLU B 975 16.52 14.33 15.56
C GLU B 975 15.94 12.93 15.64
N ALA B 976 15.93 12.34 16.84
CA ALA B 976 15.24 11.08 17.02
C ALA B 976 13.80 11.17 16.57
N GLU B 977 13.20 12.35 16.60
CA GLU B 977 11.80 12.43 16.17
C GLU B 977 11.65 11.99 14.73
N VAL B 978 12.34 12.68 13.81
CA VAL B 978 12.22 12.30 12.41
C VAL B 978 12.81 10.92 12.18
N GLN B 979 13.80 10.55 12.99
CA GLN B 979 14.34 9.21 12.87
C GLN B 979 13.26 8.16 13.16
N ILE B 980 12.55 8.34 14.26
CA ILE B 980 11.45 7.46 14.59
C ILE B 980 10.41 7.52 13.50
N ASP B 981 10.25 8.68 12.88
CA ASP B 981 9.31 8.73 11.78
C ASP B 981 9.76 7.84 10.64
N ARG B 982 11.07 7.78 10.39
CA ARG B 982 11.58 6.84 9.41
C ARG B 982 11.22 5.42 9.81
N LEU B 983 11.48 5.09 11.06
CA LEU B 983 11.06 3.80 11.59
C LEU B 983 9.58 3.59 11.32
N ILE B 984 8.80 4.59 11.64
CA ILE B 984 7.37 4.53 11.48
C ILE B 984 7.05 4.21 10.05
N THR B 985 7.62 4.95 9.13
CA THR B 985 7.19 4.80 7.75
C THR B 985 7.59 3.45 7.23
N GLY B 986 8.79 3.00 7.57
CA GLY B 986 9.21 1.70 7.11
C GLY B 986 8.26 0.63 7.60
N ARG B 987 8.21 0.50 8.91
CA ARG B 987 7.35 -0.53 9.50
C ARG B 987 5.93 -0.34 9.02
N LEU B 988 5.57 0.90 8.75
CA LEU B 988 4.20 1.22 8.42
C LEU B 988 3.87 0.69 7.04
N GLN B 989 4.66 1.08 6.06
CA GLN B 989 4.47 0.58 4.72
C GLN B 989 4.52 -0.94 4.72
N SER B 990 5.38 -1.52 5.53
CA SER B 990 5.51 -2.97 5.51
C SER B 990 4.22 -3.63 5.96
N LEU B 991 3.80 -3.31 7.18
CA LEU B 991 2.56 -3.89 7.67
C LEU B 991 1.45 -3.59 6.70
N GLN B 992 1.49 -2.40 6.11
CA GLN B 992 0.51 -2.01 5.13
C GLN B 992 0.50 -2.98 3.97
N THR B 993 1.68 -3.36 3.52
CA THR B 993 1.82 -4.33 2.46
C THR B 993 1.19 -5.65 2.85
N TYR B 994 1.57 -6.16 4.01
CA TYR B 994 1.03 -7.43 4.43
C TYR B 994 -0.47 -7.36 4.46
N VAL B 995 -0.99 -6.26 4.96
CA VAL B 995 -2.43 -6.05 4.94
C VAL B 995 -2.96 -6.34 3.56
N THR B 996 -2.43 -5.65 2.57
CA THR B 996 -2.88 -5.87 1.21
C THR B 996 -2.79 -7.34 0.83
N GLN B 997 -1.61 -7.91 1.02
CA GLN B 997 -1.34 -9.21 0.42
C GLN B 997 -2.18 -10.29 1.07
N GLN B 998 -2.29 -10.23 2.39
CA GLN B 998 -3.24 -11.06 3.09
C GLN B 998 -4.63 -10.85 2.54
N LEU B 999 -4.98 -9.60 2.25
CA LEU B 999 -6.28 -9.35 1.67
C LEU B 999 -6.43 -10.11 0.37
N ILE B 1000 -5.35 -10.23 -0.37
CA ILE B 1000 -5.45 -10.86 -1.67
C ILE B 1000 -5.59 -12.37 -1.53
N ARG B 1001 -4.78 -12.96 -0.66
CA ARG B 1001 -4.99 -14.37 -0.36
C ARG B 1001 -6.40 -14.59 0.08
N ALA B 1002 -6.95 -13.62 0.79
CA ALA B 1002 -8.35 -13.70 1.18
C ALA B 1002 -9.22 -13.74 -0.06
N ALA B 1003 -8.92 -12.88 -1.02
CA ALA B 1003 -9.70 -12.89 -2.24
C ALA B 1003 -9.72 -14.29 -2.83
N GLU B 1004 -8.54 -14.85 -3.01
CA GLU B 1004 -8.44 -16.15 -3.68
C GLU B 1004 -9.08 -17.23 -2.82
N ILE B 1005 -8.79 -17.23 -1.53
CA ILE B 1005 -9.30 -18.27 -0.69
C ILE B 1005 -10.81 -18.18 -0.65
N ARG B 1006 -11.36 -16.98 -0.77
CA ARG B 1006 -12.79 -16.84 -0.72
C ARG B 1006 -13.42 -17.37 -1.99
N ALA B 1007 -12.85 -17.01 -3.13
CA ALA B 1007 -13.33 -17.59 -4.38
C ALA B 1007 -13.38 -19.09 -4.23
N SER B 1008 -12.22 -19.66 -3.95
CA SER B 1008 -12.13 -21.07 -3.71
C SER B 1008 -13.11 -21.52 -2.66
N ALA B 1009 -13.44 -20.63 -1.74
CA ALA B 1009 -14.25 -21.04 -0.63
C ALA B 1009 -15.64 -21.34 -1.10
N ASN B 1010 -16.31 -20.33 -1.61
CA ASN B 1010 -17.65 -20.57 -2.12
C ASN B 1010 -17.60 -21.68 -3.15
N LEU B 1011 -16.52 -21.74 -3.93
CA LEU B 1011 -16.33 -22.86 -4.82
C LEU B 1011 -16.50 -24.17 -4.08
N ALA B 1012 -15.82 -24.28 -2.95
CA ALA B 1012 -15.92 -25.49 -2.15
C ALA B 1012 -17.34 -25.68 -1.66
N ALA B 1013 -17.78 -24.76 -0.81
CA ALA B 1013 -19.08 -24.88 -0.18
C ALA B 1013 -20.11 -25.34 -1.19
N THR B 1014 -20.10 -24.72 -2.36
CA THR B 1014 -20.87 -25.22 -3.47
C THR B 1014 -20.59 -26.69 -3.67
N LYS B 1015 -19.34 -27.03 -4.00
CA LYS B 1015 -19.00 -28.41 -4.31
C LYS B 1015 -19.68 -29.37 -3.35
N MET B 1016 -19.43 -29.20 -2.07
CA MET B 1016 -20.09 -30.07 -1.10
C MET B 1016 -21.59 -30.04 -1.27
N SER B 1017 -22.15 -28.85 -1.41
CA SER B 1017 -23.59 -28.74 -1.50
C SER B 1017 -24.15 -29.50 -2.67
N GLU B 1018 -23.36 -29.63 -3.73
CA GLU B 1018 -23.90 -30.02 -5.01
C GLU B 1018 -23.57 -31.45 -5.39
N CYS B 1019 -22.40 -31.94 -5.02
CA CYS B 1019 -22.01 -33.31 -5.33
C CYS B 1019 -22.00 -34.21 -4.10
N VAL B 1020 -22.76 -33.85 -3.07
CA VAL B 1020 -23.07 -34.76 -1.96
C VAL B 1020 -24.56 -34.87 -1.75
N LEU B 1021 -25.20 -33.76 -1.39
CA LEU B 1021 -26.62 -33.76 -1.10
C LEU B 1021 -27.45 -34.28 -2.26
N GLY B 1022 -26.87 -34.38 -3.43
CA GLY B 1022 -27.56 -34.84 -4.60
C GLY B 1022 -26.58 -35.48 -5.53
N GLN B 1023 -26.93 -35.51 -6.81
CA GLN B 1023 -26.18 -36.29 -7.79
C GLN B 1023 -26.07 -35.49 -9.08
N SER B 1024 -24.96 -34.77 -9.24
CA SER B 1024 -24.79 -33.89 -10.38
C SER B 1024 -24.65 -34.69 -11.68
N LYS B 1025 -24.51 -33.95 -12.77
CA LYS B 1025 -24.08 -34.51 -14.04
C LYS B 1025 -22.93 -33.76 -14.65
N ARG B 1026 -22.64 -32.55 -14.20
CA ARG B 1026 -21.58 -31.73 -14.78
C ARG B 1026 -20.24 -32.32 -14.40
N VAL B 1027 -19.59 -32.97 -15.37
CA VAL B 1027 -18.42 -33.78 -15.10
C VAL B 1027 -17.27 -32.89 -14.68
N ASP B 1028 -16.19 -33.51 -14.22
CA ASP B 1028 -14.99 -32.85 -13.71
C ASP B 1028 -15.25 -32.12 -12.40
N PHE B 1029 -16.51 -31.87 -12.07
CA PHE B 1029 -16.73 -31.08 -10.89
C PHE B 1029 -16.41 -31.92 -9.66
N CYS B 1030 -16.98 -33.11 -9.58
CA CYS B 1030 -16.73 -34.05 -8.52
C CYS B 1030 -16.78 -35.47 -9.06
N GLY B 1031 -16.05 -35.75 -10.13
CA GLY B 1031 -15.98 -37.12 -10.60
C GLY B 1031 -15.28 -37.25 -11.94
N LYS B 1032 -14.32 -38.16 -12.04
CA LYS B 1032 -13.53 -38.21 -13.27
C LYS B 1032 -14.18 -39.16 -14.27
N GLY B 1033 -15.35 -38.75 -14.73
CA GLY B 1033 -16.21 -39.46 -15.64
C GLY B 1033 -17.63 -39.35 -15.18
N TYR B 1034 -18.48 -40.25 -15.68
CA TYR B 1034 -19.83 -40.33 -15.17
C TYR B 1034 -19.76 -40.45 -13.66
N HIS B 1035 -20.26 -39.43 -12.98
CA HIS B 1035 -20.04 -39.23 -11.54
C HIS B 1035 -21.18 -39.80 -10.73
N LEU B 1036 -20.83 -40.60 -9.71
CA LEU B 1036 -21.86 -41.12 -8.83
C LEU B 1036 -22.14 -40.20 -7.65
N MET B 1037 -21.16 -40.01 -6.76
CA MET B 1037 -21.39 -39.23 -5.54
C MET B 1037 -20.07 -39.07 -4.83
N SER B 1038 -20.12 -38.40 -3.68
CA SER B 1038 -18.88 -38.08 -3.00
C SER B 1038 -19.05 -38.04 -1.49
N PHE B 1039 -18.00 -38.40 -0.80
CA PHE B 1039 -17.97 -38.42 0.64
C PHE B 1039 -17.17 -37.25 1.16
N PRO B 1040 -17.62 -36.74 2.26
CA PRO B 1040 -17.04 -35.54 2.85
C PRO B 1040 -15.97 -35.86 3.89
N GLN B 1041 -15.21 -34.87 4.35
CA GLN B 1041 -14.16 -35.20 5.31
C GLN B 1041 -13.83 -33.95 6.11
N SER B 1042 -12.67 -33.95 6.79
CA SER B 1042 -12.20 -32.81 7.58
C SER B 1042 -10.71 -32.58 7.41
N ALA B 1043 -10.27 -31.36 7.68
CA ALA B 1043 -8.87 -31.09 7.45
C ALA B 1043 -8.37 -29.83 8.16
N PRO B 1044 -7.06 -29.76 8.58
CA PRO B 1044 -6.60 -28.73 9.52
C PRO B 1044 -7.06 -27.31 9.29
N HIS B 1045 -6.80 -26.75 8.12
CA HIS B 1045 -7.45 -25.52 7.77
C HIS B 1045 -8.31 -25.67 6.56
N GLY B 1046 -8.67 -26.90 6.23
CA GLY B 1046 -9.45 -27.10 5.05
C GLY B 1046 -10.37 -28.29 5.08
N VAL B 1047 -10.68 -28.76 3.88
CA VAL B 1047 -11.63 -29.84 3.72
C VAL B 1047 -11.09 -30.70 2.61
N VAL B 1048 -11.57 -31.94 2.57
CA VAL B 1048 -11.18 -32.89 1.52
C VAL B 1048 -12.36 -33.78 1.24
N PHE B 1049 -12.49 -34.16 -0.02
CA PHE B 1049 -13.59 -35.01 -0.39
C PHE B 1049 -13.08 -36.13 -1.26
N LEU B 1050 -13.77 -37.24 -1.19
CA LEU B 1050 -13.49 -38.38 -2.03
C LEU B 1050 -14.71 -38.63 -2.90
N HIS B 1051 -14.52 -39.32 -4.01
CA HIS B 1051 -15.65 -39.52 -4.91
C HIS B 1051 -15.68 -40.94 -5.41
N VAL B 1052 -16.80 -41.29 -6.02
CA VAL B 1052 -16.95 -42.56 -6.69
C VAL B 1052 -17.37 -42.31 -8.14
N THR B 1053 -16.47 -42.59 -9.06
CA THR B 1053 -16.76 -42.41 -10.48
C THR B 1053 -16.98 -43.77 -11.12
N TYR B 1054 -17.93 -43.83 -12.05
CA TYR B 1054 -18.31 -45.06 -12.72
C TYR B 1054 -17.58 -45.10 -14.05
N VAL B 1055 -16.38 -45.63 -14.06
CA VAL B 1055 -15.51 -45.56 -15.23
C VAL B 1055 -15.70 -46.82 -16.05
N PRO B 1056 -16.05 -46.71 -17.31
CA PRO B 1056 -16.19 -47.89 -18.16
C PRO B 1056 -14.83 -48.47 -18.48
N ALA B 1057 -14.84 -49.70 -18.98
CA ALA B 1057 -13.61 -50.35 -19.42
C ALA B 1057 -13.98 -51.61 -20.19
N GLN B 1058 -12.99 -52.13 -20.90
CA GLN B 1058 -13.10 -53.39 -21.63
C GLN B 1058 -14.25 -53.32 -22.64
N GLU B 1059 -14.05 -52.41 -23.56
CA GLU B 1059 -15.00 -52.13 -24.62
C GLU B 1059 -14.99 -53.23 -25.67
N LYS B 1060 -15.96 -53.18 -26.58
CA LYS B 1060 -15.93 -54.10 -27.70
C LYS B 1060 -16.51 -53.42 -28.93
N ASN B 1061 -16.06 -53.90 -30.09
CA ASN B 1061 -16.49 -53.41 -31.39
C ASN B 1061 -17.77 -54.14 -31.80
N PHE B 1062 -18.67 -53.43 -32.48
CA PHE B 1062 -19.93 -54.01 -32.90
C PHE B 1062 -20.40 -53.29 -34.15
N THR B 1063 -21.09 -54.02 -35.02
CA THR B 1063 -21.75 -53.37 -36.14
C THR B 1063 -23.00 -52.65 -35.66
N THR B 1064 -23.11 -51.37 -36.03
CA THR B 1064 -24.11 -50.47 -35.46
C THR B 1064 -24.83 -49.69 -36.54
N ALA B 1065 -26.16 -49.71 -36.49
CA ALA B 1065 -26.99 -49.08 -37.49
C ALA B 1065 -27.78 -47.92 -36.89
N PRO B 1066 -27.83 -46.78 -37.57
CA PRO B 1066 -28.45 -45.59 -36.95
C PRO B 1066 -29.94 -45.73 -36.82
N ALA B 1067 -30.55 -46.58 -37.64
CA ALA B 1067 -31.99 -46.74 -37.63
C ALA B 1067 -32.31 -48.08 -38.24
N ILE B 1068 -33.49 -48.57 -37.93
CA ILE B 1068 -33.93 -49.83 -38.48
C ILE B 1068 -35.15 -49.58 -39.33
N CYS B 1069 -35.28 -50.36 -40.39
CA CYS B 1069 -36.49 -50.43 -41.19
C CYS B 1069 -37.06 -51.84 -41.08
N HIS B 1070 -38.36 -51.92 -40.90
CA HIS B 1070 -39.07 -53.18 -40.96
C HIS B 1070 -40.47 -52.92 -41.48
N ASP B 1071 -40.89 -53.73 -42.45
CA ASP B 1071 -42.16 -53.55 -43.13
C ASP B 1071 -42.22 -52.18 -43.80
N GLY B 1072 -41.07 -51.67 -44.21
CA GLY B 1072 -40.96 -50.31 -44.67
C GLY B 1072 -40.94 -49.26 -43.57
N LYS B 1073 -41.55 -49.54 -42.44
CA LYS B 1073 -41.63 -48.57 -41.37
C LYS B 1073 -40.27 -48.35 -40.75
N ALA B 1074 -39.98 -47.11 -40.36
CA ALA B 1074 -38.68 -46.73 -39.80
C ALA B 1074 -38.78 -46.64 -38.28
N HIS B 1075 -38.17 -47.60 -37.59
CA HIS B 1075 -38.32 -47.73 -36.16
C HIS B 1075 -37.08 -47.13 -35.52
N PHE B 1076 -37.27 -46.09 -34.72
CA PHE B 1076 -36.20 -45.46 -33.97
C PHE B 1076 -36.07 -46.09 -32.58
N PRO B 1077 -34.93 -45.91 -31.93
CA PRO B 1077 -34.83 -46.34 -30.54
C PRO B 1077 -35.72 -45.49 -29.68
N ARG B 1078 -36.54 -46.13 -28.84
CA ARG B 1078 -37.23 -45.38 -27.79
C ARG B 1078 -36.22 -44.68 -26.92
N GLU B 1079 -35.19 -45.42 -26.48
CA GLU B 1079 -33.94 -44.81 -26.04
C GLU B 1079 -32.88 -45.89 -26.00
N GLY B 1080 -31.81 -45.69 -26.74
CA GLY B 1080 -30.72 -46.63 -26.81
C GLY B 1080 -30.03 -46.52 -28.16
N VAL B 1081 -29.03 -47.37 -28.34
CA VAL B 1081 -28.38 -47.53 -29.62
C VAL B 1081 -28.62 -48.95 -30.12
N PHE B 1082 -28.77 -49.08 -31.43
CA PHE B 1082 -28.72 -50.38 -32.06
C PHE B 1082 -27.32 -50.96 -31.90
N VAL B 1083 -27.21 -52.25 -32.19
CA VAL B 1083 -25.92 -52.90 -32.17
C VAL B 1083 -26.07 -54.24 -32.84
N SER B 1084 -25.08 -54.66 -33.62
CA SER B 1084 -25.09 -56.02 -34.09
C SER B 1084 -23.69 -56.60 -34.01
N ASN B 1085 -23.62 -57.83 -33.51
CA ASN B 1085 -22.39 -58.58 -33.56
C ASN B 1085 -22.33 -59.24 -34.92
N GLY B 1086 -22.61 -58.48 -35.97
CA GLY B 1086 -22.71 -59.06 -37.30
C GLY B 1086 -23.96 -59.88 -37.62
N THR B 1087 -24.33 -60.79 -36.72
CA THR B 1087 -25.42 -61.72 -37.00
C THR B 1087 -26.77 -61.13 -36.63
N HIS B 1088 -26.94 -60.78 -35.38
CA HIS B 1088 -28.21 -60.33 -34.86
C HIS B 1088 -28.10 -58.90 -34.39
N TRP B 1089 -29.21 -58.19 -34.48
CA TRP B 1089 -29.27 -56.83 -33.96
C TRP B 1089 -29.95 -56.80 -32.62
N PHE B 1090 -29.65 -55.75 -31.86
CA PHE B 1090 -30.13 -55.59 -30.51
C PHE B 1090 -30.17 -54.12 -30.17
N VAL B 1091 -30.90 -53.81 -29.11
CA VAL B 1091 -31.04 -52.47 -28.61
C VAL B 1091 -30.37 -52.41 -27.25
N THR B 1092 -29.74 -51.27 -26.94
CA THR B 1092 -28.99 -51.26 -25.70
C THR B 1092 -28.76 -49.86 -25.17
N GLN B 1093 -28.84 -49.75 -23.85
CA GLN B 1093 -28.42 -48.57 -23.13
C GLN B 1093 -27.01 -48.18 -23.54
N ARG B 1094 -26.73 -46.90 -23.46
CA ARG B 1094 -25.55 -46.37 -24.12
C ARG B 1094 -24.39 -46.16 -23.17
N ASN B 1095 -24.33 -46.89 -22.07
CA ASN B 1095 -23.12 -46.87 -21.27
C ASN B 1095 -22.77 -48.24 -20.70
N PHE B 1096 -23.34 -49.30 -21.25
CA PHE B 1096 -22.91 -50.64 -20.88
C PHE B 1096 -23.41 -51.70 -21.83
N TYR B 1097 -22.52 -52.57 -22.31
CA TYR B 1097 -22.91 -53.54 -23.31
C TYR B 1097 -24.08 -54.37 -22.81
N GLU B 1098 -25.22 -54.25 -23.45
CA GLU B 1098 -26.36 -55.00 -22.96
C GLU B 1098 -27.38 -55.21 -24.06
N PRO B 1099 -27.17 -56.21 -24.90
CA PRO B 1099 -28.07 -56.44 -26.03
C PRO B 1099 -29.45 -56.86 -25.56
N GLN B 1100 -30.47 -56.41 -26.29
CA GLN B 1100 -31.84 -56.74 -25.95
C GLN B 1100 -32.62 -56.95 -27.24
N ILE B 1101 -33.77 -57.61 -27.10
CA ILE B 1101 -34.55 -58.07 -28.25
C ILE B 1101 -35.49 -56.97 -28.70
N ILE B 1102 -35.82 -56.97 -29.98
CA ILE B 1102 -36.55 -55.86 -30.59
C ILE B 1102 -38.02 -56.24 -30.69
N THR B 1103 -38.86 -55.54 -29.92
CA THR B 1103 -40.30 -55.66 -30.08
C THR B 1103 -40.89 -54.26 -30.11
N THR B 1104 -42.22 -54.21 -30.16
CA THR B 1104 -42.90 -52.94 -30.39
C THR B 1104 -42.50 -51.86 -29.40
N ASP B 1105 -42.16 -52.23 -28.17
CA ASP B 1105 -41.98 -51.22 -27.14
C ASP B 1105 -40.61 -50.58 -27.21
N ASN B 1106 -39.56 -51.39 -27.03
CA ASN B 1106 -38.22 -50.85 -27.02
C ASN B 1106 -37.85 -50.13 -28.30
N THR B 1107 -38.76 -50.11 -29.28
CA THR B 1107 -38.57 -49.28 -30.46
C THR B 1107 -39.93 -48.81 -30.95
N PHE B 1108 -40.14 -47.51 -30.91
CA PHE B 1108 -41.26 -46.91 -31.61
C PHE B 1108 -40.90 -46.82 -33.09
N VAL B 1109 -41.60 -45.97 -33.82
CA VAL B 1109 -41.46 -45.89 -35.26
C VAL B 1109 -41.39 -44.43 -35.68
N SER B 1110 -40.98 -44.22 -36.93
CA SER B 1110 -41.10 -42.90 -37.56
C SER B 1110 -41.31 -43.13 -39.06
N GLY B 1111 -42.58 -43.24 -39.44
CA GLY B 1111 -43.02 -43.43 -40.82
C GLY B 1111 -42.39 -44.63 -41.50
N ASN B 1112 -42.37 -44.58 -42.82
CA ASN B 1112 -41.71 -45.57 -43.65
C ASN B 1112 -40.22 -45.30 -43.67
N CYS B 1113 -39.44 -46.35 -43.87
CA CYS B 1113 -38.00 -46.16 -44.00
C CYS B 1113 -37.74 -45.46 -45.32
N ASP B 1114 -37.32 -44.20 -45.23
CA ASP B 1114 -37.38 -43.27 -46.35
C ASP B 1114 -36.03 -42.74 -46.78
N VAL B 1115 -35.35 -41.97 -45.93
CA VAL B 1115 -34.30 -41.08 -46.40
C VAL B 1115 -32.99 -41.26 -45.68
N VAL B 1116 -32.97 -41.75 -44.47
CA VAL B 1116 -31.79 -41.62 -43.64
C VAL B 1116 -30.75 -42.65 -44.02
N ILE B 1117 -29.51 -42.30 -43.83
CA ILE B 1117 -28.40 -43.13 -44.27
C ILE B 1117 -28.05 -44.10 -43.16
N GLY B 1118 -27.87 -45.37 -43.52
CA GLY B 1118 -27.48 -46.39 -42.58
C GLY B 1118 -28.58 -47.32 -42.14
N ILE B 1119 -29.82 -47.07 -42.53
CA ILE B 1119 -30.93 -47.93 -42.11
C ILE B 1119 -30.75 -49.32 -42.72
N VAL B 1120 -30.70 -50.33 -41.87
CA VAL B 1120 -30.40 -51.68 -42.30
C VAL B 1120 -31.70 -52.48 -42.34
N ASN B 1121 -31.60 -53.71 -42.84
CA ASN B 1121 -32.74 -54.60 -43.02
C ASN B 1121 -32.79 -55.59 -41.87
N ASN B 1122 -33.69 -55.36 -40.94
CA ASN B 1122 -33.96 -56.29 -39.85
C ASN B 1122 -35.40 -56.09 -39.41
N THR B 1123 -36.09 -57.19 -39.20
CA THR B 1123 -37.47 -57.17 -38.76
C THR B 1123 -37.56 -57.07 -37.26
N VAL B 1124 -38.54 -56.32 -36.78
CA VAL B 1124 -38.79 -56.17 -35.36
C VAL B 1124 -39.88 -57.14 -34.96
N TYR B 1125 -39.96 -57.43 -33.67
CA TYR B 1125 -40.72 -58.58 -33.21
C TYR B 1125 -41.76 -58.18 -32.17
N ASP B 1126 -42.33 -59.21 -31.54
CA ASP B 1126 -43.25 -59.13 -30.39
C ASP B 1126 -43.45 -60.52 -29.82
N PRO B 1127 -43.34 -60.71 -28.50
CA PRO B 1127 -43.64 -62.01 -27.93
C PRO B 1127 -45.09 -62.10 -27.46
N ALA C 14 -6.30 44.48 -39.95
CA ALA C 14 -6.20 43.46 -40.98
C ALA C 14 -5.62 42.17 -40.44
N TYR C 15 -6.20 41.69 -39.33
CA TYR C 15 -5.65 40.53 -38.65
C TYR C 15 -5.67 39.30 -39.57
N THR C 16 -5.06 38.22 -39.10
CA THR C 16 -4.95 37.00 -39.90
C THR C 16 -4.76 35.80 -39.00
N ASN C 17 -5.62 34.79 -39.14
CA ASN C 17 -5.62 33.62 -38.25
C ASN C 17 -4.44 32.70 -38.49
N SER C 18 -4.07 31.96 -37.46
CA SER C 18 -3.02 30.94 -37.58
C SER C 18 -3.63 29.58 -37.84
N PHE C 19 -2.93 28.76 -38.64
CA PHE C 19 -3.33 27.38 -38.86
C PHE C 19 -2.42 26.39 -38.13
N THR C 20 -1.11 26.49 -38.36
CA THR C 20 -0.20 25.42 -37.97
C THR C 20 1.16 25.91 -37.46
N ARG C 21 1.30 27.18 -37.11
CA ARG C 21 2.63 27.76 -36.97
C ARG C 21 3.17 27.66 -35.55
N GLY C 22 4.47 27.89 -35.42
CA GLY C 22 5.14 27.88 -34.14
C GLY C 22 5.39 26.52 -33.52
N VAL C 23 6.01 25.58 -34.24
CA VAL C 23 6.24 24.23 -33.75
C VAL C 23 7.74 23.95 -33.73
N TYR C 24 8.33 23.91 -32.54
CA TYR C 24 9.78 23.79 -32.44
C TYR C 24 10.17 22.73 -31.43
N TYR C 25 11.16 21.92 -31.80
CA TYR C 25 11.69 20.94 -30.87
C TYR C 25 12.17 21.65 -29.61
N PRO C 26 11.77 21.18 -28.44
CA PRO C 26 11.82 22.04 -27.25
C PRO C 26 13.23 22.34 -26.78
N ASP C 27 14.21 21.52 -27.13
CA ASP C 27 15.56 21.72 -26.64
C ASP C 27 16.50 20.99 -27.58
N LYS C 28 17.80 21.15 -27.34
CA LYS C 28 18.76 20.50 -28.22
C LYS C 28 18.66 18.97 -28.13
N VAL C 29 18.06 18.44 -27.06
CA VAL C 29 18.01 17.00 -26.93
C VAL C 29 17.28 16.41 -28.11
N PHE C 30 17.56 15.15 -28.38
CA PHE C 30 16.90 14.47 -29.47
C PHE C 30 16.16 13.27 -28.93
N ARG C 31 14.86 13.29 -29.07
CA ARG C 31 14.04 12.11 -28.86
C ARG C 31 13.88 11.44 -30.21
N SER C 32 13.39 10.22 -30.18
CA SER C 32 13.30 9.45 -31.41
C SER C 32 12.07 8.57 -31.35
N SER C 33 11.07 8.89 -32.18
CA SER C 33 9.81 8.15 -32.20
C SER C 33 9.19 8.12 -30.79
N VAL C 34 9.10 9.30 -30.18
CA VAL C 34 8.65 9.44 -28.80
C VAL C 34 7.42 10.31 -28.75
N LEU C 35 6.27 9.69 -28.48
CA LEU C 35 5.00 10.41 -28.40
C LEU C 35 5.01 11.15 -27.06
N HIS C 36 5.68 12.29 -27.04
CA HIS C 36 6.05 12.95 -25.81
C HIS C 36 5.24 14.23 -25.62
N SER C 37 5.38 14.85 -24.46
CA SER C 37 4.66 16.07 -24.13
C SER C 37 5.54 17.00 -23.32
N THR C 38 5.18 18.29 -23.35
CA THR C 38 6.02 19.37 -22.85
C THR C 38 5.12 20.51 -22.39
N GLN C 39 5.77 21.57 -21.88
CA GLN C 39 5.06 22.81 -21.55
C GLN C 39 6.06 23.91 -21.26
N ASP C 40 5.94 25.06 -21.95
CA ASP C 40 6.69 26.28 -21.67
C ASP C 40 6.00 27.42 -22.42
N LEU C 41 6.66 28.57 -22.52
CA LEU C 41 6.07 29.70 -23.23
C LEU C 41 6.04 29.40 -24.72
N PHE C 42 4.88 28.98 -25.21
CA PHE C 42 4.68 28.54 -26.58
C PHE C 42 3.53 29.29 -27.24
N LEU C 43 3.29 28.98 -28.51
CA LEU C 43 2.33 29.71 -29.31
C LEU C 43 0.92 29.20 -29.10
N PRO C 44 -0.01 30.02 -28.62
CA PRO C 44 -1.41 29.62 -28.63
C PRO C 44 -1.88 29.34 -30.05
N PHE C 45 -2.75 28.34 -30.20
CA PHE C 45 -3.09 27.79 -31.49
C PHE C 45 -4.39 28.34 -32.08
N PHE C 46 -4.44 28.37 -33.41
CA PHE C 46 -5.56 28.98 -34.14
C PHE C 46 -5.86 30.37 -33.62
N SER C 47 -4.81 31.10 -33.27
CA SER C 47 -4.95 32.50 -32.91
C SER C 47 -4.63 33.35 -34.13
N ASN C 48 -4.99 34.61 -34.05
CA ASN C 48 -4.90 35.46 -35.22
C ASN C 48 -3.81 36.48 -34.99
N VAL C 49 -2.71 36.32 -35.71
CA VAL C 49 -1.57 37.22 -35.73
C VAL C 49 -2.04 38.54 -36.36
N THR C 50 -1.29 39.62 -36.15
CA THR C 50 -1.62 40.92 -36.71
C THR C 50 -0.75 41.21 -37.93
N TRP C 51 -1.36 41.18 -39.10
CA TRP C 51 -0.69 41.56 -40.33
C TRP C 51 -0.20 42.99 -40.21
N PHE C 52 0.75 43.36 -41.06
CA PHE C 52 1.23 44.75 -41.08
C PHE C 52 1.62 45.17 -42.49
N HIS C 53 0.67 45.76 -43.21
CA HIS C 53 0.98 46.60 -44.34
C HIS C 53 0.49 48.00 -44.04
N ALA C 54 0.79 48.92 -44.95
CA ALA C 54 0.49 50.33 -44.78
C ALA C 54 -0.99 50.56 -44.47
N ILE C 55 -1.30 51.19 -43.33
CA ILE C 55 -2.68 51.58 -43.05
C ILE C 55 -3.10 52.56 -44.13
N HIS C 56 -2.14 53.29 -44.69
CA HIS C 56 -2.40 54.40 -45.59
C HIS C 56 -1.29 54.47 -46.64
N VAL C 57 -1.13 55.62 -47.27
CA VAL C 57 -0.24 55.71 -48.42
C VAL C 57 1.14 56.06 -47.92
N SER C 58 2.13 56.00 -48.80
CA SER C 58 3.54 56.16 -48.44
C SER C 58 3.84 57.63 -48.16
N GLY C 59 5.13 58.00 -48.15
CA GLY C 59 5.51 59.28 -47.62
C GLY C 59 5.65 59.16 -46.12
N THR C 60 6.66 58.41 -45.70
CA THR C 60 6.70 57.81 -44.38
C THR C 60 7.89 58.31 -43.56
N ASN C 61 7.67 59.32 -42.72
CA ASN C 61 8.50 59.40 -41.52
C ASN C 61 7.64 59.57 -40.26
N GLY C 62 6.63 60.44 -40.33
CA GLY C 62 5.92 60.81 -39.12
C GLY C 62 4.66 60.02 -38.95
N THR C 63 3.89 59.91 -40.03
CA THR C 63 2.68 59.09 -40.08
C THR C 63 2.72 58.27 -41.36
N LYS C 64 1.81 57.30 -41.45
CA LYS C 64 1.63 56.54 -42.68
C LYS C 64 2.89 55.76 -43.01
N ARG C 65 3.55 55.24 -41.99
CA ARG C 65 4.95 54.82 -42.04
C ARG C 65 5.14 53.35 -42.34
N PHE C 66 4.50 52.81 -43.38
CA PHE C 66 4.69 51.41 -43.76
C PHE C 66 4.46 50.44 -42.60
N ASP C 67 3.87 50.93 -41.51
CA ASP C 67 3.49 50.11 -40.36
C ASP C 67 4.67 49.26 -39.86
N ASN C 68 5.63 49.96 -39.26
CA ASN C 68 6.76 49.33 -38.56
C ASN C 68 6.99 50.00 -37.21
N PRO C 69 6.02 49.93 -36.29
CA PRO C 69 6.18 50.59 -34.99
C PRO C 69 6.70 49.66 -33.89
N VAL C 70 6.70 50.17 -32.66
CA VAL C 70 7.06 49.39 -31.47
C VAL C 70 5.82 48.69 -30.93
N LEU C 71 5.97 47.42 -30.56
CA LEU C 71 4.86 46.58 -30.11
C LEU C 71 5.20 45.91 -28.79
N PRO C 72 4.20 45.56 -27.99
CA PRO C 72 4.46 44.92 -26.69
C PRO C 72 5.23 43.62 -26.82
N PHE C 73 5.81 43.20 -25.70
CA PHE C 73 6.69 42.04 -25.65
C PHE C 73 5.91 40.73 -25.41
N ASN C 74 5.23 40.64 -24.27
CA ASN C 74 4.35 39.51 -23.95
C ASN C 74 5.06 38.16 -24.05
N ASP C 75 6.18 38.04 -23.37
CA ASP C 75 6.85 36.75 -23.10
C ASP C 75 6.97 35.88 -24.35
N GLY C 76 7.14 36.50 -25.50
CA GLY C 76 7.42 35.73 -26.69
C GLY C 76 6.93 36.42 -27.95
N VAL C 77 7.75 36.40 -28.99
CA VAL C 77 7.38 37.07 -30.24
C VAL C 77 7.60 36.10 -31.39
N TYR C 78 6.69 36.14 -32.36
CA TYR C 78 6.77 35.30 -33.54
C TYR C 78 6.77 36.21 -34.78
N PHE C 79 7.98 36.60 -35.20
CA PHE C 79 8.21 37.66 -36.18
C PHE C 79 8.69 37.02 -37.48
N ALA C 80 7.93 37.20 -38.56
CA ALA C 80 8.31 36.57 -39.82
C ALA C 80 7.71 37.34 -40.98
N SER C 81 8.16 37.00 -42.18
CA SER C 81 7.82 37.76 -43.38
C SER C 81 7.52 36.79 -44.51
N THR C 82 7.21 37.38 -45.67
CA THR C 82 6.61 36.68 -46.81
C THR C 82 7.51 36.86 -48.01
N GLU C 83 6.94 36.56 -49.18
CA GLU C 83 7.61 36.49 -50.50
C GLU C 83 8.67 37.60 -50.61
N LYS C 84 8.41 38.82 -50.19
CA LYS C 84 9.29 40.00 -50.44
C LYS C 84 10.69 39.69 -49.91
N SER C 85 11.74 40.21 -50.54
CA SER C 85 13.08 39.67 -50.37
C SER C 85 13.95 40.50 -49.43
N ASN C 86 14.17 39.98 -48.23
CA ASN C 86 15.29 40.39 -47.38
C ASN C 86 15.16 41.83 -46.93
N ILE C 87 14.03 42.46 -47.25
CA ILE C 87 13.90 43.88 -46.96
C ILE C 87 13.67 44.16 -45.48
N ILE C 88 13.09 43.24 -44.76
CA ILE C 88 13.09 43.35 -43.30
C ILE C 88 14.53 43.20 -42.84
N ARG C 89 14.82 43.78 -41.68
CA ARG C 89 16.20 43.89 -41.20
C ARG C 89 16.29 43.70 -39.70
N GLY C 90 17.38 44.17 -39.11
CA GLY C 90 17.65 43.96 -37.71
C GLY C 90 16.51 44.40 -36.81
N TRP C 91 16.49 43.79 -35.63
CA TRP C 91 15.45 43.96 -34.62
C TRP C 91 15.98 44.82 -33.49
N ILE C 92 15.06 45.34 -32.68
CA ILE C 92 15.38 46.31 -31.64
C ILE C 92 14.54 46.00 -30.42
N PHE C 93 15.14 46.14 -29.23
CA PHE C 93 14.49 45.75 -28.00
C PHE C 93 14.95 46.66 -26.87
N GLY C 94 14.19 46.64 -25.79
CA GLY C 94 14.50 47.38 -24.58
C GLY C 94 13.22 47.92 -23.99
N THR C 95 13.38 49.01 -23.24
CA THR C 95 12.28 49.85 -22.79
C THR C 95 12.39 51.26 -23.35
N THR C 96 13.58 51.85 -23.28
CA THR C 96 13.82 53.20 -23.76
C THR C 96 14.62 53.22 -25.06
N LEU C 97 15.18 52.09 -25.49
CA LEU C 97 15.86 51.95 -26.79
C LEU C 97 17.00 52.96 -26.92
N ASP C 98 18.01 52.76 -26.06
CA ASP C 98 19.02 53.77 -25.87
C ASP C 98 20.33 53.10 -25.43
N SER C 99 21.34 53.93 -25.18
CA SER C 99 22.66 53.44 -24.77
C SER C 99 22.64 52.78 -23.42
N LYS C 100 21.68 53.13 -22.58
CA LYS C 100 21.63 52.62 -21.22
C LYS C 100 21.14 51.17 -21.19
N THR C 101 19.90 50.95 -21.60
CA THR C 101 19.29 49.63 -21.51
C THR C 101 19.73 48.76 -22.69
N GLN C 102 19.22 47.53 -22.73
CA GLN C 102 19.72 46.52 -23.66
C GLN C 102 19.04 46.62 -25.01
N SER C 103 19.85 46.71 -26.06
CA SER C 103 19.34 46.79 -27.42
C SER C 103 20.15 45.87 -28.31
N LEU C 104 19.44 45.08 -29.10
CA LEU C 104 19.96 43.85 -29.69
C LEU C 104 19.69 43.90 -31.18
N LEU C 105 20.70 44.32 -31.94
CA LEU C 105 20.55 44.76 -33.32
C LEU C 105 21.17 43.70 -34.23
N ILE C 106 20.39 42.71 -34.60
CA ILE C 106 20.91 41.56 -35.33
C ILE C 106 20.78 41.88 -36.82
N VAL C 107 21.85 42.43 -37.40
CA VAL C 107 21.77 43.02 -38.73
C VAL C 107 22.77 42.36 -39.65
N ASN C 108 22.35 42.14 -40.90
CA ASN C 108 23.25 41.59 -41.91
C ASN C 108 24.20 42.66 -42.39
N ASN C 109 25.50 42.34 -42.39
CA ASN C 109 26.56 43.28 -42.82
C ASN C 109 26.60 43.41 -44.35
N ALA C 110 25.81 42.62 -45.09
CA ALA C 110 25.84 42.74 -46.54
C ALA C 110 26.83 41.81 -47.22
N THR C 111 27.71 41.19 -46.44
CA THR C 111 28.44 40.02 -46.87
C THR C 111 28.64 39.08 -45.69
N ASN C 112 28.37 39.57 -44.49
CA ASN C 112 28.24 38.75 -43.30
C ASN C 112 26.91 39.09 -42.63
N VAL C 113 26.70 38.60 -41.41
CA VAL C 113 25.59 39.08 -40.58
C VAL C 113 26.10 39.20 -39.15
N VAL C 114 26.19 40.45 -38.67
CA VAL C 114 26.80 40.76 -37.39
C VAL C 114 25.69 41.07 -36.40
N ILE C 115 26.01 40.99 -35.14
CA ILE C 115 25.11 41.48 -34.11
C ILE C 115 25.64 42.82 -33.63
N LYS C 116 24.75 43.62 -33.09
CA LYS C 116 25.11 44.82 -32.38
C LYS C 116 24.35 44.76 -31.06
N VAL C 117 24.94 44.09 -30.08
CA VAL C 117 24.47 44.18 -28.71
C VAL C 117 25.21 45.25 -27.95
N CYS C 118 26.25 45.83 -28.55
CA CYS C 118 26.86 47.04 -28.00
C CYS C 118 25.79 48.10 -27.79
N GLU C 119 25.57 48.49 -26.54
CA GLU C 119 24.43 49.32 -26.17
C GLU C 119 24.63 50.74 -26.69
N PHE C 120 24.46 50.89 -28.01
CA PHE C 120 24.55 52.19 -28.65
C PHE C 120 23.36 53.05 -28.28
N GLN C 121 23.42 54.32 -28.67
CA GLN C 121 22.23 55.16 -28.72
C GLN C 121 21.45 54.81 -29.99
N PHE C 122 20.12 54.82 -29.88
CA PHE C 122 19.27 54.38 -30.96
C PHE C 122 19.63 55.07 -32.27
N CYS C 123 20.07 54.29 -33.25
CA CYS C 123 20.36 54.78 -34.59
C CYS C 123 19.13 54.49 -35.43
N ASN C 124 18.36 55.53 -35.74
CA ASN C 124 17.10 55.37 -36.47
C ASN C 124 17.31 54.83 -37.88
N ASP C 125 18.55 54.50 -38.26
CA ASP C 125 18.92 54.41 -39.67
C ASP C 125 19.83 53.23 -40.04
N PRO C 126 19.31 52.18 -40.63
CA PRO C 126 20.15 51.17 -41.24
C PRO C 126 20.89 51.64 -42.50
N PHE C 127 20.17 52.21 -43.47
CA PHE C 127 20.82 52.86 -44.62
C PHE C 127 21.70 51.93 -45.45
N LEU C 128 21.09 51.05 -46.23
CA LEU C 128 21.77 49.94 -46.88
C LEU C 128 22.27 50.38 -48.27
N GLY C 129 22.65 51.64 -48.37
CA GLY C 129 23.13 52.20 -49.63
C GLY C 129 23.98 51.25 -50.44
N VAL C 130 23.75 51.24 -51.75
CA VAL C 130 24.26 50.17 -52.61
C VAL C 130 25.52 50.54 -53.38
N TYR C 131 26.41 51.34 -52.80
CA TYR C 131 27.75 51.58 -53.35
C TYR C 131 27.69 51.92 -54.84
N TYR C 132 27.03 53.05 -55.12
CA TYR C 132 26.67 53.67 -56.44
C TYR C 132 27.75 53.60 -57.53
N HIS C 133 28.80 52.81 -57.33
CA HIS C 133 29.88 52.60 -58.29
C HIS C 133 30.15 53.86 -59.10
N LYS C 134 30.25 54.99 -58.41
CA LYS C 134 30.40 56.29 -59.06
C LYS C 134 31.64 56.99 -58.53
N ASN C 135 32.78 56.29 -58.54
CA ASN C 135 34.05 56.95 -58.29
C ASN C 135 34.11 57.58 -56.91
N ASN C 136 34.40 56.77 -55.87
CA ASN C 136 34.12 57.05 -54.46
C ASN C 136 32.64 56.88 -54.16
N LYS C 137 32.19 55.63 -54.24
CA LYS C 137 30.90 55.20 -53.73
C LYS C 137 30.57 55.93 -52.43
N SER C 138 29.34 56.43 -52.36
CA SER C 138 28.91 57.39 -51.35
C SER C 138 27.43 57.13 -51.09
N TRP C 139 26.76 58.12 -50.52
CA TRP C 139 25.32 58.21 -50.73
C TRP C 139 24.95 59.64 -51.15
N MET C 140 23.71 59.81 -51.60
CA MET C 140 23.29 61.07 -52.21
C MET C 140 22.25 61.82 -51.41
N GLU C 141 21.10 61.21 -51.12
CA GLU C 141 19.99 61.91 -50.46
C GLU C 141 19.63 61.20 -49.15
N SER C 142 20.65 60.89 -48.35
CA SER C 142 20.48 60.14 -47.12
C SER C 142 20.70 61.03 -45.91
N GLU C 143 20.29 60.52 -44.75
CA GLU C 143 20.52 61.21 -43.49
C GLU C 143 21.86 60.86 -42.83
N PHE C 144 21.98 59.62 -42.36
CA PHE C 144 23.06 59.22 -41.47
C PHE C 144 23.40 57.75 -41.67
N ARG C 145 23.94 57.09 -40.64
CA ARG C 145 24.12 55.64 -40.61
C ARG C 145 23.94 55.17 -39.16
N VAL C 146 24.35 53.94 -38.88
CA VAL C 146 24.34 53.40 -37.51
C VAL C 146 25.73 53.61 -36.92
N ASN C 152 29.91 52.12 -24.27
CA ASN C 152 29.10 51.05 -23.70
C ASN C 152 28.76 49.99 -24.74
N CYS C 153 29.79 49.29 -25.20
CA CYS C 153 29.58 48.10 -26.01
C CYS C 153 29.73 46.84 -25.18
N THR C 154 29.02 45.79 -25.61
CA THR C 154 28.95 44.57 -24.80
C THR C 154 29.51 43.33 -25.50
N PHE C 155 28.96 42.92 -26.64
CA PHE C 155 29.36 41.65 -27.24
C PHE C 155 29.23 41.70 -28.75
N GLU C 156 29.54 40.59 -29.40
CA GLU C 156 29.51 40.50 -30.85
C GLU C 156 29.37 39.03 -31.24
N TYR C 157 29.01 38.81 -32.51
CA TYR C 157 28.92 37.50 -33.14
C TYR C 157 28.54 37.68 -34.60
N VAL C 158 28.75 36.63 -35.39
CA VAL C 158 28.29 36.55 -36.76
C VAL C 158 27.54 35.24 -36.96
N SER C 159 26.31 35.32 -37.43
CA SER C 159 25.49 34.13 -37.62
C SER C 159 25.62 33.65 -39.06
N GLN C 160 24.83 32.64 -39.40
CA GLN C 160 24.89 32.04 -40.72
C GLN C 160 24.07 32.87 -41.70
N PRO C 161 24.24 32.64 -43.00
CA PRO C 161 23.38 33.31 -43.99
C PRO C 161 21.92 33.02 -43.71
N PHE C 162 21.08 33.98 -44.10
CA PHE C 162 19.67 33.92 -43.77
C PHE C 162 18.91 32.93 -44.67
N LEU C 163 19.05 33.09 -45.97
CA LEU C 163 18.40 32.21 -46.95
C LEU C 163 16.89 32.21 -46.79
N LYS C 174 11.52 34.94 -54.34
CA LYS C 174 10.66 35.75 -53.49
C LYS C 174 9.78 34.87 -52.61
N ASN C 175 10.27 34.55 -51.41
CA ASN C 175 9.65 33.53 -50.59
C ASN C 175 9.68 33.98 -49.14
N LEU C 176 9.47 33.04 -48.23
CA LEU C 176 9.13 33.33 -46.85
C LEU C 176 9.85 32.38 -45.90
N ARG C 177 9.82 32.73 -44.62
CA ARG C 177 10.47 31.94 -43.59
C ARG C 177 10.02 32.44 -42.22
N GLU C 178 10.37 31.67 -41.19
CA GLU C 178 10.09 31.98 -39.80
C GLU C 178 11.38 32.04 -39.00
N PHE C 179 11.43 32.98 -38.06
CA PHE C 179 12.55 33.15 -37.14
C PHE C 179 11.95 33.60 -35.81
N VAL C 180 11.55 32.65 -34.97
CA VAL C 180 10.77 32.99 -33.79
C VAL C 180 11.70 33.41 -32.66
N PHE C 181 11.26 34.38 -31.86
CA PHE C 181 12.10 34.99 -30.84
C PHE C 181 11.52 34.70 -29.46
N LYS C 182 12.35 34.12 -28.59
CA LYS C 182 11.99 34.05 -27.18
C LYS C 182 13.15 34.54 -26.34
N ASN C 183 12.96 35.65 -25.63
CA ASN C 183 13.99 36.26 -24.80
C ASN C 183 13.79 35.74 -23.38
N ILE C 184 14.27 34.53 -23.14
CA ILE C 184 14.00 33.84 -21.88
C ILE C 184 15.08 34.18 -20.86
N ASP C 185 14.76 35.05 -19.90
CA ASP C 185 15.70 35.45 -18.85
C ASP C 185 16.97 36.05 -19.46
N GLY C 186 16.75 37.09 -20.27
CA GLY C 186 17.82 37.73 -20.98
C GLY C 186 18.38 36.95 -22.14
N TYR C 187 17.81 35.80 -22.47
CA TYR C 187 18.40 34.85 -23.41
C TYR C 187 17.53 34.79 -24.67
N PHE C 188 18.11 35.23 -25.78
CA PHE C 188 17.41 35.38 -27.06
C PHE C 188 17.52 34.09 -27.88
N LYS C 189 16.65 33.15 -27.56
CA LYS C 189 16.68 31.86 -28.22
C LYS C 189 15.80 31.86 -29.46
N ILE C 190 16.30 31.21 -30.51
CA ILE C 190 15.87 31.44 -31.89
C ILE C 190 15.69 30.11 -32.61
N TYR C 191 14.44 29.72 -32.85
CA TYR C 191 14.11 28.57 -33.69
C TYR C 191 13.66 29.06 -35.07
N SER C 192 14.26 28.49 -36.12
CA SER C 192 14.16 29.09 -37.45
C SER C 192 13.87 28.03 -38.50
N LYS C 193 13.32 28.51 -39.63
CA LYS C 193 13.15 27.63 -40.79
C LYS C 193 12.76 28.45 -42.01
N HIS C 194 13.37 28.13 -43.15
CA HIS C 194 12.89 28.60 -44.43
C HIS C 194 11.56 27.92 -44.75
N THR C 195 10.57 28.68 -45.18
CA THR C 195 9.32 28.09 -45.63
C THR C 195 9.18 28.25 -47.13
N PRO C 196 9.49 27.22 -47.92
CA PRO C 196 9.21 27.26 -49.37
C PRO C 196 7.84 26.74 -49.79
N ILE C 197 7.02 27.64 -50.34
CA ILE C 197 5.76 27.28 -50.98
C ILE C 197 5.37 28.43 -51.90
N ASN C 198 5.09 28.12 -53.16
CA ASN C 198 5.01 29.15 -54.18
C ASN C 198 3.86 30.13 -53.99
N LEU C 199 2.85 29.76 -53.23
CA LEU C 199 1.71 30.66 -53.02
C LEU C 199 2.18 31.90 -52.28
N VAL C 200 1.92 33.06 -52.86
CA VAL C 200 2.36 34.34 -52.32
C VAL C 200 1.18 35.23 -51.93
N ARG C 201 0.10 34.64 -51.43
CA ARG C 201 -1.06 35.45 -51.05
C ARG C 201 -0.95 35.92 -49.62
N ASP C 202 -0.60 35.03 -48.70
CA ASP C 202 -0.62 35.36 -47.28
C ASP C 202 0.32 34.41 -46.55
N LEU C 203 0.11 34.30 -45.25
CA LEU C 203 0.84 33.34 -44.41
C LEU C 203 0.49 31.91 -44.85
N PRO C 204 1.36 30.93 -44.56
CA PRO C 204 1.26 29.63 -45.23
C PRO C 204 0.42 28.56 -44.53
N GLN C 205 0.49 27.33 -45.05
CA GLN C 205 0.13 26.12 -44.33
C GLN C 205 1.26 25.11 -44.39
N GLY C 206 1.47 24.39 -43.29
CA GLY C 206 2.58 23.45 -43.19
C GLY C 206 3.09 23.27 -41.76
N PHE C 207 4.01 22.34 -41.55
CA PHE C 207 4.45 21.94 -40.22
C PHE C 207 5.97 22.00 -40.18
N SER C 208 6.51 23.03 -39.54
CA SER C 208 7.90 23.42 -39.76
C SER C 208 8.75 23.14 -38.55
N ALA C 209 9.77 22.32 -38.73
CA ALA C 209 10.72 22.09 -37.67
C ALA C 209 11.43 23.39 -37.34
N LEU C 210 11.62 23.63 -36.04
CA LEU C 210 12.23 24.86 -35.58
C LEU C 210 13.18 24.53 -34.45
N GLU C 211 14.41 25.02 -34.53
CA GLU C 211 15.44 24.63 -33.58
C GLU C 211 16.27 25.83 -33.18
N PRO C 212 16.78 25.86 -31.95
CA PRO C 212 17.47 27.05 -31.46
C PRO C 212 18.87 27.18 -32.05
N LEU C 213 19.37 28.38 -31.99
CA LEU C 213 20.73 28.59 -32.49
C LEU C 213 21.64 29.26 -31.48
N VAL C 214 21.18 30.30 -30.79
CA VAL C 214 22.08 31.17 -30.04
C VAL C 214 21.36 31.69 -28.82
N ASP C 215 22.12 31.85 -27.75
CA ASP C 215 21.68 32.51 -26.54
C ASP C 215 22.74 33.52 -26.15
N LEU C 216 22.32 34.63 -25.58
CA LEU C 216 23.30 35.58 -25.06
C LEU C 216 22.82 36.16 -23.75
N PRO C 217 23.58 36.01 -22.71
CA PRO C 217 23.11 36.38 -21.37
C PRO C 217 23.19 37.88 -21.05
N ILE C 218 22.16 38.65 -21.37
CA ILE C 218 22.21 40.09 -21.14
C ILE C 218 22.04 40.43 -19.66
N GLY C 219 20.94 40.00 -19.04
CA GLY C 219 20.74 40.24 -17.63
C GLY C 219 19.92 41.46 -17.26
N ILE C 220 18.91 41.82 -18.05
CA ILE C 220 17.94 42.85 -17.65
C ILE C 220 16.62 42.66 -18.39
N ASN C 221 15.58 43.28 -17.84
CA ASN C 221 14.19 43.10 -18.27
C ASN C 221 13.89 43.99 -19.47
N ILE C 222 13.08 43.47 -20.38
CA ILE C 222 12.68 44.18 -21.59
C ILE C 222 11.15 44.16 -21.66
N THR C 223 10.56 45.28 -22.12
CA THR C 223 9.12 45.35 -22.35
C THR C 223 8.75 46.13 -23.59
N ARG C 224 9.61 46.12 -24.61
CA ARG C 224 9.35 46.86 -25.83
C ARG C 224 10.31 46.40 -26.91
N PHE C 225 9.84 46.42 -28.15
CA PHE C 225 10.62 45.94 -29.28
C PHE C 225 10.01 46.44 -30.57
N GLN C 226 10.83 46.50 -31.62
CA GLN C 226 10.39 46.96 -32.94
C GLN C 226 11.49 46.65 -33.96
N THR C 227 11.33 47.22 -35.15
CA THR C 227 12.41 47.25 -36.14
C THR C 227 12.23 48.47 -37.03
N LEU C 228 13.33 48.88 -37.67
CA LEU C 228 13.41 50.16 -38.36
C LEU C 228 14.38 50.03 -39.53
N LEU C 229 14.31 50.96 -40.48
CA LEU C 229 14.95 50.70 -41.76
C LEU C 229 15.32 52.01 -42.46
N ALA C 230 15.81 51.87 -43.68
CA ALA C 230 16.04 52.95 -44.62
C ALA C 230 16.02 52.36 -46.03
N LEU C 231 15.42 53.08 -46.99
CA LEU C 231 15.13 52.54 -48.34
C LEU C 231 15.56 53.53 -49.43
N HIS C 232 16.85 53.89 -49.39
CA HIS C 232 17.42 54.85 -50.37
C HIS C 232 18.18 54.09 -51.46
N ARG C 233 17.70 54.17 -52.71
CA ARG C 233 18.36 53.50 -53.87
C ARG C 233 18.35 54.44 -55.08
N SER C 234 18.98 54.02 -56.18
CA SER C 234 19.03 54.85 -57.41
C SER C 234 19.43 53.98 -58.61
N TYR C 235 20.67 53.48 -58.63
CA TYR C 235 21.17 52.62 -59.73
C TYR C 235 20.37 51.30 -59.75
N LEU C 236 20.40 50.57 -58.64
CA LEU C 236 19.68 49.27 -58.50
C LEU C 236 20.00 48.38 -59.71
N THR C 237 18.96 47.86 -60.36
CA THR C 237 19.13 46.96 -61.55
C THR C 237 17.97 47.19 -62.53
N PRO C 238 16.71 47.32 -62.05
CA PRO C 238 15.56 47.49 -62.94
C PRO C 238 15.54 48.85 -63.65
N GLY C 239 15.45 48.82 -64.99
CA GLY C 239 15.41 50.04 -65.82
C GLY C 239 15.54 51.30 -64.98
N ASP C 240 14.63 52.27 -65.19
CA ASP C 240 14.64 53.55 -64.43
C ASP C 240 13.71 53.42 -63.22
N SER C 241 14.28 53.12 -62.05
CA SER C 241 13.50 52.95 -60.83
C SER C 241 12.72 54.20 -60.44
N SER C 242 13.43 55.27 -60.07
CA SER C 242 12.82 56.54 -59.66
C SER C 242 11.56 56.33 -58.83
N SER C 243 11.69 55.52 -57.78
CA SER C 243 10.51 55.06 -57.04
C SER C 243 10.08 56.09 -56.02
N GLY C 244 9.06 56.89 -56.36
CA GLY C 244 8.38 57.68 -55.36
C GLY C 244 7.30 56.82 -54.76
N TRP C 245 7.57 56.24 -53.58
CA TRP C 245 6.99 54.96 -53.15
C TRP C 245 5.50 54.80 -53.44
N THR C 246 4.66 55.59 -52.77
CA THR C 246 3.21 55.61 -52.96
C THR C 246 2.66 54.20 -53.25
N ALA C 247 2.98 53.27 -52.36
CA ALA C 247 2.64 51.88 -52.62
C ALA C 247 2.38 51.09 -51.35
N GLY C 248 2.30 49.77 -51.48
CA GLY C 248 2.14 48.88 -50.34
C GLY C 248 3.46 48.24 -49.96
N ALA C 249 3.77 48.24 -48.68
CA ALA C 249 5.10 47.89 -48.19
C ALA C 249 5.24 46.37 -48.03
N ALA C 250 6.25 45.96 -47.28
CA ALA C 250 6.36 44.59 -46.83
C ALA C 250 5.54 44.40 -45.56
N ALA C 251 5.71 43.24 -44.92
CA ALA C 251 4.84 42.86 -43.81
C ALA C 251 5.59 42.06 -42.76
N TYR C 252 5.53 42.53 -41.52
CA TYR C 252 6.00 41.78 -40.36
C TYR C 252 4.80 41.32 -39.52
N TYR C 253 4.97 40.22 -38.80
CA TYR C 253 3.88 39.54 -38.11
C TYR C 253 4.28 39.24 -36.67
N VAL C 254 3.29 39.20 -35.79
CA VAL C 254 3.56 38.93 -34.37
C VAL C 254 2.33 38.32 -33.71
N GLY C 255 2.55 37.23 -32.99
CA GLY C 255 1.55 36.63 -32.13
C GLY C 255 2.17 36.30 -30.79
N TYR C 256 1.53 36.75 -29.72
CA TYR C 256 2.12 36.70 -28.38
C TYR C 256 1.97 35.31 -27.79
N LEU C 257 3.00 34.85 -27.11
CA LEU C 257 3.04 33.48 -26.60
C LEU C 257 2.54 33.41 -25.16
N GLN C 258 2.10 32.22 -24.77
CA GLN C 258 1.51 31.91 -23.49
C GLN C 258 2.12 30.60 -23.01
N PRO C 259 2.11 30.33 -21.70
CA PRO C 259 2.54 29.00 -21.26
C PRO C 259 1.63 27.93 -21.82
N ARG C 260 1.85 27.64 -23.11
CA ARG C 260 1.06 26.72 -23.92
C ARG C 260 1.70 25.34 -23.87
N THR C 261 1.18 24.48 -23.00
CA THR C 261 1.67 23.11 -22.93
C THR C 261 1.50 22.45 -24.28
N PHE C 262 2.47 21.62 -24.65
CA PHE C 262 2.44 21.01 -25.97
C PHE C 262 2.53 19.49 -25.88
N LEU C 263 2.19 18.84 -27.00
CA LEU C 263 2.30 17.39 -27.15
C LEU C 263 2.86 17.09 -28.53
N LEU C 264 4.08 16.58 -28.57
CA LEU C 264 4.86 16.49 -29.79
C LEU C 264 5.32 15.07 -30.03
N LYS C 265 5.91 14.88 -31.21
CA LYS C 265 6.09 13.57 -31.82
C LYS C 265 7.42 13.56 -32.55
N TYR C 266 7.81 12.40 -33.06
CA TYR C 266 9.01 12.22 -33.85
C TYR C 266 8.80 11.06 -34.80
N ASN C 267 9.48 11.10 -35.94
CA ASN C 267 9.40 9.95 -36.81
C ASN C 267 10.69 9.13 -36.76
N GLU C 268 10.74 8.12 -37.62
CA GLU C 268 11.81 7.14 -37.68
C GLU C 268 13.17 7.79 -37.73
N ASN C 269 13.20 9.02 -38.26
CA ASN C 269 14.46 9.82 -38.38
C ASN C 269 14.39 10.99 -37.37
N GLY C 270 13.37 11.00 -36.50
CA GLY C 270 13.25 12.06 -35.54
C GLY C 270 12.80 13.39 -36.12
N THR C 271 11.55 13.45 -36.57
CA THR C 271 10.99 14.67 -37.12
C THR C 271 9.62 14.96 -36.53
N ILE C 272 9.42 16.21 -36.10
CA ILE C 272 8.11 16.68 -35.68
C ILE C 272 7.18 16.70 -36.87
N THR C 273 6.10 15.91 -36.81
CA THR C 273 5.24 15.79 -37.98
C THR C 273 3.77 15.88 -37.64
N ASP C 274 3.38 15.47 -36.44
CA ASP C 274 2.04 15.72 -35.93
C ASP C 274 2.14 16.10 -34.47
N ALA C 275 1.48 17.21 -34.09
CA ALA C 275 1.53 17.68 -32.73
C ALA C 275 0.32 18.57 -32.49
N VAL C 276 -0.31 18.41 -31.32
CA VAL C 276 -1.46 19.23 -30.96
C VAL C 276 -1.30 19.61 -29.50
N ASP C 277 -2.05 20.63 -29.10
CA ASP C 277 -2.04 21.12 -27.75
C ASP C 277 -3.14 20.48 -26.91
N CYS C 278 -2.92 20.49 -25.61
CA CYS C 278 -3.84 19.97 -24.62
C CYS C 278 -4.91 20.97 -24.24
N ALA C 279 -4.95 22.15 -24.89
CA ALA C 279 -5.74 23.28 -24.40
C ALA C 279 -6.60 23.97 -25.45
N LEU C 280 -6.90 23.31 -26.57
CA LEU C 280 -7.80 23.91 -27.55
C LEU C 280 -9.24 23.57 -27.25
N ASP C 281 -9.60 22.29 -27.32
CA ASP C 281 -10.98 21.85 -27.33
C ASP C 281 -11.06 20.45 -26.76
N PRO C 282 -12.21 20.08 -26.23
CA PRO C 282 -12.48 18.67 -25.92
C PRO C 282 -11.81 17.67 -26.84
N LEU C 283 -11.87 17.89 -28.15
CA LEU C 283 -11.09 17.05 -29.05
C LEU C 283 -9.62 17.05 -28.66
N SER C 284 -9.07 18.24 -28.41
CA SER C 284 -7.66 18.33 -28.06
C SER C 284 -7.38 17.62 -26.76
N GLU C 285 -8.27 17.75 -25.78
CA GLU C 285 -8.02 17.13 -24.49
C GLU C 285 -8.03 15.62 -24.57
N THR C 286 -8.93 15.04 -25.36
CA THR C 286 -8.84 13.61 -25.57
C THR C 286 -7.50 13.25 -26.19
N LYS C 287 -7.08 14.02 -27.19
CA LYS C 287 -5.78 13.77 -27.81
C LYS C 287 -4.66 13.88 -26.79
N CYS C 288 -4.82 14.74 -25.80
CA CYS C 288 -3.75 14.99 -24.86
C CYS C 288 -3.63 13.88 -23.83
N THR C 289 -4.75 13.50 -23.24
CA THR C 289 -4.71 12.54 -22.15
C THR C 289 -4.77 11.10 -22.62
N LEU C 290 -4.93 10.85 -23.91
CA LEU C 290 -4.87 9.48 -24.38
C LEU C 290 -3.58 9.15 -25.11
N LYS C 291 -2.75 10.14 -25.41
CA LYS C 291 -1.49 9.92 -26.09
C LYS C 291 -1.69 9.09 -27.35
N SER C 292 -2.80 9.35 -28.03
CA SER C 292 -3.23 8.58 -29.19
C SER C 292 -3.60 9.56 -30.28
N PHE C 293 -2.75 9.69 -31.29
CA PHE C 293 -2.97 10.74 -32.28
C PHE C 293 -4.23 10.53 -33.05
N THR C 294 -4.95 9.48 -32.76
CA THR C 294 -6.35 9.39 -33.07
C THR C 294 -7.12 9.25 -31.78
N VAL C 295 -8.25 9.90 -31.69
CA VAL C 295 -9.16 9.70 -30.57
C VAL C 295 -10.20 8.68 -31.01
N GLU C 296 -10.64 7.85 -30.07
CA GLU C 296 -11.36 6.65 -30.41
C GLU C 296 -12.79 6.67 -29.88
N LYS C 297 -13.65 5.91 -30.55
CA LYS C 297 -15.07 5.93 -30.20
C LYS C 297 -15.27 5.55 -28.76
N GLY C 298 -15.62 6.53 -27.94
CA GLY C 298 -15.83 6.30 -26.53
C GLY C 298 -15.78 7.61 -25.77
N ILE C 299 -16.17 7.53 -24.53
CA ILE C 299 -16.13 8.66 -23.62
C ILE C 299 -14.79 8.62 -22.92
N TYR C 300 -14.27 9.79 -22.55
CA TYR C 300 -13.00 9.86 -21.84
C TYR C 300 -13.04 11.00 -20.85
N GLN C 301 -12.87 10.66 -19.58
CA GLN C 301 -12.90 11.67 -18.53
C GLN C 301 -11.69 12.57 -18.71
N THR C 302 -11.94 13.85 -18.94
CA THR C 302 -10.83 14.77 -19.17
C THR C 302 -10.24 15.27 -17.87
N SER C 303 -10.98 16.10 -17.16
CA SER C 303 -10.38 16.93 -16.13
C SER C 303 -11.47 17.52 -15.26
N ASN C 304 -11.12 18.53 -14.48
CA ASN C 304 -12.08 19.34 -13.77
C ASN C 304 -12.37 20.61 -14.55
N PHE C 305 -13.55 21.19 -14.31
CA PHE C 305 -13.81 22.57 -14.66
C PHE C 305 -14.12 23.29 -13.36
N ARG C 306 -13.36 24.34 -13.08
CA ARG C 306 -13.56 25.13 -11.88
C ARG C 306 -13.86 26.53 -12.37
N VAL C 307 -15.11 26.98 -12.21
CA VAL C 307 -15.43 28.32 -12.67
C VAL C 307 -14.54 29.31 -11.95
N GLN C 308 -13.92 30.19 -12.72
CA GLN C 308 -12.86 31.05 -12.20
C GLN C 308 -13.41 32.11 -11.28
N PRO C 309 -12.99 32.14 -10.01
CA PRO C 309 -13.39 33.25 -9.13
C PRO C 309 -12.59 34.50 -9.43
N THR C 310 -12.99 35.59 -8.79
CA THR C 310 -12.31 36.87 -8.96
C THR C 310 -12.67 37.78 -7.80
N GLU C 311 -12.08 38.97 -7.82
CA GLU C 311 -12.43 40.04 -6.88
C GLU C 311 -12.29 39.57 -5.44
N SER C 312 -11.05 39.25 -5.07
CA SER C 312 -10.75 38.77 -3.74
C SER C 312 -10.96 39.87 -2.71
N ILE C 313 -11.32 39.49 -1.48
CA ILE C 313 -11.50 40.49 -0.43
C ILE C 313 -10.62 40.19 0.77
N VAL C 314 -10.19 41.26 1.43
CA VAL C 314 -9.31 41.20 2.59
C VAL C 314 -10.01 41.93 3.73
N ARG C 315 -10.23 41.21 4.84
CA ARG C 315 -10.94 41.80 6.01
C ARG C 315 -10.08 41.73 7.28
N PHE C 316 -10.04 42.83 8.04
CA PHE C 316 -9.26 42.90 9.30
C PHE C 316 -10.14 43.55 10.38
N PRO C 317 -9.63 43.65 11.74
CA PRO C 317 -10.12 44.21 13.27
C PRO C 317 -10.59 45.66 13.19
N ASN C 318 -10.37 46.42 14.28
CA ASN C 318 -10.75 47.86 14.28
C ASN C 318 -9.59 48.68 13.71
N ILE C 319 -8.41 48.04 13.59
CA ILE C 319 -7.13 48.60 13.06
C ILE C 319 -6.99 50.06 13.50
N THR C 320 -7.25 50.33 14.78
CA THR C 320 -7.15 51.72 15.29
C THR C 320 -6.33 51.76 16.59
N ASN C 321 -5.17 51.10 16.60
CA ASN C 321 -4.30 51.11 17.81
C ASN C 321 -2.85 50.82 17.38
N LEU C 322 -2.01 51.86 17.35
CA LEU C 322 -0.61 51.69 16.97
C LEU C 322 0.20 51.19 18.17
N CYS C 323 0.97 50.13 17.96
CA CYS C 323 1.44 49.25 19.02
C CYS C 323 2.81 49.65 19.54
N PRO C 324 3.10 49.37 20.82
CA PRO C 324 4.44 49.61 21.35
C PRO C 324 5.41 48.48 21.07
N PHE C 325 5.37 47.96 19.84
CA PHE C 325 6.25 46.85 19.43
C PHE C 325 7.72 47.24 19.68
N GLY C 326 8.19 48.29 18.99
CA GLY C 326 9.57 48.77 19.12
C GLY C 326 9.90 49.19 20.54
N GLU C 327 8.94 49.80 21.24
CA GLU C 327 9.13 50.27 22.64
C GLU C 327 9.63 49.13 23.54
N VAL C 328 9.04 47.94 23.40
CA VAL C 328 9.44 46.76 24.21
C VAL C 328 10.83 46.27 23.77
N PHE C 329 11.17 46.47 22.49
CA PHE C 329 12.48 46.03 21.93
C PHE C 329 13.58 47.02 22.33
N ASN C 330 13.25 48.32 22.37
CA ASN C 330 14.26 49.36 22.72
C ASN C 330 14.09 49.80 24.17
N ALA C 331 13.82 48.86 25.08
CA ALA C 331 13.65 49.17 26.52
C ALA C 331 14.89 48.68 27.28
N THR C 332 15.54 49.57 28.05
CA THR C 332 16.74 49.19 28.78
C THR C 332 16.45 48.26 29.95
N ARG C 333 15.19 47.89 30.16
CA ARG C 333 14.85 46.92 31.19
C ARG C 333 14.88 45.51 30.63
N PHE C 334 15.95 45.16 29.91
CA PHE C 334 16.08 43.79 29.43
C PHE C 334 16.27 42.85 30.62
N ALA C 335 15.26 42.01 30.86
CA ALA C 335 15.28 41.18 32.06
C ALA C 335 16.46 40.22 32.02
N SER C 336 16.82 39.73 33.20
CA SER C 336 17.99 38.88 33.31
C SER C 336 17.82 37.62 32.50
N VAL C 337 18.95 37.02 32.13
CA VAL C 337 18.94 35.93 31.16
C VAL C 337 18.20 34.71 31.70
N TYR C 338 18.08 34.56 33.02
CA TYR C 338 17.22 33.53 33.56
C TYR C 338 15.99 34.10 34.25
N ALA C 339 15.98 35.41 34.48
CA ALA C 339 14.82 36.11 35.02
C ALA C 339 13.96 36.72 33.92
N TRP C 340 13.86 36.02 32.79
CA TRP C 340 13.23 36.49 31.58
C TRP C 340 11.85 37.07 31.81
N ASN C 341 11.63 38.27 31.28
CA ASN C 341 10.32 38.88 31.25
C ASN C 341 9.68 38.56 29.91
N ARG C 342 8.45 38.05 29.95
CA ARG C 342 7.68 37.75 28.76
C ARG C 342 6.31 38.36 28.89
N LYS C 343 5.89 39.09 27.88
CA LYS C 343 4.66 39.84 27.90
C LYS C 343 3.66 39.25 26.91
N ARG C 344 2.40 39.61 27.14
CA ARG C 344 1.33 39.46 26.18
C ARG C 344 1.04 40.82 25.57
N ILE C 345 0.61 40.82 24.32
CA ILE C 345 0.16 42.04 23.66
C ILE C 345 -1.15 41.75 22.94
N SER C 346 -1.99 42.77 22.86
CA SER C 346 -3.16 42.81 21.98
C SER C 346 -3.49 44.28 21.80
N ASN C 347 -4.68 44.55 21.26
CA ASN C 347 -5.19 45.91 21.14
C ASN C 347 -4.15 46.81 20.46
N CYS C 348 -3.70 46.35 19.31
CA CYS C 348 -2.62 46.98 18.57
C CYS C 348 -2.99 47.00 17.10
N VAL C 349 -2.10 47.55 16.29
CA VAL C 349 -2.02 47.25 14.88
C VAL C 349 -0.55 47.07 14.57
N ALA C 350 -0.21 46.02 13.84
CA ALA C 350 1.19 45.69 13.66
C ALA C 350 1.72 46.20 12.32
N ASP C 351 3.05 46.29 12.24
CA ASP C 351 3.73 46.46 10.97
C ASP C 351 5.10 45.80 11.13
N TYR C 352 5.17 44.53 10.75
CA TYR C 352 6.39 43.75 10.82
C TYR C 352 7.37 44.15 9.75
N SER C 353 7.00 45.13 8.93
CA SER C 353 7.79 45.48 7.77
C SER C 353 9.11 46.11 8.18
N VAL C 354 9.08 47.16 9.01
CA VAL C 354 10.30 47.88 9.33
C VAL C 354 11.29 46.95 10.02
N LEU C 355 10.81 45.96 10.75
CA LEU C 355 11.72 45.00 11.34
C LEU C 355 12.19 43.99 10.32
N TYR C 356 11.30 43.56 9.42
CA TYR C 356 11.67 42.56 8.44
C TYR C 356 12.74 43.07 7.50
N ASN C 357 12.65 44.34 7.09
CA ASN C 357 13.64 44.87 6.17
C ASN C 357 14.81 45.54 6.89
N SER C 358 14.53 46.52 7.75
CA SER C 358 15.62 47.18 8.46
C SER C 358 16.36 46.14 9.26
N ALA C 359 17.52 45.75 8.79
CA ALA C 359 18.25 44.61 9.31
C ALA C 359 18.73 44.82 10.71
N SER C 360 18.32 45.93 11.32
CA SER C 360 18.65 46.19 12.71
C SER C 360 18.49 44.93 13.54
N PHE C 361 17.43 44.17 13.30
CA PHE C 361 17.31 42.83 13.84
C PHE C 361 18.36 41.97 13.16
N SER C 362 19.45 41.70 13.87
CA SER C 362 20.63 41.10 13.24
C SER C 362 20.41 39.63 12.92
N THR C 363 20.33 38.80 13.97
CA THR C 363 20.28 37.35 13.78
C THR C 363 18.83 36.94 13.59
N PHE C 364 18.21 37.52 12.57
CA PHE C 364 16.80 37.30 12.29
C PHE C 364 16.69 35.96 11.59
N LYS C 365 16.74 34.90 12.38
CA LYS C 365 16.53 33.55 11.88
C LYS C 365 15.22 33.06 12.47
N CYS C 366 14.37 32.47 11.64
CA CYS C 366 13.01 32.21 12.10
C CYS C 366 12.55 30.82 11.68
N TYR C 367 11.45 30.39 12.28
CA TYR C 367 10.87 29.07 12.12
C TYR C 367 9.38 29.14 11.82
N GLY C 368 8.89 28.05 11.26
CA GLY C 368 7.48 27.84 11.17
C GLY C 368 6.75 28.78 10.23
N VAL C 369 7.33 29.93 9.93
CA VAL C 369 6.61 30.95 9.19
C VAL C 369 7.56 31.56 8.17
N SER C 370 6.97 32.28 7.22
CA SER C 370 7.75 33.09 6.30
C SER C 370 7.91 34.50 6.88
N PRO C 371 9.12 34.91 7.27
CA PRO C 371 9.31 36.30 7.76
C PRO C 371 8.85 37.35 6.77
N THR C 372 8.45 36.95 5.57
CA THR C 372 7.72 37.82 4.67
C THR C 372 6.24 37.83 4.99
N LYS C 373 5.61 36.66 4.96
CA LYS C 373 4.18 36.56 5.24
C LYS C 373 3.83 37.00 6.65
N LEU C 374 4.83 37.30 7.47
CA LEU C 374 4.59 37.86 8.79
C LEU C 374 3.81 39.17 8.69
N ASN C 375 4.13 39.99 7.70
CA ASN C 375 3.38 41.22 7.51
C ASN C 375 2.00 40.99 6.89
N ASP C 376 1.57 39.73 6.77
CA ASP C 376 0.26 39.39 6.25
C ASP C 376 -0.64 38.67 7.25
N LEU C 377 -0.15 37.62 7.89
CA LEU C 377 -1.05 36.79 8.67
C LEU C 377 -1.46 37.49 9.96
N CYS C 378 -2.53 36.99 10.57
CA CYS C 378 -3.06 37.51 11.82
C CYS C 378 -3.15 36.39 12.84
N PHE C 379 -3.09 36.75 14.12
CA PHE C 379 -2.93 35.77 15.17
C PHE C 379 -3.97 35.95 16.26
N THR C 380 -4.23 34.85 16.96
CA THR C 380 -5.06 34.91 18.16
C THR C 380 -4.45 35.84 19.19
N ASN C 381 -3.23 35.53 19.63
CA ASN C 381 -2.55 36.37 20.60
C ASN C 381 -1.08 36.00 20.63
N VAL C 382 -0.29 36.91 21.21
CA VAL C 382 1.15 36.89 21.11
C VAL C 382 1.77 36.91 22.49
N TYR C 383 2.97 36.37 22.59
CA TYR C 383 3.78 36.46 23.79
C TYR C 383 5.23 36.58 23.36
N ALA C 384 6.01 37.30 24.16
CA ALA C 384 7.40 37.51 23.80
C ALA C 384 8.23 37.63 25.07
N ASP C 385 9.28 36.84 25.16
CA ASP C 385 10.23 36.98 26.24
C ASP C 385 11.47 37.67 25.71
N SER C 386 12.13 38.43 26.58
CA SER C 386 13.31 39.21 26.22
C SER C 386 14.40 38.96 27.24
N PHE C 387 15.65 39.18 26.84
CA PHE C 387 16.76 38.98 27.75
C PHE C 387 18.04 39.41 27.06
N VAL C 388 19.14 39.28 27.79
CA VAL C 388 20.47 39.59 27.30
C VAL C 388 21.39 38.44 27.73
N ILE C 389 22.39 38.14 26.90
CA ILE C 389 23.31 37.05 27.14
C ILE C 389 24.65 37.41 26.49
N ARG C 390 25.67 36.60 26.75
CA ARG C 390 27.00 36.84 26.21
C ARG C 390 26.98 36.75 24.68
N GLY C 391 28.12 37.02 24.06
CA GLY C 391 28.24 36.93 22.62
C GLY C 391 28.36 35.51 22.08
N ASP C 392 28.29 34.50 22.94
CA ASP C 392 28.43 33.12 22.48
C ASP C 392 27.31 32.21 22.95
N GLU C 393 26.79 32.43 24.15
CA GLU C 393 25.80 31.53 24.71
C GLU C 393 24.43 31.66 24.07
N VAL C 394 24.31 32.38 22.96
CA VAL C 394 23.02 32.55 22.30
C VAL C 394 22.91 31.69 21.05
N ARG C 395 24.03 31.13 20.60
CA ARG C 395 23.98 30.34 19.37
C ARG C 395 23.07 29.13 19.54
N GLN C 396 23.10 28.48 20.70
CA GLN C 396 22.40 27.22 20.88
C GLN C 396 20.91 27.37 21.15
N ILE C 397 20.39 28.59 21.17
CA ILE C 397 19.02 28.83 21.62
C ILE C 397 18.13 28.66 20.40
N ALA C 398 17.57 27.46 20.23
CA ALA C 398 16.82 27.15 19.04
C ALA C 398 15.94 25.92 19.29
N PRO C 399 14.80 25.81 18.60
CA PRO C 399 13.85 24.73 18.88
C PRO C 399 14.49 23.37 18.70
N GLY C 400 14.48 22.59 19.76
CA GLY C 400 15.19 21.33 19.75
C GLY C 400 16.69 21.44 19.91
N GLN C 401 17.29 22.58 19.61
CA GLN C 401 18.72 22.75 19.77
C GLN C 401 19.04 22.78 21.26
N THR C 402 20.05 22.02 21.64
CA THR C 402 20.37 21.81 23.04
C THR C 402 21.33 22.88 23.54
N GLY C 403 21.67 22.78 24.83
CA GLY C 403 22.45 23.78 25.52
C GLY C 403 21.99 23.84 26.96
N LYS C 404 22.93 23.77 27.90
CA LYS C 404 22.57 23.73 29.31
C LYS C 404 21.57 24.82 29.67
N ILE C 405 21.78 26.02 29.13
CA ILE C 405 20.78 27.08 29.23
C ILE C 405 19.42 26.52 28.85
N ALA C 406 19.33 25.97 27.65
CA ALA C 406 18.11 25.32 27.22
C ALA C 406 17.83 24.07 28.02
N ASP C 407 18.86 23.52 28.67
CA ASP C 407 18.64 22.33 29.48
C ASP C 407 17.99 22.69 30.81
N TYR C 408 18.47 23.75 31.44
CA TYR C 408 18.03 24.00 32.80
C TYR C 408 17.71 25.45 33.09
N ASN C 409 18.33 26.36 32.37
CA ASN C 409 18.26 27.77 32.75
C ASN C 409 17.28 28.56 31.91
N TYR C 410 16.87 28.03 30.76
CA TYR C 410 16.02 28.80 29.88
C TYR C 410 15.21 27.82 29.02
N LYS C 411 13.90 28.07 28.93
CA LYS C 411 12.99 27.12 28.33
C LYS C 411 13.07 27.17 26.82
N LEU C 412 12.77 26.03 26.19
CA LEU C 412 12.84 25.91 24.74
C LEU C 412 11.96 24.73 24.27
N PRO C 413 10.77 25.00 23.72
CA PRO C 413 9.94 23.92 23.20
C PRO C 413 10.31 23.63 21.75
N ASP C 414 10.41 22.36 21.42
CA ASP C 414 10.61 21.96 20.02
C ASP C 414 9.28 21.60 19.35
N ASP C 415 8.44 22.62 19.19
CA ASP C 415 7.25 22.56 18.33
C ASP C 415 7.10 23.94 17.70
N PHE C 416 5.91 24.25 17.20
CA PHE C 416 5.63 25.56 16.61
C PHE C 416 6.19 26.70 17.45
N THR C 417 6.79 27.69 16.78
CA THR C 417 7.40 28.80 17.50
C THR C 417 7.57 29.97 16.55
N GLY C 418 7.64 31.19 17.12
CA GLY C 418 7.83 32.40 16.34
C GLY C 418 9.22 32.60 15.76
N CYS C 419 10.19 33.04 16.55
CA CYS C 419 11.60 32.83 16.24
C CYS C 419 12.50 33.50 17.26
N VAL C 420 13.79 33.17 17.17
CA VAL C 420 14.81 33.72 18.03
C VAL C 420 15.56 34.80 17.26
N ILE C 421 15.59 36.02 17.81
CA ILE C 421 16.31 37.12 17.19
C ILE C 421 17.27 37.68 18.22
N ALA C 422 18.37 38.28 17.76
CA ALA C 422 19.34 38.82 18.69
C ALA C 422 20.25 39.82 17.97
N TRP C 423 20.80 40.75 18.76
CA TRP C 423 21.82 41.67 18.29
C TRP C 423 22.68 42.07 19.45
N ASN C 424 23.93 42.42 19.18
CA ASN C 424 24.87 42.64 20.25
C ASN C 424 24.39 43.73 21.21
N SER C 425 24.96 43.71 22.41
CA SER C 425 24.57 44.61 23.49
C SER C 425 25.74 45.50 23.84
N ASN C 426 26.29 46.16 22.83
CA ASN C 426 27.31 47.19 23.01
C ASN C 426 26.96 48.13 24.14
N ASN C 427 25.67 48.26 24.43
CA ASN C 427 25.17 49.14 25.48
C ASN C 427 25.63 48.70 26.87
N LEU C 428 26.37 47.59 26.95
CA LEU C 428 26.82 47.02 28.22
C LEU C 428 28.35 47.00 28.24
N ASP C 429 28.95 48.05 28.83
CA ASP C 429 30.39 48.05 29.03
C ASP C 429 30.74 48.09 30.51
N SER C 430 29.76 48.27 31.38
CA SER C 430 30.04 48.17 32.81
C SER C 430 30.47 46.75 33.14
N LYS C 431 31.78 46.57 33.34
CA LYS C 431 32.35 45.26 33.56
C LYS C 431 31.93 44.64 34.88
N VAL C 432 31.56 45.45 35.86
CA VAL C 432 31.17 44.93 37.16
C VAL C 432 29.74 45.35 37.49
N GLY C 433 29.34 46.56 37.09
CA GLY C 433 28.02 47.04 37.43
C GLY C 433 27.78 47.10 38.92
N GLY C 434 28.86 47.08 39.70
CA GLY C 434 28.82 47.03 41.14
C GLY C 434 27.92 45.95 41.69
N ASN C 435 27.72 44.89 40.91
CA ASN C 435 26.74 43.87 41.26
C ASN C 435 27.15 42.55 40.66
N TYR C 436 26.33 41.53 40.90
CA TYR C 436 26.48 40.22 40.27
C TYR C 436 25.82 40.16 38.90
N ASN C 437 24.59 40.67 38.78
CA ASN C 437 23.99 41.14 37.54
C ASN C 437 23.48 40.08 36.58
N TYR C 438 23.75 38.80 36.80
CA TYR C 438 23.20 37.78 35.91
C TYR C 438 23.19 36.40 36.54
N LEU C 439 22.17 35.65 36.16
CA LEU C 439 21.99 34.28 36.61
C LEU C 439 21.78 33.38 35.41
N TYR C 440 22.58 32.32 35.33
CA TYR C 440 22.75 31.49 34.16
C TYR C 440 23.09 30.11 34.67
N ARG C 441 23.88 29.37 33.88
CA ARG C 441 24.30 27.99 34.24
C ARG C 441 23.65 27.59 35.57
N LEU C 442 22.52 26.87 35.49
CA LEU C 442 21.79 26.42 36.71
C LEU C 442 22.15 24.96 36.99
N PHE C 443 21.83 24.46 38.18
CA PHE C 443 22.12 23.04 38.53
C PHE C 443 21.17 22.57 39.63
N ARG C 444 20.02 22.01 39.23
CA ARG C 444 18.99 21.49 40.17
C ARG C 444 18.01 20.59 39.43
N LYS C 445 18.42 20.12 38.24
CA LYS C 445 17.57 19.22 37.40
C LYS C 445 16.20 19.87 37.17
N SER C 446 16.17 21.01 36.46
CA SER C 446 14.91 21.72 36.16
C SER C 446 14.75 21.91 34.65
N ASN C 447 13.79 22.75 34.23
CA ASN C 447 13.52 23.02 32.80
C ASN C 447 13.27 21.70 32.07
N LEU C 448 12.16 21.03 32.38
CA LEU C 448 11.82 19.76 31.75
C LEU C 448 10.51 19.83 30.94
N LYS C 449 9.55 20.62 31.38
CA LYS C 449 8.46 20.98 30.48
C LYS C 449 8.63 22.42 30.04
N PRO C 450 8.63 22.68 28.74
CA PRO C 450 9.00 24.01 28.25
C PRO C 450 8.06 25.10 28.72
N PHE C 451 8.54 26.33 28.64
CA PHE C 451 7.86 27.53 29.13
C PHE C 451 7.66 27.49 30.65
N GLU C 452 8.77 27.58 31.36
CA GLU C 452 8.72 27.63 32.82
C GLU C 452 9.77 28.59 33.34
N ARG C 453 9.57 29.09 34.56
CA ARG C 453 10.55 29.90 35.26
C ARG C 453 10.85 29.29 36.60
N ASP C 454 12.13 29.17 36.91
CA ASP C 454 12.57 28.52 38.15
C ASP C 454 13.54 29.45 38.86
N ILE C 455 13.25 29.73 40.12
CA ILE C 455 14.14 30.53 40.96
C ILE C 455 14.36 29.80 42.26
N SER C 456 14.24 28.48 42.25
CA SER C 456 14.33 27.71 43.47
C SER C 456 15.77 27.39 43.82
N THR C 457 16.02 27.23 45.12
CA THR C 457 17.36 27.04 45.66
C THR C 457 17.76 25.56 45.65
N GLU C 458 18.99 25.29 45.24
CA GLU C 458 19.47 23.93 45.11
C GLU C 458 19.58 23.27 46.49
N ILE C 459 19.79 21.95 46.46
CA ILE C 459 19.93 21.19 47.69
C ILE C 459 21.20 20.36 47.66
N TYR C 460 21.47 19.70 46.54
CA TYR C 460 22.63 18.79 46.42
C TYR C 460 22.78 17.87 47.62
N ASN C 474 27.11 19.94 50.86
CA ASN C 474 25.66 20.03 50.92
C ASN C 474 25.11 21.05 49.94
N CYS C 475 24.29 21.96 50.45
CA CYS C 475 23.40 22.78 49.64
C CYS C 475 24.04 24.13 49.36
N TYR C 476 23.95 24.58 48.12
CA TYR C 476 24.35 25.94 47.77
C TYR C 476 23.45 26.50 46.68
N PHE C 477 23.77 27.74 46.23
CA PHE C 477 22.86 28.25 45.23
C PHE C 477 23.14 27.58 43.90
N PRO C 478 22.09 27.18 43.23
CA PRO C 478 22.25 26.46 41.96
C PRO C 478 22.81 27.28 40.81
N LEU C 479 22.14 28.38 40.47
CA LEU C 479 22.41 29.06 39.21
C LEU C 479 23.80 29.67 39.20
N GLN C 480 24.46 29.60 38.06
CA GLN C 480 25.77 30.22 37.97
C GLN C 480 25.61 31.73 37.87
N SER C 481 26.62 32.45 38.36
CA SER C 481 26.53 33.90 38.47
C SER C 481 27.38 34.57 37.39
N TYR C 482 26.97 35.78 36.98
CA TYR C 482 27.47 36.33 35.72
C TYR C 482 27.44 37.86 35.66
N GLY C 483 28.62 38.47 35.77
CA GLY C 483 28.76 39.93 35.74
C GLY C 483 28.99 40.44 34.34
N PHE C 484 27.90 40.66 33.58
CA PHE C 484 27.98 41.15 32.19
C PHE C 484 28.94 40.26 31.39
N GLN C 485 29.88 40.89 30.66
CA GLN C 485 30.87 40.14 29.85
C GLN C 485 32.02 41.07 29.44
N PRO C 486 31.79 42.40 29.32
CA PRO C 486 32.84 43.34 28.93
C PRO C 486 34.00 43.42 29.93
N THR C 487 34.85 42.39 29.96
CA THR C 487 36.00 42.37 30.84
C THR C 487 37.04 43.37 30.33
N ASN C 488 37.44 43.23 29.06
CA ASN C 488 38.40 44.13 28.43
C ASN C 488 38.42 43.83 26.93
N GLY C 489 39.36 44.45 26.23
CA GLY C 489 39.56 44.12 24.84
C GLY C 489 38.42 44.52 23.93
N VAL C 490 38.32 45.80 23.55
CA VAL C 490 37.19 46.34 22.79
C VAL C 490 36.75 45.40 21.68
N GLY C 491 35.46 45.07 21.65
CA GLY C 491 34.94 43.99 20.83
C GLY C 491 34.50 42.85 21.72
N TYR C 492 34.20 43.16 22.97
CA TYR C 492 33.77 42.13 23.95
C TYR C 492 32.39 42.50 24.48
N GLN C 493 31.46 42.80 23.57
CA GLN C 493 30.12 43.17 24.00
C GLN C 493 29.13 42.05 23.67
N PRO C 494 28.15 41.84 24.52
CA PRO C 494 27.32 40.63 24.43
C PRO C 494 26.11 40.85 23.54
N TYR C 495 25.30 39.81 23.42
CA TYR C 495 24.05 39.87 22.69
C TYR C 495 22.91 40.27 23.61
N ARG C 496 21.88 40.86 23.01
CA ARG C 496 20.55 40.99 23.58
C ARG C 496 19.66 40.16 22.67
N VAL C 497 18.92 39.21 23.25
CA VAL C 497 18.15 38.21 22.51
C VAL C 497 16.68 38.33 22.88
N VAL C 498 15.83 38.31 21.86
CA VAL C 498 14.39 38.37 21.98
C VAL C 498 13.82 37.11 21.38
N VAL C 499 12.67 36.68 21.90
CA VAL C 499 12.01 35.48 21.43
C VAL C 499 10.54 35.77 21.18
N LEU C 500 9.99 35.10 20.17
CA LEU C 500 8.60 35.24 19.76
C LEU C 500 7.84 33.94 19.94
N SER C 501 6.61 34.03 20.44
CA SER C 501 5.76 32.83 20.67
C SER C 501 4.28 33.23 20.72
N PHE C 502 3.42 32.49 20.01
CA PHE C 502 1.96 32.79 19.97
C PHE C 502 1.21 31.58 19.37
N GLU C 503 0.08 31.23 19.99
CA GLU C 503 -0.75 30.10 19.50
C GLU C 503 -1.46 30.53 18.21
N LEU C 504 -1.76 29.58 17.32
CA LEU C 504 -2.42 29.92 16.03
C LEU C 504 -3.56 28.92 15.74
N LEU C 505 -4.78 29.26 16.15
CA LEU C 505 -5.95 28.42 15.89
C LEU C 505 -6.60 27.92 17.18
N HIS C 506 -6.81 28.84 18.12
CA HIS C 506 -7.56 28.54 19.33
C HIS C 506 -8.60 29.59 19.66
N ALA C 507 -8.61 30.73 18.97
CA ALA C 507 -9.54 31.80 19.27
C ALA C 507 -9.59 32.75 18.09
N PRO C 508 -10.67 33.51 17.94
CA PRO C 508 -10.69 34.60 16.96
C PRO C 508 -9.50 35.50 17.14
N ALA C 509 -8.85 35.81 16.02
CA ALA C 509 -7.60 36.56 16.04
C ALA C 509 -7.80 37.95 16.64
N THR C 510 -6.72 38.49 17.20
CA THR C 510 -6.78 39.78 17.86
C THR C 510 -5.59 40.69 17.57
N VAL C 511 -4.56 40.20 16.90
CA VAL C 511 -3.28 40.87 16.84
C VAL C 511 -2.69 40.65 15.45
N CYS C 512 -2.51 41.72 14.69
CA CYS C 512 -1.85 41.61 13.39
C CYS C 512 -1.57 42.99 12.82
N GLY C 513 -1.15 43.00 11.56
CA GLY C 513 -0.59 44.17 10.94
C GLY C 513 -1.43 44.75 9.82
N PRO C 514 -0.82 44.94 8.66
CA PRO C 514 -1.44 45.75 7.61
C PRO C 514 -2.34 44.96 6.68
N LYS C 515 -3.42 45.62 6.27
CA LYS C 515 -4.26 45.17 5.18
C LYS C 515 -5.32 46.22 4.92
N LYS C 516 -5.67 46.40 3.64
CA LYS C 516 -6.74 47.32 3.29
C LYS C 516 -8.06 46.56 3.30
N SER C 517 -8.88 46.80 4.31
CA SER C 517 -10.16 46.10 4.42
C SER C 517 -11.12 46.65 3.39
N THR C 518 -10.96 46.22 2.15
CA THR C 518 -11.81 46.69 1.08
C THR C 518 -13.20 46.07 1.21
N ASN C 519 -14.02 46.20 0.17
CA ASN C 519 -15.41 45.76 0.23
C ASN C 519 -15.53 44.24 0.36
N LEU C 520 -16.74 43.80 0.65
CA LEU C 520 -17.07 42.39 0.80
C LEU C 520 -18.39 42.09 0.10
N VAL C 521 -18.40 41.08 -0.76
CA VAL C 521 -19.52 40.85 -1.67
C VAL C 521 -20.10 39.47 -1.49
N LYS C 522 -21.08 39.12 -2.32
CA LYS C 522 -21.72 37.82 -2.25
C LYS C 522 -22.04 37.31 -3.65
N ASN C 523 -22.56 36.08 -3.69
CA ASN C 523 -23.10 35.34 -4.83
C ASN C 523 -22.07 35.02 -5.91
N LYS C 524 -20.85 35.53 -5.79
CA LYS C 524 -19.78 35.23 -6.74
C LYS C 524 -18.62 34.66 -5.95
N CYS C 525 -18.19 33.45 -6.31
CA CYS C 525 -17.20 32.77 -5.48
C CYS C 525 -15.89 33.53 -5.52
N VAL C 526 -15.28 33.69 -4.36
CA VAL C 526 -14.21 34.65 -4.18
C VAL C 526 -13.20 34.07 -3.20
N ASN C 527 -11.92 34.26 -3.49
CA ASN C 527 -10.87 33.96 -2.54
C ASN C 527 -10.69 35.15 -1.61
N PHE C 528 -10.52 34.88 -0.32
CA PHE C 528 -10.52 35.91 0.70
C PHE C 528 -9.38 35.69 1.69
N ASN C 529 -9.14 36.72 2.50
CA ASN C 529 -8.33 36.59 3.72
C ASN C 529 -9.21 37.00 4.89
N PHE C 530 -10.00 36.05 5.39
CA PHE C 530 -10.71 36.26 6.63
C PHE C 530 -9.72 36.13 7.79
N ASN C 531 -8.85 37.13 7.90
CA ASN C 531 -7.88 37.19 8.98
C ASN C 531 -6.91 36.02 8.92
N GLY C 532 -6.69 35.48 7.74
CA GLY C 532 -5.87 34.28 7.60
C GLY C 532 -6.58 33.15 6.88
N LEU C 533 -7.92 33.18 6.87
CA LEU C 533 -8.72 32.18 6.16
C LEU C 533 -8.76 32.51 4.68
N THR C 534 -8.50 31.53 3.84
CA THR C 534 -8.46 31.73 2.40
C THR C 534 -9.11 30.59 1.67
N GLY C 535 -9.79 30.93 0.58
CA GLY C 535 -10.38 29.93 -0.29
C GLY C 535 -11.54 30.51 -1.07
N THR C 536 -11.71 30.06 -2.30
CA THR C 536 -12.79 30.59 -3.11
C THR C 536 -14.12 30.17 -2.53
N GLY C 537 -15.16 30.93 -2.84
CA GLY C 537 -16.48 30.52 -2.42
C GLY C 537 -17.48 31.64 -2.45
N VAL C 538 -18.71 31.24 -2.65
CA VAL C 538 -19.86 32.13 -2.53
C VAL C 538 -20.27 32.18 -1.08
N LEU C 539 -20.65 33.36 -0.63
CA LEU C 539 -21.15 33.59 0.71
C LEU C 539 -22.68 33.69 0.66
N THR C 540 -23.35 33.04 1.61
CA THR C 540 -24.80 33.11 1.74
C THR C 540 -25.15 33.39 3.20
N GLU C 541 -26.36 33.88 3.42
CA GLU C 541 -26.79 34.26 4.77
C GLU C 541 -26.66 33.08 5.72
N SER C 542 -26.24 33.36 6.96
CA SER C 542 -26.06 32.31 7.96
C SER C 542 -27.44 31.85 8.42
N ASN C 543 -28.07 31.03 7.57
CA ASN C 543 -29.36 30.43 7.91
C ASN C 543 -29.26 29.61 9.19
N LYS C 544 -28.07 29.10 9.49
CA LYS C 544 -27.81 28.56 10.82
C LYS C 544 -27.76 29.70 11.81
N LYS C 545 -28.57 29.61 12.86
CA LYS C 545 -28.57 30.63 13.89
C LYS C 545 -27.34 30.42 14.77
N PHE C 546 -26.34 31.26 14.56
CA PHE C 546 -25.03 31.08 15.15
C PHE C 546 -24.99 31.69 16.55
N LEU C 547 -23.91 31.39 17.27
CA LEU C 547 -23.80 31.85 18.62
C LEU C 547 -22.58 32.76 18.79
N PRO C 548 -22.64 33.75 19.67
CA PRO C 548 -21.73 34.91 19.55
C PRO C 548 -20.31 34.63 19.95
N PHE C 549 -19.92 33.38 20.15
CA PHE C 549 -18.65 33.07 20.79
C PHE C 549 -17.80 32.15 19.94
N GLN C 550 -17.68 32.43 18.64
CA GLN C 550 -16.89 31.59 17.76
C GLN C 550 -16.26 32.46 16.69
N GLN C 551 -15.73 31.80 15.67
CA GLN C 551 -15.46 32.43 14.38
C GLN C 551 -15.79 31.55 13.19
N PHE C 552 -15.94 30.24 13.37
CA PHE C 552 -16.24 29.37 12.25
C PHE C 552 -16.65 27.99 12.73
N GLY C 553 -17.39 27.30 11.87
CA GLY C 553 -17.70 25.90 12.07
C GLY C 553 -17.40 25.09 10.82
N ARG C 554 -17.71 23.80 10.88
CA ARG C 554 -17.41 22.90 9.78
C ARG C 554 -18.41 21.76 9.82
N ASP C 555 -18.38 20.95 8.76
CA ASP C 555 -19.15 19.72 8.71
C ASP C 555 -18.28 18.55 8.28
N ILE C 556 -17.18 18.85 7.60
CA ILE C 556 -16.27 17.85 7.08
C ILE C 556 -14.87 18.43 7.10
N ALA C 557 -13.89 17.61 7.50
CA ALA C 557 -12.48 17.96 7.35
C ALA C 557 -12.17 19.37 7.86
N ASP C 558 -12.94 19.81 8.86
CA ASP C 558 -12.81 21.15 9.44
C ASP C 558 -12.75 22.23 8.38
N THR C 559 -13.46 22.04 7.27
CA THR C 559 -13.50 23.10 6.27
C THR C 559 -14.14 24.33 6.88
N THR C 560 -13.48 25.47 6.74
CA THR C 560 -13.92 26.70 7.36
C THR C 560 -15.22 27.13 6.71
N ASP C 561 -16.35 26.75 7.32
CA ASP C 561 -17.64 26.76 6.62
C ASP C 561 -18.44 28.02 6.85
N ALA C 562 -18.46 28.56 8.06
CA ALA C 562 -19.06 29.86 8.30
C ALA C 562 -18.00 30.82 8.80
N VAL C 563 -18.32 32.11 8.73
CA VAL C 563 -17.47 33.11 9.35
C VAL C 563 -18.26 34.36 9.70
N ARG C 564 -18.04 34.84 10.91
CA ARG C 564 -18.52 36.14 11.30
C ARG C 564 -17.65 37.19 10.62
N ASP C 565 -18.24 38.31 10.24
CA ASP C 565 -17.43 39.35 9.64
C ASP C 565 -16.74 40.15 10.74
N PRO C 566 -15.47 40.49 10.57
CA PRO C 566 -14.70 41.05 11.68
C PRO C 566 -14.84 42.54 11.89
N GLN C 567 -15.84 43.17 11.24
CA GLN C 567 -16.02 44.64 11.38
C GLN C 567 -17.50 44.96 11.65
N THR C 568 -18.39 44.05 11.27
CA THR C 568 -19.82 44.20 11.47
C THR C 568 -20.46 43.01 12.17
N LEU C 569 -19.67 42.04 12.62
CA LEU C 569 -20.17 40.95 13.46
C LEU C 569 -21.42 40.33 12.86
N GLU C 570 -21.38 40.07 11.57
CA GLU C 570 -22.38 39.26 10.90
C GLU C 570 -21.75 38.00 10.36
N ILE C 571 -22.49 36.91 10.42
CA ILE C 571 -22.00 35.58 10.09
C ILE C 571 -22.61 35.15 8.76
N LEU C 572 -21.79 34.51 7.92
CA LEU C 572 -22.27 33.95 6.67
C LEU C 572 -21.70 32.55 6.50
N ASP C 573 -22.27 31.81 5.54
CA ASP C 573 -21.84 30.46 5.20
C ASP C 573 -21.14 30.45 3.85
N ILE C 574 -20.15 29.57 3.73
CA ILE C 574 -19.25 29.55 2.58
C ILE C 574 -19.54 28.31 1.75
N THR C 575 -19.39 28.45 0.44
CA THR C 575 -19.42 27.30 -0.46
C THR C 575 -18.55 27.60 -1.67
N PRO C 576 -17.36 27.02 -1.79
CA PRO C 576 -16.58 27.16 -3.03
C PRO C 576 -17.44 26.73 -4.21
N CYS C 577 -17.51 27.60 -5.22
CA CYS C 577 -18.62 27.59 -6.17
C CYS C 577 -18.86 26.22 -6.81
N SER C 578 -20.15 25.85 -6.90
CA SER C 578 -20.56 24.58 -7.50
C SER C 578 -19.94 24.40 -8.87
N PHE C 579 -19.55 23.17 -9.17
CA PHE C 579 -18.66 22.89 -10.28
C PHE C 579 -18.70 21.39 -10.54
N GLY C 580 -17.74 20.90 -11.30
CA GLY C 580 -17.60 19.47 -11.45
C GLY C 580 -16.42 19.14 -12.33
N GLY C 581 -16.38 17.90 -12.77
CA GLY C 581 -15.44 17.51 -13.79
C GLY C 581 -16.03 17.70 -15.15
N VAL C 582 -15.25 17.32 -16.14
CA VAL C 582 -15.60 17.50 -17.53
C VAL C 582 -14.99 16.37 -18.33
N SER C 583 -15.81 15.74 -19.15
CA SER C 583 -15.42 14.65 -20.02
C SER C 583 -15.62 15.06 -21.46
N VAL C 584 -15.59 14.07 -22.36
CA VAL C 584 -15.73 14.28 -23.78
C VAL C 584 -16.53 13.14 -24.38
N ILE C 585 -17.31 13.45 -25.42
CA ILE C 585 -17.96 12.45 -26.24
C ILE C 585 -17.47 12.67 -27.65
N THR C 586 -16.99 11.60 -28.28
CA THR C 586 -16.39 11.71 -29.59
C THR C 586 -16.68 10.48 -30.42
N PRO C 587 -17.00 10.67 -31.66
CA PRO C 587 -17.21 9.51 -32.52
C PRO C 587 -15.91 8.79 -32.81
N GLY C 588 -14.88 9.53 -33.18
CA GLY C 588 -13.61 8.91 -33.52
C GLY C 588 -12.82 9.69 -34.56
N THR C 589 -11.50 9.80 -34.35
CA THR C 589 -10.67 10.73 -35.09
C THR C 589 -10.90 10.66 -36.59
N ASN C 590 -10.94 9.46 -37.16
CA ASN C 590 -11.23 9.39 -38.59
C ASN C 590 -12.70 9.20 -38.87
N THR C 591 -13.46 8.76 -37.89
CA THR C 591 -14.90 8.71 -38.07
C THR C 591 -15.46 10.09 -38.35
N SER C 592 -15.16 11.05 -37.49
CA SER C 592 -15.62 12.41 -37.64
C SER C 592 -14.66 13.29 -36.87
N ASN C 593 -15.09 14.51 -36.59
CA ASN C 593 -14.32 15.40 -35.77
C ASN C 593 -15.19 16.31 -34.95
N GLN C 594 -16.49 16.16 -35.04
CA GLN C 594 -17.43 16.93 -34.25
C GLN C 594 -17.50 16.37 -32.83
N VAL C 595 -17.46 17.26 -31.85
CA VAL C 595 -17.27 16.87 -30.46
C VAL C 595 -18.61 16.97 -29.73
N ALA C 596 -18.62 16.50 -28.48
CA ALA C 596 -19.78 16.70 -27.61
C ALA C 596 -19.27 16.79 -26.18
N VAL C 597 -19.17 18.02 -25.66
CA VAL C 597 -18.68 18.24 -24.31
C VAL C 597 -19.84 18.05 -23.34
N LEU C 598 -19.52 17.85 -22.06
CA LEU C 598 -20.56 17.61 -21.09
C LEU C 598 -20.05 17.90 -19.68
N TYR C 599 -20.97 18.34 -18.84
CA TYR C 599 -20.75 18.44 -17.41
C TYR C 599 -21.82 17.61 -16.71
N GLN C 600 -21.39 16.70 -15.85
CA GLN C 600 -22.25 15.67 -15.29
C GLN C 600 -23.15 16.26 -14.22
N ASP C 601 -24.45 16.14 -14.45
CA ASP C 601 -25.48 16.50 -13.49
C ASP C 601 -25.19 17.83 -12.79
N VAL C 602 -25.01 18.88 -13.59
CA VAL C 602 -24.91 20.26 -13.11
C VAL C 602 -25.63 21.14 -14.12
N ASN C 603 -26.71 21.80 -13.68
CA ASN C 603 -27.43 22.77 -14.54
C ASN C 603 -26.49 23.96 -14.68
N CYS C 604 -25.77 24.05 -15.80
CA CYS C 604 -24.74 25.08 -15.93
C CYS C 604 -25.37 26.40 -16.35
N THR C 605 -26.15 26.95 -15.42
CA THR C 605 -26.40 28.37 -15.50
C THR C 605 -25.11 29.16 -15.53
N GLU C 606 -23.97 28.52 -15.25
CA GLU C 606 -22.65 29.06 -15.45
C GLU C 606 -22.03 28.46 -16.70
N VAL C 607 -21.08 29.20 -17.26
CA VAL C 607 -20.40 28.79 -18.46
C VAL C 607 -19.36 27.74 -18.10
N ARG C 621 -14.94 25.57 -23.64
CA ARG C 621 -14.98 26.94 -24.15
C ARG C 621 -15.86 27.00 -25.39
N VAL C 622 -16.89 26.15 -25.38
CA VAL C 622 -17.76 26.00 -26.53
C VAL C 622 -18.86 27.04 -26.43
N TYR C 623 -19.64 27.18 -27.50
CA TYR C 623 -20.63 28.24 -27.66
C TYR C 623 -21.80 27.99 -26.73
N SER C 624 -21.73 28.58 -25.53
CA SER C 624 -22.84 28.47 -24.59
C SER C 624 -24.10 29.05 -25.20
N THR C 625 -23.97 30.18 -25.89
CA THR C 625 -25.08 30.79 -26.61
C THR C 625 -24.93 30.48 -28.09
N GLY C 626 -25.94 29.83 -28.66
CA GLY C 626 -25.95 29.49 -30.08
C GLY C 626 -25.67 28.03 -30.35
N SER C 627 -25.98 27.15 -29.40
CA SER C 627 -25.72 25.74 -29.57
C SER C 627 -26.87 24.86 -29.11
N ASN C 628 -27.92 25.46 -28.55
CA ASN C 628 -29.13 24.75 -28.18
C ASN C 628 -28.82 23.63 -27.19
N VAL C 629 -28.34 24.06 -26.03
CA VAL C 629 -28.02 23.12 -24.96
C VAL C 629 -29.26 22.33 -24.59
N PHE C 630 -29.06 21.05 -24.30
CA PHE C 630 -30.12 20.18 -23.84
C PHE C 630 -29.84 19.77 -22.41
N GLN C 631 -30.71 20.19 -21.50
CA GLN C 631 -30.56 19.73 -20.12
C GLN C 631 -30.83 18.24 -20.09
N THR C 632 -30.19 17.56 -19.15
CA THR C 632 -30.35 16.15 -18.93
C THR C 632 -30.28 15.90 -17.44
N ARG C 633 -30.69 14.70 -17.02
CA ARG C 633 -30.41 14.30 -15.65
C ARG C 633 -28.91 14.25 -15.41
N ALA C 634 -28.12 14.27 -16.47
CA ALA C 634 -26.69 14.33 -16.29
C ALA C 634 -26.13 15.72 -16.51
N GLY C 635 -26.95 16.75 -16.45
CA GLY C 635 -26.40 18.08 -16.51
C GLY C 635 -26.68 18.69 -17.86
N CYS C 636 -26.02 19.80 -18.15
CA CYS C 636 -26.21 20.45 -19.43
C CYS C 636 -25.35 19.75 -20.47
N LEU C 637 -25.97 19.30 -21.56
CA LEU C 637 -25.29 18.55 -22.61
C LEU C 637 -24.96 19.49 -23.78
N ILE C 638 -24.22 20.54 -23.46
CA ILE C 638 -23.80 21.47 -24.49
C ILE C 638 -22.88 20.75 -25.46
N GLY C 639 -23.22 20.78 -26.74
CA GLY C 639 -22.35 20.21 -27.75
C GLY C 639 -23.07 19.35 -28.76
N ALA C 640 -24.01 18.53 -28.31
CA ALA C 640 -24.86 17.80 -29.22
C ALA C 640 -26.28 18.27 -28.99
N GLU C 641 -27.16 17.84 -29.86
CA GLU C 641 -28.55 18.23 -29.78
C GLU C 641 -29.37 17.02 -29.37
N HIS C 642 -30.68 17.18 -29.38
CA HIS C 642 -31.53 16.27 -28.64
C HIS C 642 -32.79 15.92 -29.44
N VAL C 643 -33.17 14.64 -29.44
CA VAL C 643 -34.35 14.15 -30.14
C VAL C 643 -35.15 13.28 -29.18
N ASN C 644 -36.07 12.52 -29.75
CA ASN C 644 -36.85 11.56 -28.99
C ASN C 644 -37.10 10.28 -29.77
N ASN C 645 -36.16 9.84 -30.58
CA ASN C 645 -36.36 8.61 -31.34
C ASN C 645 -36.02 7.40 -30.47
N SER C 646 -36.03 6.22 -31.09
CA SER C 646 -35.84 4.95 -30.38
C SER C 646 -34.70 4.17 -31.01
N TYR C 647 -33.54 4.18 -30.35
CA TYR C 647 -32.43 3.31 -30.69
C TYR C 647 -31.88 2.71 -29.41
N GLU C 648 -30.85 1.90 -29.57
CA GLU C 648 -30.08 1.43 -28.43
C GLU C 648 -29.11 2.52 -27.98
N CYS C 649 -28.16 2.16 -27.13
CA CYS C 649 -27.17 3.10 -26.60
C CYS C 649 -25.79 2.74 -27.13
N ASP C 650 -25.42 3.35 -28.25
CA ASP C 650 -24.10 3.11 -28.81
C ASP C 650 -23.01 3.56 -27.84
N ILE C 651 -23.22 4.68 -27.17
CA ILE C 651 -22.24 5.13 -26.19
C ILE C 651 -22.98 5.65 -24.96
N PRO C 652 -22.84 4.99 -23.82
CA PRO C 652 -23.43 5.53 -22.59
C PRO C 652 -22.70 6.77 -22.09
N ILE C 653 -23.49 7.75 -21.65
CA ILE C 653 -22.97 8.99 -21.09
C ILE C 653 -23.41 9.20 -19.66
N GLY C 654 -24.62 8.78 -19.31
CA GLY C 654 -25.12 8.90 -17.96
C GLY C 654 -26.63 8.96 -17.91
N ALA C 655 -27.16 8.62 -16.73
CA ALA C 655 -28.55 8.87 -16.38
C ALA C 655 -29.52 8.24 -17.36
N GLY C 656 -29.16 7.09 -17.91
CA GLY C 656 -30.08 6.41 -18.78
C GLY C 656 -30.38 7.11 -20.09
N ILE C 657 -29.90 8.33 -20.27
CA ILE C 657 -30.02 9.03 -21.53
C ILE C 657 -28.61 9.29 -22.02
N CYS C 658 -28.21 8.56 -23.04
CA CYS C 658 -26.87 8.56 -23.55
C CYS C 658 -26.89 8.99 -25.00
N ALA C 659 -25.76 8.82 -25.67
CA ALA C 659 -25.64 9.15 -27.08
C ALA C 659 -26.37 8.12 -27.93
N GLY C 672 -32.64 19.16 -42.56
CA GLY C 672 -32.19 20.20 -43.48
C GLY C 672 -31.98 19.68 -44.89
N SER C 673 -31.05 18.74 -45.03
CA SER C 673 -30.91 18.02 -46.29
C SER C 673 -30.29 16.63 -46.12
N VAL C 674 -29.93 16.24 -44.88
CA VAL C 674 -29.25 14.96 -44.67
C VAL C 674 -29.76 14.30 -43.39
N ALA C 675 -29.32 13.06 -43.15
CA ALA C 675 -29.64 12.26 -41.98
C ALA C 675 -28.80 12.68 -40.79
N SER C 676 -28.69 11.78 -39.81
CA SER C 676 -27.97 12.01 -38.54
C SER C 676 -26.62 12.66 -38.85
N GLN C 677 -25.72 12.00 -39.57
CA GLN C 677 -24.41 12.54 -39.97
C GLN C 677 -23.71 13.24 -38.82
N SER C 678 -24.03 12.85 -37.59
CA SER C 678 -23.62 13.64 -36.43
C SER C 678 -23.82 12.81 -35.17
N ILE C 679 -23.74 13.50 -34.04
CA ILE C 679 -23.87 12.88 -32.72
C ILE C 679 -25.10 13.48 -32.06
N ILE C 680 -26.11 12.65 -31.91
CA ILE C 680 -27.33 13.02 -31.25
C ILE C 680 -27.46 12.13 -30.03
N ALA C 681 -28.34 12.50 -29.10
CA ALA C 681 -28.55 11.73 -27.88
C ALA C 681 -30.03 11.66 -27.56
N TYR C 682 -30.43 10.61 -26.87
CA TYR C 682 -31.84 10.28 -26.83
C TYR C 682 -32.11 9.29 -25.72
N THR C 683 -33.36 8.88 -25.62
CA THR C 683 -33.79 7.86 -24.69
C THR C 683 -33.33 6.49 -25.18
N MET C 684 -32.65 5.76 -24.32
CA MET C 684 -32.18 4.45 -24.71
C MET C 684 -33.38 3.53 -24.91
N SER C 685 -33.71 3.27 -26.16
CA SER C 685 -34.72 2.26 -26.42
C SER C 685 -34.03 0.93 -26.31
N LEU C 686 -34.54 0.08 -25.45
CA LEU C 686 -33.80 -1.07 -24.98
C LEU C 686 -34.24 -2.34 -25.67
N GLY C 687 -34.47 -2.25 -26.97
CA GLY C 687 -35.14 -3.30 -27.71
C GLY C 687 -36.61 -2.94 -27.73
N ALA C 688 -37.08 -2.49 -28.89
CA ALA C 688 -38.43 -1.97 -28.99
C ALA C 688 -39.42 -3.02 -28.49
N GLU C 689 -40.48 -2.54 -27.87
CA GLU C 689 -41.42 -3.43 -27.21
C GLU C 689 -42.18 -4.27 -28.23
N ASN C 690 -42.32 -5.56 -27.92
CA ASN C 690 -43.15 -6.48 -28.69
C ASN C 690 -43.81 -7.36 -27.64
N SER C 691 -44.92 -6.89 -27.09
CA SER C 691 -45.41 -7.48 -25.87
C SER C 691 -45.73 -8.95 -26.05
N VAL C 692 -45.80 -9.66 -24.94
CA VAL C 692 -46.11 -11.07 -24.95
C VAL C 692 -47.63 -11.23 -24.97
N ALA C 693 -48.16 -11.72 -26.08
CA ALA C 693 -49.59 -11.91 -26.21
C ALA C 693 -49.93 -13.17 -25.45
N TYR C 694 -50.94 -13.10 -24.58
CA TYR C 694 -51.23 -14.20 -23.67
C TYR C 694 -52.72 -14.52 -23.60
N SER C 695 -53.01 -15.78 -23.26
CA SER C 695 -54.32 -16.19 -22.79
C SER C 695 -54.16 -17.45 -21.96
N ASN C 696 -55.17 -17.75 -21.14
CA ASN C 696 -55.14 -18.98 -20.35
C ASN C 696 -55.24 -20.20 -21.27
N ASN C 697 -55.04 -19.99 -22.56
CA ASN C 697 -54.97 -21.09 -23.50
C ASN C 697 -54.16 -20.72 -24.74
N SER C 698 -53.66 -19.49 -24.82
CA SER C 698 -52.82 -19.09 -25.94
C SER C 698 -51.53 -19.87 -25.89
N ILE C 699 -51.17 -20.50 -27.00
CA ILE C 699 -50.14 -21.52 -26.98
C ILE C 699 -49.20 -21.30 -28.16
N ALA C 700 -47.90 -21.42 -27.91
CA ALA C 700 -46.91 -21.17 -28.95
C ALA C 700 -45.91 -22.30 -29.08
N ILE C 701 -46.15 -23.19 -30.04
CA ILE C 701 -45.27 -24.31 -30.35
C ILE C 701 -44.68 -24.12 -31.75
N PRO C 702 -43.37 -24.16 -31.90
CA PRO C 702 -42.75 -23.85 -33.19
C PRO C 702 -42.50 -25.07 -34.05
N THR C 703 -42.40 -24.82 -35.35
CA THR C 703 -42.17 -25.88 -36.32
C THR C 703 -40.79 -25.85 -36.97
N ASN C 704 -40.13 -24.71 -37.03
CA ASN C 704 -38.86 -24.67 -37.74
C ASN C 704 -37.82 -24.08 -36.83
N PHE C 705 -36.58 -24.01 -37.30
CA PHE C 705 -35.53 -23.57 -36.41
C PHE C 705 -34.26 -23.34 -37.19
N THR C 706 -33.18 -23.19 -36.45
CA THR C 706 -31.89 -22.88 -37.01
C THR C 706 -30.84 -23.56 -36.19
N ILE C 707 -29.59 -23.24 -36.51
CA ILE C 707 -28.45 -23.50 -35.65
C ILE C 707 -27.48 -22.35 -35.82
N SER C 708 -27.19 -21.66 -34.74
CA SER C 708 -26.26 -20.55 -34.79
C SER C 708 -24.92 -20.97 -34.22
N VAL C 709 -23.88 -20.30 -34.66
CA VAL C 709 -22.58 -20.46 -34.04
C VAL C 709 -22.14 -19.14 -33.44
N THR C 710 -22.54 -18.89 -32.21
CA THR C 710 -22.01 -17.72 -31.54
C THR C 710 -20.65 -18.04 -31.00
N THR C 711 -19.90 -16.99 -30.75
CA THR C 711 -18.50 -17.12 -30.38
C THR C 711 -18.15 -16.08 -29.34
N GLU C 712 -17.18 -16.41 -28.51
CA GLU C 712 -16.75 -15.49 -27.47
C GLU C 712 -15.39 -15.91 -26.99
N ILE C 713 -14.83 -15.11 -26.10
CA ILE C 713 -13.41 -15.20 -25.80
C ILE C 713 -13.20 -15.23 -24.30
N LEU C 714 -12.13 -15.88 -23.89
CA LEU C 714 -11.85 -16.04 -22.48
C LEU C 714 -10.36 -15.99 -22.27
N PRO C 715 -9.88 -15.02 -21.49
CA PRO C 715 -8.45 -14.77 -21.34
C PRO C 715 -7.83 -15.78 -20.39
N VAL C 716 -7.22 -16.83 -20.94
CA VAL C 716 -6.76 -17.94 -20.12
C VAL C 716 -5.45 -17.63 -19.42
N SER C 717 -4.78 -16.54 -19.77
CA SER C 717 -3.54 -16.20 -19.09
C SER C 717 -3.10 -14.85 -19.58
N MET C 718 -1.87 -14.50 -19.23
CA MET C 718 -1.20 -13.33 -19.77
C MET C 718 0.28 -13.65 -19.87
N THR C 719 1.05 -12.64 -20.27
CA THR C 719 2.50 -12.78 -20.37
C THR C 719 3.11 -12.70 -18.99
N LYS C 720 3.55 -13.83 -18.46
CA LYS C 720 3.90 -13.91 -17.06
C LYS C 720 5.21 -13.16 -16.82
N THR C 721 5.11 -11.84 -16.82
CA THR C 721 6.35 -11.11 -16.67
C THR C 721 6.91 -11.25 -15.26
N SER C 722 8.20 -11.01 -15.15
CA SER C 722 8.88 -10.98 -13.88
C SER C 722 9.77 -9.75 -13.84
N VAL C 723 10.29 -9.45 -12.65
CA VAL C 723 11.06 -8.23 -12.45
C VAL C 723 12.32 -8.54 -11.65
N ASP C 724 13.38 -7.82 -11.95
CA ASP C 724 14.64 -7.94 -11.23
C ASP C 724 14.75 -6.78 -10.27
N CYS C 725 13.91 -6.81 -9.26
CA CYS C 725 13.87 -5.74 -8.26
C CYS C 725 15.22 -5.08 -8.10
N THR C 726 16.26 -5.89 -7.96
CA THR C 726 17.56 -5.39 -7.56
C THR C 726 18.14 -4.45 -8.60
N MET C 727 18.50 -4.99 -9.77
CA MET C 727 19.07 -4.13 -10.80
C MET C 727 18.05 -3.13 -11.27
N TYR C 728 16.78 -3.49 -11.22
CA TYR C 728 15.72 -2.55 -11.58
C TYR C 728 15.93 -1.22 -10.89
N ILE C 729 15.80 -1.21 -9.57
CA ILE C 729 16.15 0.00 -8.85
C ILE C 729 17.60 0.33 -9.07
N CYS C 730 18.40 -0.67 -9.41
CA CYS C 730 19.82 -0.60 -9.19
C CYS C 730 20.66 -0.49 -10.45
N GLY C 731 20.12 -0.84 -11.61
CA GLY C 731 20.82 -0.60 -12.86
C GLY C 731 22.23 -1.14 -12.84
N ASP C 732 22.47 -2.09 -11.94
CA ASP C 732 23.82 -2.54 -11.64
C ASP C 732 24.66 -1.37 -11.18
N SER C 733 24.24 -0.74 -10.09
CA SER C 733 24.95 0.40 -9.52
C SER C 733 25.18 0.16 -8.04
N THR C 734 26.45 0.00 -7.64
CA THR C 734 26.76 -0.62 -6.36
C THR C 734 26.08 0.09 -5.21
N GLU C 735 26.04 1.41 -5.22
CA GLU C 735 25.53 2.05 -4.03
C GLU C 735 24.02 1.91 -3.95
N CYS C 736 23.38 1.70 -5.10
CA CYS C 736 21.94 1.44 -5.09
C CYS C 736 21.58 0.32 -4.13
N SER C 737 21.89 -0.93 -4.51
CA SER C 737 21.57 -2.02 -3.59
C SER C 737 22.32 -1.88 -2.28
N ASN C 738 23.47 -1.22 -2.31
CA ASN C 738 24.20 -0.94 -1.07
C ASN C 738 23.27 -0.31 -0.05
N LEU C 739 22.45 0.64 -0.47
CA LEU C 739 21.48 1.21 0.47
C LEU C 739 20.13 0.50 0.43
N LEU C 740 19.84 -0.26 -0.61
CA LEU C 740 18.64 -1.09 -0.54
C LEU C 740 18.72 -1.99 0.67
N LEU C 741 19.81 -2.72 0.80
CA LEU C 741 19.90 -3.87 1.70
C LEU C 741 19.61 -3.50 3.15
N GLN C 742 19.40 -2.23 3.42
CA GLN C 742 18.84 -1.82 4.69
C GLN C 742 17.33 -1.64 4.62
N TYR C 743 16.67 -2.26 3.65
CA TYR C 743 15.22 -2.20 3.51
C TYR C 743 14.61 -3.58 3.40
N GLY C 744 14.97 -4.48 4.30
CA GLY C 744 14.16 -5.65 4.42
C GLY C 744 14.11 -6.44 3.14
N SER C 745 13.04 -7.19 2.98
CA SER C 745 12.96 -8.18 1.92
C SER C 745 11.68 -8.07 1.11
N PHE C 746 11.09 -6.86 1.04
CA PHE C 746 10.02 -6.63 0.08
C PHE C 746 10.43 -7.19 -1.26
N CYS C 747 11.68 -6.96 -1.63
CA CYS C 747 12.21 -7.40 -2.90
C CYS C 747 11.77 -8.83 -3.17
N THR C 748 12.24 -9.73 -2.33
CA THR C 748 11.92 -11.13 -2.51
C THR C 748 10.43 -11.39 -2.37
N GLN C 749 9.76 -10.62 -1.52
CA GLN C 749 8.32 -10.81 -1.35
C GLN C 749 7.61 -10.72 -2.69
N LEU C 750 7.77 -9.60 -3.37
CA LEU C 750 7.08 -9.44 -4.63
C LEU C 750 7.66 -10.37 -5.68
N ASN C 751 8.97 -10.58 -5.67
CA ASN C 751 9.53 -11.54 -6.61
C ASN C 751 8.77 -12.85 -6.54
N ARG C 752 8.66 -13.37 -5.32
CA ARG C 752 8.06 -14.68 -5.14
C ARG C 752 6.58 -14.63 -5.47
N ALA C 753 5.89 -13.57 -5.07
CA ALA C 753 4.46 -13.54 -5.34
C ALA C 753 4.20 -13.51 -6.84
N LEU C 754 4.90 -12.64 -7.55
CA LEU C 754 4.68 -12.50 -8.98
C LEU C 754 4.99 -13.82 -9.67
N THR C 755 6.18 -14.35 -9.45
CA THR C 755 6.51 -15.63 -10.01
C THR C 755 5.46 -16.66 -9.63
N GLY C 756 4.86 -16.49 -8.46
CA GLY C 756 3.71 -17.29 -8.14
C GLY C 756 2.62 -17.11 -9.16
N ILE C 757 2.35 -15.86 -9.53
CA ILE C 757 1.21 -15.67 -10.43
C ILE C 757 1.53 -16.29 -11.77
N ALA C 758 2.82 -16.31 -12.10
CA ALA C 758 3.25 -16.97 -13.32
C ALA C 758 2.87 -18.44 -13.26
N VAL C 759 3.50 -19.16 -12.32
CA VAL C 759 3.29 -20.59 -12.24
C VAL C 759 1.82 -20.87 -12.11
N GLU C 760 1.08 -19.95 -11.53
CA GLU C 760 -0.34 -20.09 -11.51
C GLU C 760 -0.91 -20.04 -12.92
N GLN C 761 -0.47 -19.09 -13.73
CA GLN C 761 -1.03 -19.00 -15.08
C GLN C 761 -0.68 -20.23 -15.88
N ASP C 762 0.52 -20.74 -15.70
CA ASP C 762 0.88 -22.01 -16.32
C ASP C 762 -0.12 -23.08 -15.94
N LYS C 763 -0.30 -23.29 -14.63
CA LYS C 763 -1.21 -24.33 -14.21
C LYS C 763 -2.62 -24.02 -14.68
N ASN C 764 -2.90 -22.75 -14.93
CA ASN C 764 -4.17 -22.39 -15.54
C ASN C 764 -4.30 -23.03 -16.90
N THR C 765 -3.34 -22.74 -17.78
CA THR C 765 -3.35 -23.36 -19.08
C THR C 765 -3.53 -24.86 -18.96
N GLN C 766 -2.80 -25.46 -18.02
CA GLN C 766 -2.93 -26.89 -17.81
C GLN C 766 -4.38 -27.27 -17.57
N GLU C 767 -4.95 -26.78 -16.46
CA GLU C 767 -6.32 -27.13 -16.12
C GLU C 767 -7.27 -26.71 -17.21
N VAL C 768 -6.80 -25.89 -18.12
CA VAL C 768 -7.63 -25.49 -19.23
C VAL C 768 -7.61 -26.55 -20.30
N PHE C 769 -6.50 -27.27 -20.41
CA PHE C 769 -6.36 -28.13 -21.58
C PHE C 769 -6.00 -29.56 -21.24
N ALA C 770 -5.08 -29.77 -20.31
CA ALA C 770 -4.59 -31.12 -20.09
C ALA C 770 -5.70 -31.99 -19.52
N GLN C 771 -6.73 -32.23 -20.31
CA GLN C 771 -7.90 -32.93 -19.84
C GLN C 771 -8.10 -34.25 -20.54
N VAL C 772 -7.14 -34.68 -21.35
CA VAL C 772 -7.20 -35.98 -22.01
C VAL C 772 -5.84 -36.62 -21.90
N LYS C 773 -5.83 -37.93 -21.70
CA LYS C 773 -4.58 -38.61 -21.41
C LYS C 773 -3.64 -38.51 -22.59
N GLN C 774 -4.01 -39.13 -23.71
CA GLN C 774 -3.08 -39.18 -24.82
C GLN C 774 -3.15 -37.90 -25.63
N ILE C 775 -2.52 -37.93 -26.79
CA ILE C 775 -2.57 -36.87 -27.78
C ILE C 775 -3.27 -37.41 -29.00
N TYR C 776 -4.56 -37.13 -29.12
CA TYR C 776 -5.37 -37.81 -30.12
C TYR C 776 -5.23 -37.16 -31.48
N LYS C 777 -5.31 -37.98 -32.53
CA LYS C 777 -5.07 -37.52 -33.89
C LYS C 777 -6.32 -37.73 -34.74
N THR C 778 -6.77 -36.67 -35.40
CA THR C 778 -7.89 -36.80 -36.30
C THR C 778 -7.52 -37.71 -37.47
N PRO C 779 -8.49 -38.45 -38.00
CA PRO C 779 -8.21 -39.34 -39.11
C PRO C 779 -8.25 -38.58 -40.42
N PRO C 780 -7.40 -38.95 -41.38
CA PRO C 780 -7.47 -38.30 -42.70
C PRO C 780 -8.80 -38.49 -43.37
N ILE C 781 -9.47 -39.61 -43.09
CA ILE C 781 -10.80 -39.81 -43.62
C ILE C 781 -11.71 -38.73 -43.07
N LYS C 782 -12.42 -38.06 -43.97
CA LYS C 782 -13.27 -36.92 -43.63
C LYS C 782 -14.55 -37.07 -44.44
N ASP C 783 -15.54 -37.73 -43.84
CA ASP C 783 -16.81 -37.99 -44.51
C ASP C 783 -17.95 -37.80 -43.53
N PHE C 784 -18.03 -36.63 -42.90
CA PHE C 784 -18.95 -36.42 -41.81
C PHE C 784 -20.29 -35.89 -42.32
N GLY C 785 -20.97 -36.76 -43.07
CA GLY C 785 -22.39 -36.68 -43.37
C GLY C 785 -22.96 -35.29 -43.58
N GLY C 786 -22.15 -34.39 -44.12
CA GLY C 786 -22.57 -33.02 -44.29
C GLY C 786 -21.82 -31.99 -43.48
N PHE C 787 -20.63 -32.30 -43.00
CA PHE C 787 -19.88 -31.32 -42.23
C PHE C 787 -18.58 -31.00 -42.94
N ASN C 788 -18.15 -29.75 -42.81
CA ASN C 788 -16.94 -29.26 -43.42
C ASN C 788 -16.14 -28.52 -42.35
N PHE C 789 -15.43 -29.25 -41.53
CA PHE C 789 -14.64 -28.62 -40.49
C PHE C 789 -13.34 -28.06 -41.02
N SER C 790 -13.16 -28.09 -42.34
CA SER C 790 -11.86 -27.72 -42.88
C SER C 790 -11.40 -26.38 -42.32
N GLN C 791 -12.29 -25.40 -42.23
CA GLN C 791 -11.87 -24.13 -41.69
C GLN C 791 -11.47 -24.22 -40.23
N ILE C 792 -11.76 -25.32 -39.56
CA ILE C 792 -11.29 -25.54 -38.20
C ILE C 792 -10.47 -26.81 -38.07
N LEU C 793 -10.91 -27.90 -38.67
CA LEU C 793 -10.26 -29.16 -38.38
C LEU C 793 -8.84 -29.13 -38.90
N PRO C 794 -7.89 -29.65 -38.19
CA PRO C 794 -6.53 -29.77 -38.71
C PRO C 794 -6.43 -30.76 -39.86
N ASP C 795 -5.96 -30.29 -41.01
CA ASP C 795 -5.81 -31.13 -42.18
C ASP C 795 -4.35 -31.57 -42.32
N PRO C 796 -4.05 -32.58 -43.14
CA PRO C 796 -2.65 -32.94 -43.38
C PRO C 796 -1.84 -31.77 -43.91
N SER C 797 -2.52 -30.73 -44.40
CA SER C 797 -1.87 -29.50 -44.82
C SER C 797 -1.32 -28.81 -43.59
N LYS C 798 -0.02 -28.51 -43.62
CA LYS C 798 0.68 -27.90 -42.50
C LYS C 798 1.20 -26.55 -42.96
N PRO C 799 0.34 -25.53 -43.03
CA PRO C 799 0.84 -24.20 -43.39
C PRO C 799 1.86 -23.67 -42.39
N SER C 800 1.45 -23.35 -41.17
CA SER C 800 2.45 -23.17 -40.12
C SER C 800 2.07 -23.77 -38.78
N LYS C 801 0.87 -23.45 -38.27
CA LYS C 801 0.50 -24.00 -36.98
C LYS C 801 -0.47 -25.16 -37.11
N ARG C 802 -1.74 -24.85 -37.37
CA ARG C 802 -2.63 -25.94 -37.72
C ARG C 802 -3.70 -25.63 -38.76
N SER C 803 -4.40 -24.50 -38.62
CA SER C 803 -5.61 -24.30 -39.41
C SER C 803 -6.05 -22.83 -39.43
N PHE C 804 -7.29 -22.63 -39.89
CA PHE C 804 -7.69 -21.40 -40.55
C PHE C 804 -7.97 -20.29 -39.56
N ILE C 805 -9.01 -20.47 -38.75
CA ILE C 805 -9.39 -19.47 -37.78
C ILE C 805 -8.22 -19.16 -36.89
N GLU C 806 -7.35 -20.14 -36.71
CA GLU C 806 -6.16 -19.91 -35.92
C GLU C 806 -5.36 -18.73 -36.44
N ASP C 807 -4.97 -18.78 -37.71
CA ASP C 807 -4.15 -17.69 -38.25
C ASP C 807 -4.94 -16.41 -38.36
N LEU C 808 -6.21 -16.51 -38.72
CA LEU C 808 -7.03 -15.30 -38.75
C LEU C 808 -6.95 -14.61 -37.41
N LEU C 809 -7.14 -15.37 -36.34
CA LEU C 809 -6.90 -14.89 -35.01
C LEU C 809 -5.53 -14.25 -34.89
N PHE C 810 -4.49 -15.02 -35.19
CA PHE C 810 -3.13 -14.54 -34.97
C PHE C 810 -2.90 -13.19 -35.62
N ASN C 811 -3.54 -12.96 -36.76
CA ASN C 811 -3.51 -11.63 -37.35
C ASN C 811 -4.30 -10.65 -36.49
N LYS C 812 -5.48 -11.07 -36.03
CA LYS C 812 -6.40 -10.14 -35.39
C LYS C 812 -5.77 -9.44 -34.19
N VAL C 813 -4.83 -10.07 -33.55
CA VAL C 813 -4.21 -9.52 -32.35
C VAL C 813 -3.14 -8.53 -32.75
N THR C 814 -3.00 -7.46 -31.96
CA THR C 814 -1.94 -6.47 -32.17
C THR C 814 -0.74 -6.74 -31.28
N LEU C 815 -0.77 -7.83 -30.52
CA LEU C 815 0.34 -8.26 -29.68
C LEU C 815 0.80 -7.15 -28.73
N GLN C 840 10.89 -5.22 -27.06
CA GLN C 840 10.07 -5.88 -26.03
C GLN C 840 10.76 -5.82 -24.65
N LYS C 841 11.89 -6.50 -24.48
CA LYS C 841 12.62 -6.43 -23.23
C LYS C 841 13.64 -5.31 -23.31
N PHE C 842 13.62 -4.44 -22.31
CA PHE C 842 14.46 -3.26 -22.35
C PHE C 842 15.48 -3.22 -21.23
N ASN C 843 15.03 -3.20 -19.97
CA ASN C 843 15.92 -3.19 -18.83
C ASN C 843 15.10 -3.37 -17.58
N GLY C 844 15.64 -4.06 -16.58
CA GLY C 844 14.90 -4.18 -15.35
C GLY C 844 13.51 -4.75 -15.50
N LEU C 845 13.29 -5.52 -16.55
CA LEU C 845 11.99 -6.08 -16.83
C LEU C 845 12.22 -7.31 -17.68
N THR C 846 11.18 -8.12 -17.85
CA THR C 846 11.34 -9.27 -18.71
C THR C 846 10.01 -9.88 -19.05
N VAL C 847 10.07 -10.83 -19.96
CA VAL C 847 8.97 -11.70 -20.30
C VAL C 847 9.53 -13.11 -20.31
N LEU C 848 8.70 -14.07 -19.96
CA LEU C 848 9.14 -15.45 -19.94
C LEU C 848 8.11 -16.33 -20.64
N PRO C 849 8.55 -17.30 -21.43
CA PRO C 849 7.66 -17.88 -22.42
C PRO C 849 6.57 -18.67 -21.74
N PRO C 850 5.37 -18.67 -22.29
CA PRO C 850 4.34 -19.56 -21.79
C PRO C 850 4.87 -20.98 -21.85
N LEU C 851 4.79 -21.68 -20.71
CA LEU C 851 5.36 -23.03 -20.64
C LEU C 851 5.02 -23.84 -21.86
N LEU C 852 3.74 -23.92 -22.18
CA LEU C 852 3.36 -24.45 -23.46
C LEU C 852 3.51 -23.36 -24.50
N THR C 853 3.94 -23.76 -25.69
CA THR C 853 3.85 -22.90 -26.84
C THR C 853 2.59 -23.23 -27.61
N ASP C 854 2.19 -22.28 -28.44
CA ASP C 854 0.98 -22.39 -29.24
C ASP C 854 0.85 -23.78 -29.83
N GLU C 855 1.95 -24.34 -30.33
CA GLU C 855 1.88 -25.60 -31.05
C GLU C 855 1.22 -26.66 -30.18
N MET C 856 1.78 -26.91 -29.01
CA MET C 856 1.21 -27.91 -28.12
C MET C 856 -0.23 -27.59 -27.80
N ILE C 857 -0.53 -26.30 -27.64
CA ILE C 857 -1.90 -25.94 -27.31
C ILE C 857 -2.83 -26.42 -28.40
N ALA C 858 -2.62 -25.90 -29.60
CA ALA C 858 -3.44 -26.31 -30.73
C ALA C 858 -3.50 -27.82 -30.83
N GLN C 859 -2.45 -28.50 -30.41
CA GLN C 859 -2.48 -29.95 -30.50
C GLN C 859 -3.50 -30.53 -29.54
N TYR C 860 -3.41 -30.14 -28.27
CA TYR C 860 -4.44 -30.51 -27.30
C TYR C 860 -5.80 -30.31 -27.91
N THR C 861 -5.98 -29.15 -28.50
CA THR C 861 -7.25 -28.79 -29.10
C THR C 861 -7.64 -29.84 -30.10
N SER C 862 -6.86 -29.91 -31.18
CA SER C 862 -7.12 -30.84 -32.26
C SER C 862 -7.59 -32.18 -31.72
N ALA C 863 -6.89 -32.68 -30.72
CA ALA C 863 -7.30 -33.94 -30.14
C ALA C 863 -8.72 -33.84 -29.62
N LEU C 864 -9.00 -32.82 -28.82
CA LEU C 864 -10.33 -32.72 -28.24
C LEU C 864 -11.37 -32.65 -29.33
N LEU C 865 -11.10 -31.84 -30.33
CA LEU C 865 -12.01 -31.73 -31.47
C LEU C 865 -12.33 -33.10 -31.99
N ALA C 866 -11.33 -33.78 -32.53
CA ALA C 866 -11.62 -35.03 -33.22
C ALA C 866 -12.28 -36.04 -32.30
N GLY C 867 -11.87 -36.09 -31.04
CA GLY C 867 -12.45 -37.06 -30.15
C GLY C 867 -13.93 -36.80 -30.06
N THR C 868 -14.26 -35.55 -29.72
CA THR C 868 -15.65 -35.15 -29.72
C THR C 868 -16.32 -35.48 -31.02
N ILE C 869 -15.59 -35.39 -32.13
CA ILE C 869 -16.18 -35.73 -33.40
C ILE C 869 -16.33 -37.23 -33.53
N THR C 870 -15.66 -38.00 -32.70
CA THR C 870 -15.46 -39.41 -32.99
C THR C 870 -15.73 -40.33 -31.82
N SER C 871 -15.38 -39.95 -30.61
CA SER C 871 -15.59 -40.82 -29.48
C SER C 871 -16.53 -40.25 -28.45
N GLY C 872 -16.64 -38.93 -28.37
CA GLY C 872 -17.62 -38.31 -27.49
C GLY C 872 -17.36 -38.53 -26.02
N TRP C 873 -18.41 -38.88 -25.29
CA TRP C 873 -18.34 -38.78 -23.84
C TRP C 873 -17.23 -39.62 -23.26
N THR C 874 -16.87 -40.70 -23.92
CA THR C 874 -16.05 -41.69 -23.27
C THR C 874 -14.70 -41.12 -22.83
N PHE C 875 -14.09 -40.22 -23.60
CA PHE C 875 -12.78 -39.70 -23.21
C PHE C 875 -12.86 -38.84 -21.96
N GLY C 876 -14.01 -38.25 -21.69
CA GLY C 876 -14.16 -37.53 -20.45
C GLY C 876 -13.89 -38.41 -19.24
N ALA C 877 -14.05 -39.71 -19.42
CA ALA C 877 -13.83 -40.67 -18.35
C ALA C 877 -12.57 -41.48 -18.52
N GLY C 878 -11.88 -41.36 -19.65
CA GLY C 878 -10.74 -42.23 -19.89
C GLY C 878 -10.65 -42.69 -21.32
N ALA C 879 -10.80 -43.99 -21.52
CA ALA C 879 -10.68 -44.59 -22.85
C ALA C 879 -11.65 -43.93 -23.83
N ALA C 880 -11.10 -43.28 -24.84
CA ALA C 880 -11.91 -42.71 -25.90
C ALA C 880 -12.52 -43.85 -26.69
N LEU C 881 -13.85 -43.95 -26.65
CA LEU C 881 -14.56 -45.03 -27.29
C LEU C 881 -15.35 -44.48 -28.47
N GLN C 882 -15.02 -44.90 -29.68
CA GLN C 882 -15.42 -44.13 -30.84
C GLN C 882 -16.91 -44.24 -31.10
N ILE C 883 -17.43 -43.21 -31.76
CA ILE C 883 -18.85 -43.08 -32.07
C ILE C 883 -19.01 -42.41 -33.42
N PRO C 884 -20.01 -42.82 -34.16
CA PRO C 884 -20.27 -42.19 -35.46
C PRO C 884 -21.04 -40.91 -35.31
N PHE C 885 -20.62 -39.86 -36.00
CA PHE C 885 -20.99 -38.50 -35.60
C PHE C 885 -22.49 -38.29 -35.67
N ALA C 886 -23.13 -38.78 -36.73
CA ALA C 886 -24.55 -38.51 -36.89
C ALA C 886 -25.33 -39.02 -35.69
N MET C 887 -25.05 -40.25 -35.28
CA MET C 887 -25.79 -40.82 -34.16
C MET C 887 -25.55 -40.03 -32.89
N GLN C 888 -24.35 -39.48 -32.72
CA GLN C 888 -24.09 -38.80 -31.47
C GLN C 888 -24.71 -37.40 -31.46
N MET C 889 -24.74 -36.74 -32.60
CA MET C 889 -25.55 -35.53 -32.70
C MET C 889 -27.01 -35.85 -32.42
N ALA C 890 -27.47 -37.02 -32.85
CA ALA C 890 -28.84 -37.43 -32.57
C ALA C 890 -29.06 -37.59 -31.07
N TYR C 891 -28.08 -38.14 -30.37
CA TYR C 891 -28.16 -38.19 -28.92
C TYR C 891 -28.22 -36.78 -28.35
N ARG C 892 -27.43 -35.88 -28.89
CA ARG C 892 -27.51 -34.51 -28.44
C ARG C 892 -28.91 -33.96 -28.57
N PHE C 893 -29.58 -34.29 -29.67
CA PHE C 893 -30.96 -33.83 -29.85
C PHE C 893 -31.90 -34.48 -28.85
N ASN C 894 -31.67 -35.73 -28.49
CA ASN C 894 -32.32 -36.23 -27.28
C ASN C 894 -32.15 -35.24 -26.15
N GLY C 895 -30.91 -34.87 -25.89
CA GLY C 895 -30.62 -34.11 -24.68
C GLY C 895 -31.25 -32.74 -24.66
N ILE C 896 -31.35 -32.12 -25.83
CA ILE C 896 -31.94 -30.80 -25.87
C ILE C 896 -33.43 -30.86 -25.63
N GLY C 897 -34.05 -31.97 -25.96
CA GLY C 897 -35.48 -32.08 -25.78
C GLY C 897 -36.22 -32.48 -27.04
N VAL C 898 -35.59 -33.23 -27.93
CA VAL C 898 -36.29 -33.72 -29.10
C VAL C 898 -35.83 -35.14 -29.39
N THR C 899 -36.76 -35.96 -29.85
CA THR C 899 -36.38 -37.27 -30.34
C THR C 899 -35.44 -37.10 -31.53
N GLN C 900 -34.41 -37.94 -31.55
CA GLN C 900 -33.39 -37.86 -32.58
C GLN C 900 -33.96 -37.92 -33.99
N ASN C 901 -35.19 -38.42 -34.14
CA ASN C 901 -35.71 -38.66 -35.49
C ASN C 901 -35.66 -37.40 -36.32
N VAL C 902 -35.90 -36.24 -35.70
CA VAL C 902 -35.81 -34.98 -36.42
C VAL C 902 -34.49 -34.89 -37.18
N LEU C 903 -33.39 -35.12 -36.48
CA LEU C 903 -32.08 -35.07 -37.11
C LEU C 903 -32.04 -35.96 -38.34
N TYR C 904 -32.51 -37.20 -38.21
CA TYR C 904 -32.36 -38.14 -39.31
C TYR C 904 -33.17 -37.70 -40.53
N GLU C 905 -34.16 -36.84 -40.33
CA GLU C 905 -34.88 -36.36 -41.50
C GLU C 905 -34.34 -35.03 -41.97
N ASN C 906 -33.69 -34.29 -41.10
CA ASN C 906 -33.29 -32.91 -41.39
C ASN C 906 -31.81 -32.78 -41.69
N GLN C 907 -31.01 -33.76 -41.28
CA GLN C 907 -29.55 -33.71 -41.25
C GLN C 907 -28.95 -32.85 -42.35
N LYS C 908 -29.32 -33.17 -43.60
CA LYS C 908 -28.69 -32.53 -44.74
C LYS C 908 -28.72 -31.03 -44.60
N LEU C 909 -29.93 -30.47 -44.51
CA LEU C 909 -30.03 -29.04 -44.34
C LEU C 909 -29.40 -28.62 -43.03
N ILE C 910 -29.66 -29.38 -41.97
CA ILE C 910 -28.86 -29.26 -40.77
C ILE C 910 -27.42 -29.08 -41.16
N ALA C 911 -26.90 -30.11 -41.81
CA ALA C 911 -25.60 -30.05 -42.43
C ALA C 911 -25.38 -28.71 -43.11
N ASN C 912 -26.10 -28.46 -44.19
CA ASN C 912 -25.91 -27.23 -44.92
C ASN C 912 -25.97 -26.05 -43.98
N GLN C 913 -27.04 -25.96 -43.19
CA GLN C 913 -27.15 -24.84 -42.27
C GLN C 913 -25.89 -24.75 -41.44
N PHE C 914 -25.57 -25.84 -40.76
CA PHE C 914 -24.31 -25.94 -40.06
C PHE C 914 -23.20 -25.37 -40.89
N ASN C 915 -22.94 -26.00 -42.03
CA ASN C 915 -21.81 -25.60 -42.85
C ASN C 915 -21.85 -24.11 -43.14
N SER C 916 -23.00 -23.62 -43.63
CA SER C 916 -23.08 -22.19 -43.89
C SER C 916 -22.86 -21.44 -42.60
N ALA C 917 -23.62 -21.80 -41.58
CA ALA C 917 -23.40 -21.20 -40.27
C ALA C 917 -21.93 -21.14 -39.94
N ILE C 918 -21.22 -22.23 -40.23
CA ILE C 918 -19.78 -22.26 -39.98
C ILE C 918 -19.11 -21.04 -40.57
N GLY C 919 -19.09 -20.95 -41.90
CA GLY C 919 -18.45 -19.83 -42.54
C GLY C 919 -19.05 -18.53 -42.07
N LYS C 920 -20.35 -18.57 -41.76
CA LYS C 920 -21.08 -17.41 -41.28
C LYS C 920 -20.28 -16.63 -40.23
N ILE C 921 -19.36 -17.30 -39.56
CA ILE C 921 -18.66 -16.59 -38.51
C ILE C 921 -17.38 -15.95 -39.02
N GLN C 922 -16.57 -16.70 -39.76
CA GLN C 922 -15.21 -16.25 -40.04
C GLN C 922 -15.21 -15.03 -40.92
N ASP C 923 -15.98 -15.10 -42.00
CA ASP C 923 -16.27 -13.92 -42.80
C ASP C 923 -16.67 -12.76 -41.91
N SER C 924 -17.75 -12.93 -41.16
CA SER C 924 -18.21 -11.89 -40.24
C SER C 924 -17.14 -11.57 -39.20
N LEU C 925 -16.14 -12.42 -39.08
CA LEU C 925 -15.01 -12.06 -38.26
C LEU C 925 -13.89 -11.42 -39.07
N SER C 926 -13.61 -11.96 -40.26
CA SER C 926 -12.56 -11.34 -41.07
C SER C 926 -12.96 -9.93 -41.48
N SER C 927 -14.23 -9.76 -41.83
CA SER C 927 -14.69 -8.45 -42.29
C SER C 927 -14.68 -7.44 -41.16
N THR C 928 -15.53 -7.65 -40.15
CA THR C 928 -15.59 -6.75 -39.02
C THR C 928 -14.52 -7.15 -38.01
N ALA C 929 -13.62 -6.22 -37.71
CA ALA C 929 -12.68 -6.41 -36.63
C ALA C 929 -13.35 -6.02 -35.32
N SER C 930 -12.55 -5.72 -34.31
CA SER C 930 -12.98 -5.34 -32.97
C SER C 930 -13.66 -6.48 -32.23
N ALA C 931 -13.66 -7.68 -32.81
CA ALA C 931 -14.31 -8.80 -32.16
C ALA C 931 -13.50 -9.37 -31.02
N LEU C 932 -12.23 -8.99 -30.90
CA LEU C 932 -11.37 -9.56 -29.89
C LEU C 932 -11.46 -8.82 -28.59
N GLY C 933 -12.61 -8.21 -28.33
CA GLY C 933 -12.69 -7.12 -27.38
C GLY C 933 -11.90 -7.38 -26.14
N LYS C 934 -12.34 -8.35 -25.35
CA LYS C 934 -11.71 -8.54 -24.07
C LYS C 934 -10.29 -9.03 -24.22
N LEU C 935 -9.98 -9.71 -25.33
CA LEU C 935 -8.61 -10.14 -25.55
C LEU C 935 -7.71 -8.94 -25.47
N GLN C 936 -7.80 -8.11 -26.50
CA GLN C 936 -6.98 -6.93 -26.55
C GLN C 936 -7.14 -6.10 -25.30
N ASP C 937 -8.29 -6.21 -24.63
CA ASP C 937 -8.46 -5.44 -23.42
C ASP C 937 -7.45 -5.86 -22.36
N VAL C 938 -7.43 -7.14 -22.02
CA VAL C 938 -6.45 -7.58 -21.05
C VAL C 938 -5.05 -7.37 -21.60
N VAL C 939 -4.90 -7.51 -22.91
CA VAL C 939 -3.58 -7.36 -23.52
C VAL C 939 -3.04 -5.96 -23.29
N ASN C 940 -3.79 -4.95 -23.74
CA ASN C 940 -3.40 -3.57 -23.52
C ASN C 940 -3.22 -3.30 -22.06
N GLN C 941 -4.17 -3.73 -21.23
CA GLN C 941 -4.03 -3.48 -19.81
C GLN C 941 -2.66 -3.89 -19.33
N ASN C 942 -2.26 -5.12 -19.64
CA ASN C 942 -0.94 -5.58 -19.28
C ASN C 942 0.12 -4.63 -19.81
N ALA C 943 0.15 -4.46 -21.13
CA ALA C 943 1.32 -3.85 -21.73
C ALA C 943 1.40 -2.37 -21.40
N GLN C 944 0.29 -1.67 -21.59
CA GLN C 944 0.13 -0.34 -21.04
C GLN C 944 0.70 -0.29 -19.65
N ALA C 945 0.28 -1.21 -18.79
CA ALA C 945 0.74 -1.18 -17.41
C ALA C 945 2.24 -1.28 -17.36
N LEU C 946 2.81 -2.18 -18.15
CA LEU C 946 4.25 -2.35 -18.10
C LEU C 946 4.95 -1.05 -18.45
N ASN C 947 4.44 -0.38 -19.47
CA ASN C 947 5.07 0.88 -19.86
C ASN C 947 4.84 1.92 -18.79
N THR C 948 3.69 1.88 -18.14
CA THR C 948 3.52 2.74 -16.99
C THR C 948 4.62 2.46 -16.00
N LEU C 949 4.89 1.18 -15.76
CA LEU C 949 5.92 0.84 -14.81
C LEU C 949 7.20 1.53 -15.17
N VAL C 950 7.59 1.41 -16.43
CA VAL C 950 8.88 1.99 -16.79
C VAL C 950 8.80 3.50 -16.81
N LYS C 951 7.68 4.05 -17.28
CA LYS C 951 7.51 5.48 -17.32
C LYS C 951 7.72 6.09 -15.96
N GLN C 952 7.33 5.36 -14.91
CA GLN C 952 7.58 5.87 -13.58
C GLN C 952 9.03 6.28 -13.45
N LEU C 953 9.92 5.47 -14.01
CA LEU C 953 11.34 5.72 -13.84
C LEU C 953 11.72 7.09 -14.35
N SER C 954 10.87 7.69 -15.17
CA SER C 954 11.06 9.04 -15.64
C SER C 954 10.42 10.07 -14.72
N SER C 955 10.40 9.81 -13.44
CA SER C 955 9.96 10.79 -12.48
C SER C 955 10.98 10.88 -11.35
N ASN C 956 11.23 12.10 -10.88
CA ASN C 956 12.33 12.33 -9.96
C ASN C 956 11.93 12.24 -8.51
N PHE C 957 10.65 12.34 -8.20
CA PHE C 957 10.20 12.29 -6.81
C PHE C 957 10.95 13.32 -5.99
N GLY C 958 11.04 14.52 -6.54
CA GLY C 958 11.62 15.63 -5.82
C GLY C 958 13.12 15.60 -5.70
N ALA C 959 13.76 14.45 -5.80
CA ALA C 959 15.21 14.45 -5.79
C ALA C 959 15.74 15.07 -7.07
N ILE C 960 16.97 15.58 -6.99
CA ILE C 960 17.52 16.37 -8.08
C ILE C 960 17.59 15.54 -9.34
N SER C 961 17.71 14.23 -9.20
CA SER C 961 18.10 13.39 -10.33
C SER C 961 16.91 12.67 -10.96
N SER C 962 17.13 12.24 -12.19
CA SER C 962 16.32 11.25 -12.84
C SER C 962 17.07 9.96 -13.05
N VAL C 963 18.40 10.03 -13.13
CA VAL C 963 19.24 8.85 -13.21
C VAL C 963 20.13 8.82 -11.98
N LEU C 964 19.96 7.78 -11.17
CA LEU C 964 20.70 7.68 -9.92
C LEU C 964 22.19 7.80 -10.15
N ASN C 965 22.66 7.38 -11.32
CA ASN C 965 24.07 7.58 -11.61
C ASN C 965 24.44 9.04 -11.53
N ASP C 966 23.58 9.89 -12.10
CA ASP C 966 23.89 11.31 -12.10
C ASP C 966 24.11 11.81 -10.68
N ILE C 967 23.21 11.45 -9.76
CA ILE C 967 23.32 12.00 -8.42
C ILE C 967 24.50 11.39 -7.67
N LEU C 968 24.70 10.09 -7.80
CA LEU C 968 25.86 9.52 -7.12
C LEU C 968 27.14 10.17 -7.61
N SER C 969 27.16 10.59 -8.87
CA SER C 969 28.35 11.22 -9.41
C SER C 969 28.48 12.65 -8.92
N ARG C 970 27.46 13.45 -9.18
CA ARG C 970 27.58 14.89 -9.09
C ARG C 970 27.82 15.39 -7.67
N LEU C 971 27.69 14.54 -6.66
CA LEU C 971 28.10 14.93 -5.31
C LEU C 971 28.49 13.67 -4.54
N ASP C 972 28.77 13.86 -3.25
CA ASP C 972 29.26 12.76 -2.42
C ASP C 972 28.13 11.80 -2.07
N PRO C 973 28.36 10.49 -2.14
CA PRO C 973 27.38 9.53 -1.64
C PRO C 973 26.95 9.82 -0.22
N PRO C 974 27.89 10.13 0.72
CA PRO C 974 27.47 10.35 2.12
C PRO C 974 26.36 11.38 2.27
N GLU C 975 26.19 12.18 1.24
CA GLU C 975 25.06 13.09 1.14
C GLU C 975 23.97 12.56 0.21
N ALA C 976 24.33 12.22 -1.03
CA ALA C 976 23.36 11.84 -2.06
C ALA C 976 22.49 10.66 -1.65
N GLU C 977 22.93 9.92 -0.63
CA GLU C 977 22.15 8.81 -0.12
C GLU C 977 20.69 9.19 0.03
N VAL C 978 20.40 10.41 0.46
CA VAL C 978 19.02 10.77 0.78
C VAL C 978 18.18 10.86 -0.47
N GLN C 979 18.72 11.48 -1.52
CA GLN C 979 18.01 11.50 -2.79
C GLN C 979 17.82 10.09 -3.29
N ILE C 980 18.83 9.24 -3.11
CA ILE C 980 18.68 7.86 -3.53
C ILE C 980 17.53 7.22 -2.79
N ASP C 981 17.40 7.50 -1.50
CA ASP C 981 16.32 6.90 -0.73
C ASP C 981 14.98 7.35 -1.26
N ARG C 982 14.84 8.65 -1.52
CA ARG C 982 13.60 9.11 -2.11
C ARG C 982 13.32 8.33 -3.38
N LEU C 983 14.33 8.23 -4.24
CA LEU C 983 14.13 7.59 -5.52
C LEU C 983 13.73 6.15 -5.34
N ILE C 984 14.41 5.46 -4.46
CA ILE C 984 14.17 4.04 -4.34
C ILE C 984 12.83 3.80 -3.70
N THR C 985 12.45 4.62 -2.74
CA THR C 985 11.15 4.41 -2.12
C THR C 985 10.05 4.66 -3.13
N GLY C 986 10.24 5.65 -3.99
CA GLY C 986 9.20 5.95 -4.95
C GLY C 986 9.04 4.83 -5.94
N ARG C 987 10.11 4.55 -6.66
CA ARG C 987 10.06 3.42 -7.58
C ARG C 987 9.59 2.18 -6.85
N LEU C 988 9.89 2.10 -5.56
CA LEU C 988 9.59 0.91 -4.80
C LEU C 988 8.10 0.73 -4.70
N GLN C 989 7.45 1.69 -4.05
CA GLN C 989 6.02 1.62 -3.90
C GLN C 989 5.35 1.48 -5.26
N SER C 990 5.93 2.09 -6.29
CA SER C 990 5.33 1.97 -7.61
C SER C 990 5.30 0.54 -8.04
N LEU C 991 6.46 -0.08 -8.05
CA LEU C 991 6.54 -1.49 -8.36
C LEU C 991 5.53 -2.24 -7.55
N GLN C 992 5.45 -1.92 -6.27
CA GLN C 992 4.57 -2.65 -5.37
C GLN C 992 3.14 -2.59 -5.86
N THR C 993 2.66 -1.38 -6.10
CA THR C 993 1.36 -1.19 -6.74
C THR C 993 1.22 -2.13 -7.90
N TYR C 994 2.11 -1.97 -8.87
CA TYR C 994 2.04 -2.76 -10.09
C TYR C 994 1.80 -4.21 -9.76
N VAL C 995 2.54 -4.70 -8.78
CA VAL C 995 2.35 -6.06 -8.35
C VAL C 995 0.92 -6.28 -7.94
N THR C 996 0.42 -5.41 -7.09
CA THR C 996 -0.93 -5.57 -6.58
C THR C 996 -1.93 -5.70 -7.73
N GLN C 997 -2.05 -4.67 -8.53
CA GLN C 997 -3.08 -4.69 -9.56
C GLN C 997 -2.87 -5.84 -10.51
N GLN C 998 -1.62 -6.15 -10.83
CA GLN C 998 -1.37 -7.32 -11.63
C GLN C 998 -1.95 -8.54 -10.96
N LEU C 999 -1.82 -8.63 -9.65
CA LEU C 999 -2.40 -9.74 -8.92
C LEU C 999 -3.91 -9.74 -9.05
N ILE C 1000 -4.50 -8.56 -8.99
CA ILE C 1000 -5.95 -8.50 -9.00
C ILE C 1000 -6.45 -9.05 -10.32
N ARG C 1001 -5.91 -8.53 -11.41
CA ARG C 1001 -6.23 -9.08 -12.70
C ARG C 1001 -5.91 -10.55 -12.74
N ALA C 1002 -4.86 -10.95 -12.04
CA ALA C 1002 -4.58 -12.36 -11.95
C ALA C 1002 -5.78 -13.08 -11.38
N ALA C 1003 -6.37 -12.53 -10.33
CA ALA C 1003 -7.47 -13.20 -9.66
C ALA C 1003 -8.68 -13.29 -10.58
N GLU C 1004 -9.00 -12.19 -11.25
CA GLU C 1004 -10.15 -12.17 -12.15
C GLU C 1004 -9.94 -13.13 -13.30
N ILE C 1005 -8.82 -12.97 -14.01
CA ILE C 1005 -8.41 -13.94 -15.00
C ILE C 1005 -8.60 -15.33 -14.45
N ARG C 1006 -8.17 -15.53 -13.22
CA ARG C 1006 -8.08 -16.85 -12.67
C ARG C 1006 -9.45 -17.48 -12.52
N ALA C 1007 -10.34 -16.77 -11.85
CA ALA C 1007 -11.69 -17.27 -11.66
C ALA C 1007 -12.34 -17.52 -13.00
N SER C 1008 -12.21 -16.56 -13.90
CA SER C 1008 -12.74 -16.75 -15.23
C SER C 1008 -12.18 -17.99 -15.86
N ALA C 1009 -10.92 -18.27 -15.59
CA ALA C 1009 -10.29 -19.41 -16.24
C ALA C 1009 -10.88 -20.68 -15.74
N ASN C 1010 -11.08 -20.75 -14.43
CA ASN C 1010 -11.78 -21.91 -13.89
C ASN C 1010 -13.14 -22.03 -14.53
N LEU C 1011 -13.83 -20.91 -14.64
CA LEU C 1011 -15.11 -20.93 -15.33
C LEU C 1011 -14.93 -21.47 -16.73
N ALA C 1012 -13.86 -21.08 -17.39
CA ALA C 1012 -13.64 -21.50 -18.75
C ALA C 1012 -13.38 -22.99 -18.80
N ALA C 1013 -12.63 -23.49 -17.84
CA ALA C 1013 -12.37 -24.92 -17.79
C ALA C 1013 -13.68 -25.65 -17.68
N THR C 1014 -14.52 -25.20 -16.78
CA THR C 1014 -15.83 -25.81 -16.65
C THR C 1014 -16.62 -25.65 -17.93
N LYS C 1015 -16.43 -24.53 -18.62
CA LYS C 1015 -17.21 -24.27 -19.83
C LYS C 1015 -16.85 -25.28 -20.89
N MET C 1016 -15.57 -25.34 -21.23
CA MET C 1016 -15.09 -26.38 -22.12
C MET C 1016 -15.49 -27.74 -21.61
N SER C 1017 -15.53 -27.90 -20.30
CA SER C 1017 -15.84 -29.19 -19.73
C SER C 1017 -17.23 -29.63 -20.12
N GLU C 1018 -18.24 -28.98 -19.54
CA GLU C 1018 -19.62 -29.38 -19.77
C GLU C 1018 -20.21 -28.73 -21.00
N CYS C 1019 -19.38 -28.16 -21.86
CA CYS C 1019 -19.79 -27.66 -23.14
C CYS C 1019 -18.94 -28.27 -24.25
N VAL C 1020 -18.09 -29.23 -23.91
CA VAL C 1020 -17.31 -30.00 -24.86
C VAL C 1020 -17.50 -31.48 -24.62
N LEU C 1021 -17.05 -31.96 -23.48
CA LEU C 1021 -17.13 -33.40 -23.26
C LEU C 1021 -18.55 -33.89 -23.11
N GLY C 1022 -19.51 -32.98 -23.04
CA GLY C 1022 -20.90 -33.36 -22.94
C GLY C 1022 -21.74 -32.12 -22.89
N GLN C 1023 -23.04 -32.31 -23.02
CA GLN C 1023 -23.96 -31.19 -23.16
C GLN C 1023 -24.76 -31.07 -21.89
N SER C 1024 -24.55 -30.00 -21.15
CA SER C 1024 -25.43 -29.71 -20.04
C SER C 1024 -26.78 -29.23 -20.55
N LYS C 1025 -27.67 -28.95 -19.61
CA LYS C 1025 -28.82 -28.13 -19.89
C LYS C 1025 -28.67 -26.76 -19.27
N ARG C 1026 -27.49 -26.42 -18.80
CA ARG C 1026 -27.30 -25.10 -18.22
C ARG C 1026 -27.45 -24.06 -19.30
N VAL C 1027 -28.61 -23.42 -19.37
CA VAL C 1027 -28.80 -22.38 -20.34
C VAL C 1027 -27.84 -21.25 -20.02
N ASP C 1028 -27.50 -20.43 -21.00
CA ASP C 1028 -26.61 -19.28 -20.82
C ASP C 1028 -25.23 -19.70 -20.32
N PHE C 1029 -25.01 -20.98 -20.11
CA PHE C 1029 -23.71 -21.44 -19.64
C PHE C 1029 -22.69 -21.32 -20.75
N CYS C 1030 -23.10 -21.69 -21.95
CA CYS C 1030 -22.29 -21.52 -23.16
C CYS C 1030 -23.28 -21.24 -24.28
N GLY C 1031 -23.46 -19.97 -24.60
CA GLY C 1031 -24.28 -19.58 -25.74
C GLY C 1031 -25.78 -19.73 -25.58
N LYS C 1032 -26.52 -18.80 -26.16
CA LYS C 1032 -27.96 -18.80 -25.99
C LYS C 1032 -28.56 -19.95 -26.77
N GLY C 1033 -29.88 -20.08 -26.66
CA GLY C 1033 -30.56 -21.29 -27.09
C GLY C 1033 -30.15 -22.45 -26.20
N TYR C 1034 -30.86 -23.56 -26.33
CA TYR C 1034 -30.48 -24.68 -25.51
C TYR C 1034 -29.12 -25.16 -25.97
N HIS C 1035 -28.08 -24.94 -25.16
CA HIS C 1035 -26.72 -25.15 -25.63
C HIS C 1035 -26.49 -26.59 -26.05
N LEU C 1036 -25.98 -26.77 -27.27
CA LEU C 1036 -25.97 -28.05 -27.95
C LEU C 1036 -24.63 -28.76 -27.83
N MET C 1037 -23.56 -28.12 -28.26
CA MET C 1037 -22.19 -28.59 -28.11
C MET C 1037 -21.30 -27.46 -28.57
N SER C 1038 -20.00 -27.72 -28.63
CA SER C 1038 -19.10 -26.63 -28.97
C SER C 1038 -17.77 -27.15 -29.47
N PHE C 1039 -16.86 -26.21 -29.72
CA PHE C 1039 -15.54 -26.50 -30.21
C PHE C 1039 -14.61 -25.41 -29.73
N PRO C 1040 -13.43 -25.76 -29.33
CA PRO C 1040 -12.46 -24.75 -28.91
C PRO C 1040 -11.42 -24.43 -29.96
N GLN C 1041 -10.64 -23.39 -29.71
CA GLN C 1041 -9.59 -22.91 -30.59
C GLN C 1041 -8.52 -22.28 -29.71
N SER C 1042 -7.64 -21.49 -30.31
CA SER C 1042 -6.45 -21.08 -29.57
C SER C 1042 -6.12 -19.62 -29.80
N ALA C 1043 -5.96 -18.87 -28.71
CA ALA C 1043 -5.77 -17.44 -28.76
C ALA C 1043 -4.52 -17.08 -27.98
N PRO C 1044 -3.81 -16.03 -28.39
CA PRO C 1044 -2.48 -15.76 -27.84
C PRO C 1044 -2.41 -15.81 -26.33
N HIS C 1045 -3.46 -15.38 -25.66
CA HIS C 1045 -3.43 -15.65 -24.25
C HIS C 1045 -4.77 -16.11 -23.73
N GLY C 1046 -5.60 -16.63 -24.60
CA GLY C 1046 -6.88 -17.09 -24.17
C GLY C 1046 -7.37 -18.17 -25.08
N VAL C 1047 -8.64 -18.47 -24.97
CA VAL C 1047 -9.27 -19.40 -25.87
C VAL C 1047 -10.52 -18.73 -26.41
N VAL C 1048 -10.84 -19.01 -27.65
CA VAL C 1048 -12.09 -18.59 -28.22
C VAL C 1048 -12.96 -19.82 -28.33
N PHE C 1049 -14.25 -19.60 -28.34
CA PHE C 1049 -15.19 -20.70 -28.33
C PHE C 1049 -16.09 -20.64 -29.54
N LEU C 1050 -16.60 -21.79 -29.94
CA LEU C 1050 -17.53 -21.91 -31.05
C LEU C 1050 -18.71 -22.71 -30.50
N HIS C 1051 -19.87 -22.11 -30.37
CA HIS C 1051 -20.98 -22.80 -29.75
C HIS C 1051 -22.06 -23.13 -30.75
N VAL C 1052 -22.24 -24.39 -30.99
CA VAL C 1052 -23.44 -24.83 -31.66
C VAL C 1052 -24.60 -24.42 -30.78
N THR C 1053 -25.63 -23.85 -31.39
CA THR C 1053 -26.78 -23.43 -30.62
C THR C 1053 -28.05 -23.72 -31.38
N TYR C 1054 -28.95 -24.48 -30.78
CA TYR C 1054 -30.23 -24.79 -31.40
C TYR C 1054 -31.26 -23.80 -30.92
N VAL C 1055 -32.01 -23.23 -31.85
CA VAL C 1055 -33.01 -22.21 -31.57
C VAL C 1055 -34.18 -22.35 -32.55
N PRO C 1056 -35.42 -22.47 -32.07
CA PRO C 1056 -36.54 -22.59 -32.98
C PRO C 1056 -37.14 -21.23 -33.34
N ALA C 1057 -38.02 -21.27 -34.33
CA ALA C 1057 -38.81 -20.16 -34.80
C ALA C 1057 -39.87 -20.73 -35.73
N GLN C 1058 -40.54 -19.85 -36.47
CA GLN C 1058 -41.72 -20.22 -37.25
C GLN C 1058 -42.84 -20.70 -36.32
N GLU C 1059 -43.27 -19.77 -35.49
CA GLU C 1059 -44.29 -20.00 -34.47
C GLU C 1059 -45.60 -20.41 -35.12
N LYS C 1060 -46.57 -20.78 -34.28
CA LYS C 1060 -47.90 -21.07 -34.80
C LYS C 1060 -48.94 -21.08 -33.70
N ASN C 1061 -50.04 -20.35 -33.94
CA ASN C 1061 -51.21 -20.40 -33.09
C ASN C 1061 -51.73 -21.82 -32.98
N PHE C 1062 -52.24 -22.17 -31.81
CA PHE C 1062 -52.86 -23.47 -31.61
C PHE C 1062 -53.84 -23.36 -30.46
N THR C 1063 -54.25 -24.52 -29.95
CA THR C 1063 -55.25 -24.62 -28.91
C THR C 1063 -54.75 -25.58 -27.86
N THR C 1064 -54.66 -25.10 -26.63
CA THR C 1064 -54.21 -25.93 -25.53
C THR C 1064 -55.26 -26.96 -25.14
N ALA C 1065 -54.82 -27.90 -24.34
CA ALA C 1065 -55.68 -28.88 -23.71
C ALA C 1065 -54.94 -29.48 -22.51
N PRO C 1066 -55.39 -29.21 -21.29
CA PRO C 1066 -54.66 -29.74 -20.13
C PRO C 1066 -54.68 -31.23 -20.07
N ALA C 1067 -55.75 -31.84 -20.52
CA ALA C 1067 -55.99 -33.26 -20.36
C ALA C 1067 -57.22 -33.62 -21.19
N ILE C 1068 -57.45 -34.91 -21.32
CA ILE C 1068 -58.58 -35.40 -22.12
C ILE C 1068 -59.46 -36.21 -21.21
N CYS C 1069 -60.78 -36.08 -21.38
CA CYS C 1069 -61.73 -36.99 -20.76
C CYS C 1069 -62.20 -37.96 -21.82
N HIS C 1070 -61.78 -39.20 -21.68
CA HIS C 1070 -62.27 -40.29 -22.50
C HIS C 1070 -62.80 -41.34 -21.54
N ASP C 1071 -64.07 -41.70 -21.70
CA ASP C 1071 -64.72 -42.70 -20.87
C ASP C 1071 -64.77 -42.27 -19.41
N GLY C 1072 -64.99 -40.98 -19.15
CA GLY C 1072 -64.95 -40.48 -17.80
C GLY C 1072 -63.58 -40.44 -17.18
N LYS C 1073 -62.56 -40.92 -17.89
CA LYS C 1073 -61.21 -40.94 -17.36
C LYS C 1073 -60.40 -39.79 -17.94
N ALA C 1074 -59.28 -39.51 -17.28
CA ALA C 1074 -58.42 -38.40 -17.62
C ALA C 1074 -57.12 -38.91 -18.23
N HIS C 1075 -56.59 -38.17 -19.18
CA HIS C 1075 -55.33 -38.50 -19.82
C HIS C 1075 -54.39 -37.31 -19.74
N PHE C 1076 -53.09 -37.56 -19.83
CA PHE C 1076 -52.15 -36.49 -19.57
C PHE C 1076 -50.94 -36.56 -20.48
N PRO C 1077 -50.46 -35.43 -20.92
CA PRO C 1077 -49.28 -35.41 -21.76
C PRO C 1077 -48.11 -36.05 -21.04
N ARG C 1078 -47.71 -37.22 -21.54
CA ARG C 1078 -46.64 -37.97 -20.93
C ARG C 1078 -45.39 -37.10 -20.75
N GLU C 1079 -44.82 -36.62 -21.85
CA GLU C 1079 -43.69 -35.68 -21.77
C GLU C 1079 -43.85 -34.68 -22.91
N GLY C 1080 -44.54 -33.59 -22.65
CA GLY C 1080 -44.89 -32.66 -23.69
C GLY C 1080 -46.20 -31.97 -23.36
N VAL C 1081 -46.94 -31.60 -24.40
CA VAL C 1081 -48.13 -30.78 -24.24
C VAL C 1081 -49.17 -31.14 -25.29
N PHE C 1082 -50.43 -31.09 -24.90
CA PHE C 1082 -51.51 -31.24 -25.87
C PHE C 1082 -51.61 -30.02 -26.76
N VAL C 1083 -52.00 -30.27 -28.02
CA VAL C 1083 -52.11 -29.20 -29.02
C VAL C 1083 -53.24 -29.56 -29.99
N SER C 1084 -53.95 -28.54 -30.47
CA SER C 1084 -54.78 -28.73 -31.64
C SER C 1084 -54.81 -27.48 -32.51
N ASN C 1085 -55.27 -27.65 -33.74
CA ASN C 1085 -55.38 -26.53 -34.71
C ASN C 1085 -56.85 -26.09 -34.79
N GLY C 1086 -57.75 -26.87 -34.20
CA GLY C 1086 -59.19 -26.57 -34.20
C GLY C 1086 -59.99 -27.67 -34.87
N THR C 1087 -59.42 -28.87 -34.98
CA THR C 1087 -60.10 -30.03 -35.63
C THR C 1087 -59.85 -31.30 -34.81
N HIS C 1088 -58.59 -31.75 -34.76
CA HIS C 1088 -58.23 -32.99 -34.02
C HIS C 1088 -57.50 -32.63 -32.72
N TRP C 1089 -56.75 -33.59 -32.17
CA TRP C 1089 -56.02 -33.39 -30.92
C TRP C 1089 -54.72 -34.18 -30.96
N PHE C 1090 -53.64 -33.55 -30.57
CA PHE C 1090 -52.33 -34.16 -30.64
C PHE C 1090 -51.58 -33.97 -29.34
N VAL C 1091 -50.48 -34.70 -29.23
CA VAL C 1091 -49.47 -34.54 -28.19
C VAL C 1091 -48.18 -34.10 -28.88
N THR C 1092 -47.46 -33.16 -28.27
CA THR C 1092 -46.18 -32.79 -28.84
C THR C 1092 -45.32 -32.10 -27.80
N GLN C 1093 -44.04 -32.44 -27.83
CA GLN C 1093 -43.05 -31.88 -26.92
C GLN C 1093 -42.96 -30.37 -27.10
N ARG C 1094 -42.14 -29.76 -26.25
CA ARG C 1094 -42.15 -28.32 -26.02
C ARG C 1094 -41.06 -27.57 -26.73
N ASN C 1095 -40.45 -28.15 -27.77
CA ASN C 1095 -39.54 -27.33 -28.56
C ASN C 1095 -39.54 -27.64 -30.05
N PHE C 1096 -40.55 -28.34 -30.57
CA PHE C 1096 -40.71 -28.47 -32.02
C PHE C 1096 -42.07 -29.03 -32.42
N TYR C 1097 -42.71 -28.42 -33.41
CA TYR C 1097 -44.09 -28.79 -33.72
C TYR C 1097 -44.15 -30.14 -34.38
N GLU C 1098 -44.80 -31.08 -33.74
CA GLU C 1098 -45.03 -32.35 -34.40
C GLU C 1098 -46.21 -33.06 -33.77
N PRO C 1099 -47.37 -33.03 -34.40
CA PRO C 1099 -48.53 -33.71 -33.83
C PRO C 1099 -48.31 -35.20 -33.69
N GLN C 1100 -48.99 -35.79 -32.72
CA GLN C 1100 -49.16 -37.24 -32.67
C GLN C 1100 -50.57 -37.53 -32.19
N ILE C 1101 -51.30 -38.31 -32.96
CA ILE C 1101 -52.67 -38.61 -32.60
C ILE C 1101 -52.68 -39.44 -31.33
N ILE C 1102 -53.47 -39.03 -30.34
CA ILE C 1102 -53.52 -39.72 -29.07
C ILE C 1102 -54.33 -41.00 -29.22
N THR C 1103 -53.64 -42.11 -29.38
CA THR C 1103 -54.25 -43.42 -29.41
C THR C 1103 -54.27 -43.99 -27.99
N THR C 1104 -54.49 -45.30 -27.90
CA THR C 1104 -54.47 -45.96 -26.59
C THR C 1104 -53.17 -45.72 -25.84
N ASP C 1105 -52.03 -45.90 -26.49
CA ASP C 1105 -50.78 -45.95 -25.75
C ASP C 1105 -50.24 -44.57 -25.42
N ASN C 1106 -50.19 -43.69 -26.40
CA ASN C 1106 -49.33 -42.52 -26.39
C ASN C 1106 -49.64 -41.53 -25.27
N THR C 1107 -50.58 -41.85 -24.39
CA THR C 1107 -50.64 -41.18 -23.10
C THR C 1107 -51.34 -42.10 -22.12
N PHE C 1108 -51.30 -41.72 -20.85
CA PHE C 1108 -51.74 -42.59 -19.77
C PHE C 1108 -53.04 -42.09 -19.17
N VAL C 1109 -53.47 -42.78 -18.12
CA VAL C 1109 -54.72 -42.50 -17.44
C VAL C 1109 -54.41 -42.15 -16.00
N SER C 1110 -55.19 -41.24 -15.42
CA SER C 1110 -55.00 -40.88 -14.02
C SER C 1110 -56.30 -40.30 -13.51
N GLY C 1111 -57.00 -41.07 -12.70
CA GLY C 1111 -58.20 -40.60 -12.07
C GLY C 1111 -59.32 -40.28 -13.05
N ASN C 1112 -60.42 -39.85 -12.46
CA ASN C 1112 -61.62 -39.45 -13.19
C ASN C 1112 -61.31 -38.26 -14.08
N CYS C 1113 -62.31 -37.83 -14.85
CA CYS C 1113 -62.12 -36.62 -15.63
C CYS C 1113 -62.96 -35.50 -15.03
N ASP C 1114 -62.90 -35.34 -13.70
CA ASP C 1114 -63.75 -34.39 -13.00
C ASP C 1114 -62.99 -33.15 -12.53
N VAL C 1115 -61.97 -33.30 -11.68
CA VAL C 1115 -61.35 -32.15 -11.04
C VAL C 1115 -60.35 -31.50 -11.98
N VAL C 1116 -59.89 -32.23 -12.99
CA VAL C 1116 -58.94 -31.67 -13.92
C VAL C 1116 -59.67 -30.64 -14.78
N ILE C 1117 -59.06 -29.48 -14.93
CA ILE C 1117 -59.74 -28.37 -15.56
C ILE C 1117 -59.54 -28.42 -17.06
N GLY C 1118 -60.21 -27.52 -17.77
CA GLY C 1118 -60.04 -27.30 -19.20
C GLY C 1118 -60.07 -28.49 -20.13
N ILE C 1119 -60.82 -29.54 -19.81
CA ILE C 1119 -60.71 -30.81 -20.52
C ILE C 1119 -61.49 -30.81 -21.82
N VAL C 1120 -61.12 -31.71 -22.73
CA VAL C 1120 -61.94 -32.05 -23.87
C VAL C 1120 -62.04 -33.57 -23.96
N ASN C 1121 -62.83 -34.03 -24.93
CA ASN C 1121 -63.36 -35.40 -24.96
C ASN C 1121 -62.83 -36.18 -26.15
N ASN C 1122 -61.54 -36.06 -26.45
CA ASN C 1122 -60.96 -36.69 -27.62
C ASN C 1122 -60.94 -38.20 -27.40
N THR C 1123 -61.61 -38.92 -28.29
CA THR C 1123 -61.72 -40.37 -28.17
C THR C 1123 -60.35 -41.03 -28.24
N VAL C 1124 -60.02 -41.81 -27.22
CA VAL C 1124 -58.75 -42.53 -27.23
C VAL C 1124 -58.73 -43.47 -28.42
N TYR C 1125 -57.71 -43.35 -29.26
CA TYR C 1125 -57.70 -44.12 -30.49
C TYR C 1125 -57.11 -45.51 -30.25
N ASP C 1126 -57.56 -46.45 -31.08
CA ASP C 1126 -57.31 -47.88 -30.87
C ASP C 1126 -56.72 -48.53 -32.11
N PRO C 1127 -55.46 -48.99 -32.04
CA PRO C 1127 -54.83 -49.70 -33.16
C PRO C 1127 -55.20 -51.17 -33.20
C1 NAG D . -51.63 -16.17 -32.02
C2 NAG D . -50.26 -15.67 -32.46
C3 NAG D . -50.01 -14.28 -31.90
C4 NAG D . -51.18 -13.34 -32.22
C5 NAG D . -52.53 -13.99 -31.93
C6 NAG D . -53.68 -13.18 -32.49
C7 NAG D . -48.79 -17.60 -32.78
C8 NAG D . -47.71 -18.45 -32.18
N2 NAG D . -49.23 -16.59 -32.03
O3 NAG D . -48.82 -13.77 -32.46
O4 NAG D . -51.08 -12.18 -31.41
O5 NAG D . -52.62 -15.29 -32.50
O6 NAG D . -54.55 -12.71 -31.47
O7 NAG D . -49.23 -17.81 -33.90
C1 NAG D . -50.70 -11.07 -32.24
C2 NAG D . -49.73 -10.18 -31.45
C3 NAG D . -49.15 -9.07 -32.33
C4 NAG D . -48.57 -9.65 -33.60
C5 NAG D . -49.63 -10.50 -34.30
C6 NAG D . -49.15 -11.17 -35.56
C7 NAG D . -51.35 -8.81 -30.06
C8 NAG D . -52.07 -8.33 -31.29
N2 NAG D . -50.31 -9.65 -30.21
O3 NAG D . -48.14 -8.37 -31.61
O4 NAG D . -48.13 -8.61 -34.46
O5 NAG D . -50.06 -11.54 -33.42
O6 NAG D . -50.24 -11.56 -36.38
O7 NAG D . -51.72 -8.46 -28.94
C1 NAG E . -36.76 -23.15 -41.85
C2 NAG E . -37.37 -23.95 -42.99
C3 NAG E . -36.32 -24.25 -44.06
C4 NAG E . -35.58 -22.98 -44.47
C5 NAG E . -35.08 -22.23 -43.24
C6 NAG E . -34.40 -20.93 -43.65
C7 NAG E . -37.68 -26.35 -43.09
C8 NAG E . -37.24 -27.47 -42.19
N2 NAG E . -37.93 -25.19 -42.48
O3 NAG E . -36.96 -24.82 -45.20
O4 NAG E . -34.47 -23.33 -45.30
O5 NAG E . -36.17 -21.95 -42.38
O6 NAG E . -34.36 -20.05 -42.52
O7 NAG E . -37.82 -26.49 -44.29
C1 NAG E . -34.72 -22.88 -46.65
C2 NAG E . -33.68 -23.51 -47.57
C3 NAG E . -33.94 -23.16 -49.04
C4 NAG E . -35.40 -23.37 -49.41
C5 NAG E . -36.31 -22.69 -48.39
C6 NAG E . -37.77 -22.91 -48.73
C7 NAG E . -31.29 -23.31 -47.95
C8 NAG E . -30.20 -22.28 -47.88
N2 NAG E . -32.35 -23.07 -47.19
O3 NAG E . -33.11 -23.98 -49.87
O4 NAG E . -35.65 -22.85 -50.71
O5 NAG E . -36.04 -23.22 -47.09
O6 NAG E . -38.07 -22.24 -49.97
O7 NAG E . -31.21 -24.30 -48.64
C1 NAG F . 27.48 54.40 -20.51
C2 NAG F . 28.24 54.01 -19.25
C3 NAG F . 28.01 55.06 -18.17
C4 NAG F . 28.36 56.43 -18.70
C5 NAG F . 27.66 56.73 -20.03
C6 NAG F . 28.16 58.00 -20.68
C7 NAG F . 28.53 52.02 -17.87
C8 NAG F . 27.99 50.66 -17.51
N2 NAG F . 27.85 52.69 -18.79
O3 NAG F . 28.85 54.75 -17.06
O4 NAG F . 28.00 57.40 -17.73
O5 NAG F . 27.93 55.67 -20.96
O6 NAG F . 27.10 58.77 -21.24
O7 NAG F . 29.53 52.48 -17.33
C1 NAG F . 26.63 57.33 -17.35
C2 NAG F . 26.55 57.56 -15.85
C3 NAG F . 25.10 57.70 -15.41
C4 NAG F . 24.44 58.83 -16.19
C5 NAG F . 24.55 58.50 -17.68
C6 NAG F . 24.01 59.61 -18.56
C7 NAG F . 26.89 55.25 -15.05
C8 NAG F . 27.74 54.37 -14.18
N2 NAG F . 27.24 56.54 -15.08
O3 NAG F . 25.06 57.98 -14.02
O4 NAG F . 23.07 58.95 -15.83
O5 NAG F . 25.92 58.34 -18.04
O6 NAG F . 24.66 59.61 -19.83
O7 NAG F . 25.97 54.80 -15.71
C1 FUC F . 26.59 58.16 -22.44
C2 FUC F . 25.58 59.17 -23.03
C3 FUC F . 26.29 60.35 -23.63
C4 FUC F . 27.20 59.92 -24.76
C5 FUC F . 28.13 58.79 -24.36
C6 FUC F . 28.54 57.99 -25.58
O2 FUC F . 24.68 59.63 -22.03
O3 FUC F . 25.33 61.22 -24.22
O4 FUC F . 26.45 59.53 -25.87
O5 FUC F . 27.61 57.81 -23.41
C1 NAG G . -15.13 -26.92 -46.81
C2 NAG G . -15.28 -26.95 -48.34
C3 NAG G . -14.00 -26.50 -49.03
C4 NAG G . -13.46 -25.19 -48.43
C5 NAG G . -13.45 -25.28 -46.92
C6 NAG G . -12.98 -23.99 -46.26
C7 NAG G . -15.13 -29.37 -48.17
C8 NAG G . -16.11 -30.46 -47.88
N2 NAG G . -15.64 -28.29 -48.77
O3 NAG G . -14.31 -26.36 -50.42
O4 NAG G . -12.11 -24.92 -48.86
O5 NAG G . -14.75 -25.60 -46.43
O6 NAG G . -13.94 -22.96 -46.50
O7 NAG G . -13.95 -29.46 -47.90
C1 NAG G . -12.07 -24.09 -50.04
C2 NAG G . -11.62 -22.68 -49.69
C3 NAG G . -11.46 -21.81 -50.94
C4 NAG G . -10.73 -22.54 -52.07
C5 NAG G . -11.28 -23.94 -52.25
C6 NAG G . -10.50 -24.71 -53.31
C7 NAG G . -13.66 -21.42 -49.32
C8 NAG G . -14.29 -20.40 -48.42
N2 NAG G . -12.59 -22.04 -48.82
O3 NAG G . -10.73 -20.62 -50.60
O4 NAG G . -10.88 -21.78 -53.28
O5 NAG G . -11.20 -24.65 -51.02
O6 NAG G . -9.28 -25.21 -52.74
O7 NAG G . -14.10 -21.68 -50.42
C1 BMA G . -9.59 -21.48 -53.85
C2 BMA G . -9.73 -20.26 -54.75
C3 BMA G . -8.40 -19.91 -55.40
C4 BMA G . -7.27 -19.87 -54.37
C5 BMA G . -7.31 -21.10 -53.48
C6 BMA G . -6.23 -21.02 -52.40
O2 BMA G . -10.20 -19.14 -53.99
O3 BMA G . -8.50 -18.63 -56.05
O4 BMA G . -6.02 -19.79 -55.04
O5 BMA G . -8.58 -21.22 -52.88
O6 BMA G . -5.27 -22.06 -52.60
C1 NAG H . -14.86 -56.69 -14.84
C2 NAG H . -15.06 -58.17 -15.12
C3 NAG H . -14.86 -58.98 -13.84
C4 NAG H . -13.53 -58.64 -13.20
C5 NAG H . -13.40 -57.13 -13.04
C6 NAG H . -12.04 -56.71 -12.55
C7 NAG H . -17.52 -58.26 -15.11
C8 NAG H . -18.73 -58.63 -15.92
N2 NAG H . -16.35 -58.45 -15.72
O3 NAG H . -14.93 -60.35 -14.21
O4 NAG H . -13.38 -59.19 -11.89
O5 NAG H . -13.60 -56.48 -14.30
O6 NAG H . -11.07 -57.71 -12.83
O7 NAG H . -17.60 -57.81 -13.98
C1 NAG H . -13.68 -60.57 -11.62
C2 NAG H . -12.64 -61.56 -12.20
C3 NAG H . -12.76 -62.94 -11.55
C4 NAG H . -12.85 -62.83 -10.04
C5 NAG H . -14.02 -61.93 -9.71
C6 NAG H . -14.23 -61.77 -8.23
C7 NAG H . -12.02 -62.42 -14.44
C8 NAG H . -12.35 -62.38 -15.90
N2 NAG H . -12.79 -61.66 -13.64
O3 NAG H . -11.61 -63.71 -11.88
O4 NAG H . -13.06 -64.12 -9.46
O5 NAG H . -13.69 -60.64 -10.22
O6 NAG H . -12.99 -61.66 -7.55
O7 NAG H . -11.09 -63.09 -14.00
C1 NAG I . -34.02 -53.86 -47.58
C2 NAG I . -33.36 -53.85 -48.96
C3 NAG I . -34.25 -53.11 -49.96
C4 NAG I . -35.70 -53.59 -49.90
C5 NAG I . -36.19 -53.66 -48.45
C6 NAG I . -37.55 -54.28 -48.30
C7 NAG I . -31.13 -53.35 -49.85
C8 NAG I . -29.84 -52.63 -49.59
N2 NAG I . -32.05 -53.24 -48.88
O3 NAG I . -33.73 -53.32 -51.26
O4 NAG I . -36.53 -52.65 -50.57
O5 NAG I . -35.28 -54.46 -47.67
O6 NAG I . -37.93 -54.39 -46.93
O7 NAG I . -31.33 -53.98 -50.87
C1 NAG I . -36.72 -52.79 -51.99
C2 NAG I . -37.54 -51.56 -52.38
C3 NAG I . -37.77 -51.49 -53.88
C4 NAG I . -36.44 -51.59 -54.61
C5 NAG I . -35.74 -52.87 -54.20
C6 NAG I . -34.40 -53.03 -54.86
C7 NAG I . -39.58 -50.48 -51.57
C8 NAG I . -40.86 -50.65 -50.79
N2 NAG I . -38.81 -51.55 -51.67
O3 NAG I . -38.39 -50.26 -54.21
O4 NAG I . -36.64 -51.59 -56.02
O5 NAG I . -35.52 -52.85 -52.79
O6 NAG I . -34.30 -52.24 -56.03
O7 NAG I . -39.28 -49.40 -52.07
C1 NAG J . -12.86 -53.90 -33.97
C2 NAG J . -12.57 -53.08 -35.25
C3 NAG J . -11.97 -53.97 -36.34
C4 NAG J . -10.77 -54.74 -35.81
C5 NAG J . -11.20 -55.53 -34.58
C6 NAG J . -10.06 -56.30 -33.96
C7 NAG J . -13.81 -51.62 -36.80
C8 NAG J . -15.15 -51.06 -37.16
N2 NAG J . -13.79 -52.45 -35.74
O3 NAG J . -11.55 -53.15 -37.42
O4 NAG J . -10.32 -55.68 -36.78
O5 NAG J . -11.70 -54.63 -33.59
O6 NAG J . -8.90 -56.24 -34.78
O7 NAG J . -12.79 -51.34 -37.42
C1 NAG J . -9.37 -55.17 -37.72
C2 NAG J . -9.06 -56.30 -38.70
C3 NAG J . -8.10 -55.81 -39.77
C4 NAG J . -8.71 -54.64 -40.50
C5 NAG J . -9.04 -53.53 -39.48
C6 NAG J . -9.80 -52.38 -40.09
C7 NAG J . -9.20 -58.63 -37.92
C8 NAG J . -8.52 -59.74 -37.17
N2 NAG J . -8.54 -57.47 -38.00
O3 NAG J . -7.80 -56.87 -40.69
O4 NAG J . -7.82 -54.15 -41.49
O5 NAG J . -9.88 -54.05 -38.44
O6 NAG J . -9.27 -52.05 -41.37
O7 NAG J . -10.31 -58.78 -38.43
C1 NAG K . -13.35 -52.80 7.08
C2 NAG K . -13.78 -53.93 7.97
C3 NAG K . -13.11 -53.80 9.31
C4 NAG K . -11.60 -53.70 9.13
C5 NAG K . -11.23 -52.65 8.09
C6 NAG K . -9.76 -52.68 7.72
C7 NAG K . -15.95 -54.88 7.46
C8 NAG K . -17.43 -54.82 7.70
N2 NAG K . -15.21 -53.98 8.11
O3 NAG K . -13.44 -54.94 10.08
O4 NAG K . -11.00 -53.34 10.38
O5 NAG K . -11.97 -52.85 6.88
O6 NAG K . -9.42 -51.60 6.85
O7 NAG K . -15.46 -55.72 6.73
C1 NAG K . -10.21 -54.46 10.79
C2 NAG K . -10.95 -55.15 11.91
C3 NAG K . -10.20 -56.40 12.34
C4 NAG K . -9.94 -57.30 11.14
C5 NAG K . -9.26 -56.51 10.03
C6 NAG K . -9.13 -57.30 8.75
C7 NAG K . -12.29 -54.15 13.72
C8 NAG K . -13.41 -55.02 13.23
N2 NAG K . -11.14 -54.26 13.05
O3 NAG K . -10.98 -57.10 13.31
O4 NAG K . -9.09 -58.38 11.52
O5 NAG K . -10.03 -55.35 9.72
O6 NAG K . -7.78 -57.69 8.53
O7 NAG K . -12.42 -53.39 14.67
C1 NAG L . 23.69 -30.99 24.09
C2 NAG L . 25.03 -31.73 24.16
C3 NAG L . 25.44 -31.93 25.61
C4 NAG L . 25.47 -30.57 26.32
C5 NAG L . 24.10 -29.91 26.17
C6 NAG L . 24.04 -28.53 26.77
C7 NAG L . 25.49 -33.20 22.26
C8 NAG L . 26.16 -32.01 21.61
N2 NAG L . 24.97 -33.00 23.46
O3 NAG L . 26.71 -32.54 25.66
O4 NAG L . 25.89 -30.61 27.68
O5 NAG L . 23.78 -29.76 24.77
O6 NAG L . 22.74 -27.99 26.63
O7 NAG L . 25.44 -34.29 21.69
C1 NAG L . 25.60 -31.78 28.47
C2 NAG L . 26.91 -32.41 28.91
C3 NAG L . 26.61 -33.67 29.71
C4 NAG L . 25.78 -33.30 30.93
C5 NAG L . 24.53 -32.53 30.53
C6 NAG L . 23.81 -31.94 31.71
C7 NAG L . 28.89 -31.97 27.55
C8 NAG L . 29.71 -32.39 26.38
N2 NAG L . 27.79 -32.69 27.79
O3 NAG L . 27.84 -34.27 30.10
O4 NAG L . 25.37 -34.47 31.62
O5 NAG L . 24.82 -31.44 29.64
O6 NAG L . 23.40 -32.94 32.64
O7 NAG L . 29.21 -31.02 28.25
C1 BMA L . 26.27 -34.84 32.67
C2 BMA L . 25.49 -34.84 34.01
C3 BMA L . 26.33 -35.52 35.12
C4 BMA L . 26.93 -36.85 34.64
C5 BMA L . 27.72 -36.59 33.37
C6 BMA L . 28.38 -37.82 32.83
O2 BMA L . 24.28 -35.56 33.90
O3 BMA L . 25.57 -35.73 36.31
O4 BMA L . 27.81 -37.37 35.63
O5 BMA L . 26.81 -36.12 32.38
O6 BMA L . 28.89 -37.50 31.55
C1 MAN L . 28.52 -38.54 30.65
C2 MAN L . 29.21 -39.86 31.15
C3 MAN L . 30.64 -39.97 30.67
C4 MAN L . 30.73 -39.64 29.18
C5 MAN L . 30.25 -38.23 28.99
C6 MAN L . 30.42 -37.75 27.56
O2 MAN L . 28.56 -41.01 30.66
O3 MAN L . 31.13 -41.28 30.89
O4 MAN L . 32.07 -39.73 28.74
O5 MAN L . 28.86 -38.20 29.31
O6 MAN L . 31.74 -38.07 27.14
C1 NAG M . -51.57 -30.31 3.08
C2 NAG M . -52.97 -30.84 3.26
C3 NAG M . -53.96 -29.70 3.32
C4 NAG M . -53.57 -28.67 4.37
C5 NAG M . -52.11 -28.24 4.15
C6 NAG M . -51.57 -27.36 5.25
C7 NAG M . -53.00 -33.06 2.26
C8 NAG M . -53.42 -33.88 1.08
N2 NAG M . -53.30 -31.77 2.19
O3 NAG M . -55.25 -30.23 3.61
O4 NAG M . -54.41 -27.54 4.27
O5 NAG M . -51.26 -29.40 4.11
O6 NAG M . -50.28 -27.80 5.68
O7 NAG M . -52.40 -33.54 3.21
C1 NAG M . -54.91 -27.16 5.57
C2 NAG M . -55.05 -25.65 5.61
C3 NAG M . -55.61 -25.21 6.96
C4 NAG M . -56.92 -25.94 7.23
C5 NAG M . -56.70 -27.44 7.13
C6 NAG M . -57.98 -28.22 7.29
C7 NAG M . -53.68 -23.68 5.07
C8 NAG M . -52.30 -23.17 4.82
N2 NAG M . -53.78 -24.98 5.34
O3 NAG M . -55.82 -23.80 6.98
O4 NAG M . -57.40 -25.61 8.53
O5 NAG M . -56.17 -27.77 5.84
O6 NAG M . -58.99 -27.44 7.90
O7 NAG M . -54.66 -22.95 5.01
C1 NAG N . 9.21 43.80 45.87
C2 NAG N . 9.74 43.85 47.33
C3 NAG N . 11.27 43.72 47.35
C4 NAG N . 11.71 42.50 46.55
C5 NAG N . 11.22 42.70 45.12
C6 NAG N . 11.58 41.59 44.18
C7 NAG N . 9.28 45.23 49.31
C8 NAG N . 8.80 46.56 49.80
N2 NAG N . 9.32 45.07 47.98
O3 NAG N . 11.71 43.59 48.70
O4 NAG N . 13.11 42.26 46.63
O5 NAG N . 9.80 42.72 45.18
O6 NAG N . 10.56 40.60 44.13
O7 NAG N . 9.63 44.34 50.08
C1 NAG N . 13.21 40.83 46.89
C2 NAG N . 14.58 40.29 46.42
C3 NAG N . 14.67 38.80 46.74
C4 NAG N . 14.35 38.53 48.20
C5 NAG N . 13.00 39.14 48.54
C6 NAG N . 12.64 38.99 50.00
C7 NAG N . 15.00 41.74 44.48
C8 NAG N . 15.21 41.78 42.99
N2 NAG N . 14.79 40.52 45.00
O3 NAG N . 15.99 38.34 46.42
O4 NAG N . 14.32 37.13 48.44
O5 NAG N . 13.03 40.55 48.28
O6 NAG N . 11.88 40.10 50.45
O7 NAG N . 15.03 42.75 45.17
C1 NAG O . -54.16 -10.11 -3.72
C2 NAG O . -53.49 -8.96 -2.98
C3 NAG O . -54.53 -7.97 -2.45
C4 NAG O . -55.69 -7.75 -3.43
C5 NAG O . -56.05 -9.01 -4.23
C6 NAG O . -56.92 -8.76 -5.42
C7 NAG O . -52.84 -10.05 -0.79
C8 NAG O . -54.28 -10.39 -0.48
N2 NAG O . -52.57 -9.40 -1.94
O3 NAG O . -53.89 -6.73 -2.18
O4 NAG O . -56.88 -7.47 -2.71
O5 NAG O . -54.87 -9.64 -4.73
O6 NAG O . -56.55 -9.63 -6.48
O7 NAG O . -51.94 -10.35 -0.01
C1 NAG O . -56.88 -6.29 -1.90
C2 NAG O . -57.41 -5.11 -2.72
C3 NAG O . -57.58 -3.88 -1.83
C4 NAG O . -58.47 -4.21 -0.66
C5 NAG O . -57.89 -5.40 0.10
C6 NAG O . -58.77 -5.87 1.23
C7 NAG O . -55.26 -4.44 -3.75
C8 NAG O . -54.55 -4.16 -5.03
N2 NAG O . -56.55 -4.81 -3.86
O3 NAG O . -58.13 -2.81 -2.59
O4 NAG O . -58.56 -3.07 0.17
O5 NAG O . -57.74 -6.51 -0.79
O6 NAG O . -58.53 -5.16 2.43
O7 NAG O . -54.70 -4.36 -2.66
C1 BMA O . -59.95 -2.71 0.29
C2 BMA O . -60.15 -2.50 1.78
C3 BMA O . -61.52 -1.96 2.06
C4 BMA O . -61.78 -0.72 1.25
C5 BMA O . -61.66 -1.12 -0.20
C6 BMA O . -62.03 -0.02 -1.14
O2 BMA O . -59.22 -1.55 2.27
O3 BMA O . -61.65 -1.67 3.39
O4 BMA O . -63.08 -0.22 1.52
O5 BMA O . -60.28 -1.52 -0.42
O6 BMA O . -62.94 0.82 -0.48
C1 MAN O . -62.54 -2.63 3.98
C2 MAN O . -62.83 -2.05 5.30
C3 MAN O . -61.47 -1.76 5.95
C4 MAN O . -60.60 -3.03 6.09
C5 MAN O . -60.65 -3.96 4.88
C6 MAN O . -60.47 -5.40 5.29
O2 MAN O . -63.50 -2.99 6.11
O3 MAN O . -61.59 -1.08 7.20
O4 MAN O . -59.23 -2.65 6.31
O5 MAN O . -61.93 -3.90 4.16
O6 MAN O . -61.34 -5.65 6.38
C1 NAG P . 30.73 -12.11 39.56
C2 NAG P . 29.97 -11.97 40.86
C3 NAG P . 30.50 -13.01 41.84
C4 NAG P . 30.34 -14.39 41.22
C5 NAG P . 31.09 -14.43 39.89
C6 NAG P . 30.95 -15.79 39.21
C7 NAG P . 30.12 -10.34 42.67
C8 NAG P . 31.33 -10.74 43.46
N2 NAG P . 30.16 -10.63 41.38
O3 NAG P . 29.74 -12.98 43.06
O4 NAG P . 30.90 -15.38 42.10
O5 NAG P . 30.58 -13.42 39.01
O6 NAG P . 29.57 -16.01 38.88
O7 NAG P . 29.16 -9.78 43.19
C1 NAG P . 29.89 -16.35 42.40
C2 NAG P . 30.55 -17.70 42.68
C3 NAG P . 29.47 -18.74 42.96
C4 NAG P . 28.62 -18.27 44.12
C5 NAG P . 28.02 -16.90 43.79
C6 NAG P . 27.19 -16.38 44.94
C7 NAG P . 32.68 -18.00 41.55
C8 NAG P . 33.39 -18.48 40.33
N2 NAG P . 31.35 -18.12 41.55
O3 NAG P . 30.08 -19.99 43.29
O4 NAG P . 27.55 -19.20 44.35
O5 NAG P . 29.07 -15.97 43.50
O6 NAG P . 28.03 -16.11 46.06
O7 NAG P . 33.28 -17.53 42.50
C1 BMA P . 27.63 -19.67 45.70
C2 BMA P . 26.24 -20.11 46.15
C3 BMA P . 26.30 -20.54 47.61
C4 BMA P . 27.29 -21.70 47.70
C5 BMA P . 28.64 -21.21 47.19
C6 BMA P . 29.69 -22.32 47.27
O2 BMA P . 25.79 -21.20 45.33
O3 BMA P . 25.01 -20.98 48.04
O4 BMA P . 27.41 -22.13 49.06
O5 BMA P . 28.51 -20.78 45.84
O6 BMA P . 30.95 -21.82 46.82
C1 NAG Q . -4.67 -21.75 33.28
C2 NAG Q . -4.21 -22.63 34.46
C3 NAG Q . -3.05 -23.55 34.08
C4 NAG Q . -3.29 -24.25 32.75
C5 NAG Q . -3.54 -23.18 31.72
C6 NAG Q . -3.74 -23.74 30.33
C7 NAG Q . -3.51 -22.22 36.79
C8 NAG Q . -3.16 -21.19 37.80
N2 NAG Q . -3.84 -21.77 35.57
O3 NAG Q . -2.89 -24.53 35.09
O4 NAG Q . -2.17 -25.01 32.35
O5 NAG Q . -4.75 -22.52 32.08
O6 NAG Q . -2.77 -24.73 30.02
O7 NAG Q . -3.48 -23.42 37.05
C1 NAG R . -23.88 -28.60 34.26
C2 NAG R . -24.73 -29.03 35.45
C3 NAG R . -23.86 -29.27 36.67
C4 NAG R . -22.77 -30.28 36.34
C5 NAG R . -21.97 -29.79 35.15
C6 NAG R . -20.94 -30.79 34.69
C7 NAG R . -26.91 -27.97 35.05
C8 NAG R . -27.86 -26.89 35.48
N2 NAG R . -25.76 -28.04 35.74
O3 NAG R . -24.66 -29.75 37.75
O4 NAG R . -21.91 -30.46 37.46
O5 NAG R . -22.85 -29.57 34.03
O6 NAG R . -20.73 -31.79 35.68
O7 NAG R . -27.15 -28.72 34.12
C1 NAG S . -41.50 -44.49 11.71
C2 NAG S . -40.71 -44.86 12.96
C3 NAG S . -40.33 -43.60 13.75
C4 NAG S . -39.69 -42.57 12.83
C5 NAG S . -40.54 -42.34 11.58
C6 NAG S . -39.88 -41.35 10.64
C7 NAG S . -40.99 -46.91 14.21
C8 NAG S . -41.89 -47.74 15.07
N2 NAG S . -41.49 -45.76 13.79
O3 NAG S . -39.41 -43.96 14.78
O4 NAG S . -39.54 -41.34 13.54
O5 NAG S . -40.75 -43.58 10.92
O6 NAG S . -38.72 -41.96 10.05
O7 NAG S . -39.86 -47.29 13.93
C1 NAG T . -53.74 -51.48 1.93
C2 NAG T . -55.09 -51.56 1.22
C3 NAG T . -56.11 -50.70 1.94
C4 NAG T . -56.22 -51.16 3.38
C5 NAG T . -54.84 -51.09 4.04
C6 NAG T . -54.84 -51.63 5.45
C7 NAG T . -55.08 -52.04 -1.18
C8 NAG T . -54.97 -51.46 -2.56
N2 NAG T . -55.00 -51.17 -0.18
O3 NAG T . -57.36 -50.79 1.29
O4 NAG T . -57.13 -50.32 4.09
O5 NAG T . -53.90 -51.88 3.30
O6 NAG T . -53.53 -52.08 5.81
O7 NAG T . -55.21 -53.24 -0.99
C1 NAG U . -40.65 -66.94 -2.84
C2 NAG U . -39.42 -66.78 -3.74
C3 NAG U . -38.61 -68.07 -3.77
C4 NAG U . -38.24 -68.48 -2.35
C5 NAG U . -39.51 -68.61 -1.51
C6 NAG U . -39.23 -68.93 -0.06
C7 NAG U . -40.36 -66.90 -6.10
C8 NAG U . -40.98 -68.25 -5.83
N2 NAG U . -39.70 -66.30 -5.09
O3 NAG U . -37.43 -67.91 -4.56
O4 NAG U . -37.57 -69.73 -2.37
O5 NAG U . -40.23 -67.37 -1.53
O6 NAG U . -40.43 -68.98 0.70
O7 NAG U . -40.49 -66.36 -7.20
C1 NAG V . -15.66 50.02 42.52
C2 NAG V . -16.07 51.48 42.47
C3 NAG V . -15.90 52.01 41.05
C4 NAG V . -14.46 51.78 40.59
C5 NAG V . -14.07 50.31 40.76
C6 NAG V . -12.61 50.05 40.48
C7 NAG V . -17.92 52.85 43.29
C8 NAG V . -19.34 52.86 43.77
N2 NAG V . -17.43 51.66 42.94
O3 NAG V . -16.22 53.39 40.99
O4 NAG V . -14.34 52.14 39.22
O5 NAG V . -14.30 49.89 42.12
O6 NAG V . -12.26 48.70 40.74
O7 NAG V . -17.26 53.88 43.22
C1 NAG W . -32.37 26.78 18.29
C2 NAG W . -32.56 26.31 19.78
C3 NAG W . -34.03 26.22 20.19
C4 NAG W . -34.78 27.48 19.80
C5 NAG W . -34.66 27.64 18.30
C6 NAG W . -35.42 28.83 17.77
C7 NAG W . -32.08 23.84 19.52
C8 NAG W . -33.13 23.71 18.45
N2 NAG W . -31.87 25.06 20.07
O3 NAG W . -34.11 26.05 21.60
O4 NAG W . -36.16 27.38 20.15
O5 NAG W . -33.28 27.87 17.99
O6 NAG W . -35.38 29.91 18.70
O7 NAG W . -31.41 22.87 19.87
C1 NAG X . 42.52 15.89 -30.96
C2 NAG X . 43.22 16.29 -32.25
C3 NAG X . 43.97 15.10 -32.85
C4 NAG X . 44.89 14.48 -31.82
C5 NAG X . 44.07 14.09 -30.60
C6 NAG X . 44.91 13.51 -29.48
C7 NAG X . 41.25 16.18 -33.75
C8 NAG X . 40.42 16.93 -34.73
N2 NAG X . 42.29 16.85 -33.22
O3 NAG X . 44.74 15.56 -33.97
O4 NAG X . 45.52 13.32 -32.34
O5 NAG X . 43.45 15.26 -30.07
O6 NAG X . 44.26 13.65 -28.24
O7 NAG X . 41.00 15.02 -33.44
C1 NAG Y . 15.83 -38.86 -1.82
C2 NAG Y . 15.91 -40.21 -2.54
C3 NAG Y . 14.55 -40.90 -2.59
C4 NAG Y . 13.89 -40.93 -1.21
C5 NAG Y . 13.80 -39.52 -0.69
C6 NAG Y . 13.15 -39.43 0.67
C7 NAG Y . 17.32 -40.85 -4.44
C8 NAG Y . 17.74 -40.52 -5.83
N2 NAG Y . 16.43 -40.03 -3.89
O3 NAG Y . 14.75 -42.24 -3.02
O4 NAG Y . 12.58 -41.49 -1.28
O5 NAG Y . 15.14 -39.01 -0.57
O6 NAG Y . 12.10 -40.39 0.78
O7 NAG Y . 17.78 -41.81 -3.83
C1 NAG Z . 24.15 -17.12 -31.79
C2 NAG Z . 23.01 -16.08 -31.57
C3 NAG Z . 22.34 -15.71 -32.89
C4 NAG Z . 23.37 -15.34 -33.95
C5 NAG Z . 24.33 -16.51 -34.10
C6 NAG Z . 25.39 -16.28 -35.14
C7 NAG Z . 21.03 -15.90 -30.15
C8 NAG Z . 20.12 -16.61 -29.20
N2 NAG Z . 22.04 -16.61 -30.64
O3 NAG Z . 21.46 -14.61 -32.69
O4 NAG Z . 22.74 -15.08 -35.20
O5 NAG Z . 25.00 -16.68 -32.84
O6 NAG Z . 25.14 -17.09 -36.29
O7 NAG Z . 20.84 -14.72 -30.46
C1 NAG AA . 17.70 -37.30 -31.99
C2 NAG AA . 18.72 -36.92 -33.06
C3 NAG AA . 19.64 -38.09 -33.41
C4 NAG AA . 20.21 -38.72 -32.15
C5 NAG AA . 19.08 -39.02 -31.16
C6 NAG AA . 19.56 -39.61 -29.85
C7 NAG AA . 17.25 -36.89 -35.13
C8 NAG AA . 16.81 -38.32 -34.89
N2 NAG AA . 18.12 -36.33 -34.26
O3 NAG AA . 20.70 -37.62 -34.23
O4 NAG AA . 20.85 -39.95 -32.48
O5 NAG AA . 18.38 -37.81 -30.85
O6 NAG AA . 19.58 -41.03 -29.93
O7 NAG AA . 16.83 -36.26 -36.10
C1 NAG BA . -19.15 -43.84 -44.18
C2 NAG BA . -18.26 -44.91 -44.71
C3 NAG BA . -17.44 -44.35 -45.85
C4 NAG BA . -18.30 -43.57 -46.84
C5 NAG BA . -19.50 -42.84 -46.21
C6 NAG BA . -20.64 -42.66 -47.19
C7 NAG BA . -16.65 -46.56 -43.84
C8 NAG BA . -15.85 -46.99 -42.66
N2 NAG BA . -17.41 -45.47 -43.67
O3 NAG BA . -16.79 -45.43 -46.53
O4 NAG BA . -17.49 -42.56 -47.43
O5 NAG BA . -20.06 -43.52 -45.10
O6 NAG BA . -21.58 -43.71 -47.08
O7 NAG BA . -16.63 -47.16 -44.90
C1 NAG CA . -24.36 -62.85 -32.15
C2 NAG CA . -23.52 -64.10 -31.93
C3 NAG CA . -24.39 -65.32 -31.73
C4 NAG CA . -25.36 -65.06 -30.58
C5 NAG CA . -26.18 -63.83 -30.89
C6 NAG CA . -27.11 -63.45 -29.76
C7 NAG CA . -21.33 -64.62 -32.89
C8 NAG CA . -20.53 -64.78 -34.15
N2 NAG CA . -22.61 -64.30 -33.05
O3 NAG CA . -23.58 -66.43 -31.41
O4 NAG CA . -26.21 -66.19 -30.39
O5 NAG CA . -25.30 -62.71 -31.08
O6 NAG CA . -28.43 -63.23 -30.24
O7 NAG CA . -20.83 -64.77 -31.78
C1 NAG DA . 46.53 2.96 11.07
C2 NAG DA . 45.88 3.41 9.77
C3 NAG DA . 45.39 4.85 9.87
C4 NAG DA . 44.51 5.02 11.09
C5 NAG DA . 45.27 4.56 12.33
C6 NAG DA . 44.48 4.68 13.59
C7 NAG DA . 46.51 2.66 7.52
C8 NAG DA . 47.60 2.60 6.49
N2 NAG DA . 46.82 3.28 8.66
O3 NAG DA . 44.66 5.17 8.69
O4 NAG DA . 44.12 6.38 11.25
O5 NAG DA . 45.63 3.18 12.17
O6 NAG DA . 43.67 5.86 13.56
O7 NAG DA . 45.40 2.19 7.32
C1 NAG EA . 59.60 5.97 22.83
C2 NAG EA . 60.13 6.67 24.07
C3 NAG EA . 59.77 8.15 23.94
C4 NAG EA . 60.33 8.73 22.64
C5 NAG EA . 59.95 7.86 21.45
C6 NAG EA . 60.63 8.22 20.16
C7 NAG EA . 60.07 6.11 26.43
C8 NAG EA . 59.32 5.51 27.57
N2 NAG EA . 59.51 6.10 25.24
O3 NAG EA . 60.30 8.86 25.06
O4 NAG EA . 59.86 10.07 22.45
O5 NAG EA . 60.25 6.47 21.71
O6 NAG EA . 59.69 8.58 19.16
O7 NAG EA . 61.18 6.62 26.60
C1 NAG FA . 74.81 -30.40 15.53
C2 NAG FA . 75.23 -31.58 16.41
C3 NAG FA . 76.66 -31.37 16.87
C4 NAG FA . 77.56 -31.20 15.66
C5 NAG FA . 77.05 -30.04 14.80
C6 NAG FA . 77.91 -29.86 13.56
C7 NAG FA . 74.62 -31.10 18.71
C8 NAG FA . 73.63 -31.34 19.81
N2 NAG FA . 74.36 -31.69 17.55
O3 NAG FA . 77.09 -32.50 17.64
O4 NAG FA . 78.90 -30.94 16.06
O5 NAG FA . 75.70 -30.28 14.42
O6 NAG FA . 77.71 -30.98 12.67
O7 NAG FA . 75.61 -30.39 18.87
C1 NAG GA . -67.06 -34.25 -22.16
C2 NAG GA . -68.15 -33.18 -22.12
C3 NAG GA . -68.77 -33.11 -20.74
C4 NAG GA . -69.30 -34.48 -20.33
C5 NAG GA . -68.16 -35.50 -20.41
C6 NAG GA . -68.61 -36.90 -20.12
C7 NAG GA . -67.24 -31.58 -23.75
C8 NAG GA . -66.74 -30.18 -23.97
N2 NAG GA . -67.64 -31.87 -22.51
O3 NAG GA . -69.84 -32.16 -20.74
O4 NAG GA . -69.80 -34.46 -18.99
O5 NAG GA . -67.62 -35.50 -21.74
O6 NAG GA . -69.94 -37.11 -20.59
O7 NAG GA . -67.27 -32.40 -24.66
C1 NAG HA . -59.99 -19.57 -19.68
C2 NAG HA . -61.04 -20.08 -18.68
C3 NAG HA . -62.40 -20.20 -19.34
C4 NAG HA . -62.77 -18.95 -20.12
C5 NAG HA . -61.61 -18.47 -20.99
C6 NAG HA . -61.85 -17.12 -21.60
C7 NAG HA . -60.46 -22.55 -18.53
C8 NAG HA . -60.61 -22.71 -20.01
N2 NAG HA . -60.65 -21.31 -18.00
O3 NAG HA . -63.37 -20.45 -18.33
O4 NAG HA . -63.87 -19.24 -20.97
O5 NAG HA . -60.41 -18.36 -20.21
O6 NAG HA . -61.54 -16.08 -20.67
O7 NAG HA . -60.16 -23.49 -17.81
C1 NAG IA . -39.29 15.34 -28.63
C2 NAG IA . -39.97 16.71 -28.51
C3 NAG IA . -40.79 16.99 -29.77
C4 NAG IA . -39.93 16.83 -31.01
C5 NAG IA . -39.28 15.45 -31.01
C6 NAG IA . -38.33 15.25 -32.17
C7 NAG IA . -40.97 17.87 -26.57
C8 NAG IA . -40.18 19.07 -26.98
N2 NAG IA . -40.82 16.78 -27.33
O3 NAG IA . -41.34 18.30 -29.71
O4 NAG IA . -40.74 16.95 -32.18
O5 NAG IA . -38.50 15.30 -29.82
O6 NAG IA . -38.96 14.50 -33.21
O7 NAG IA . -41.71 17.88 -25.60
C1 NAG JA . -32.51 24.26 -14.12
C2 NAG JA . -32.36 24.62 -12.65
C3 NAG JA . -33.72 24.79 -12.02
C4 NAG JA . -34.52 25.86 -12.77
C5 NAG JA . -34.61 25.48 -14.24
C6 NAG JA . -35.26 26.57 -15.07
C7 NAG JA . -31.98 22.39 -11.69
C8 NAG JA . -31.04 21.54 -10.90
N2 NAG JA . -31.59 23.64 -11.92
O3 NAG JA . -33.58 25.13 -10.65
O4 NAG JA . -35.83 25.94 -12.24
O5 NAG JA . -33.30 25.28 -14.79
O6 NAG JA . -34.47 27.74 -15.09
O7 NAG JA . -33.03 21.95 -12.13
C1 NAG KA . -9.26 6.37 -40.71
C2 NAG KA . -8.18 5.32 -40.90
C3 NAG KA . -7.19 5.74 -41.98
C4 NAG KA . -7.91 6.18 -43.25
C5 NAG KA . -9.02 7.18 -42.92
C6 NAG KA . -9.80 7.56 -44.16
C7 NAG KA . -6.80 6.04 -39.02
C8 NAG KA . -6.79 7.39 -39.69
N2 NAG KA . -7.49 5.09 -39.65
O3 NAG KA . -6.33 4.63 -42.30
O4 NAG KA . -6.98 6.79 -44.15
O5 NAG KA . -9.91 6.62 -41.95
O6 NAG KA . -8.92 8.19 -45.11
O7 NAG KA . -6.22 5.84 -37.97
C1 NAG LA . -9.03 36.86 -35.63
C2 NAG LA . -10.25 36.88 -36.57
C3 NAG LA . -10.75 38.31 -36.76
C4 NAG LA . -11.01 38.95 -35.42
C5 NAG LA . -9.78 38.86 -34.51
C6 NAG LA . -10.05 39.37 -33.11
C7 NAG LA . -9.15 36.48 -38.80
C8 NAG LA . -8.23 37.63 -38.59
N2 NAG LA . -10.06 36.19 -37.83
O3 NAG LA . -11.96 38.27 -37.51
O4 NAG LA . -11.32 40.32 -35.62
O5 NAG LA . -9.36 37.49 -34.38
O6 NAG LA . -11.36 39.00 -32.68
O7 NAG LA . -9.10 35.80 -39.82
C1 NAG MA . -14.25 50.16 14.45
C2 NAG MA . -14.63 50.36 12.98
C3 NAG MA . -15.77 51.37 12.89
C4 NAG MA . -16.94 50.87 13.71
C5 NAG MA . -16.49 50.64 15.15
C6 NAG MA . -17.64 50.10 16.00
C7 NAG MA . -12.75 50.00 11.48
C8 NAG MA . -11.74 50.66 10.59
N2 NAG MA . -13.48 50.83 12.23
O3 NAG MA . -16.16 51.50 11.52
O4 NAG MA . -18.00 51.82 13.68
O5 NAG MA . -15.41 49.72 15.18
O6 NAG MA . -18.03 48.82 15.51
O7 NAG MA . -12.91 48.80 11.51
#